data_8DH2
#
_entry.id   8DH2
#
_cell.length_a   78.702
_cell.length_b   85.047
_cell.length_c   200.477
_cell.angle_alpha   89.870
_cell.angle_beta   85.380
_cell.angle_gamma   69.510
#
_symmetry.space_group_name_H-M   'P 1'
#
loop_
_entity.id
_entity.type
_entity.pdbx_description
1 polymer 'T7 RNA polymerase'
2 polymer 'Template strand DNA'
3 polymer RNA
4 polymer 'Non-template strand DNA'
5 non-polymer GLYCEROL
6 non-polymer TRIPHOSPHATE
7 non-polymer 'MAGNESIUM ION'
#
loop_
_entity_poly.entity_id
_entity_poly.type
_entity_poly.pdbx_seq_one_letter_code
_entity_poly.pdbx_strand_id
1 'polypeptide(L)'
;MNTINIAKNDFSDIELAAIPFNTLADHYGERLAREQLALEHESYEMGEARFRKMFERQLKAGEVADNAAAKPLITTLLPK
MIARINDWFEEVKAKRGKRPTAFQFLQEIKPEAVAYITIKTTLACLTSADNTTVQAVASAIGRAIEDEARFGRIRDLEAK
HFKKNVEEQLNKRVGHVYKKAFMQVVEADMLSKGLLGGEAWSSWHKEDSIHVGVRCIEMLIESTGMVSLHRQNAGVVGQD
SETIELAPEYAEAIATRAGALAGISPMFQPCVVPPKPWTGITGGGYWANGRRPLALVRTHSKKALMRYEDVYMPEVYKAI
NIAQNTAWKINKKVLAVANVITKWKHCPVEDIPAIEREELPMKPEDIDMNPEALTAWKRAAAAVYRKDKARKSRRISLEF
MLEQANKFANHKAIWFPYNMDWRGRVYAVSMFNPQGNDMTKGLLTLAKGKPIGKEGYYWLKIHGANCAGVDKVPFPERIK
FIEENHENIMACAKSPLENTWWAEQDSPFCFLAFCFEYAGVQHHGLSYNCSLPLAFDGSCSGIQHFSAMLRDEVGGRAVN
LLPSETVQDIYGIVAKKVNEILQADAINGTDNEVVTVTDENTGEISEKVKLGTKALAGQWLAYGVTRSVTKRSVMTLAYG
SKEFGFRQQVLEDTIQPAIDSGKGLMFTQPNQAAGYMAKLIWESVSVTVVAAVEAMNWLKSAAKLLAAEVKDKKTGEILR
KRCAVHWVTPDGFPVWQEYKKPIQTRLNLMFLGQFRLQPTINTNKDSEIDAHKQESGIAPNFVHSQDGSHLRKTVVWAHE
KYGIESFALIHDSFGTIPADAANLFKAVRETMVDTYESCDVLADFYDQFADQLHESQLDKMPALPAKGNLNLRDILESDF
AFA
;
B,E,I,L
2 'polydeoxyribonucleotide' (DG)(DG)(DG)(DA)(DA)(DT)(DC)(DG)(DA)(91N)(DA)(DT)(DC)(DG)(DC)(DC)(DG)(DC) A,F,J,M
3 'polyribonucleotide' AACUGCGGCGAU C,G,K,N
4 'polydeoxyribonucleotide' (DT)(DC)(DG)(DA)(DT)(DT)(DC)(DC)(DC) D,H,O
#
# COMPACT_ATOMS: atom_id res chain seq x y z
N MET A 1 -41.09 18.14 19.63
CA MET A 1 -40.91 18.35 21.06
C MET A 1 -41.21 17.09 21.85
N ASN A 2 -42.42 16.56 21.68
CA ASN A 2 -42.86 15.36 22.38
C ASN A 2 -42.81 14.16 21.44
N THR A 3 -42.10 13.11 21.86
CA THR A 3 -41.94 11.90 21.07
C THR A 3 -42.57 10.73 21.82
N ILE A 4 -43.24 9.86 21.07
CA ILE A 4 -43.89 8.70 21.67
C ILE A 4 -42.82 7.66 22.00
N ASN A 5 -42.72 7.30 23.28
CA ASN A 5 -41.85 6.21 23.69
C ASN A 5 -42.54 4.91 23.31
N ILE A 6 -42.10 4.31 22.21
CA ILE A 6 -42.80 3.21 21.56
C ILE A 6 -42.42 1.87 22.19
N ALA A 7 -41.61 1.92 23.25
CA ALA A 7 -41.06 0.74 23.87
C ALA A 7 -42.02 0.05 24.83
N LYS A 8 -43.15 0.69 25.18
CA LYS A 8 -43.99 0.20 26.26
C LYS A 8 -44.72 -1.09 25.89
N ASN A 9 -45.22 -1.19 24.66
CA ASN A 9 -46.04 -2.33 24.26
C ASN A 9 -45.34 -3.23 23.26
N ASP A 10 -44.88 -2.69 22.13
CA ASP A 10 -44.37 -3.54 21.06
C ASP A 10 -42.94 -4.00 21.31
N PHE A 11 -42.15 -3.24 22.05
CA PHE A 11 -40.84 -3.74 22.45
C PHE A 11 -40.93 -4.77 23.56
N SER A 12 -42.01 -4.75 24.34
CA SER A 12 -42.29 -5.80 25.30
C SER A 12 -42.82 -7.07 24.65
N ASP A 13 -43.23 -7.00 23.38
CA ASP A 13 -43.79 -8.16 22.70
C ASP A 13 -42.73 -9.26 22.51
N ILE A 14 -41.54 -8.87 22.06
CA ILE A 14 -40.57 -9.84 21.52
C ILE A 14 -40.08 -10.81 22.59
N GLU A 15 -40.05 -10.37 23.86
CA GLU A 15 -39.71 -11.30 24.93
C GLU A 15 -40.93 -12.12 25.37
N LEU A 16 -42.10 -11.47 25.47
CA LEU A 16 -43.27 -12.09 26.05
C LEU A 16 -44.18 -12.77 25.03
N ALA A 17 -43.88 -12.67 23.73
CA ALA A 17 -44.69 -13.36 22.74
C ALA A 17 -44.45 -14.87 22.82
N ALA A 18 -45.54 -15.63 22.73
CA ALA A 18 -45.46 -17.08 22.89
C ALA A 18 -44.65 -17.72 21.77
N ILE A 19 -45.15 -17.62 20.53
CA ILE A 19 -44.64 -18.33 19.35
C ILE A 19 -43.15 -18.12 19.11
N PRO A 20 -42.58 -16.90 19.17
CA PRO A 20 -41.11 -16.80 19.08
C PRO A 20 -40.35 -17.51 20.19
N PHE A 21 -40.87 -17.48 21.42
CA PHE A 21 -40.25 -18.26 22.51
C PHE A 21 -40.38 -19.75 22.24
N ASN A 22 -41.49 -20.19 21.63
CA ASN A 22 -41.78 -21.60 21.47
C ASN A 22 -40.77 -22.29 20.56
N THR A 23 -40.56 -21.74 19.35
CA THR A 23 -39.72 -22.42 18.37
C THR A 23 -38.25 -22.30 18.69
N LEU A 24 -37.85 -21.32 19.51
CA LEU A 24 -36.44 -21.12 19.83
C LEU A 24 -36.01 -21.92 21.05
N ALA A 25 -36.87 -22.04 22.06
CA ALA A 25 -36.54 -22.88 23.21
C ALA A 25 -36.60 -24.36 22.85
N ASP A 26 -37.40 -24.73 21.84
CA ASP A 26 -37.47 -26.10 21.37
C ASP A 26 -36.16 -26.57 20.75
N HIS A 27 -35.31 -25.64 20.32
CA HIS A 27 -34.02 -25.96 19.73
C HIS A 27 -32.86 -25.84 20.72
N TYR A 28 -32.88 -24.81 21.59
CA TYR A 28 -31.73 -24.51 22.43
C TYR A 28 -32.07 -24.30 23.91
N GLY A 29 -33.28 -24.61 24.34
CA GLY A 29 -33.65 -24.48 25.73
C GLY A 29 -34.16 -23.09 26.09
N GLU A 30 -34.73 -22.99 27.29
CA GLU A 30 -35.37 -21.76 27.73
C GLU A 30 -34.38 -20.68 28.13
N ARG A 31 -33.24 -21.06 28.72
CA ARG A 31 -32.34 -20.06 29.28
C ARG A 31 -31.52 -19.35 28.20
N LEU A 32 -31.11 -20.08 27.17
CA LEU A 32 -30.55 -19.41 26.00
C LEU A 32 -31.62 -18.60 25.28
N ALA A 33 -32.88 -19.06 25.34
CA ALA A 33 -33.97 -18.32 24.73
C ALA A 33 -34.24 -17.00 25.45
N ARG A 34 -34.18 -17.01 26.79
CA ARG A 34 -34.46 -15.79 27.53
C ARG A 34 -33.33 -14.77 27.38
N GLU A 35 -32.09 -15.22 27.15
CA GLU A 35 -31.00 -14.29 26.91
C GLU A 35 -31.03 -13.76 25.47
N GLN A 36 -31.29 -14.65 24.51
CA GLN A 36 -31.33 -14.25 23.11
C GLN A 36 -32.45 -13.25 22.84
N LEU A 37 -33.63 -13.50 23.43
CA LEU A 37 -34.75 -12.57 23.22
C LEU A 37 -34.57 -11.29 24.01
N ALA A 38 -33.85 -11.33 25.14
CA ALA A 38 -33.52 -10.09 25.83
C ALA A 38 -32.41 -9.33 25.13
N LEU A 39 -31.52 -10.04 24.44
CA LEU A 39 -30.50 -9.38 23.64
C LEU A 39 -31.11 -8.70 22.41
N GLU A 40 -32.06 -9.38 21.76
CA GLU A 40 -32.80 -8.72 20.68
C GLU A 40 -33.71 -7.63 21.20
N HIS A 41 -34.19 -7.77 22.43
CA HIS A 41 -34.90 -6.67 23.07
C HIS A 41 -33.97 -5.48 23.30
N GLU A 42 -32.74 -5.75 23.74
CA GLU A 42 -31.76 -4.69 23.95
C GLU A 42 -31.44 -3.98 22.65
N SER A 43 -31.30 -4.74 21.56
CA SER A 43 -30.89 -4.18 20.28
C SER A 43 -31.87 -3.11 19.80
N TYR A 44 -33.17 -3.35 19.99
CA TYR A 44 -34.16 -2.33 19.67
C TYR A 44 -34.11 -1.18 20.67
N GLU A 45 -33.73 -1.45 21.92
CA GLU A 45 -33.64 -0.40 22.92
C GLU A 45 -32.46 0.53 22.67
N MET A 46 -31.33 0.00 22.18
CA MET A 46 -30.21 0.86 21.83
C MET A 46 -30.46 1.64 20.54
N GLY A 47 -31.44 1.23 19.74
CA GLY A 47 -31.71 1.90 18.49
C GLY A 47 -32.76 2.98 18.58
N GLU A 48 -33.74 2.80 19.46
CA GLU A 48 -34.65 3.90 19.76
C GLU A 48 -33.90 5.04 20.47
N ALA A 49 -32.93 4.69 21.31
CA ALA A 49 -32.05 5.69 21.88
C ALA A 49 -31.18 6.34 20.81
N ARG A 50 -30.80 5.59 19.77
CA ARG A 50 -30.03 6.16 18.67
C ARG A 50 -30.82 7.23 17.93
N PHE A 51 -32.10 6.97 17.67
CA PHE A 51 -32.94 7.96 16.99
C PHE A 51 -33.13 9.19 17.87
N ARG A 52 -33.47 8.98 19.15
CA ARG A 52 -33.88 10.08 20.00
C ARG A 52 -32.74 11.07 20.24
N LYS A 53 -31.51 10.56 20.35
CA LYS A 53 -30.35 11.44 20.43
C LYS A 53 -30.18 12.24 19.14
N MET A 54 -30.36 11.58 18.00
CA MET A 54 -30.23 12.28 16.73
C MET A 54 -31.38 13.26 16.51
N PHE A 55 -32.60 12.90 16.93
CA PHE A 55 -33.71 13.84 16.91
C PHE A 55 -33.46 15.01 17.85
N GLU A 56 -32.94 14.72 19.04
CA GLU A 56 -32.67 15.80 19.99
C GLU A 56 -31.48 16.65 19.56
N ARG A 57 -30.55 16.08 18.79
CA ARG A 57 -29.49 16.89 18.21
C ARG A 57 -30.00 17.74 17.06
N GLN A 58 -30.98 17.23 16.31
CA GLN A 58 -31.53 18.00 15.20
C GLN A 58 -32.37 19.17 15.68
N LEU A 59 -33.10 19.01 16.80
CA LEU A 59 -33.88 20.13 17.30
C LEU A 59 -33.00 21.20 17.94
N LYS A 60 -31.85 20.80 18.50
CA LYS A 60 -30.93 21.78 19.05
C LYS A 60 -30.34 22.68 17.96
N ALA A 61 -29.95 22.08 16.83
CA ALA A 61 -29.34 22.82 15.74
C ALA A 61 -30.36 23.33 14.73
N GLY A 62 -31.66 23.12 14.97
CA GLY A 62 -32.67 23.56 14.03
C GLY A 62 -32.79 22.72 12.79
N GLU A 63 -32.35 21.46 12.85
CA GLU A 63 -32.30 20.56 11.70
C GLU A 63 -33.48 19.61 11.67
N VAL A 64 -34.67 20.05 12.10
CA VAL A 64 -35.78 19.11 12.26
C VAL A 64 -36.47 18.77 10.94
N ALA A 65 -36.25 19.56 9.88
CA ALA A 65 -37.01 19.36 8.65
C ALA A 65 -36.42 18.30 7.73
N ASP A 66 -35.14 17.97 7.89
CA ASP A 66 -34.49 16.99 7.02
C ASP A 66 -34.52 15.58 7.58
N ASN A 67 -35.22 15.36 8.68
CA ASN A 67 -35.51 14.00 9.12
C ASN A 67 -36.62 13.45 8.24
N ALA A 68 -36.65 12.11 8.13
CA ALA A 68 -37.68 11.43 7.37
C ALA A 68 -39.02 11.41 8.10
N ALA A 69 -39.08 11.86 9.35
CA ALA A 69 -40.36 11.99 10.05
C ALA A 69 -41.04 13.31 9.74
N ALA A 70 -40.28 14.33 9.33
CA ALA A 70 -40.86 15.60 8.88
C ALA A 70 -41.03 15.66 7.38
N LYS A 71 -40.44 14.72 6.64
CA LYS A 71 -40.61 14.67 5.19
C LYS A 71 -42.04 14.40 4.71
N PRO A 72 -42.78 13.39 5.20
CA PRO A 72 -44.05 13.03 4.53
C PRO A 72 -45.13 14.10 4.60
N LEU A 73 -45.08 15.01 5.57
CA LEU A 73 -45.98 16.16 5.50
C LEU A 73 -45.42 17.24 4.58
N ILE A 74 -44.10 17.42 4.57
CA ILE A 74 -43.47 18.46 3.75
C ILE A 74 -43.66 18.14 2.27
N THR A 75 -43.61 16.85 1.91
CA THR A 75 -43.79 16.45 0.51
C THR A 75 -45.22 16.64 0.01
N THR A 76 -46.19 16.81 0.91
CA THR A 76 -47.56 17.09 0.53
C THR A 76 -47.97 18.52 0.85
N LEU A 77 -47.07 19.34 1.37
CA LEU A 77 -47.34 20.73 1.70
C LEU A 77 -46.79 21.71 0.67
N LEU A 78 -45.68 21.37 0.01
CA LEU A 78 -45.18 22.21 -1.07
C LEU A 78 -46.15 22.40 -2.24
N PRO A 79 -46.91 21.39 -2.74
CA PRO A 79 -47.77 21.66 -3.90
C PRO A 79 -48.89 22.67 -3.65
N LYS A 80 -49.24 22.94 -2.40
CA LYS A 80 -50.19 24.01 -2.11
C LYS A 80 -49.49 25.34 -1.85
N MET A 81 -48.27 25.31 -1.30
CA MET A 81 -47.52 26.53 -1.08
C MET A 81 -47.15 27.23 -2.39
N ILE A 82 -46.78 26.45 -3.41
CA ILE A 82 -46.39 27.02 -4.70
C ILE A 82 -47.55 27.76 -5.34
N ALA A 83 -48.79 27.26 -5.14
CA ALA A 83 -49.96 27.95 -5.67
C ALA A 83 -50.18 29.29 -4.99
N ARG A 84 -50.06 29.33 -3.66
CA ARG A 84 -50.26 30.59 -2.93
C ARG A 84 -49.08 31.53 -3.06
N ILE A 85 -47.88 31.02 -3.37
CA ILE A 85 -46.80 31.89 -3.82
C ILE A 85 -47.21 32.61 -5.10
N ASN A 86 -47.74 31.84 -6.05
CA ASN A 86 -48.25 32.44 -7.29
C ASN A 86 -49.50 33.27 -7.02
N ASP A 87 -50.34 32.85 -6.08
CA ASP A 87 -51.62 33.53 -5.85
C ASP A 87 -51.42 34.93 -5.28
N TRP A 88 -50.48 35.12 -4.33
CA TRP A 88 -50.15 36.48 -3.93
C TRP A 88 -49.51 37.23 -5.09
N PHE A 89 -48.57 36.58 -5.79
CA PHE A 89 -47.96 37.18 -6.99
C PHE A 89 -49.02 37.57 -8.01
N GLU A 90 -50.13 36.83 -8.05
CA GLU A 90 -51.25 37.15 -8.92
C GLU A 90 -52.31 38.03 -8.27
N GLU A 91 -52.17 38.38 -6.99
CA GLU A 91 -53.15 39.30 -6.40
C GLU A 91 -52.77 40.75 -6.65
N VAL A 92 -51.48 41.08 -6.50
CA VAL A 92 -51.06 42.47 -6.56
C VAL A 92 -50.65 42.91 -7.97
N LYS A 93 -50.28 41.97 -8.86
CA LYS A 93 -49.87 42.39 -10.20
C LYS A 93 -51.03 43.00 -10.98
N ALA A 94 -52.27 42.60 -10.67
CA ALA A 94 -53.45 43.13 -11.33
C ALA A 94 -53.93 44.40 -10.67
N LYS A 95 -53.58 44.61 -9.40
CA LYS A 95 -53.88 45.87 -8.73
C LYS A 95 -52.84 46.91 -9.13
N ARG A 96 -53.31 48.07 -9.57
CA ARG A 96 -52.40 49.15 -9.87
C ARG A 96 -51.92 49.80 -8.57
N GLY A 97 -50.83 50.54 -8.68
CA GLY A 97 -50.20 51.16 -7.53
C GLY A 97 -48.86 50.52 -7.22
N LYS A 98 -48.31 50.90 -6.07
CA LYS A 98 -47.00 50.43 -5.66
C LYS A 98 -47.04 48.94 -5.30
N ARG A 99 -45.88 48.30 -5.39
CA ARG A 99 -45.73 46.98 -4.83
C ARG A 99 -45.75 47.08 -3.31
N PRO A 100 -46.28 46.06 -2.62
CA PRO A 100 -45.97 45.93 -1.20
C PRO A 100 -44.48 45.66 -1.08
N THR A 101 -43.91 46.07 0.06
CA THR A 101 -42.47 46.28 0.17
C THR A 101 -41.66 45.05 -0.22
N ALA A 102 -42.18 43.86 0.03
CA ALA A 102 -41.44 42.62 -0.18
C ALA A 102 -41.68 41.96 -1.53
N PHE A 103 -42.56 42.51 -2.38
CA PHE A 103 -42.92 41.85 -3.63
C PHE A 103 -41.70 41.62 -4.53
N GLN A 104 -40.80 42.61 -4.61
CA GLN A 104 -39.69 42.51 -5.55
C GLN A 104 -38.67 41.46 -5.11
N PHE A 105 -38.46 41.31 -3.81
CA PHE A 105 -37.47 40.35 -3.33
C PHE A 105 -37.91 38.91 -3.56
N LEU A 106 -39.22 38.65 -3.53
CA LEU A 106 -39.74 37.29 -3.65
C LEU A 106 -39.63 36.73 -5.06
N GLN A 107 -39.35 37.56 -6.06
CA GLN A 107 -39.42 37.13 -7.46
C GLN A 107 -38.13 36.53 -7.99
N GLU A 108 -36.98 36.91 -7.44
CA GLU A 108 -35.70 36.46 -7.98
C GLU A 108 -35.45 34.98 -7.74
N ILE A 109 -36.15 34.37 -6.78
CA ILE A 109 -35.93 32.97 -6.44
C ILE A 109 -37.06 32.13 -7.02
N LYS A 110 -36.70 30.91 -7.40
CA LYS A 110 -37.65 29.91 -7.89
C LYS A 110 -38.79 29.74 -6.90
N PRO A 111 -40.05 29.85 -7.35
CA PRO A 111 -41.18 29.79 -6.42
C PRO A 111 -41.31 28.48 -5.63
N GLU A 112 -40.70 27.38 -6.09
CA GLU A 112 -40.64 26.20 -5.24
C GLU A 112 -39.67 26.38 -4.08
N ALA A 113 -38.58 27.11 -4.30
CA ALA A 113 -37.53 27.22 -3.29
C ALA A 113 -37.99 28.05 -2.09
N VAL A 114 -38.56 29.23 -2.35
CA VAL A 114 -39.03 30.11 -1.29
C VAL A 114 -40.10 29.43 -0.44
N ALA A 115 -40.88 28.53 -1.06
CA ALA A 115 -41.78 27.66 -0.31
C ALA A 115 -41.04 26.88 0.77
N TYR A 116 -39.91 26.26 0.41
CA TYR A 116 -39.16 25.47 1.39
C TYR A 116 -38.57 26.36 2.48
N ILE A 117 -37.86 27.43 2.10
CA ILE A 117 -36.99 28.10 3.05
C ILE A 117 -37.80 28.77 4.16
N THR A 118 -39.01 29.20 3.86
CA THR A 118 -39.86 29.72 4.92
C THR A 118 -40.34 28.62 5.86
N ILE A 119 -40.42 27.38 5.38
CA ILE A 119 -40.78 26.29 6.26
C ILE A 119 -39.65 26.03 7.24
N LYS A 120 -38.47 25.62 6.73
CA LYS A 120 -37.42 25.06 7.58
C LYS A 120 -36.88 26.08 8.59
N THR A 121 -36.66 27.32 8.15
CA THR A 121 -36.08 28.32 9.05
C THR A 121 -37.02 28.72 10.17
N THR A 122 -38.33 28.56 9.99
CA THR A 122 -39.26 28.77 11.10
C THR A 122 -39.24 27.59 12.09
N LEU A 123 -39.18 26.35 11.61
CA LEU A 123 -38.99 25.24 12.54
C LEU A 123 -37.60 25.28 13.17
N ALA A 124 -36.60 25.78 12.44
CA ALA A 124 -35.27 25.93 13.02
C ALA A 124 -35.26 26.94 14.15
N CYS A 125 -35.99 28.05 13.99
CA CYS A 125 -35.98 29.11 14.98
C CYS A 125 -36.76 28.72 16.24
N LEU A 126 -37.93 28.10 16.07
CA LEU A 126 -38.78 27.80 17.23
C LEU A 126 -38.23 26.64 18.04
N THR A 127 -37.66 25.63 17.38
CA THR A 127 -37.17 24.46 18.10
C THR A 127 -35.81 24.68 18.73
N SER A 128 -35.18 25.83 18.50
CA SER A 128 -33.86 26.12 19.08
C SER A 128 -33.83 27.39 19.92
N ALA A 129 -34.49 28.46 19.47
CA ALA A 129 -34.44 29.74 20.16
C ALA A 129 -35.62 29.99 21.09
N ASP A 130 -36.68 29.20 20.98
CA ASP A 130 -37.86 29.26 21.85
C ASP A 130 -38.59 30.60 21.78
N ASN A 131 -38.34 31.40 20.75
CA ASN A 131 -38.93 32.73 20.62
C ASN A 131 -39.89 32.74 19.43
N THR A 132 -41.13 33.12 19.69
CA THR A 132 -42.14 33.23 18.65
C THR A 132 -42.11 34.56 17.93
N THR A 133 -41.16 35.44 18.30
CA THR A 133 -41.16 36.82 17.80
C THR A 133 -40.95 36.86 16.29
N VAL A 134 -41.74 37.70 15.62
CA VAL A 134 -41.66 37.85 14.19
C VAL A 134 -40.31 38.44 13.78
N GLN A 135 -39.75 39.32 14.62
CA GLN A 135 -38.47 39.97 14.32
C GLN A 135 -37.36 38.96 14.12
N ALA A 136 -37.37 37.86 14.87
CA ALA A 136 -36.43 36.77 14.63
C ALA A 136 -36.94 35.85 13.52
N VAL A 137 -38.24 35.62 13.45
CA VAL A 137 -38.77 34.62 12.53
C VAL A 137 -38.91 35.20 11.12
N ALA A 138 -39.47 36.40 10.97
CA ALA A 138 -39.59 36.97 9.62
C ALA A 138 -38.24 37.30 9.03
N SER A 139 -37.22 37.52 9.85
CA SER A 139 -35.88 37.62 9.32
C SER A 139 -35.32 36.27 8.90
N ALA A 140 -35.82 35.16 9.48
CA ALA A 140 -35.29 33.84 9.19
C ALA A 140 -35.51 33.47 7.73
N ILE A 141 -36.69 33.79 7.20
CA ILE A 141 -36.90 33.73 5.76
C ILE A 141 -35.96 34.73 5.09
N GLY A 142 -36.08 36.02 5.46
CA GLY A 142 -35.47 37.08 4.68
C GLY A 142 -33.95 37.01 4.55
N ARG A 143 -33.26 36.57 5.61
CA ARG A 143 -31.81 36.39 5.49
C ARG A 143 -31.47 35.23 4.56
N ALA A 144 -32.19 34.12 4.69
CA ALA A 144 -31.87 32.92 3.90
C ALA A 144 -32.42 33.01 2.47
N ILE A 145 -33.51 33.74 2.25
CA ILE A 145 -33.88 34.08 0.87
C ILE A 145 -32.81 34.92 0.20
N GLU A 146 -32.29 35.93 0.91
CA GLU A 146 -31.21 36.73 0.35
C GLU A 146 -29.96 35.90 0.14
N ASP A 147 -29.72 34.92 1.01
CA ASP A 147 -28.58 34.02 0.81
C ASP A 147 -28.76 33.17 -0.44
N GLU A 148 -29.96 32.64 -0.67
CA GLU A 148 -30.17 31.78 -1.82
C GLU A 148 -30.29 32.59 -3.11
N ALA A 149 -30.89 33.77 -3.05
CA ALA A 149 -31.01 34.60 -4.25
C ALA A 149 -29.66 35.11 -4.72
N ARG A 150 -28.81 35.57 -3.79
CA ARG A 150 -27.53 36.14 -4.16
C ARG A 150 -26.55 35.07 -4.62
N PHE A 151 -26.46 33.97 -3.88
CA PHE A 151 -25.44 32.95 -4.15
C PHE A 151 -25.93 31.87 -5.10
N GLY A 152 -27.25 31.74 -5.29
CA GLY A 152 -27.75 30.89 -6.36
C GLY A 152 -27.58 31.50 -7.74
N ARG A 153 -27.29 32.79 -7.81
CA ARG A 153 -26.93 33.44 -9.07
C ARG A 153 -25.69 32.82 -9.69
N ILE A 154 -24.76 32.35 -8.86
CA ILE A 154 -23.61 31.60 -9.34
C ILE A 154 -24.04 30.29 -10.00
N ARG A 155 -24.92 29.55 -9.32
CA ARG A 155 -25.35 28.25 -9.83
C ARG A 155 -26.24 28.39 -11.05
N ASP A 156 -27.05 29.44 -11.11
CA ASP A 156 -28.10 29.52 -12.12
C ASP A 156 -27.57 29.90 -13.50
N LEU A 157 -26.99 31.09 -13.64
CA LEU A 157 -26.87 31.71 -14.95
C LEU A 157 -25.44 31.79 -15.47
N GLU A 158 -24.55 32.47 -14.76
CA GLU A 158 -23.28 32.87 -15.36
C GLU A 158 -22.16 31.87 -15.14
N ALA A 159 -22.41 30.80 -14.37
CA ALA A 159 -21.35 29.86 -14.07
C ALA A 159 -21.84 28.42 -14.03
N LYS A 160 -22.84 28.08 -14.86
CA LYS A 160 -23.37 26.72 -14.84
C LYS A 160 -22.30 25.70 -15.21
N HIS A 161 -21.30 26.10 -15.99
CA HIS A 161 -20.12 25.27 -16.21
C HIS A 161 -19.07 25.45 -15.13
N PHE A 162 -18.89 26.66 -14.61
CA PHE A 162 -17.89 26.89 -13.58
C PHE A 162 -18.38 26.51 -12.18
N LYS A 163 -19.70 26.42 -11.97
CA LYS A 163 -20.20 25.90 -10.69
C LYS A 163 -19.80 24.44 -10.52
N LYS A 164 -19.81 23.67 -11.60
CA LYS A 164 -19.43 22.27 -11.55
C LYS A 164 -17.98 22.06 -11.11
N ASN A 165 -17.14 23.09 -11.22
CA ASN A 165 -15.82 23.03 -10.60
C ASN A 165 -15.91 23.35 -9.11
N VAL A 166 -16.61 24.43 -8.75
CA VAL A 166 -16.65 24.88 -7.36
C VAL A 166 -17.74 24.19 -6.54
N GLU A 167 -18.54 23.32 -7.16
CA GLU A 167 -19.57 22.60 -6.41
C GLU A 167 -18.95 21.65 -5.39
N GLU A 168 -17.86 20.98 -5.76
CA GLU A 168 -17.25 19.98 -4.89
C GLU A 168 -16.66 20.60 -3.63
N GLN A 169 -15.94 21.72 -3.79
CA GLN A 169 -15.34 22.37 -2.62
C GLN A 169 -16.37 23.06 -1.75
N LEU A 170 -17.54 23.40 -2.30
CA LEU A 170 -18.64 23.88 -1.46
C LEU A 170 -19.23 22.74 -0.66
N ASN A 171 -19.33 21.55 -1.26
CA ASN A 171 -19.83 20.38 -0.54
C ASN A 171 -18.89 19.98 0.59
N LYS A 172 -17.58 20.12 0.38
CA LYS A 172 -16.61 19.74 1.40
C LYS A 172 -16.64 20.68 2.60
N ARG A 173 -17.17 21.89 2.44
CA ARG A 173 -17.44 22.73 3.60
C ARG A 173 -18.63 22.16 4.36
N VAL A 174 -18.58 22.26 5.68
CA VAL A 174 -19.65 21.76 6.54
C VAL A 174 -20.15 22.92 7.41
N GLY A 175 -21.46 23.04 7.51
CA GLY A 175 -22.07 24.12 8.27
C GLY A 175 -22.39 25.33 7.40
N HIS A 176 -23.46 26.03 7.78
CA HIS A 176 -23.93 27.17 6.98
C HIS A 176 -22.88 28.27 6.92
N VAL A 177 -22.13 28.47 8.01
CA VAL A 177 -21.13 29.52 8.06
C VAL A 177 -19.98 29.21 7.09
N TYR A 178 -19.50 27.96 7.09
CA TYR A 178 -18.35 27.62 6.25
C TYR A 178 -18.72 27.58 4.78
N LYS A 179 -19.95 27.14 4.45
CA LYS A 179 -20.40 27.23 3.07
C LYS A 179 -20.66 28.68 2.66
N LYS A 180 -21.01 29.55 3.62
CA LYS A 180 -21.22 30.95 3.28
C LYS A 180 -19.90 31.67 3.04
N ALA A 181 -18.90 31.36 3.86
CA ALA A 181 -17.58 31.96 3.66
C ALA A 181 -17.02 31.57 2.30
N PHE A 182 -17.14 30.29 1.94
CA PHE A 182 -16.62 29.83 0.65
C PHE A 182 -17.39 30.44 -0.52
N MET A 183 -18.71 30.55 -0.40
CA MET A 183 -19.49 31.15 -1.48
C MET A 183 -19.25 32.65 -1.58
N GLN A 184 -18.85 33.30 -0.48
CA GLN A 184 -18.44 34.69 -0.54
C GLN A 184 -17.12 34.85 -1.31
N VAL A 185 -16.13 34.01 -1.00
CA VAL A 185 -14.83 34.10 -1.65
C VAL A 185 -14.95 33.73 -3.13
N VAL A 186 -15.83 32.77 -3.45
CA VAL A 186 -16.03 32.39 -4.85
C VAL A 186 -16.60 33.57 -5.64
N GLU A 187 -17.65 34.20 -5.10
CA GLU A 187 -18.32 35.30 -5.81
C GLU A 187 -17.39 36.48 -6.03
N ALA A 188 -16.58 36.83 -5.02
CA ALA A 188 -15.63 37.92 -5.16
C ALA A 188 -14.56 37.60 -6.20
N ASP A 189 -14.17 36.33 -6.33
CA ASP A 189 -13.22 35.94 -7.36
C ASP A 189 -13.80 36.12 -8.76
N MET A 190 -15.05 35.72 -8.96
CA MET A 190 -15.68 35.81 -10.29
C MET A 190 -15.88 37.25 -10.72
N LEU A 191 -16.23 38.13 -9.79
CA LEU A 191 -16.38 39.54 -10.13
C LEU A 191 -15.03 40.16 -10.48
N SER A 192 -13.94 39.64 -9.93
CA SER A 192 -12.62 40.03 -10.40
C SER A 192 -12.37 39.56 -11.82
N LYS A 193 -12.87 38.37 -12.18
CA LYS A 193 -12.85 37.93 -13.57
C LYS A 193 -14.01 38.49 -14.37
N GLY A 194 -14.95 39.21 -13.74
CA GLY A 194 -16.12 39.71 -14.42
C GLY A 194 -17.04 38.61 -14.94
N LEU A 195 -17.22 37.54 -14.16
CA LEU A 195 -17.95 36.38 -14.66
C LEU A 195 -19.46 36.53 -14.51
N LEU A 196 -19.91 37.09 -13.39
CA LEU A 196 -21.33 37.18 -13.08
C LEU A 196 -22.00 38.39 -13.71
N GLY A 197 -21.43 38.94 -14.77
CA GLY A 197 -21.99 40.11 -15.41
C GLY A 197 -21.56 41.43 -14.81
N GLY A 198 -20.67 41.42 -13.82
CA GLY A 198 -20.09 42.64 -13.29
C GLY A 198 -20.89 43.33 -12.20
N GLU A 199 -22.14 42.97 -12.00
CA GLU A 199 -22.98 43.63 -10.99
C GLU A 199 -22.75 42.94 -9.64
N ALA A 200 -22.14 43.68 -8.72
CA ALA A 200 -22.01 43.19 -7.36
C ALA A 200 -23.35 43.26 -6.64
N TRP A 201 -23.55 42.37 -5.67
CA TRP A 201 -24.83 42.28 -4.98
C TRP A 201 -25.00 43.46 -4.03
N SER A 202 -26.06 44.23 -4.24
CA SER A 202 -26.47 45.23 -3.27
C SER A 202 -27.28 44.54 -2.19
N SER A 203 -26.73 44.49 -0.98
CA SER A 203 -27.36 43.76 0.11
C SER A 203 -28.67 44.42 0.53
N TRP A 204 -29.67 43.59 0.78
CA TRP A 204 -30.93 44.09 1.32
C TRP A 204 -30.70 44.64 2.72
N HIS A 205 -31.23 45.83 2.99
CA HIS A 205 -31.14 46.38 4.33
C HIS A 205 -32.00 45.56 5.29
N LYS A 206 -31.85 45.87 6.59
CA LYS A 206 -32.51 45.06 7.62
C LYS A 206 -34.02 45.13 7.50
N GLU A 207 -34.57 46.34 7.30
CA GLU A 207 -36.02 46.50 7.19
C GLU A 207 -36.60 45.80 5.96
N ASP A 208 -35.78 45.51 4.96
CA ASP A 208 -36.24 44.68 3.84
C ASP A 208 -36.44 43.23 4.29
N SER A 209 -35.45 42.68 4.99
CA SER A 209 -35.43 41.23 5.27
C SER A 209 -36.60 40.81 6.15
N ILE A 210 -36.98 41.64 7.12
CA ILE A 210 -38.15 41.34 7.94
C ILE A 210 -39.42 41.38 7.08
N HIS A 211 -39.51 42.36 6.17
CA HIS A 211 -40.68 42.48 5.31
C HIS A 211 -40.82 41.29 4.37
N VAL A 212 -39.69 40.74 3.91
CA VAL A 212 -39.71 39.54 3.07
C VAL A 212 -40.35 38.38 3.81
N GLY A 213 -40.05 38.24 5.10
CA GLY A 213 -40.52 37.08 5.85
C GLY A 213 -41.97 37.15 6.27
N VAL A 214 -42.47 38.35 6.63
CA VAL A 214 -43.86 38.48 7.06
C VAL A 214 -44.83 38.14 5.94
N ARG A 215 -44.37 38.20 4.70
CA ARG A 215 -45.10 37.58 3.59
C ARG A 215 -45.29 36.09 3.86
N CYS A 216 -44.18 35.37 3.97
CA CYS A 216 -44.19 33.92 3.84
C CYS A 216 -44.90 33.20 4.98
N ILE A 217 -45.18 33.89 6.09
CA ILE A 217 -46.14 33.34 7.05
C ILE A 217 -47.55 33.41 6.47
N GLU A 218 -47.87 34.49 5.77
CA GLU A 218 -49.26 34.72 5.33
C GLU A 218 -49.65 33.80 4.18
N MET A 219 -48.74 33.52 3.24
CA MET A 219 -49.12 32.55 2.21
C MET A 219 -49.14 31.12 2.74
N LEU A 220 -48.47 30.84 3.86
CA LEU A 220 -48.53 29.48 4.40
C LEU A 220 -49.89 29.19 5.04
N ILE A 221 -50.48 30.19 5.68
CA ILE A 221 -51.77 30.00 6.34
C ILE A 221 -52.86 29.71 5.32
N GLU A 222 -52.88 30.44 4.21
CA GLU A 222 -53.91 30.24 3.20
C GLU A 222 -53.66 29.00 2.34
N SER A 223 -52.39 28.64 2.11
CA SER A 223 -52.09 27.51 1.22
C SER A 223 -52.43 26.19 1.88
N THR A 224 -51.79 25.90 3.01
CA THR A 224 -51.86 24.60 3.65
C THR A 224 -52.57 24.71 4.99
N GLY A 225 -52.92 23.55 5.55
CA GLY A 225 -53.42 23.49 6.91
C GLY A 225 -52.36 23.73 7.97
N MET A 226 -51.08 23.70 7.58
CA MET A 226 -50.01 24.04 8.50
C MET A 226 -50.08 25.52 8.86
N VAL A 227 -49.94 25.80 10.15
CA VAL A 227 -50.03 27.09 10.85
C VAL A 227 -51.32 27.87 10.56
N SER A 228 -52.00 28.27 11.63
CA SER A 228 -53.23 29.05 11.56
C SER A 228 -53.05 30.27 12.46
N LEU A 229 -53.18 31.46 11.88
CA LEU A 229 -52.66 32.68 12.49
C LEU A 229 -53.36 33.01 13.80
N HIS A 230 -52.58 33.60 14.72
CA HIS A 230 -53.07 34.02 16.03
C HIS A 230 -52.54 35.42 16.31
N ARG A 231 -53.42 36.29 16.82
CA ARG A 231 -53.09 37.68 17.09
C ARG A 231 -53.17 37.95 18.59
N GLN A 232 -52.18 38.68 19.11
CA GLN A 232 -52.01 38.85 20.55
C GLN A 232 -52.16 40.32 20.92
N ASN A 233 -53.02 40.58 21.92
CA ASN A 233 -53.18 41.90 22.54
C ASN A 233 -53.52 42.97 21.51
N ALA A 234 -54.43 42.64 20.60
CA ALA A 234 -54.81 43.55 19.53
C ALA A 234 -55.51 44.78 20.08
N GLY A 235 -55.23 45.94 19.48
CA GLY A 235 -55.71 47.21 19.95
C GLY A 235 -54.73 47.97 20.81
N VAL A 236 -53.72 47.29 21.35
CA VAL A 236 -52.65 47.92 22.11
C VAL A 236 -51.42 47.92 21.20
N VAL A 237 -51.09 49.10 20.65
CA VAL A 237 -49.97 49.22 19.73
C VAL A 237 -48.65 48.91 20.43
N GLY A 238 -48.60 49.13 21.75
CA GLY A 238 -47.43 48.73 22.51
C GLY A 238 -47.25 47.22 22.57
N GLN A 239 -48.35 46.47 22.73
CA GLN A 239 -48.30 45.03 22.89
C GLN A 239 -48.81 44.27 21.68
N ASP A 240 -48.96 44.92 20.53
CA ASP A 240 -49.51 44.26 19.36
C ASP A 240 -48.50 43.28 18.77
N SER A 241 -48.86 42.00 18.74
CA SER A 241 -47.96 40.96 18.24
C SER A 241 -48.79 39.79 17.73
N GLU A 242 -48.10 38.83 17.12
CA GLU A 242 -48.74 37.64 16.55
C GLU A 242 -47.79 36.45 16.74
N THR A 243 -48.32 35.32 17.20
CA THR A 243 -47.48 34.15 17.39
C THR A 243 -47.05 33.54 16.06
N ILE A 244 -46.04 32.67 16.14
CA ILE A 244 -45.62 31.89 14.98
C ILE A 244 -46.73 30.91 14.58
N GLU A 245 -47.58 30.52 15.53
CA GLU A 245 -48.80 29.75 15.29
C GLU A 245 -48.53 28.39 14.68
N LEU A 246 -47.38 27.80 15.00
CA LEU A 246 -47.06 26.46 14.53
C LEU A 246 -48.04 25.45 15.12
N ALA A 247 -48.68 24.69 14.25
CA ALA A 247 -49.83 23.88 14.66
C ALA A 247 -49.40 22.70 15.52
N PRO A 248 -49.96 22.55 16.73
CA PRO A 248 -49.76 21.30 17.48
C PRO A 248 -50.40 20.10 16.80
N GLU A 249 -51.37 20.32 15.91
CA GLU A 249 -51.96 19.22 15.13
C GLU A 249 -50.92 18.55 14.25
N TYR A 250 -50.08 19.35 13.58
CA TYR A 250 -49.05 18.79 12.71
C TYR A 250 -47.85 18.29 13.51
N ALA A 251 -47.61 18.85 14.69
CA ALA A 251 -46.53 18.35 15.55
C ALA A 251 -46.82 16.93 16.03
N GLU A 252 -48.10 16.60 16.22
CA GLU A 252 -48.48 15.22 16.48
C GLU A 252 -48.18 14.33 15.27
N ALA A 253 -48.38 14.86 14.07
CA ALA A 253 -48.18 14.06 12.85
C ALA A 253 -46.72 13.67 12.67
N ILE A 254 -45.78 14.55 13.05
CA ILE A 254 -44.38 14.16 13.01
C ILE A 254 -44.04 13.21 14.15
N ALA A 255 -44.80 13.25 15.25
CA ALA A 255 -44.50 12.38 16.39
C ALA A 255 -44.90 10.94 16.09
N THR A 256 -46.04 10.74 15.42
CA THR A 256 -46.41 9.40 14.96
C THR A 256 -45.49 8.88 13.87
N ARG A 257 -44.68 9.74 13.25
CA ARG A 257 -43.61 9.30 12.37
C ARG A 257 -42.25 9.27 13.07
N ALA A 258 -42.04 10.12 14.08
CA ALA A 258 -40.82 10.02 14.87
C ALA A 258 -40.82 8.76 15.72
N GLY A 259 -41.95 8.45 16.36
CA GLY A 259 -42.04 7.24 17.16
C GLY A 259 -42.01 5.97 16.32
N ALA A 260 -42.70 5.98 15.18
CA ALA A 260 -42.74 4.80 14.32
C ALA A 260 -41.37 4.50 13.72
N LEU A 261 -40.64 5.53 13.32
CA LEU A 261 -39.30 5.33 12.76
C LEU A 261 -38.27 5.03 13.83
N ALA A 262 -38.55 5.36 15.10
CA ALA A 262 -37.60 5.04 16.17
C ALA A 262 -37.64 3.56 16.55
N GLY A 263 -38.73 2.86 16.22
CA GLY A 263 -38.83 1.44 16.46
C GLY A 263 -38.40 0.56 15.31
N ILE A 264 -38.03 1.14 14.18
CA ILE A 264 -37.61 0.38 12.99
C ILE A 264 -36.10 0.49 12.76
N SER A 265 -35.37 1.17 13.65
CA SER A 265 -33.91 1.25 13.56
C SER A 265 -33.31 0.55 14.75
N PRO A 266 -32.98 -0.75 14.65
CA PRO A 266 -32.30 -1.43 15.76
C PRO A 266 -30.80 -1.49 15.59
N MET A 267 -30.06 -1.48 16.69
CA MET A 267 -28.61 -1.67 16.66
C MET A 267 -28.32 -3.17 16.73
N PHE A 268 -28.03 -3.76 15.57
CA PHE A 268 -27.99 -5.21 15.43
C PHE A 268 -26.76 -5.78 16.12
N GLN A 269 -26.99 -6.60 17.13
CA GLN A 269 -25.98 -7.30 17.90
C GLN A 269 -25.84 -8.74 17.41
N PRO A 270 -24.77 -9.45 17.80
CA PRO A 270 -24.65 -10.87 17.42
C PRO A 270 -25.69 -11.77 18.08
N CYS A 271 -25.58 -13.08 17.88
CA CYS A 271 -26.53 -14.04 18.42
C CYS A 271 -25.83 -14.99 19.39
N VAL A 272 -26.41 -15.15 20.58
CA VAL A 272 -25.86 -16.09 21.56
C VAL A 272 -26.21 -17.53 21.23
N VAL A 273 -27.28 -17.76 20.46
CA VAL A 273 -27.67 -19.07 19.96
C VAL A 273 -27.41 -19.05 18.46
N PRO A 274 -27.37 -20.19 17.77
CA PRO A 274 -27.33 -20.15 16.30
C PRO A 274 -28.53 -19.43 15.73
N PRO A 275 -28.34 -18.62 14.68
CA PRO A 275 -29.44 -17.79 14.18
C PRO A 275 -30.51 -18.65 13.53
N LYS A 276 -31.72 -18.09 13.48
CA LYS A 276 -32.87 -18.82 12.96
C LYS A 276 -32.65 -19.12 11.48
N PRO A 277 -32.71 -20.39 11.06
CA PRO A 277 -32.45 -20.71 9.66
C PRO A 277 -33.50 -20.12 8.73
N TRP A 278 -33.03 -19.77 7.54
CA TRP A 278 -33.83 -19.15 6.49
C TRP A 278 -34.65 -20.23 5.80
N THR A 279 -35.97 -20.17 5.98
CA THR A 279 -36.89 -21.02 5.25
C THR A 279 -37.72 -20.24 4.26
N GLY A 280 -37.71 -18.92 4.35
CA GLY A 280 -38.48 -18.06 3.47
C GLY A 280 -37.77 -16.76 3.22
N ILE A 281 -38.54 -15.73 2.89
CA ILE A 281 -37.98 -14.45 2.46
C ILE A 281 -37.71 -13.52 3.64
N THR A 282 -38.48 -13.63 4.72
CA THR A 282 -38.31 -12.84 5.93
C THR A 282 -38.34 -13.73 7.15
N GLY A 283 -38.07 -13.12 8.31
CA GLY A 283 -38.45 -13.66 9.60
C GLY A 283 -37.30 -14.25 10.39
N GLY A 284 -36.35 -14.88 9.71
CA GLY A 284 -35.26 -15.60 10.34
C GLY A 284 -34.07 -14.71 10.67
N GLY A 285 -32.90 -15.34 10.75
CA GLY A 285 -31.76 -14.65 11.32
C GLY A 285 -31.99 -14.51 12.80
N TYR A 286 -32.35 -13.31 13.23
CA TYR A 286 -32.86 -13.12 14.58
C TYR A 286 -34.19 -13.85 14.76
N TRP A 287 -34.45 -14.29 15.99
CA TRP A 287 -35.54 -15.22 16.26
C TRP A 287 -36.86 -14.54 16.59
N ALA A 288 -36.85 -13.29 17.02
CA ALA A 288 -38.08 -12.66 17.49
C ALA A 288 -38.92 -12.16 16.33
N ASN A 289 -40.19 -11.87 16.65
CA ASN A 289 -41.12 -11.23 15.72
C ASN A 289 -41.01 -9.73 15.93
N GLY A 290 -40.01 -9.11 15.28
CA GLY A 290 -39.68 -7.73 15.52
C GLY A 290 -40.34 -6.76 14.55
N ARG A 291 -40.23 -5.47 14.87
CA ARG A 291 -40.76 -4.42 14.01
C ARG A 291 -39.99 -4.33 12.70
N ARG A 292 -38.72 -4.71 12.71
CA ARG A 292 -37.90 -4.75 11.51
C ARG A 292 -37.54 -6.21 11.22
N PRO A 293 -38.36 -6.94 10.47
CA PRO A 293 -37.99 -8.31 10.11
C PRO A 293 -36.84 -8.30 9.10
N LEU A 294 -35.90 -9.21 9.30
CA LEU A 294 -34.78 -9.33 8.39
C LEU A 294 -35.26 -9.81 7.02
N ALA A 295 -34.71 -9.19 5.97
CA ALA A 295 -34.99 -9.60 4.61
C ALA A 295 -33.82 -10.44 4.11
N LEU A 296 -34.15 -11.51 3.38
CA LEU A 296 -33.11 -12.34 2.78
C LEU A 296 -32.29 -11.55 1.77
N VAL A 297 -32.96 -10.72 0.97
CA VAL A 297 -32.30 -9.87 -0.02
C VAL A 297 -32.57 -8.42 0.34
N ARG A 298 -31.50 -7.63 0.43
CA ARG A 298 -31.62 -6.21 0.81
C ARG A 298 -31.92 -5.39 -0.44
N THR A 299 -33.20 -5.33 -0.77
CA THR A 299 -33.67 -4.55 -1.91
C THR A 299 -34.14 -3.16 -1.45
N HIS A 300 -34.14 -2.23 -2.40
CA HIS A 300 -34.56 -0.87 -2.13
C HIS A 300 -36.07 -0.65 -2.34
N SER A 301 -36.75 -1.62 -2.94
CA SER A 301 -38.20 -1.57 -3.07
C SER A 301 -38.79 -2.88 -2.57
N LYS A 302 -39.99 -2.79 -1.98
CA LYS A 302 -40.68 -3.98 -1.51
C LYS A 302 -41.11 -4.88 -2.65
N LYS A 303 -41.36 -4.30 -3.83
CA LYS A 303 -41.69 -5.09 -5.01
C LYS A 303 -40.51 -5.96 -5.43
N ALA A 304 -39.28 -5.42 -5.33
CA ALA A 304 -38.09 -6.17 -5.74
C ALA A 304 -37.87 -7.39 -4.88
N LEU A 305 -38.20 -7.30 -3.59
CA LEU A 305 -38.11 -8.47 -2.72
C LEU A 305 -39.15 -9.52 -3.09
N MET A 306 -40.38 -9.08 -3.42
CA MET A 306 -41.48 -10.00 -3.62
C MET A 306 -41.30 -10.88 -4.85
N ARG A 307 -40.40 -10.53 -5.76
CA ARG A 307 -40.08 -11.45 -6.85
C ARG A 307 -39.29 -12.65 -6.34
N TYR A 308 -38.55 -12.48 -5.24
CA TYR A 308 -37.82 -13.57 -4.63
C TYR A 308 -38.71 -14.54 -3.86
N GLU A 309 -39.97 -14.17 -3.62
CA GLU A 309 -40.82 -14.90 -2.69
C GLU A 309 -41.11 -16.33 -3.16
N ASP A 310 -41.07 -16.57 -4.47
CA ASP A 310 -41.46 -17.87 -5.01
C ASP A 310 -40.35 -18.64 -5.71
N VAL A 311 -39.21 -18.01 -6.00
CA VAL A 311 -38.18 -18.66 -6.81
C VAL A 311 -37.53 -19.77 -6.00
N TYR A 312 -37.41 -20.96 -6.61
CA TYR A 312 -36.83 -22.13 -5.97
C TYR A 312 -35.31 -22.03 -6.05
N MET A 313 -34.66 -21.75 -4.92
CA MET A 313 -33.20 -21.73 -4.82
C MET A 313 -32.75 -22.50 -3.58
N PRO A 314 -32.76 -23.84 -3.64
CA PRO A 314 -32.31 -24.61 -2.47
C PRO A 314 -30.84 -24.39 -2.12
N GLU A 315 -29.97 -24.18 -3.10
CA GLU A 315 -28.56 -24.04 -2.81
C GLU A 315 -28.20 -22.67 -2.27
N VAL A 316 -28.98 -21.63 -2.62
CA VAL A 316 -28.81 -20.33 -1.97
C VAL A 316 -29.16 -20.44 -0.49
N TYR A 317 -30.30 -21.08 -0.19
CA TYR A 317 -30.74 -21.21 1.20
C TYR A 317 -29.78 -22.09 2.00
N LYS A 318 -29.26 -23.15 1.37
CA LYS A 318 -28.28 -24.00 2.03
C LYS A 318 -27.04 -23.19 2.40
N ALA A 319 -26.52 -22.41 1.45
CA ALA A 319 -25.26 -21.70 1.64
C ALA A 319 -25.36 -20.64 2.73
N ILE A 320 -26.47 -19.92 2.79
CA ILE A 320 -26.65 -18.92 3.84
C ILE A 320 -26.76 -19.61 5.20
N ASN A 321 -27.56 -20.68 5.28
CA ASN A 321 -27.77 -21.33 6.56
C ASN A 321 -26.52 -22.03 7.07
N ILE A 322 -25.71 -22.60 6.18
CA ILE A 322 -24.41 -23.14 6.61
C ILE A 322 -23.53 -22.02 7.16
N ALA A 323 -23.53 -20.86 6.50
CA ALA A 323 -22.72 -19.74 6.93
C ALA A 323 -23.18 -19.19 8.28
N GLN A 324 -24.50 -19.18 8.52
CA GLN A 324 -25.01 -18.75 9.82
C GLN A 324 -24.59 -19.68 10.94
N ASN A 325 -24.39 -20.96 10.63
CA ASN A 325 -24.12 -21.96 11.66
C ASN A 325 -22.69 -21.92 12.17
N THR A 326 -21.82 -21.10 11.58
CA THR A 326 -20.44 -20.99 12.05
C THR A 326 -20.41 -20.35 13.44
N ALA A 327 -19.93 -21.09 14.41
CA ALA A 327 -19.86 -20.60 15.78
C ALA A 327 -18.58 -19.78 15.96
N TRP A 328 -18.73 -18.51 16.29
CA TRP A 328 -17.59 -17.64 16.55
C TRP A 328 -17.44 -17.42 18.04
N LYS A 329 -16.24 -17.03 18.43
CA LYS A 329 -15.95 -16.59 19.80
C LYS A 329 -14.95 -15.46 19.72
N ILE A 330 -14.89 -14.66 20.78
CA ILE A 330 -14.00 -13.51 20.81
C ILE A 330 -12.61 -13.98 21.22
N ASN A 331 -11.60 -13.58 20.45
CA ASN A 331 -10.21 -13.85 20.80
C ASN A 331 -9.88 -13.06 22.06
N LYS A 332 -9.82 -13.76 23.20
CA LYS A 332 -9.59 -13.08 24.48
C LYS A 332 -8.18 -12.51 24.55
N LYS A 333 -7.19 -13.24 24.00
CA LYS A 333 -5.81 -12.77 24.07
C LYS A 333 -5.61 -11.50 23.25
N VAL A 334 -6.20 -11.45 22.05
CA VAL A 334 -6.14 -10.24 21.22
C VAL A 334 -6.85 -9.09 21.91
N LEU A 335 -8.00 -9.37 22.53
CA LEU A 335 -8.77 -8.34 23.22
C LEU A 335 -8.03 -7.79 24.43
N ALA A 336 -7.21 -8.62 25.09
CA ALA A 336 -6.43 -8.15 26.22
C ALA A 336 -5.43 -7.09 25.77
N VAL A 337 -4.80 -7.28 24.62
CA VAL A 337 -3.90 -6.27 24.07
C VAL A 337 -4.69 -5.05 23.61
N ALA A 338 -5.80 -5.29 22.89
CA ALA A 338 -6.59 -4.19 22.35
C ALA A 338 -7.22 -3.36 23.45
N ASN A 339 -7.54 -3.97 24.60
CA ASN A 339 -8.05 -3.21 25.72
C ASN A 339 -7.00 -2.30 26.33
N VAL A 340 -5.71 -2.50 26.04
CA VAL A 340 -4.65 -1.70 26.62
C VAL A 340 -4.23 -0.55 25.70
N ILE A 341 -3.88 -0.87 24.45
CA ILE A 341 -3.22 0.13 23.60
C ILE A 341 -4.21 1.15 23.05
N THR A 342 -5.49 0.80 22.88
CA THR A 342 -6.46 1.79 22.44
C THR A 342 -6.70 2.87 23.48
N LYS A 343 -6.44 2.59 24.76
CA LYS A 343 -6.49 3.63 25.78
C LYS A 343 -5.38 4.66 25.64
N TRP A 344 -4.35 4.38 24.84
CA TRP A 344 -3.22 5.28 24.67
C TRP A 344 -3.14 5.92 23.30
N LYS A 345 -3.62 5.25 22.25
CA LYS A 345 -3.56 5.75 20.89
C LYS A 345 -4.96 5.77 20.29
N HIS A 346 -5.25 6.81 19.51
CA HIS A 346 -6.53 6.89 18.82
C HIS A 346 -6.67 5.74 17.82
N CYS A 347 -5.66 5.54 16.98
CA CYS A 347 -5.51 4.30 16.26
C CYS A 347 -4.28 3.58 16.81
N PRO A 348 -4.42 2.35 17.30
CA PRO A 348 -3.34 1.74 18.08
C PRO A 348 -2.10 1.41 17.27
N VAL A 349 -2.20 1.34 15.95
CA VAL A 349 -1.09 0.99 15.09
C VAL A 349 -0.72 2.15 14.15
N GLU A 350 -1.12 3.37 14.51
CA GLU A 350 -0.99 4.49 13.59
C GLU A 350 0.44 5.03 13.54
N ASP A 351 0.93 5.57 14.66
CA ASP A 351 2.22 6.25 14.70
C ASP A 351 3.10 5.51 15.71
N ILE A 352 3.74 4.43 15.24
CA ILE A 352 4.64 3.65 16.07
C ILE A 352 6.07 4.20 15.84
N PRO A 353 6.76 4.62 16.90
CA PRO A 353 8.16 5.05 16.74
C PRO A 353 9.02 3.94 16.17
N ALA A 354 9.71 4.24 15.08
CA ALA A 354 10.52 3.26 14.37
C ALA A 354 11.69 3.96 13.72
N ILE A 355 12.74 3.19 13.43
CA ILE A 355 13.97 3.75 12.90
C ILE A 355 14.01 3.60 11.37
N GLU A 372 1.79 28.98 -8.35
CA GLU A 372 1.18 27.66 -8.22
C GLU A 372 1.28 27.13 -6.79
N ALA A 373 2.08 27.82 -5.97
CA ALA A 373 2.26 27.40 -4.58
C ALA A 373 1.03 27.63 -3.74
N LEU A 374 0.11 28.50 -4.17
CA LEU A 374 -1.13 28.72 -3.43
C LEU A 374 -2.04 27.51 -3.50
N THR A 375 -2.06 26.81 -4.63
CA THR A 375 -2.87 25.60 -4.74
C THR A 375 -2.21 24.39 -4.08
N ALA A 376 -0.91 24.45 -3.80
CA ALA A 376 -0.27 23.43 -2.98
C ALA A 376 -0.52 23.66 -1.50
N TRP A 377 -0.57 24.93 -1.08
CA TRP A 377 -0.97 25.25 0.28
C TRP A 377 -2.43 24.92 0.52
N LYS A 378 -3.30 25.22 -0.46
CA LYS A 378 -4.71 24.93 -0.33
C LYS A 378 -4.98 23.44 -0.30
N ARG A 379 -4.19 22.66 -1.03
CA ARG A 379 -4.28 21.20 -0.91
C ARG A 379 -3.86 20.73 0.47
N ALA A 380 -2.80 21.33 1.02
CA ALA A 380 -2.36 20.96 2.37
C ALA A 380 -3.33 21.44 3.44
N ALA A 381 -3.98 22.58 3.21
CA ALA A 381 -4.99 23.07 4.15
C ALA A 381 -6.19 22.13 4.19
N ALA A 382 -6.59 21.59 3.04
CA ALA A 382 -7.69 20.63 3.01
C ALA A 382 -7.28 19.27 3.54
N ALA A 383 -5.98 18.99 3.63
CA ALA A 383 -5.52 17.69 4.11
C ALA A 383 -5.79 17.52 5.61
N VAL A 384 -5.44 18.53 6.42
CA VAL A 384 -5.70 18.45 7.84
C VAL A 384 -7.20 18.55 8.14
N TYR A 385 -7.94 19.26 7.27
CA TYR A 385 -9.39 19.33 7.43
C TYR A 385 -10.04 17.96 7.25
N ARG A 386 -9.60 17.20 6.25
CA ARG A 386 -10.14 15.86 6.03
C ARG A 386 -9.62 14.89 7.07
N LYS A 387 -8.37 15.04 7.49
CA LYS A 387 -7.80 14.13 8.49
C LYS A 387 -8.40 14.37 9.88
N ASP A 388 -8.80 15.62 10.17
CA ASP A 388 -9.53 15.88 11.41
C ASP A 388 -10.89 15.19 11.39
N LYS A 389 -11.56 15.21 10.24
CA LYS A 389 -12.78 14.42 10.07
C LYS A 389 -12.48 12.92 10.14
N ALA A 390 -11.38 12.49 9.52
CA ALA A 390 -11.02 11.08 9.49
C ALA A 390 -10.69 10.54 10.88
N ARG A 391 -9.99 11.34 11.69
CA ARG A 391 -9.64 10.90 13.04
C ARG A 391 -10.87 10.74 13.90
N LYS A 392 -11.84 11.66 13.79
CA LYS A 392 -13.09 11.51 14.52
C LYS A 392 -13.93 10.37 13.96
N SER A 393 -13.84 10.12 12.66
CA SER A 393 -14.66 9.07 12.03
C SER A 393 -14.13 7.67 12.30
N ARG A 394 -12.83 7.52 12.55
CA ARG A 394 -12.25 6.20 12.77
C ARG A 394 -12.28 5.79 14.24
N ARG A 395 -12.30 6.75 15.16
CA ARG A 395 -12.24 6.43 16.58
C ARG A 395 -13.61 6.07 17.15
N ILE A 396 -14.70 6.56 16.57
CA ILE A 396 -16.00 6.30 17.18
C ILE A 396 -16.45 4.85 16.96
N SER A 397 -16.06 4.24 15.83
CA SER A 397 -16.41 2.85 15.60
C SER A 397 -15.47 1.91 16.32
N LEU A 398 -14.20 2.33 16.49
CA LEU A 398 -13.25 1.53 17.25
C LEU A 398 -13.67 1.42 18.72
N GLU A 399 -14.22 2.50 19.27
CA GLU A 399 -14.80 2.42 20.61
C GLU A 399 -16.00 1.49 20.63
N PHE A 400 -16.83 1.53 19.59
CA PHE A 400 -18.00 0.67 19.53
C PHE A 400 -17.61 -0.79 19.32
N MET A 401 -16.63 -1.04 18.43
CA MET A 401 -16.19 -2.41 18.17
C MET A 401 -15.57 -3.03 19.41
N LEU A 402 -14.87 -2.23 20.21
CA LEU A 402 -14.32 -2.74 21.46
C LEU A 402 -15.41 -3.06 22.47
N GLU A 403 -16.46 -2.24 22.53
CA GLU A 403 -17.57 -2.49 23.45
C GLU A 403 -18.30 -3.78 23.10
N GLN A 404 -18.55 -4.01 21.81
CA GLN A 404 -19.24 -5.23 21.40
C GLN A 404 -18.33 -6.45 21.56
N ALA A 405 -17.02 -6.29 21.31
CA ALA A 405 -16.09 -7.38 21.57
C ALA A 405 -16.01 -7.71 23.04
N ASN A 406 -16.04 -6.68 23.90
CA ASN A 406 -15.97 -6.89 25.34
C ASN A 406 -17.27 -7.47 25.89
N LYS A 407 -18.40 -7.15 25.25
CA LYS A 407 -19.70 -7.57 25.78
C LYS A 407 -19.87 -9.09 25.71
N PHE A 408 -19.56 -9.68 24.56
CA PHE A 408 -19.74 -11.10 24.34
C PHE A 408 -18.49 -11.92 24.62
N ALA A 409 -17.45 -11.28 25.21
CA ALA A 409 -16.14 -11.92 25.35
C ALA A 409 -16.18 -13.16 26.23
N ASN A 410 -17.07 -13.18 27.22
CA ASN A 410 -17.16 -14.32 28.14
C ASN A 410 -18.05 -15.44 27.62
N HIS A 411 -18.74 -15.23 26.50
CA HIS A 411 -19.61 -16.26 25.96
C HIS A 411 -18.80 -17.40 25.36
N LYS A 412 -19.31 -18.62 25.53
CA LYS A 412 -18.66 -19.79 24.95
C LYS A 412 -18.70 -19.72 23.42
N ALA A 413 -19.82 -19.27 22.86
CA ALA A 413 -19.92 -19.09 21.42
C ALA A 413 -20.94 -18.02 21.14
N ILE A 414 -20.70 -17.27 20.05
CA ILE A 414 -21.67 -16.34 19.50
C ILE A 414 -21.83 -16.63 18.01
N TRP A 415 -22.93 -16.14 17.45
CA TRP A 415 -23.29 -16.43 16.07
C TRP A 415 -23.67 -15.14 15.34
N PHE A 416 -23.54 -15.19 14.03
CA PHE A 416 -23.88 -14.06 13.18
C PHE A 416 -24.91 -14.48 12.14
N PRO A 417 -26.04 -13.77 12.04
CA PRO A 417 -26.98 -14.02 10.95
C PRO A 417 -26.41 -13.50 9.63
N TYR A 418 -27.00 -13.97 8.53
CA TYR A 418 -26.52 -13.62 7.20
C TYR A 418 -27.67 -13.38 6.25
N ASN A 419 -27.56 -12.32 5.45
CA ASN A 419 -28.44 -12.08 4.32
C ASN A 419 -27.59 -11.54 3.18
N MET A 420 -28.24 -11.13 2.09
CA MET A 420 -27.55 -10.81 0.85
C MET A 420 -28.00 -9.47 0.30
N ASP A 421 -27.14 -8.84 -0.49
CA ASP A 421 -27.56 -7.67 -1.24
C ASP A 421 -28.39 -8.09 -2.44
N TRP A 422 -28.79 -7.13 -3.27
CA TRP A 422 -29.66 -7.45 -4.39
C TRP A 422 -28.94 -8.17 -5.53
N ARG A 423 -27.62 -8.38 -5.42
CA ARG A 423 -26.87 -9.15 -6.41
C ARG A 423 -26.43 -10.51 -5.91
N GLY A 424 -26.47 -10.76 -4.61
CA GLY A 424 -26.12 -12.06 -4.08
C GLY A 424 -24.78 -12.17 -3.41
N ARG A 425 -24.24 -11.08 -2.88
CA ARG A 425 -23.07 -11.14 -2.02
C ARG A 425 -23.54 -11.33 -0.58
N VAL A 426 -22.80 -12.10 0.19
CA VAL A 426 -23.24 -12.52 1.53
C VAL A 426 -22.68 -11.56 2.57
N TYR A 427 -23.57 -11.03 3.41
CA TYR A 427 -23.23 -10.05 4.43
C TYR A 427 -23.73 -10.51 5.78
N ALA A 428 -22.87 -10.42 6.80
CA ALA A 428 -23.32 -10.61 8.17
C ALA A 428 -24.18 -9.42 8.60
N VAL A 429 -25.17 -9.70 9.43
CA VAL A 429 -26.21 -8.71 9.70
C VAL A 429 -25.87 -7.82 10.90
N SER A 430 -25.13 -8.34 11.87
CA SER A 430 -24.79 -7.54 13.04
C SER A 430 -23.77 -6.46 12.71
N MET A 431 -23.86 -5.33 13.41
CA MET A 431 -22.93 -4.23 13.20
C MET A 431 -21.52 -4.60 13.64
N PHE A 432 -21.39 -5.46 14.64
CA PHE A 432 -20.13 -6.13 14.94
C PHE A 432 -20.15 -7.47 14.22
N ASN A 433 -19.22 -7.67 13.28
CA ASN A 433 -19.26 -8.84 12.42
C ASN A 433 -17.85 -9.16 11.94
N PRO A 434 -17.60 -10.39 11.47
CA PRO A 434 -16.28 -10.71 10.91
C PRO A 434 -15.94 -9.93 9.66
N GLN A 435 -16.89 -9.25 9.03
CA GLN A 435 -16.64 -8.52 7.81
C GLN A 435 -16.08 -7.12 8.05
N GLY A 436 -15.76 -6.79 9.30
CA GLY A 436 -15.19 -5.50 9.63
C GLY A 436 -13.70 -5.42 9.32
N ASN A 437 -13.05 -4.46 9.96
CA ASN A 437 -11.66 -4.13 9.65
C ASN A 437 -10.72 -5.13 10.33
N ASP A 438 -9.42 -4.81 10.33
CA ASP A 438 -8.40 -5.73 10.83
C ASP A 438 -8.55 -5.97 12.33
N MET A 439 -8.85 -4.92 13.10
CA MET A 439 -9.02 -5.08 14.53
C MET A 439 -10.22 -5.97 14.84
N THR A 440 -11.35 -5.73 14.16
CA THR A 440 -12.53 -6.57 14.37
C THR A 440 -12.29 -7.99 13.85
N LYS A 441 -11.61 -8.13 12.71
CA LYS A 441 -11.23 -9.45 12.22
C LYS A 441 -10.29 -10.14 13.19
N GLY A 442 -9.37 -9.38 13.79
CA GLY A 442 -8.47 -9.95 14.78
C GLY A 442 -9.16 -10.23 16.10
N LEU A 443 -10.24 -9.51 16.41
CA LEU A 443 -10.98 -9.71 17.65
C LEU A 443 -11.94 -10.90 17.60
N LEU A 444 -12.08 -11.54 16.44
CA LEU A 444 -13.00 -12.64 16.26
C LEU A 444 -12.23 -13.89 15.82
N THR A 445 -12.62 -15.03 16.39
CA THR A 445 -12.07 -16.31 16.00
C THR A 445 -13.18 -17.35 16.07
N LEU A 446 -12.97 -18.48 15.39
CA LEU A 446 -13.96 -19.52 15.42
C LEU A 446 -13.94 -20.24 16.77
N ALA A 447 -15.04 -20.91 17.08
CA ALA A 447 -15.19 -21.59 18.37
C ALA A 447 -14.90 -23.08 18.29
N LYS A 448 -15.26 -23.73 17.18
CA LYS A 448 -15.13 -25.18 17.04
C LYS A 448 -13.80 -25.48 16.37
N GLY A 449 -12.77 -25.66 17.20
CA GLY A 449 -11.45 -25.98 16.72
C GLY A 449 -11.15 -27.48 16.73
N LYS A 450 -10.08 -27.83 16.05
CA LYS A 450 -9.59 -29.19 15.89
C LYS A 450 -8.11 -29.22 16.25
N PRO A 451 -7.55 -30.40 16.50
CA PRO A 451 -6.08 -30.50 16.55
C PRO A 451 -5.48 -30.04 15.23
N ILE A 452 -4.41 -29.24 15.33
CA ILE A 452 -3.95 -28.48 14.18
C ILE A 452 -3.25 -29.39 13.17
N GLY A 453 -2.38 -30.28 13.64
CA GLY A 453 -1.70 -31.20 12.75
C GLY A 453 -0.63 -30.54 11.91
N LYS A 454 -0.03 -31.36 11.04
CA LYS A 454 1.05 -30.88 10.18
C LYS A 454 0.53 -29.92 9.11
N GLU A 455 -0.54 -30.31 8.42
CA GLU A 455 -1.08 -29.46 7.36
C GLU A 455 -1.66 -28.16 7.93
N GLY A 456 -2.33 -28.24 9.07
CA GLY A 456 -2.85 -27.05 9.70
C GLY A 456 -1.76 -26.10 10.16
N TYR A 457 -0.66 -26.65 10.67
CA TYR A 457 0.48 -25.81 11.08
C TYR A 457 1.10 -25.13 9.88
N TYR A 458 1.22 -25.84 8.75
CA TYR A 458 1.75 -25.25 7.53
C TYR A 458 0.86 -24.11 7.04
N TRP A 459 -0.46 -24.32 7.06
CA TRP A 459 -1.37 -23.28 6.59
C TRP A 459 -1.52 -22.16 7.62
N LEU A 460 -1.30 -22.45 8.90
CA LEU A 460 -1.25 -21.39 9.90
C LEU A 460 -0.05 -20.48 9.65
N LYS A 461 1.09 -21.07 9.30
CA LYS A 461 2.27 -20.28 8.97
C LYS A 461 2.04 -19.45 7.70
N ILE A 462 1.37 -20.04 6.70
CA ILE A 462 1.05 -19.29 5.48
C ILE A 462 0.10 -18.13 5.82
N HIS A 463 -0.87 -18.37 6.69
CA HIS A 463 -1.76 -17.30 7.14
C HIS A 463 -0.99 -16.23 7.90
N GLY A 464 0.05 -16.61 8.63
CA GLY A 464 0.90 -15.63 9.28
C GLY A 464 1.69 -14.79 8.30
N ALA A 465 2.12 -15.38 7.19
CA ALA A 465 2.86 -14.63 6.17
C ALA A 465 2.00 -13.54 5.54
N ASN A 466 0.73 -13.86 5.27
CA ASN A 466 -0.15 -12.90 4.61
C ASN A 466 -0.58 -11.78 5.55
N CYS A 467 -0.59 -12.03 6.86
CA CYS A 467 -0.89 -10.96 7.82
C CYS A 467 0.23 -9.92 7.84
N ALA A 468 1.46 -10.34 7.56
CA ALA A 468 2.61 -9.44 7.56
C ALA A 468 2.88 -8.82 6.20
N GLY A 469 2.02 -9.05 5.22
CA GLY A 469 2.23 -8.53 3.89
C GLY A 469 3.09 -9.38 3.00
N VAL A 470 3.50 -10.56 3.46
CA VAL A 470 4.35 -11.45 2.66
C VAL A 470 3.41 -12.35 1.87
N ASP A 471 2.92 -11.82 0.74
CA ASP A 471 2.01 -12.56 -0.12
C ASP A 471 2.40 -12.51 -1.58
N LYS A 472 3.55 -11.93 -1.91
CA LYS A 472 4.02 -11.83 -3.29
C LYS A 472 5.08 -12.86 -3.62
N VAL A 473 5.36 -13.79 -2.73
CA VAL A 473 6.36 -14.83 -2.94
C VAL A 473 5.67 -16.17 -2.78
N PRO A 474 6.21 -17.24 -3.37
CA PRO A 474 5.60 -18.56 -3.22
C PRO A 474 5.55 -19.03 -1.77
N PHE A 475 4.77 -20.09 -1.56
CA PHE A 475 4.60 -20.65 -0.23
C PHE A 475 5.90 -21.04 0.48
N PRO A 476 6.90 -21.68 -0.15
CA PRO A 476 8.15 -21.95 0.58
C PRO A 476 8.83 -20.69 1.12
N GLU A 477 8.83 -19.60 0.36
CA GLU A 477 9.34 -18.34 0.89
C GLU A 477 8.40 -17.75 1.92
N ARG A 478 7.09 -17.96 1.77
CA ARG A 478 6.15 -17.57 2.80
C ARG A 478 6.35 -18.40 4.05
N ILE A 479 6.63 -19.70 3.89
CA ILE A 479 7.00 -20.54 5.03
C ILE A 479 8.32 -20.06 5.62
N LYS A 480 9.31 -19.76 4.77
CA LYS A 480 10.64 -19.39 5.23
C LYS A 480 10.61 -18.09 6.03
N PHE A 481 9.76 -17.14 5.64
CA PHE A 481 9.68 -15.86 6.34
C PHE A 481 9.26 -16.06 7.79
N ILE A 482 8.31 -16.97 8.04
CA ILE A 482 7.83 -17.22 9.39
C ILE A 482 8.93 -17.87 10.24
N GLU A 483 9.68 -18.80 9.64
CA GLU A 483 10.67 -19.56 10.41
C GLU A 483 11.86 -18.70 10.80
N GLU A 484 12.29 -17.78 9.92
CA GLU A 484 13.38 -16.88 10.28
C GLU A 484 12.97 -15.92 11.38
N ASN A 485 11.70 -15.53 11.43
CA ASN A 485 11.18 -14.63 12.44
C ASN A 485 10.54 -15.38 13.61
N HIS A 486 11.04 -16.59 13.91
CA HIS A 486 10.48 -17.37 15.01
C HIS A 486 10.62 -16.63 16.34
N GLU A 487 11.83 -16.15 16.64
CA GLU A 487 12.05 -15.45 17.91
C GLU A 487 11.30 -14.12 17.97
N ASN A 488 10.95 -13.54 16.83
CA ASN A 488 10.12 -12.34 16.83
C ASN A 488 8.67 -12.65 17.16
N ILE A 489 8.14 -13.74 16.61
CA ILE A 489 6.75 -14.12 16.87
C ILE A 489 6.57 -14.58 18.32
N MET A 490 7.55 -15.33 18.85
CA MET A 490 7.45 -15.83 20.22
C MET A 490 7.55 -14.69 21.24
N ALA A 491 8.47 -13.75 21.03
CA ALA A 491 8.57 -12.61 21.92
C ALA A 491 7.35 -11.70 21.81
N CYS A 492 6.75 -11.62 20.62
CA CYS A 492 5.51 -10.88 20.46
C CYS A 492 4.36 -11.57 21.18
N ALA A 493 4.32 -12.90 21.13
CA ALA A 493 3.24 -13.64 21.78
C ALA A 493 3.41 -13.69 23.29
N LYS A 494 4.65 -13.78 23.78
CA LYS A 494 4.88 -13.83 25.22
C LYS A 494 4.45 -12.53 25.89
N SER A 495 4.82 -11.39 25.31
CA SER A 495 4.33 -10.09 25.74
C SER A 495 4.12 -9.19 24.53
N PRO A 496 2.88 -8.91 24.16
CA PRO A 496 2.63 -8.07 22.97
C PRO A 496 2.82 -6.58 23.22
N LEU A 497 2.97 -6.14 24.47
CA LEU A 497 3.20 -4.73 24.75
C LEU A 497 4.68 -4.37 24.83
N GLU A 498 5.55 -5.34 25.06
CA GLU A 498 6.98 -5.07 25.09
C GLU A 498 7.63 -5.15 23.71
N ASN A 499 6.90 -5.62 22.70
CA ASN A 499 7.43 -5.74 21.34
C ASN A 499 6.36 -5.26 20.38
N THR A 500 6.66 -4.16 19.67
CA THR A 500 5.71 -3.53 18.77
C THR A 500 5.73 -4.13 17.37
N TRP A 501 6.47 -5.24 17.16
CA TRP A 501 6.72 -5.75 15.83
C TRP A 501 5.45 -6.22 15.14
N TRP A 502 4.52 -6.81 15.91
CA TRP A 502 3.25 -7.25 15.33
C TRP A 502 2.41 -6.07 14.86
N ALA A 503 2.48 -4.94 15.56
CA ALA A 503 1.72 -3.76 15.17
C ALA A 503 2.27 -3.11 13.90
N GLU A 504 3.51 -3.40 13.52
CA GLU A 504 4.10 -2.83 12.32
C GLU A 504 3.66 -3.53 11.05
N GLN A 505 3.03 -4.69 11.16
CA GLN A 505 2.70 -5.48 9.98
C GLN A 505 1.47 -4.91 9.26
N ASP A 506 1.20 -5.49 8.08
CA ASP A 506 0.10 -5.02 7.24
C ASP A 506 -1.25 -5.24 7.93
N SER A 507 -1.42 -6.37 8.61
CA SER A 507 -2.65 -6.72 9.31
C SER A 507 -2.27 -6.99 10.76
N PRO A 508 -2.14 -5.93 11.58
CA PRO A 508 -1.48 -6.06 12.89
C PRO A 508 -2.19 -6.96 13.90
N PHE A 509 -3.48 -6.70 14.15
CA PHE A 509 -4.21 -7.48 15.13
C PHE A 509 -4.40 -8.92 14.66
N CYS A 510 -4.62 -9.12 13.37
CA CYS A 510 -4.70 -10.47 12.83
C CYS A 510 -3.34 -11.16 12.87
N PHE A 511 -2.25 -10.41 12.71
CA PHE A 511 -0.93 -11.01 12.88
C PHE A 511 -0.68 -11.41 14.33
N LEU A 512 -1.08 -10.56 15.28
CA LEU A 512 -0.98 -10.92 16.68
C LEU A 512 -1.88 -12.10 17.02
N ALA A 513 -3.03 -12.20 16.34
CA ALA A 513 -3.88 -13.37 16.48
C ALA A 513 -3.16 -14.62 15.98
N PHE A 514 -2.41 -14.50 14.89
CA PHE A 514 -1.56 -15.61 14.44
C PHE A 514 -0.45 -15.89 15.44
N CYS A 515 0.09 -14.85 16.08
CA CYS A 515 1.25 -15.00 16.95
C CYS A 515 0.94 -15.89 18.14
N PHE A 516 -0.26 -15.75 18.72
CA PHE A 516 -0.62 -16.59 19.85
C PHE A 516 -0.82 -18.04 19.44
N GLU A 517 -1.48 -18.28 18.30
CA GLU A 517 -1.68 -19.64 17.84
C GLU A 517 -0.36 -20.29 17.45
N TYR A 518 0.56 -19.51 16.87
CA TYR A 518 1.91 -20.02 16.61
C TYR A 518 2.62 -20.39 17.90
N ALA A 519 2.43 -19.57 18.94
CA ALA A 519 3.01 -19.87 20.25
C ALA A 519 2.42 -21.15 20.85
N GLY A 520 1.12 -21.38 20.64
CA GLY A 520 0.50 -22.58 21.17
C GLY A 520 1.03 -23.85 20.54
N VAL A 521 1.26 -23.83 19.23
CA VAL A 521 1.86 -24.99 18.56
C VAL A 521 3.30 -25.19 19.03
N GLN A 522 4.00 -24.10 19.37
CA GLN A 522 5.34 -24.24 19.90
C GLN A 522 5.34 -24.86 21.29
N HIS A 523 4.32 -24.58 22.09
CA HIS A 523 4.25 -25.11 23.44
C HIS A 523 3.61 -26.50 23.48
N HIS A 524 2.48 -26.68 22.80
CA HIS A 524 1.70 -27.91 22.90
C HIS A 524 1.87 -28.84 21.71
N GLY A 525 2.69 -28.49 20.73
CA GLY A 525 2.95 -29.37 19.62
C GLY A 525 1.82 -29.37 18.60
N LEU A 526 1.86 -30.38 17.73
CA LEU A 526 0.92 -30.50 16.63
C LEU A 526 -0.47 -30.95 17.07
N SER A 527 -0.63 -31.37 18.32
CA SER A 527 -1.94 -31.73 18.86
C SER A 527 -2.71 -30.53 19.38
N TYR A 528 -2.16 -29.32 19.19
CA TYR A 528 -2.77 -28.10 19.70
C TYR A 528 -4.14 -27.87 19.05
N ASN A 529 -5.12 -27.52 19.89
CA ASN A 529 -6.46 -27.22 19.39
C ASN A 529 -6.49 -25.76 18.95
N CYS A 530 -6.56 -25.54 17.64
CA CYS A 530 -6.56 -24.21 17.06
C CYS A 530 -7.86 -23.98 16.32
N SER A 531 -8.43 -22.79 16.49
CA SER A 531 -9.66 -22.42 15.80
C SER A 531 -9.53 -21.09 15.08
N LEU A 532 -8.32 -20.74 14.66
CA LEU A 532 -8.09 -19.47 13.98
C LEU A 532 -8.60 -19.56 12.54
N PRO A 533 -9.42 -18.61 12.09
CA PRO A 533 -9.84 -18.60 10.69
C PRO A 533 -8.67 -18.25 9.78
N LEU A 534 -8.39 -19.11 8.81
CA LEU A 534 -7.28 -18.95 7.88
C LEU A 534 -7.86 -18.55 6.53
N ALA A 535 -7.77 -17.26 6.21
CA ALA A 535 -8.44 -16.72 5.04
C ALA A 535 -7.63 -16.95 3.77
N PHE A 536 -8.36 -17.18 2.67
CA PHE A 536 -7.79 -17.29 1.34
C PHE A 536 -8.52 -16.29 0.45
N ASP A 537 -7.77 -15.37 -0.17
CA ASP A 537 -8.35 -14.24 -0.87
C ASP A 537 -8.03 -14.34 -2.35
N GLY A 538 -9.08 -14.34 -3.18
CA GLY A 538 -8.87 -14.23 -4.61
C GLY A 538 -8.19 -12.93 -4.98
N SER A 539 -7.33 -12.99 -6.00
CA SER A 539 -6.42 -11.88 -6.30
C SER A 539 -7.18 -10.65 -6.77
N CYS A 540 -7.86 -10.77 -7.91
CA CYS A 540 -8.78 -9.73 -8.40
C CYS A 540 -9.98 -10.49 -8.93
N SER A 541 -11.02 -10.62 -8.10
CA SER A 541 -12.07 -11.60 -8.32
C SER A 541 -12.83 -11.36 -9.61
N GLY A 542 -13.15 -10.10 -9.91
CA GLY A 542 -13.87 -9.80 -11.14
C GLY A 542 -13.08 -10.15 -12.38
N ILE A 543 -11.81 -9.76 -12.41
CA ILE A 543 -10.92 -10.14 -13.50
C ILE A 543 -10.71 -11.65 -13.52
N GLN A 544 -10.64 -12.26 -12.33
CA GLN A 544 -10.55 -13.72 -12.23
C GLN A 544 -11.78 -14.38 -12.84
N HIS A 545 -12.97 -13.86 -12.53
CA HIS A 545 -14.19 -14.44 -13.06
C HIS A 545 -14.35 -14.14 -14.54
N PHE A 546 -13.99 -12.93 -14.96
CA PHE A 546 -14.10 -12.56 -16.37
C PHE A 546 -13.16 -13.39 -17.25
N SER A 547 -11.94 -13.64 -16.76
CA SER A 547 -11.01 -14.49 -17.50
C SER A 547 -11.48 -15.93 -17.55
N ALA A 548 -12.14 -16.40 -16.49
CA ALA A 548 -12.65 -17.77 -16.48
C ALA A 548 -13.81 -17.96 -17.43
N MET A 549 -14.66 -16.93 -17.59
CA MET A 549 -15.82 -17.04 -18.48
C MET A 549 -15.39 -17.21 -19.93
N LEU A 550 -14.43 -16.42 -20.38
CA LEU A 550 -13.99 -16.41 -21.76
C LEU A 550 -12.67 -17.14 -21.96
N ARG A 551 -12.18 -17.83 -20.93
CA ARG A 551 -11.01 -18.72 -21.00
C ARG A 551 -9.74 -18.00 -21.46
N ASP A 552 -9.48 -16.83 -20.85
CA ASP A 552 -8.28 -16.06 -21.18
C ASP A 552 -7.08 -16.65 -20.47
N GLU A 553 -6.15 -17.22 -21.24
CA GLU A 553 -4.91 -17.72 -20.66
C GLU A 553 -4.04 -16.58 -20.15
N VAL A 554 -3.87 -15.53 -20.95
CA VAL A 554 -2.98 -14.42 -20.57
C VAL A 554 -3.58 -13.61 -19.44
N GLY A 555 -4.88 -13.31 -19.52
CA GLY A 555 -5.53 -12.61 -18.43
C GLY A 555 -5.62 -13.44 -17.17
N GLY A 556 -5.92 -14.73 -17.31
CA GLY A 556 -6.04 -15.60 -16.15
C GLY A 556 -4.74 -15.77 -15.41
N ARG A 557 -3.63 -15.90 -16.13
CA ARG A 557 -2.33 -16.03 -15.48
C ARG A 557 -1.95 -14.76 -14.73
N ALA A 558 -2.41 -13.60 -15.20
CA ALA A 558 -2.11 -12.34 -14.51
C ALA A 558 -2.79 -12.24 -13.16
N VAL A 559 -3.86 -12.98 -12.92
CA VAL A 559 -4.53 -12.97 -11.62
C VAL A 559 -4.44 -14.34 -10.98
N ASN A 560 -3.42 -15.10 -11.36
CA ASN A 560 -3.06 -16.39 -10.74
C ASN A 560 -4.16 -17.44 -10.87
N LEU A 561 -4.97 -17.36 -11.93
CA LEU A 561 -5.86 -18.46 -12.26
C LEU A 561 -5.11 -19.70 -12.69
N LEU A 562 -3.90 -19.54 -13.20
CA LEU A 562 -3.11 -20.63 -13.71
C LEU A 562 -1.89 -20.85 -12.83
N PRO A 563 -1.34 -22.07 -12.79
CA PRO A 563 -0.08 -22.28 -12.09
C PRO A 563 1.04 -21.48 -12.75
N SER A 564 1.69 -20.65 -11.94
CA SER A 564 2.75 -19.76 -12.43
C SER A 564 4.03 -20.06 -11.69
N GLU A 565 5.13 -19.52 -12.24
CA GLU A 565 6.45 -19.70 -11.64
C GLU A 565 6.53 -19.00 -10.29
N THR A 566 5.72 -17.98 -10.06
CA THR A 566 5.67 -17.26 -8.81
C THR A 566 4.29 -16.64 -8.66
N VAL A 567 4.10 -15.85 -7.61
CA VAL A 567 2.91 -15.02 -7.50
C VAL A 567 2.96 -13.95 -8.57
N GLN A 568 1.86 -13.78 -9.30
CA GLN A 568 1.77 -12.78 -10.35
C GLN A 568 1.10 -11.53 -9.80
N ASP A 569 1.75 -10.38 -10.01
CA ASP A 569 1.28 -9.09 -9.52
C ASP A 569 0.76 -8.31 -10.72
N ILE A 570 -0.57 -8.27 -10.86
CA ILE A 570 -1.19 -7.65 -12.03
C ILE A 570 -0.91 -6.15 -12.08
N TYR A 571 -0.68 -5.51 -10.93
CA TYR A 571 -0.29 -4.11 -10.94
C TYR A 571 1.12 -3.93 -11.51
N GLY A 572 2.03 -4.84 -11.15
CA GLY A 572 3.39 -4.76 -11.67
C GLY A 572 3.52 -5.27 -13.09
N ILE A 573 2.61 -6.15 -13.52
CA ILE A 573 2.59 -6.59 -14.92
C ILE A 573 2.25 -5.41 -15.82
N VAL A 574 1.27 -4.60 -15.41
CA VAL A 574 0.90 -3.41 -16.16
C VAL A 574 2.02 -2.39 -16.14
N ALA A 575 2.65 -2.20 -14.97
CA ALA A 575 3.75 -1.25 -14.85
C ALA A 575 4.95 -1.65 -15.69
N LYS A 576 5.19 -2.96 -15.83
CA LYS A 576 6.23 -3.42 -16.77
C LYS A 576 5.86 -3.09 -18.21
N LYS A 577 4.58 -3.24 -18.56
CA LYS A 577 4.15 -2.89 -19.91
C LYS A 577 4.19 -1.39 -20.15
N VAL A 578 3.88 -0.59 -19.12
CA VAL A 578 3.94 0.87 -19.26
C VAL A 578 5.39 1.32 -19.41
N ASN A 579 6.30 0.78 -18.59
CA ASN A 579 7.72 1.11 -18.71
C ASN A 579 8.31 0.62 -20.02
N GLU A 580 7.69 -0.38 -20.67
CA GLU A 580 8.14 -0.79 -21.99
C GLU A 580 7.89 0.31 -23.02
N ILE A 581 6.66 0.85 -23.04
CA ILE A 581 6.36 1.93 -23.97
C ILE A 581 7.04 3.22 -23.53
N LEU A 582 7.23 3.41 -22.22
CA LEU A 582 7.92 4.60 -21.71
C LEU A 582 9.35 4.68 -22.25
N GLN A 583 10.06 3.55 -22.24
CA GLN A 583 11.40 3.54 -22.82
C GLN A 583 11.36 3.55 -24.35
N ALA A 584 10.29 3.03 -24.94
CA ALA A 584 10.10 3.17 -26.39
C ALA A 584 9.77 4.61 -26.76
N ASP A 585 8.94 5.27 -25.94
CA ASP A 585 8.58 6.66 -26.19
C ASP A 585 9.71 7.63 -25.87
N ALA A 586 10.77 7.18 -25.19
CA ALA A 586 11.91 8.05 -24.96
C ALA A 586 12.86 8.12 -26.15
N ILE A 587 12.72 7.19 -27.09
CA ILE A 587 13.59 7.13 -28.27
C ILE A 587 12.88 7.66 -29.50
N ASN A 588 11.72 7.11 -29.82
CA ASN A 588 10.85 7.65 -30.86
C ASN A 588 9.72 8.42 -30.18
N GLY A 589 8.73 8.83 -30.96
CA GLY A 589 7.58 9.52 -30.42
C GLY A 589 7.62 11.01 -30.68
N THR A 590 6.48 11.65 -30.43
CA THR A 590 6.27 13.03 -30.84
C THR A 590 7.16 13.98 -30.06
N ASP A 591 7.64 15.02 -30.75
CA ASP A 591 8.33 16.13 -30.11
C ASP A 591 7.31 17.11 -29.54
N ASN A 592 7.80 18.09 -28.80
CA ASN A 592 6.93 19.11 -28.24
C ASN A 592 6.39 20.01 -29.33
N GLU A 593 5.14 20.41 -29.19
CA GLU A 593 4.47 21.28 -30.15
C GLU A 593 3.84 22.45 -29.43
N VAL A 594 3.75 23.58 -30.12
CA VAL A 594 3.01 24.74 -29.65
C VAL A 594 1.63 24.70 -30.29
N VAL A 595 0.58 24.83 -29.48
CA VAL A 595 -0.79 24.77 -29.95
C VAL A 595 -1.55 25.97 -29.40
N THR A 596 -2.38 26.57 -30.24
CA THR A 596 -3.26 27.64 -29.77
C THR A 596 -4.47 27.04 -29.08
N VAL A 597 -4.77 27.54 -27.89
CA VAL A 597 -5.86 27.03 -27.06
C VAL A 597 -6.53 28.21 -26.38
N THR A 598 -7.85 28.13 -26.22
CA THR A 598 -8.62 29.16 -25.54
C THR A 598 -9.31 28.58 -24.31
N ASP A 599 -9.35 29.36 -23.24
CA ASP A 599 -10.25 29.07 -22.13
C ASP A 599 -11.62 29.58 -22.56
N GLU A 600 -12.63 28.71 -22.42
CA GLU A 600 -13.96 29.05 -22.90
C GLU A 600 -14.60 30.18 -22.08
N ASN A 601 -14.19 30.32 -20.82
CA ASN A 601 -14.79 31.32 -19.96
C ASN A 601 -14.30 32.73 -20.30
N THR A 602 -12.98 32.95 -20.20
CA THR A 602 -12.45 34.28 -20.47
C THR A 602 -12.45 34.62 -21.95
N GLY A 603 -12.51 33.62 -22.83
CA GLY A 603 -12.42 33.84 -24.25
C GLY A 603 -11.04 34.15 -24.78
N GLU A 604 -10.05 34.26 -23.90
CA GLU A 604 -8.70 34.62 -24.32
C GLU A 604 -8.02 33.45 -25.01
N ILE A 605 -7.41 33.73 -26.16
CA ILE A 605 -6.73 32.72 -26.96
C ILE A 605 -5.24 32.85 -26.71
N SER A 606 -4.62 31.76 -26.26
CA SER A 606 -3.21 31.71 -25.92
C SER A 606 -2.54 30.59 -26.72
N GLU A 607 -1.22 30.59 -26.72
CA GLU A 607 -0.43 29.62 -27.51
C GLU A 607 0.49 28.84 -26.58
N LYS A 608 0.00 27.74 -26.01
CA LYS A 608 0.74 26.98 -25.01
C LYS A 608 1.45 25.80 -25.65
N VAL A 609 2.32 25.17 -24.86
CA VAL A 609 3.11 24.04 -25.33
C VAL A 609 2.38 22.74 -25.02
N LYS A 610 2.26 21.89 -26.02
CA LYS A 610 1.72 20.54 -25.86
C LYS A 610 2.91 19.59 -25.95
N LEU A 611 3.21 18.93 -24.84
CA LEU A 611 4.39 18.09 -24.79
C LEU A 611 4.18 16.83 -25.62
N GLY A 612 5.19 16.50 -26.41
CA GLY A 612 5.17 15.23 -27.12
C GLY A 612 5.40 14.07 -26.17
N THR A 613 5.17 12.87 -26.70
CA THR A 613 5.36 11.67 -25.90
C THR A 613 6.82 11.43 -25.54
N LYS A 614 7.76 12.05 -26.26
CA LYS A 614 9.17 11.92 -25.91
C LYS A 614 9.49 12.65 -24.62
N ALA A 615 9.06 13.91 -24.51
CA ALA A 615 9.29 14.66 -23.28
C ALA A 615 8.45 14.12 -22.13
N LEU A 616 7.25 13.63 -22.43
CA LEU A 616 6.39 13.08 -21.38
C LEU A 616 6.98 11.79 -20.80
N ALA A 617 7.55 10.93 -21.65
CA ALA A 617 8.13 9.68 -21.17
C ALA A 617 9.36 9.91 -20.30
N GLY A 618 10.25 10.82 -20.72
CA GLY A 618 11.42 11.13 -19.92
C GLY A 618 11.09 11.74 -18.58
N GLN A 619 9.93 12.38 -18.46
CA GLN A 619 9.46 12.85 -17.17
C GLN A 619 9.08 11.69 -16.27
N TRP A 620 8.33 10.72 -16.81
CA TRP A 620 7.89 9.58 -16.01
C TRP A 620 9.07 8.68 -15.64
N LEU A 621 10.03 8.51 -16.55
CA LEU A 621 11.22 7.72 -16.24
C LEU A 621 12.06 8.39 -15.16
N ALA A 622 12.08 9.73 -15.13
CA ALA A 622 12.73 10.44 -14.04
C ALA A 622 12.02 10.18 -12.71
N TYR A 623 10.68 10.10 -12.74
CA TYR A 623 9.94 9.78 -11.52
C TYR A 623 10.15 8.33 -11.12
N GLY A 624 10.03 7.41 -12.07
CA GLY A 624 10.10 5.99 -11.78
C GLY A 624 8.74 5.37 -11.56
N VAL A 625 8.29 4.54 -12.50
CA VAL A 625 6.95 3.97 -12.47
C VAL A 625 7.04 2.56 -11.87
N THR A 626 6.37 2.36 -10.75
CA THR A 626 6.25 1.06 -10.10
C THR A 626 4.78 0.65 -10.07
N ARG A 627 4.50 -0.44 -9.36
CA ARG A 627 3.12 -0.93 -9.26
C ARG A 627 2.23 0.03 -8.47
N SER A 628 2.81 0.97 -7.71
CA SER A 628 2.01 1.98 -7.04
C SER A 628 1.40 2.96 -8.03
N VAL A 629 2.03 3.14 -9.19
CA VAL A 629 1.51 4.08 -10.18
C VAL A 629 0.23 3.53 -10.82
N THR A 630 0.20 2.22 -11.10
CA THR A 630 -0.87 1.60 -11.87
C THR A 630 -1.80 0.73 -11.03
N LYS A 631 -1.73 0.83 -9.69
CA LYS A 631 -2.51 -0.09 -8.86
C LYS A 631 -4.01 0.23 -8.91
N ARG A 632 -4.36 1.49 -8.69
CA ARG A 632 -5.77 1.86 -8.57
C ARG A 632 -6.52 1.67 -9.88
N SER A 633 -5.85 1.89 -11.01
CA SER A 633 -6.51 1.75 -12.31
C SER A 633 -6.90 0.31 -12.59
N VAL A 634 -6.06 -0.65 -12.19
CA VAL A 634 -6.41 -2.06 -12.33
C VAL A 634 -7.52 -2.43 -11.36
N MET A 635 -7.45 -1.89 -10.13
CA MET A 635 -8.44 -2.22 -9.11
C MET A 635 -9.83 -1.70 -9.47
N THR A 636 -9.90 -0.55 -10.13
CA THR A 636 -11.18 0.06 -10.47
C THR A 636 -11.67 -0.33 -11.86
N LEU A 637 -10.93 -1.19 -12.59
CA LEU A 637 -11.37 -1.58 -13.92
C LEU A 637 -12.67 -2.37 -13.88
N ALA A 638 -12.77 -3.33 -12.96
CA ALA A 638 -14.00 -4.10 -12.81
C ALA A 638 -15.16 -3.24 -12.31
N TYR A 639 -14.87 -2.07 -11.75
CA TYR A 639 -15.90 -1.11 -11.39
C TYR A 639 -16.32 -0.22 -12.56
N GLY A 640 -15.67 -0.36 -13.72
CA GLY A 640 -16.05 0.36 -14.91
C GLY A 640 -15.09 1.44 -15.35
N SER A 641 -13.99 1.67 -14.63
CA SER A 641 -13.05 2.72 -14.97
C SER A 641 -12.32 2.39 -16.27
N LYS A 642 -11.95 3.44 -17.00
CA LYS A 642 -11.29 3.31 -18.29
C LYS A 642 -10.32 4.49 -18.42
N GLU A 643 -9.88 4.79 -19.64
CA GLU A 643 -8.75 5.69 -19.85
C GLU A 643 -8.98 7.08 -19.27
N PHE A 644 -10.21 7.60 -19.32
CA PHE A 644 -10.45 8.90 -18.71
C PHE A 644 -10.33 8.85 -17.20
N GLY A 645 -10.96 7.85 -16.57
CA GLY A 645 -10.95 7.74 -15.12
C GLY A 645 -9.59 7.50 -14.54
N PHE A 646 -8.66 6.94 -15.32
CA PHE A 646 -7.30 6.74 -14.85
C PHE A 646 -6.57 8.07 -14.71
N ARG A 647 -6.97 9.06 -15.51
CA ARG A 647 -6.28 10.35 -15.53
C ARG A 647 -6.42 11.08 -14.21
N GLN A 648 -7.63 11.12 -13.64
CA GLN A 648 -7.79 11.72 -12.32
C GLN A 648 -7.24 10.84 -11.22
N GLN A 649 -7.10 9.54 -11.47
CA GLN A 649 -6.42 8.66 -10.51
C GLN A 649 -4.92 8.93 -10.49
N VAL A 650 -4.32 9.03 -11.68
CA VAL A 650 -2.88 9.24 -11.78
C VAL A 650 -2.51 10.60 -11.20
N LEU A 651 -3.32 11.63 -11.48
CA LEU A 651 -3.06 12.95 -10.94
C LEU A 651 -3.19 12.98 -9.42
N GLU A 652 -4.15 12.23 -8.87
CA GLU A 652 -4.40 12.26 -7.44
C GLU A 652 -3.52 11.30 -6.66
N ASP A 653 -3.27 10.10 -7.18
CA ASP A 653 -2.52 9.11 -6.42
C ASP A 653 -1.01 9.32 -6.55
N THR A 654 -0.55 9.71 -7.73
CA THR A 654 0.89 9.76 -8.03
C THR A 654 1.43 11.18 -8.17
N ILE A 655 0.81 11.99 -9.03
CA ILE A 655 1.45 13.23 -9.48
C ILE A 655 1.40 14.29 -8.38
N GLN A 656 0.20 14.57 -7.86
CA GLN A 656 0.07 15.57 -6.80
C GLN A 656 0.80 15.23 -5.50
N PRO A 657 0.78 13.99 -4.98
CA PRO A 657 1.65 13.70 -3.82
C PRO A 657 3.13 13.88 -4.11
N ALA A 658 3.56 13.67 -5.36
CA ALA A 658 4.95 13.90 -5.72
C ALA A 658 5.30 15.38 -5.61
N ILE A 659 4.45 16.25 -6.16
CA ILE A 659 4.72 17.68 -6.17
C ILE A 659 4.72 18.25 -4.75
N ASP A 660 3.77 17.81 -3.92
CA ASP A 660 3.70 18.30 -2.56
C ASP A 660 4.89 17.86 -1.71
N SER A 661 5.51 16.74 -2.05
CA SER A 661 6.61 16.17 -1.25
C SER A 661 7.98 16.42 -1.90
N GLY A 662 8.13 17.49 -2.67
CA GLY A 662 9.39 17.89 -3.21
C GLY A 662 9.73 17.33 -4.57
N LYS A 663 9.07 16.27 -4.99
CA LYS A 663 9.28 15.71 -6.33
C LYS A 663 8.31 16.38 -7.29
N GLY A 664 8.11 15.80 -8.48
CA GLY A 664 7.29 16.47 -9.46
C GLY A 664 7.97 17.62 -10.16
N LEU A 665 9.27 17.81 -9.94
CA LEU A 665 10.03 18.75 -10.75
C LEU A 665 10.06 18.33 -12.21
N MET A 666 9.89 17.03 -12.49
CA MET A 666 9.70 16.58 -13.86
C MET A 666 8.31 16.94 -14.38
N PHE A 667 7.30 16.93 -13.51
CA PHE A 667 5.92 17.17 -13.92
C PHE A 667 5.69 18.67 -14.07
N THR A 668 6.21 19.21 -15.18
CA THR A 668 6.05 20.63 -15.48
C THR A 668 4.59 20.97 -15.75
N GLN A 669 3.89 20.08 -16.47
CA GLN A 669 2.46 20.26 -16.77
C GLN A 669 1.73 19.00 -16.30
N PRO A 670 1.13 19.05 -15.11
CA PRO A 670 0.61 17.81 -14.50
C PRO A 670 -0.55 17.17 -15.26
N ASN A 671 -1.47 17.97 -15.80
CA ASN A 671 -2.62 17.40 -16.51
C ASN A 671 -2.21 16.74 -17.82
N GLN A 672 -1.10 17.18 -18.41
CA GLN A 672 -0.60 16.53 -19.62
C GLN A 672 -0.01 15.17 -19.29
N ALA A 673 0.73 15.07 -18.18
CA ALA A 673 1.34 13.80 -17.81
C ALA A 673 0.30 12.81 -17.29
N ALA A 674 -0.73 13.30 -16.59
CA ALA A 674 -1.78 12.42 -16.08
C ALA A 674 -2.55 11.76 -17.22
N GLY A 675 -2.90 12.52 -18.25
CA GLY A 675 -3.55 11.95 -19.42
C GLY A 675 -2.63 11.11 -20.28
N TYR A 676 -1.31 11.35 -20.19
CA TYR A 676 -0.37 10.50 -20.90
C TYR A 676 -0.24 9.13 -20.23
N MET A 677 -0.14 9.10 -18.91
CA MET A 677 -0.07 7.84 -18.18
C MET A 677 -1.38 7.08 -18.31
N ALA A 678 -2.51 7.79 -18.29
CA ALA A 678 -3.81 7.14 -18.43
C ALA A 678 -3.93 6.47 -19.80
N LYS A 679 -3.35 7.09 -20.83
CA LYS A 679 -3.27 6.43 -22.13
C LYS A 679 -2.43 5.16 -22.06
N LEU A 680 -1.31 5.20 -21.33
CA LEU A 680 -0.42 4.05 -21.26
C LEU A 680 -0.98 2.94 -20.38
N ILE A 681 -1.58 3.30 -19.24
CA ILE A 681 -2.15 2.28 -18.37
C ILE A 681 -3.29 1.56 -19.05
N TRP A 682 -4.18 2.31 -19.70
CA TRP A 682 -5.31 1.68 -20.41
C TRP A 682 -4.82 0.82 -21.56
N GLU A 683 -3.77 1.27 -22.26
CA GLU A 683 -3.18 0.45 -23.32
C GLU A 683 -2.60 -0.86 -22.77
N SER A 684 -2.10 -0.83 -21.54
CA SER A 684 -1.52 -2.03 -20.95
C SER A 684 -2.59 -2.93 -20.34
N VAL A 685 -3.53 -2.36 -19.58
CA VAL A 685 -4.52 -3.18 -18.89
C VAL A 685 -5.47 -3.82 -19.89
N SER A 686 -5.97 -3.04 -20.85
CA SER A 686 -6.90 -3.59 -21.84
C SER A 686 -6.26 -4.62 -22.76
N VAL A 687 -4.94 -4.69 -22.78
CA VAL A 687 -4.24 -5.69 -23.58
C VAL A 687 -3.75 -6.87 -22.74
N THR A 688 -3.58 -6.69 -21.43
CA THR A 688 -3.23 -7.80 -20.55
C THR A 688 -4.45 -8.66 -20.24
N VAL A 689 -5.46 -8.06 -19.61
CA VAL A 689 -6.70 -8.79 -19.33
C VAL A 689 -7.70 -8.52 -20.44
N VAL A 690 -7.58 -9.27 -21.54
CA VAL A 690 -8.40 -9.02 -22.72
C VAL A 690 -9.84 -9.41 -22.46
N ALA A 691 -10.05 -10.59 -21.86
CA ALA A 691 -11.40 -11.10 -21.67
C ALA A 691 -12.19 -10.26 -20.67
N ALA A 692 -11.51 -9.59 -19.73
CA ALA A 692 -12.18 -8.68 -18.83
C ALA A 692 -12.79 -7.51 -19.59
N VAL A 693 -12.00 -6.87 -20.45
CA VAL A 693 -12.46 -5.68 -21.17
C VAL A 693 -13.60 -6.02 -22.13
N GLU A 694 -13.48 -7.14 -22.84
CA GLU A 694 -14.51 -7.53 -23.80
C GLU A 694 -15.82 -7.87 -23.10
N ALA A 695 -15.75 -8.52 -21.93
CA ALA A 695 -16.96 -8.95 -21.24
C ALA A 695 -17.76 -7.75 -20.71
N MET A 696 -17.08 -6.75 -20.16
CA MET A 696 -17.78 -5.55 -19.70
C MET A 696 -18.33 -4.74 -20.88
N ASN A 697 -17.70 -4.86 -22.05
CA ASN A 697 -18.25 -4.21 -23.24
C ASN A 697 -19.54 -4.88 -23.69
N TRP A 698 -19.58 -6.22 -23.65
CA TRP A 698 -20.77 -6.96 -24.05
C TRP A 698 -21.93 -6.69 -23.11
N LEU A 699 -21.67 -6.64 -21.80
CA LEU A 699 -22.71 -6.37 -20.82
C LEU A 699 -23.22 -4.94 -20.93
N LYS A 700 -22.32 -3.99 -21.20
CA LYS A 700 -22.73 -2.59 -21.34
C LYS A 700 -23.63 -2.41 -22.54
N SER A 701 -23.35 -3.09 -23.65
CA SER A 701 -24.20 -3.02 -24.82
C SER A 701 -25.57 -3.63 -24.54
N ALA A 702 -25.61 -4.68 -23.71
CA ALA A 702 -26.86 -5.33 -23.37
C ALA A 702 -27.76 -4.42 -22.54
N ALA A 703 -27.20 -3.79 -21.51
CA ALA A 703 -27.99 -2.90 -20.67
C ALA A 703 -28.36 -1.62 -21.41
N LYS A 704 -27.54 -1.20 -22.37
CA LYS A 704 -27.86 -0.02 -23.17
C LYS A 704 -29.09 -0.26 -24.04
N LEU A 705 -29.13 -1.39 -24.76
CA LEU A 705 -30.27 -1.67 -25.61
C LEU A 705 -31.53 -1.99 -24.81
N LEU A 706 -31.37 -2.62 -23.65
CA LEU A 706 -32.52 -2.98 -22.84
C LEU A 706 -33.16 -1.77 -22.17
N ALA A 707 -32.40 -0.71 -21.93
CA ALA A 707 -32.88 0.45 -21.20
C ALA A 707 -33.30 1.60 -22.09
N ALA A 708 -33.49 1.36 -23.38
CA ALA A 708 -33.95 2.39 -24.28
C ALA A 708 -35.48 2.31 -24.44
N GLU A 709 -36.11 3.48 -24.59
CA GLU A 709 -37.51 3.54 -25.02
C GLU A 709 -37.49 3.81 -26.51
N VAL A 710 -37.15 2.78 -27.27
CA VAL A 710 -36.89 2.92 -28.69
C VAL A 710 -38.21 3.12 -29.43
N LYS A 711 -38.28 4.20 -30.21
CA LYS A 711 -39.53 4.63 -30.82
C LYS A 711 -39.23 5.17 -32.21
N ASP A 712 -40.26 5.17 -33.06
CA ASP A 712 -40.18 5.78 -34.37
C ASP A 712 -40.56 7.26 -34.25
N LYS A 713 -39.74 8.13 -34.82
CA LYS A 713 -39.90 9.56 -34.62
C LYS A 713 -41.20 10.09 -35.25
N LYS A 714 -41.56 9.57 -36.43
CA LYS A 714 -42.76 10.06 -37.10
C LYS A 714 -44.01 9.62 -36.36
N THR A 715 -44.09 8.35 -35.95
CA THR A 715 -45.27 7.86 -35.26
C THR A 715 -45.30 8.29 -33.79
N GLY A 716 -44.15 8.63 -33.20
CA GLY A 716 -44.08 9.05 -31.81
C GLY A 716 -44.39 8.00 -30.77
N GLU A 717 -44.82 6.81 -31.16
CA GLU A 717 -45.20 5.76 -30.23
C GLU A 717 -44.00 4.87 -29.93
N ILE A 718 -43.87 4.49 -28.65
CA ILE A 718 -42.77 3.64 -28.21
C ILE A 718 -43.11 2.20 -28.60
N LEU A 719 -42.32 1.64 -29.53
CA LEU A 719 -42.54 0.25 -29.92
C LEU A 719 -42.17 -0.72 -28.81
N ARG A 720 -41.10 -0.42 -28.07
CA ARG A 720 -40.67 -1.23 -26.94
C ARG A 720 -40.35 -0.33 -25.77
N LYS A 721 -40.89 -0.66 -24.60
CA LYS A 721 -40.76 0.16 -23.40
C LYS A 721 -39.33 0.05 -22.84
N ARG A 722 -39.08 0.85 -21.80
CA ARG A 722 -37.88 0.66 -21.00
C ARG A 722 -37.95 -0.68 -20.28
N CYS A 723 -36.86 -1.44 -20.32
CA CYS A 723 -36.84 -2.77 -19.76
C CYS A 723 -35.66 -2.93 -18.82
N ALA A 724 -35.90 -3.59 -17.69
CA ALA A 724 -34.83 -3.88 -16.75
C ALA A 724 -33.99 -5.06 -17.23
N VAL A 725 -32.82 -5.22 -16.62
CA VAL A 725 -31.88 -6.29 -16.95
C VAL A 725 -31.93 -7.32 -15.83
N HIS A 726 -32.06 -8.59 -16.20
CA HIS A 726 -32.22 -9.64 -15.21
C HIS A 726 -31.47 -10.90 -15.65
N TRP A 727 -30.82 -11.55 -14.68
CA TRP A 727 -30.10 -12.79 -14.94
C TRP A 727 -30.22 -13.70 -13.73
N VAL A 728 -29.76 -14.95 -13.90
CA VAL A 728 -29.76 -15.96 -12.84
C VAL A 728 -28.34 -16.48 -12.68
N THR A 729 -27.86 -16.51 -11.43
CA THR A 729 -26.56 -17.08 -11.14
C THR A 729 -26.61 -18.60 -11.36
N PRO A 730 -25.46 -19.23 -11.64
CA PRO A 730 -25.45 -20.70 -11.77
C PRO A 730 -25.83 -21.43 -10.49
N ASP A 731 -25.65 -20.80 -9.33
CA ASP A 731 -26.19 -21.34 -8.09
C ASP A 731 -27.70 -21.43 -8.15
N GLY A 732 -28.35 -20.38 -8.67
CA GLY A 732 -29.79 -20.35 -8.73
C GLY A 732 -30.37 -19.05 -8.20
N PHE A 733 -29.49 -18.12 -7.83
CA PHE A 733 -29.94 -16.80 -7.38
C PHE A 733 -30.30 -15.95 -8.58
N PRO A 734 -31.51 -15.40 -8.65
CA PRO A 734 -31.86 -14.47 -9.72
C PRO A 734 -31.60 -13.02 -9.30
N VAL A 735 -31.23 -12.21 -10.28
CA VAL A 735 -30.90 -10.80 -10.05
C VAL A 735 -31.77 -9.94 -10.93
N TRP A 736 -32.25 -8.83 -10.38
CA TRP A 736 -32.93 -7.81 -11.18
C TRP A 736 -32.20 -6.48 -11.01
N GLN A 737 -31.58 -6.02 -12.09
CA GLN A 737 -30.96 -4.71 -12.13
C GLN A 737 -31.98 -3.73 -12.69
N GLU A 738 -32.57 -2.91 -11.82
CA GLU A 738 -33.52 -1.87 -12.25
C GLU A 738 -33.19 -0.59 -11.49
N TYR A 739 -32.27 0.20 -12.04
CA TYR A 739 -31.99 1.52 -11.50
C TYR A 739 -33.10 2.47 -11.91
N LYS A 740 -33.64 3.21 -10.94
CA LYS A 740 -34.77 4.10 -11.18
C LYS A 740 -34.39 5.52 -10.78
N LYS A 741 -34.73 6.49 -11.64
CA LYS A 741 -34.44 7.89 -11.38
C LYS A 741 -35.72 8.65 -11.07
N PRO A 742 -35.66 9.67 -10.21
CA PRO A 742 -36.84 10.50 -9.94
C PRO A 742 -37.10 11.47 -11.09
N ILE A 743 -38.25 12.13 -11.01
CA ILE A 743 -38.68 13.05 -12.05
C ILE A 743 -38.11 14.45 -11.84
N GLN A 744 -38.24 15.00 -10.63
CA GLN A 744 -37.77 16.35 -10.35
C GLN A 744 -37.14 16.41 -8.96
N THR A 745 -36.04 17.15 -8.85
CA THR A 745 -35.39 17.44 -7.57
C THR A 745 -35.14 18.94 -7.48
N ARG A 746 -35.05 19.42 -6.25
CA ARG A 746 -34.74 20.83 -5.97
C ARG A 746 -33.45 20.92 -5.19
N LEU A 747 -32.59 21.86 -5.57
CA LEU A 747 -31.29 22.05 -4.95
C LEU A 747 -31.17 23.45 -4.38
N ASN A 748 -30.77 23.55 -3.11
CA ASN A 748 -30.55 24.81 -2.44
C ASN A 748 -29.06 24.97 -2.12
N LEU A 749 -28.56 26.19 -2.29
CA LEU A 749 -27.13 26.44 -2.10
C LEU A 749 -26.73 26.27 -0.63
N MET A 750 -27.47 26.91 0.27
CA MET A 750 -27.14 26.90 1.68
C MET A 750 -27.83 25.79 2.44
N PHE A 751 -29.01 25.42 1.99
CA PHE A 751 -29.85 24.45 2.65
C PHE A 751 -29.77 23.14 1.87
N LEU A 752 -30.62 22.20 2.25
CA LEU A 752 -30.50 20.83 1.78
C LEU A 752 -31.49 20.56 0.65
N GLY A 753 -31.11 19.64 -0.23
CA GLY A 753 -31.95 19.32 -1.37
C GLY A 753 -33.23 18.64 -0.97
N GLN A 754 -34.28 18.90 -1.75
CA GLN A 754 -35.60 18.34 -1.49
C GLN A 754 -36.21 17.74 -2.76
N ASP A 766 -44.20 8.79 -9.76
CA ASP A 766 -43.73 7.69 -10.62
C ASP A 766 -42.24 7.83 -10.90
N SER A 767 -41.68 6.84 -11.58
CA SER A 767 -40.26 6.84 -11.92
C SER A 767 -40.06 6.10 -13.25
N GLU A 768 -38.89 6.34 -13.84
CA GLU A 768 -38.47 5.67 -15.06
C GLU A 768 -37.14 4.96 -14.81
N ILE A 769 -36.68 4.23 -15.80
CA ILE A 769 -35.42 3.50 -15.67
C ILE A 769 -34.26 4.46 -15.91
N ASP A 770 -33.36 4.56 -14.94
CA ASP A 770 -32.14 5.36 -15.06
C ASP A 770 -31.19 4.61 -15.98
N ALA A 771 -31.23 4.98 -17.26
CA ALA A 771 -30.58 4.19 -18.30
C ALA A 771 -29.07 4.15 -18.14
N HIS A 772 -28.46 5.28 -17.77
CA HIS A 772 -27.00 5.29 -17.65
C HIS A 772 -26.52 4.46 -16.46
N LYS A 773 -27.24 4.53 -15.34
CA LYS A 773 -26.90 3.69 -14.20
C LYS A 773 -27.06 2.22 -14.53
N GLN A 774 -27.98 1.89 -15.44
CA GLN A 774 -28.07 0.52 -15.96
C GLN A 774 -26.80 0.15 -16.72
N GLU A 775 -26.32 1.04 -17.59
CA GLU A 775 -25.07 0.76 -18.30
C GLU A 775 -23.87 0.83 -17.38
N SER A 776 -23.84 1.80 -16.47
CA SER A 776 -22.71 1.98 -15.57
C SER A 776 -22.72 1.01 -14.39
N GLY A 777 -23.61 0.02 -14.41
CA GLY A 777 -23.64 -0.93 -13.30
C GLY A 777 -23.73 -2.39 -13.69
N ILE A 778 -24.00 -2.68 -14.96
CA ILE A 778 -24.33 -4.04 -15.37
C ILE A 778 -23.14 -4.99 -15.18
N ALA A 779 -21.97 -4.57 -15.63
CA ALA A 779 -20.78 -5.41 -15.53
C ALA A 779 -20.22 -5.53 -14.11
N PRO A 780 -20.19 -4.48 -13.28
CA PRO A 780 -19.79 -4.72 -11.88
C PRO A 780 -20.79 -5.55 -11.10
N ASN A 781 -22.10 -5.35 -11.32
CA ASN A 781 -23.09 -6.10 -10.56
C ASN A 781 -23.12 -7.56 -10.98
N PHE A 782 -22.92 -7.83 -12.27
CA PHE A 782 -22.94 -9.21 -12.76
C PHE A 782 -21.78 -10.02 -12.21
N VAL A 783 -20.56 -9.47 -12.28
CA VAL A 783 -19.40 -10.19 -11.79
C VAL A 783 -19.37 -10.24 -10.26
N HIS A 784 -20.04 -9.29 -9.59
CA HIS A 784 -20.21 -9.41 -8.16
C HIS A 784 -21.29 -10.41 -7.81
N SER A 785 -22.31 -10.55 -8.68
CA SER A 785 -23.24 -11.65 -8.55
C SER A 785 -22.56 -12.97 -8.85
N GLN A 786 -21.55 -12.97 -9.72
CA GLN A 786 -20.86 -14.21 -10.05
C GLN A 786 -19.96 -14.67 -8.91
N ASP A 787 -19.26 -13.74 -8.26
CA ASP A 787 -18.44 -14.14 -7.12
C ASP A 787 -19.27 -14.43 -5.87
N GLY A 788 -20.55 -14.07 -5.87
CA GLY A 788 -21.46 -14.47 -4.82
C GLY A 788 -21.90 -15.90 -4.99
N SER A 789 -22.21 -16.29 -6.22
CA SER A 789 -22.53 -17.68 -6.51
C SER A 789 -21.31 -18.57 -6.35
N HIS A 790 -20.13 -18.06 -6.66
CA HIS A 790 -18.90 -18.80 -6.41
C HIS A 790 -18.69 -19.02 -4.92
N LEU A 791 -18.95 -17.98 -4.11
CA LEU A 791 -18.83 -18.14 -2.66
C LEU A 791 -19.88 -19.11 -2.13
N ARG A 792 -21.12 -18.98 -2.60
CA ARG A 792 -22.21 -19.82 -2.10
C ARG A 792 -22.00 -21.28 -2.47
N LYS A 793 -21.56 -21.55 -3.69
CA LYS A 793 -21.25 -22.92 -4.08
C LYS A 793 -20.07 -23.47 -3.31
N THR A 794 -19.14 -22.60 -2.88
CA THR A 794 -17.96 -23.05 -2.16
C THR A 794 -18.29 -23.54 -0.75
N VAL A 795 -19.12 -22.79 -0.01
CA VAL A 795 -19.43 -23.19 1.35
C VAL A 795 -20.35 -24.40 1.38
N VAL A 796 -21.11 -24.66 0.31
CA VAL A 796 -21.88 -25.89 0.24
C VAL A 796 -20.97 -27.06 -0.06
N TRP A 797 -20.07 -26.91 -1.04
CA TRP A 797 -19.20 -28.01 -1.45
C TRP A 797 -18.21 -28.37 -0.35
N ALA A 798 -17.74 -27.37 0.40
CA ALA A 798 -16.83 -27.67 1.51
C ALA A 798 -17.55 -28.34 2.67
N HIS A 799 -18.83 -28.03 2.87
CA HIS A 799 -19.56 -28.58 4.00
C HIS A 799 -20.11 -29.97 3.72
N GLU A 800 -20.38 -30.31 2.46
CA GLU A 800 -20.98 -31.59 2.13
C GLU A 800 -20.00 -32.62 1.58
N LYS A 801 -18.98 -32.19 0.83
CA LYS A 801 -17.96 -33.15 0.40
C LYS A 801 -16.91 -33.35 1.49
N TYR A 802 -16.64 -32.34 2.29
CA TYR A 802 -15.74 -32.42 3.43
C TYR A 802 -16.52 -32.11 4.70
N GLY A 803 -15.83 -32.14 5.83
CA GLY A 803 -16.49 -31.97 7.11
C GLY A 803 -16.46 -30.55 7.63
N ILE A 804 -16.25 -29.59 6.73
CA ILE A 804 -16.02 -28.21 7.13
C ILE A 804 -17.30 -27.63 7.69
N GLU A 805 -17.22 -27.10 8.91
CA GLU A 805 -18.37 -26.57 9.63
C GLU A 805 -18.24 -25.10 10.00
N SER A 806 -17.03 -24.53 9.98
CA SER A 806 -16.82 -23.14 10.32
C SER A 806 -16.36 -22.39 9.07
N PHE A 807 -16.84 -21.15 8.91
CA PHE A 807 -16.61 -20.40 7.69
C PHE A 807 -16.41 -18.92 8.01
N ALA A 808 -15.32 -18.36 7.50
CA ALA A 808 -15.09 -16.92 7.47
C ALA A 808 -15.16 -16.48 6.01
N LEU A 809 -16.08 -15.57 5.70
CA LEU A 809 -16.43 -15.25 4.31
C LEU A 809 -16.43 -13.74 4.10
N ILE A 810 -15.41 -13.23 3.41
CA ILE A 810 -15.45 -11.83 3.02
C ILE A 810 -15.52 -11.78 1.49
N HIS A 811 -16.74 -11.85 0.95
CA HIS A 811 -17.05 -11.72 -0.48
C HIS A 811 -16.19 -12.56 -1.41
N ASP A 812 -14.88 -12.29 -1.46
CA ASP A 812 -13.94 -13.14 -2.19
C ASP A 812 -12.86 -13.72 -1.28
N SER A 813 -13.15 -13.81 0.03
CA SER A 813 -12.22 -14.36 1.00
C SER A 813 -12.86 -15.56 1.70
N PHE A 814 -12.08 -16.62 1.87
CA PHE A 814 -12.58 -17.90 2.36
C PHE A 814 -11.71 -18.37 3.51
N GLY A 815 -12.31 -18.54 4.69
CA GLY A 815 -11.56 -18.89 5.87
C GLY A 815 -12.23 -20.00 6.67
N THR A 816 -11.39 -20.82 7.30
CA THR A 816 -11.84 -21.86 8.21
C THR A 816 -10.71 -22.18 9.17
N ILE A 817 -10.93 -23.16 10.05
CA ILE A 817 -9.95 -23.60 11.03
C ILE A 817 -8.78 -24.27 10.31
N PRO A 818 -7.57 -24.29 10.90
CA PRO A 818 -6.41 -24.82 10.16
C PRO A 818 -6.52 -26.27 9.75
N ALA A 819 -7.24 -27.11 10.50
CA ALA A 819 -7.34 -28.52 10.15
C ALA A 819 -8.13 -28.71 8.86
N ASP A 820 -9.16 -27.89 8.64
CA ASP A 820 -9.93 -27.93 7.41
C ASP A 820 -9.45 -26.93 6.38
N ALA A 821 -8.32 -26.28 6.63
CA ALA A 821 -7.82 -25.25 5.71
C ALA A 821 -7.44 -25.85 4.36
N ALA A 822 -6.82 -27.04 4.37
CA ALA A 822 -6.39 -27.65 3.11
C ALA A 822 -7.59 -28.08 2.26
N ASN A 823 -8.73 -28.37 2.89
CA ASN A 823 -9.91 -28.76 2.14
C ASN A 823 -10.64 -27.56 1.56
N LEU A 824 -10.75 -26.48 2.33
CA LEU A 824 -11.30 -25.23 1.79
C LEU A 824 -10.42 -24.69 0.68
N PHE A 825 -9.10 -24.87 0.80
CA PHE A 825 -8.17 -24.61 -0.29
C PHE A 825 -8.53 -25.42 -1.53
N LYS A 826 -8.87 -26.70 -1.33
CA LYS A 826 -9.22 -27.58 -2.44
C LYS A 826 -10.64 -27.35 -2.93
N ALA A 827 -11.56 -26.98 -2.03
CA ALA A 827 -12.96 -26.85 -2.40
C ALA A 827 -13.22 -25.57 -3.20
N VAL A 828 -12.54 -24.48 -2.84
CA VAL A 828 -12.79 -23.21 -3.52
C VAL A 828 -12.27 -23.25 -4.96
N ARG A 829 -11.24 -24.07 -5.23
CA ARG A 829 -10.83 -24.30 -6.60
C ARG A 829 -11.81 -25.21 -7.33
N GLU A 830 -12.40 -26.17 -6.62
CA GLU A 830 -13.27 -27.16 -7.24
C GLU A 830 -14.55 -26.53 -7.77
N THR A 831 -15.14 -25.60 -7.01
CA THR A 831 -16.42 -25.01 -7.40
C THR A 831 -16.28 -24.14 -8.64
N MET A 832 -15.23 -23.32 -8.69
CA MET A 832 -15.02 -22.46 -9.85
C MET A 832 -14.76 -23.29 -11.11
N VAL A 833 -13.99 -24.37 -10.97
CA VAL A 833 -13.73 -25.26 -12.10
C VAL A 833 -15.03 -25.88 -12.59
N ASP A 834 -15.86 -26.36 -11.66
CA ASP A 834 -17.10 -27.01 -12.04
C ASP A 834 -18.11 -26.02 -12.61
N THR A 835 -18.21 -24.83 -12.02
CA THR A 835 -19.24 -23.87 -12.41
C THR A 835 -19.08 -23.41 -13.85
N TYR A 836 -17.88 -22.95 -14.21
CA TYR A 836 -17.65 -22.44 -15.55
C TYR A 836 -17.51 -23.55 -16.59
N GLU A 837 -17.22 -24.78 -16.15
CA GLU A 837 -17.34 -25.92 -17.05
C GLU A 837 -18.79 -26.31 -17.27
N SER A 838 -19.66 -26.05 -16.28
CA SER A 838 -21.07 -26.44 -16.38
C SER A 838 -21.97 -25.29 -16.82
N CYS A 839 -21.51 -24.05 -16.77
CA CYS A 839 -22.38 -22.91 -17.04
C CYS A 839 -21.63 -21.85 -17.83
N ASP A 840 -22.07 -21.62 -19.06
CA ASP A 840 -21.64 -20.47 -19.86
C ASP A 840 -22.52 -19.30 -19.45
N VAL A 841 -22.09 -18.60 -18.39
CA VAL A 841 -22.93 -17.57 -17.78
C VAL A 841 -23.15 -16.37 -18.69
N LEU A 842 -22.33 -16.19 -19.72
CA LEU A 842 -22.56 -15.12 -20.68
C LEU A 842 -23.64 -15.51 -21.68
N ALA A 843 -23.55 -16.73 -22.23
CA ALA A 843 -24.55 -17.18 -23.18
C ALA A 843 -25.91 -17.39 -22.53
N ASP A 844 -25.93 -17.81 -21.26
CA ASP A 844 -27.18 -17.88 -20.53
C ASP A 844 -27.77 -16.49 -20.32
N PHE A 845 -26.90 -15.50 -20.08
CA PHE A 845 -27.36 -14.12 -19.94
C PHE A 845 -27.97 -13.61 -21.24
N TYR A 846 -27.40 -14.03 -22.39
CA TYR A 846 -27.99 -13.70 -23.67
C TYR A 846 -29.39 -14.29 -23.80
N ASP A 847 -29.55 -15.56 -23.42
CA ASP A 847 -30.82 -16.25 -23.55
C ASP A 847 -31.91 -15.62 -22.72
N GLN A 848 -31.56 -14.91 -21.65
CA GLN A 848 -32.56 -14.24 -20.82
C GLN A 848 -33.13 -13.01 -21.52
N PHE A 849 -32.26 -12.14 -22.04
CA PHE A 849 -32.74 -10.86 -22.58
C PHE A 849 -33.12 -10.92 -24.06
N ALA A 850 -32.74 -11.98 -24.78
CA ALA A 850 -32.81 -11.95 -26.24
C ALA A 850 -34.23 -11.82 -26.74
N ASP A 851 -35.18 -12.48 -26.08
CA ASP A 851 -36.59 -12.34 -26.44
C ASP A 851 -37.17 -11.00 -26.04
N GLN A 852 -36.44 -10.19 -25.25
CA GLN A 852 -36.91 -8.89 -24.79
C GLN A 852 -36.47 -7.74 -25.70
N LEU A 853 -35.83 -8.03 -26.83
CA LEU A 853 -35.27 -6.98 -27.69
C LEU A 853 -36.25 -6.52 -28.75
N HIS A 854 -36.21 -5.22 -29.05
CA HIS A 854 -36.84 -4.68 -30.24
C HIS A 854 -36.03 -5.15 -31.45
N GLU A 855 -36.73 -5.43 -32.54
CA GLU A 855 -36.16 -5.71 -33.86
C GLU A 855 -34.97 -4.82 -34.22
N SER A 856 -35.20 -3.50 -34.23
CA SER A 856 -34.20 -2.55 -34.68
C SER A 856 -32.94 -2.55 -33.80
N GLN A 857 -33.02 -3.10 -32.60
CA GLN A 857 -31.84 -3.26 -31.76
C GLN A 857 -31.13 -4.60 -31.99
N LEU A 858 -31.79 -5.57 -32.62
CA LEU A 858 -31.25 -6.92 -32.71
C LEU A 858 -30.00 -6.96 -33.58
N ASP A 859 -29.98 -6.18 -34.66
CA ASP A 859 -28.78 -6.07 -35.48
C ASP A 859 -27.64 -5.39 -34.72
N LYS A 860 -27.98 -4.50 -33.78
CA LYS A 860 -26.99 -3.71 -33.04
C LYS A 860 -26.40 -4.46 -31.85
N MET A 861 -26.88 -5.66 -31.53
CA MET A 861 -26.34 -6.42 -30.40
C MET A 861 -25.07 -7.15 -30.82
N PRO A 862 -23.92 -6.83 -30.22
CA PRO A 862 -22.68 -7.54 -30.58
C PRO A 862 -22.71 -8.99 -30.13
N ALA A 863 -21.95 -9.81 -30.85
CA ALA A 863 -21.93 -11.24 -30.62
C ALA A 863 -21.19 -11.58 -29.32
N LEU A 864 -21.29 -12.84 -28.93
CA LEU A 864 -20.58 -13.33 -27.76
C LEU A 864 -19.08 -13.18 -27.97
N PRO A 865 -18.33 -12.71 -26.97
CA PRO A 865 -16.87 -12.74 -27.06
C PRO A 865 -16.36 -14.17 -27.16
N ALA A 866 -15.26 -14.34 -27.88
CA ALA A 866 -14.76 -15.67 -28.18
C ALA A 866 -14.16 -16.33 -26.94
N LYS A 867 -13.90 -17.62 -27.07
CA LYS A 867 -13.35 -18.44 -25.99
C LYS A 867 -11.88 -18.71 -26.27
N GLY A 868 -11.03 -18.48 -25.27
CA GLY A 868 -9.60 -18.64 -25.41
C GLY A 868 -9.13 -20.04 -25.10
N ASN A 869 -7.80 -20.18 -25.02
CA ASN A 869 -7.14 -21.48 -24.94
C ASN A 869 -6.97 -21.97 -23.50
N LEU A 870 -7.41 -21.21 -22.50
CA LEU A 870 -7.22 -21.61 -21.12
C LEU A 870 -8.03 -22.86 -20.79
N ASN A 871 -7.42 -23.77 -20.04
CA ASN A 871 -8.09 -24.94 -19.52
C ASN A 871 -8.40 -24.71 -18.04
N LEU A 872 -9.66 -24.89 -17.66
CA LEU A 872 -10.07 -24.61 -16.29
C LEU A 872 -9.47 -25.60 -15.30
N ARG A 873 -9.08 -26.79 -15.74
CA ARG A 873 -8.52 -27.80 -14.84
C ARG A 873 -7.18 -27.38 -14.24
N ASP A 874 -6.50 -26.40 -14.86
CA ASP A 874 -5.26 -25.89 -14.29
C ASP A 874 -5.50 -25.09 -13.01
N ILE A 875 -6.72 -24.62 -12.77
CA ILE A 875 -7.03 -23.85 -11.56
C ILE A 875 -6.82 -24.72 -10.32
N LEU A 876 -7.13 -26.02 -10.42
CA LEU A 876 -7.03 -26.92 -9.27
C LEU A 876 -5.60 -27.02 -8.74
N GLU A 877 -4.60 -26.85 -9.60
CA GLU A 877 -3.20 -26.84 -9.18
C GLU A 877 -2.63 -25.43 -9.07
N SER A 878 -3.46 -24.40 -9.20
CA SER A 878 -2.98 -23.03 -9.09
C SER A 878 -2.74 -22.69 -7.62
N ASP A 879 -1.47 -22.45 -7.27
CA ASP A 879 -1.11 -22.22 -5.88
C ASP A 879 -1.68 -20.91 -5.35
N PHE A 880 -1.70 -19.86 -6.18
CA PHE A 880 -1.93 -18.50 -5.71
C PHE A 880 -3.26 -17.92 -6.17
N ALA A 881 -4.17 -18.76 -6.69
CA ALA A 881 -5.52 -18.28 -6.93
C ALA A 881 -6.22 -17.94 -5.62
N PHE A 882 -6.08 -18.80 -4.61
CA PHE A 882 -6.70 -18.74 -3.28
C PHE A 882 -8.22 -18.84 -3.35
N ALA A 883 -8.76 -18.97 -4.55
CA ALA A 883 -10.19 -18.85 -4.82
C ALA A 883 -10.44 -19.18 -6.29
N ILE E 4 43.34 12.36 13.56
CA ILE E 4 41.91 12.61 13.67
C ILE E 4 41.30 11.72 14.75
N ASN E 5 41.75 10.47 14.80
CA ASN E 5 41.36 9.54 15.84
C ASN E 5 42.33 9.53 17.01
N ILE E 6 43.27 10.48 17.04
CA ILE E 6 44.31 10.51 18.08
C ILE E 6 43.75 10.86 19.44
N ALA E 7 42.53 11.41 19.51
CA ALA E 7 41.99 11.84 20.80
C ALA E 7 41.61 10.66 21.69
N LYS E 8 41.23 9.52 21.10
CA LYS E 8 40.80 8.39 21.91
C LYS E 8 41.97 7.74 22.64
N ASN E 9 43.17 7.75 22.05
CA ASN E 9 44.34 7.30 22.78
C ASN E 9 44.74 8.30 23.85
N ASP E 10 44.55 9.59 23.58
CA ASP E 10 44.79 10.61 24.60
C ASP E 10 43.74 10.53 25.71
N PHE E 11 42.54 10.04 25.39
CA PHE E 11 41.53 9.81 26.42
C PHE E 11 41.94 8.68 27.36
N SER E 12 42.74 7.73 26.87
CA SER E 12 43.26 6.67 27.73
C SER E 12 44.25 7.19 28.76
N ASP E 13 44.82 8.39 28.53
CA ASP E 13 45.58 9.05 29.59
C ASP E 13 44.66 9.58 30.68
N ILE E 14 43.43 9.95 30.32
CA ILE E 14 42.43 10.40 31.31
C ILE E 14 41.68 9.14 31.74
N GLU E 15 42.27 8.43 32.70
CA GLU E 15 41.78 7.10 33.03
C GLU E 15 42.29 6.72 34.42
N LEU E 16 41.70 5.66 34.99
CA LEU E 16 42.07 5.14 36.30
C LEU E 16 43.52 4.69 36.37
N ALA E 17 44.16 4.40 35.23
CA ALA E 17 45.59 4.07 35.25
C ALA E 17 46.43 5.27 35.68
N ALA E 18 46.10 6.45 35.17
CA ALA E 18 46.82 7.69 35.49
C ALA E 18 45.88 8.59 36.31
N ILE E 19 45.86 8.36 37.62
CA ILE E 19 45.06 9.13 38.58
C ILE E 19 45.59 8.74 39.96
N PRO E 20 45.42 9.57 40.99
CA PRO E 20 45.49 9.05 42.36
C PRO E 20 44.31 8.13 42.65
N PHE E 21 44.41 6.90 42.14
CA PHE E 21 43.33 5.91 42.28
C PHE E 21 43.10 5.55 43.73
N ASN E 22 44.18 5.44 44.52
CA ASN E 22 44.09 4.98 45.89
C ASN E 22 43.34 5.97 46.78
N THR E 23 43.46 7.27 46.50
CA THR E 23 42.78 8.28 47.31
C THR E 23 41.26 8.16 47.20
N LEU E 24 40.76 7.93 45.98
CA LEU E 24 39.32 7.73 45.81
C LEU E 24 38.87 6.38 46.36
N ALA E 25 39.69 5.34 46.18
CA ALA E 25 39.32 4.00 46.65
C ALA E 25 39.36 3.89 48.16
N ASP E 26 40.14 4.74 48.84
CA ASP E 26 40.18 4.72 50.30
C ASP E 26 38.85 5.15 50.89
N HIS E 27 38.08 5.95 50.16
CA HIS E 27 36.77 6.42 50.60
C HIS E 27 35.62 5.57 50.09
N TYR E 28 35.62 5.24 48.79
CA TYR E 28 34.46 4.63 48.16
C TYR E 28 34.73 3.26 47.55
N GLY E 29 35.95 2.75 47.60
CA GLY E 29 36.19 1.41 47.11
C GLY E 29 36.74 1.40 45.70
N GLU E 30 37.47 0.33 45.38
CA GLU E 30 38.16 0.26 44.10
C GLU E 30 37.18 0.11 42.94
N ARG E 31 36.22 -0.82 43.06
CA ARG E 31 35.33 -1.12 41.95
C ARG E 31 34.39 0.04 41.64
N LEU E 32 33.89 0.73 42.67
CA LEU E 32 33.04 1.88 42.44
C LEU E 32 33.82 3.03 41.81
N ALA E 33 35.07 3.22 42.24
CA ALA E 33 35.93 4.20 41.60
C ALA E 33 36.30 3.77 40.18
N ARG E 34 36.63 2.48 40.00
CA ARG E 34 37.00 1.96 38.69
C ARG E 34 35.88 2.19 37.66
N GLU E 35 34.63 2.07 38.10
CA GLU E 35 33.50 2.40 37.24
C GLU E 35 33.42 3.90 36.99
N GLN E 36 33.69 4.72 38.00
CA GLN E 36 33.56 6.16 37.87
C GLN E 36 34.57 6.74 36.89
N LEU E 37 35.85 6.39 37.06
CA LEU E 37 36.87 6.87 36.12
C LEU E 37 36.66 6.31 34.73
N ALA E 38 36.09 5.11 34.61
CA ALA E 38 35.74 4.59 33.29
C ALA E 38 34.57 5.37 32.68
N LEU E 39 33.62 5.78 33.52
CA LEU E 39 32.51 6.61 33.02
C LEU E 39 33.00 7.97 32.55
N GLU E 40 33.95 8.57 33.27
CA GLU E 40 34.52 9.84 32.84
C GLU E 40 35.30 9.67 31.54
N HIS E 41 36.06 8.58 31.41
CA HIS E 41 36.73 8.29 30.15
C HIS E 41 35.72 8.00 29.05
N GLU E 42 34.63 7.32 29.38
CA GLU E 42 33.54 7.15 28.41
C GLU E 42 32.93 8.48 28.05
N SER E 43 32.77 9.37 29.04
CA SER E 43 32.14 10.68 28.81
C SER E 43 32.90 11.49 27.77
N TYR E 44 34.23 11.46 27.82
CA TYR E 44 35.02 12.14 26.81
C TYR E 44 34.98 11.39 25.48
N GLU E 45 34.86 10.06 25.51
CA GLU E 45 34.92 9.26 24.29
C GLU E 45 33.66 9.43 23.44
N MET E 46 32.48 9.50 24.07
CA MET E 46 31.26 9.74 23.31
C MET E 46 31.25 11.12 22.67
N GLY E 47 31.79 12.11 23.38
CA GLY E 47 31.87 13.45 22.82
C GLY E 47 32.78 13.56 21.61
N GLU E 48 33.87 12.79 21.60
CA GLU E 48 34.68 12.66 20.39
C GLU E 48 33.88 12.01 19.28
N ALA E 49 33.10 10.98 19.61
CA ALA E 49 32.20 10.38 18.62
C ALA E 49 31.11 11.36 18.21
N ARG E 50 30.64 12.19 19.15
CA ARG E 50 29.61 13.18 18.83
C ARG E 50 30.11 14.18 17.80
N PHE E 51 31.35 14.65 17.94
CA PHE E 51 31.95 15.49 16.92
C PHE E 51 32.11 14.74 15.60
N ARG E 52 32.56 13.48 15.66
CA ARG E 52 32.92 12.76 14.45
C ARG E 52 31.71 12.48 13.56
N LYS E 53 30.51 12.37 14.14
CA LYS E 53 29.31 12.39 13.31
C LYS E 53 29.02 13.79 12.79
N MET E 54 29.28 14.81 13.61
CA MET E 54 28.96 16.19 13.23
C MET E 54 29.89 16.70 12.14
N PHE E 55 31.20 16.48 12.28
CA PHE E 55 32.14 16.89 11.23
C PHE E 55 31.81 16.19 9.92
N GLU E 56 31.53 14.90 9.97
CA GLU E 56 31.30 14.13 8.76
C GLU E 56 30.11 14.66 7.96
N ARG E 57 29.02 14.98 8.66
CA ARG E 57 27.79 15.37 7.95
C ARG E 57 27.93 16.71 7.24
N GLN E 58 28.77 17.62 7.76
CA GLN E 58 28.93 18.91 7.08
C GLN E 58 29.80 18.83 5.84
N LEU E 59 30.72 17.87 5.75
CA LEU E 59 31.61 17.86 4.59
C LEU E 59 30.91 17.33 3.35
N LYS E 60 29.96 16.40 3.49
CA LYS E 60 29.13 16.02 2.35
C LYS E 60 28.20 17.15 1.94
N ALA E 61 27.66 17.87 2.92
CA ALA E 61 26.84 19.05 2.65
C ALA E 61 27.68 20.26 2.25
N GLY E 62 29.00 20.19 2.37
CA GLY E 62 29.85 21.32 2.06
C GLY E 62 29.89 22.37 3.12
N GLU E 63 29.56 22.03 4.36
CA GLU E 63 29.47 23.01 5.45
C GLU E 63 30.65 22.87 6.43
N VAL E 64 31.81 22.46 5.92
CA VAL E 64 33.01 22.37 6.74
C VAL E 64 33.49 23.77 7.15
N ALA E 65 33.23 24.77 6.31
CA ALA E 65 33.69 26.13 6.62
C ALA E 65 32.99 26.71 7.84
N ASP E 66 31.77 26.27 8.13
CA ASP E 66 31.07 26.73 9.33
C ASP E 66 31.54 26.00 10.59
N ASN E 67 32.31 24.92 10.46
CA ASN E 67 32.88 24.27 11.62
C ASN E 67 33.91 25.15 12.29
N ALA E 68 33.95 25.11 13.62
CA ALA E 68 34.97 25.83 14.37
C ALA E 68 36.36 25.27 14.12
N ALA E 69 36.46 24.03 13.64
CA ALA E 69 37.76 23.47 13.27
C ALA E 69 38.36 24.19 12.06
N ALA E 70 37.53 24.63 11.12
CA ALA E 70 37.99 25.33 9.93
C ALA E 70 37.98 26.85 10.08
N LYS E 71 37.48 27.36 11.21
CA LYS E 71 37.47 28.80 11.43
C LYS E 71 38.85 29.46 11.52
N PRO E 72 39.83 28.96 12.30
CA PRO E 72 41.08 29.75 12.44
C PRO E 72 41.91 29.80 11.18
N LEU E 73 41.83 28.79 10.32
CA LEU E 73 42.47 28.89 9.01
C LEU E 73 41.80 29.96 8.14
N ILE E 74 40.47 30.02 8.20
CA ILE E 74 39.71 30.99 7.41
C ILE E 74 40.07 32.42 7.82
N THR E 75 40.17 32.67 9.13
CA THR E 75 40.45 34.02 9.62
C THR E 75 41.86 34.48 9.24
N THR E 76 42.82 33.57 9.21
CA THR E 76 44.18 33.94 8.82
C THR E 76 44.31 34.12 7.30
N LEU E 77 43.62 33.28 6.53
CA LEU E 77 43.69 33.36 5.07
C LEU E 77 42.98 34.58 4.51
N LEU E 78 42.01 35.13 5.25
CA LEU E 78 41.20 36.23 4.73
C LEU E 78 41.99 37.50 4.41
N PRO E 79 42.76 38.10 5.34
CA PRO E 79 43.41 39.39 5.00
C PRO E 79 44.44 39.29 3.89
N LYS E 80 45.09 38.14 3.72
CA LYS E 80 45.99 37.95 2.58
C LYS E 80 45.21 37.97 1.28
N MET E 81 44.05 37.32 1.25
CA MET E 81 43.21 37.33 0.06
C MET E 81 42.48 38.66 -0.12
N ILE E 82 42.06 39.28 0.99
CA ILE E 82 41.32 40.54 0.94
C ILE E 82 42.17 41.64 0.31
N ALA E 83 43.45 41.71 0.69
CA ALA E 83 44.35 42.73 0.16
C ALA E 83 44.58 42.56 -1.34
N ARG E 84 44.79 41.33 -1.80
CA ARG E 84 45.21 41.14 -3.18
C ARG E 84 44.09 41.41 -4.18
N ILE E 85 42.83 41.24 -3.77
CA ILE E 85 41.73 41.66 -4.63
C ILE E 85 41.82 43.15 -4.89
N ASN E 86 42.12 43.93 -3.86
CA ASN E 86 42.37 45.36 -4.06
C ASN E 86 43.66 45.60 -4.83
N ASP E 87 44.66 44.73 -4.68
CA ASP E 87 45.87 44.84 -5.48
C ASP E 87 45.58 44.58 -6.95
N TRP E 88 44.77 43.57 -7.25
CA TRP E 88 44.31 43.35 -8.62
C TRP E 88 43.32 44.41 -9.06
N PHE E 89 42.64 45.07 -8.12
CA PHE E 89 41.79 46.21 -8.47
C PHE E 89 42.61 47.35 -9.06
N GLU E 90 43.76 47.66 -8.42
CA GLU E 90 44.60 48.75 -8.90
C GLU E 90 45.30 48.38 -10.20
N GLU E 91 45.55 47.09 -10.42
CA GLU E 91 46.21 46.66 -11.65
C GLU E 91 45.35 46.92 -12.88
N VAL E 92 44.05 46.62 -12.79
CA VAL E 92 43.16 46.87 -13.92
C VAL E 92 42.73 48.34 -13.95
N LYS E 93 42.70 49.01 -12.81
CA LYS E 93 42.45 50.45 -12.79
C LYS E 93 43.57 51.21 -13.50
N ALA E 94 44.82 50.80 -13.26
CA ALA E 94 45.94 51.38 -13.98
C ALA E 94 45.93 50.97 -15.45
N LYS E 95 45.34 49.83 -15.77
CA LYS E 95 45.14 49.42 -17.16
C LYS E 95 44.17 50.37 -17.83
N ARG E 96 44.64 51.13 -18.80
CA ARG E 96 43.76 51.99 -19.58
C ARG E 96 43.20 51.21 -20.77
N GLY E 97 42.00 51.60 -21.19
CA GLY E 97 41.34 50.89 -22.28
C GLY E 97 40.43 49.78 -21.80
N LYS E 98 40.44 48.66 -22.52
CA LYS E 98 39.51 47.57 -22.22
C LYS E 98 39.90 46.87 -20.93
N ARG E 99 38.97 46.82 -19.99
CA ARG E 99 39.07 46.03 -18.78
C ARG E 99 38.11 44.84 -18.88
N PRO E 100 38.42 43.71 -18.21
CA PRO E 100 37.53 42.55 -18.27
C PRO E 100 36.16 42.86 -17.70
N THR E 101 35.13 42.27 -18.31
CA THR E 101 33.76 42.48 -17.84
C THR E 101 33.52 41.83 -16.49
N ALA E 102 34.32 40.82 -16.12
CA ALA E 102 34.23 40.26 -14.78
C ALA E 102 34.71 41.26 -13.74
N PHE E 103 35.66 42.13 -14.10
CA PHE E 103 36.27 43.05 -13.14
C PHE E 103 35.25 43.99 -12.52
N GLN E 104 34.41 44.63 -13.33
CA GLN E 104 33.42 45.54 -12.80
C GLN E 104 32.27 44.82 -12.11
N PHE E 105 32.01 43.56 -12.49
CA PHE E 105 30.97 42.79 -11.82
C PHE E 105 31.45 42.30 -10.46
N LEU E 106 32.77 42.14 -10.29
CA LEU E 106 33.34 41.90 -8.96
C LEU E 106 33.34 43.15 -8.10
N GLN E 107 33.18 44.32 -8.69
CA GLN E 107 33.16 45.56 -7.92
C GLN E 107 31.82 45.83 -7.24
N GLU E 108 30.76 45.15 -7.69
CA GLU E 108 29.44 45.34 -7.08
C GLU E 108 29.42 44.85 -5.64
N ILE E 109 30.04 43.70 -5.39
CA ILE E 109 30.07 43.08 -4.06
C ILE E 109 31.44 43.29 -3.45
N LYS E 110 31.45 43.64 -2.16
CA LYS E 110 32.66 44.13 -1.50
C LYS E 110 33.70 43.02 -1.35
N PRO E 111 34.96 43.28 -1.69
CA PRO E 111 35.98 42.21 -1.73
C PRO E 111 36.24 41.43 -0.44
N GLU E 112 36.12 42.03 0.76
CA GLU E 112 36.24 41.20 1.96
C GLU E 112 35.12 40.18 2.07
N ALA E 113 33.91 40.56 1.64
CA ALA E 113 32.89 39.55 1.41
C ALA E 113 33.32 38.61 0.30
N VAL E 114 33.78 39.17 -0.84
CA VAL E 114 34.08 38.37 -2.03
C VAL E 114 35.16 37.34 -1.73
N ALA E 115 36.15 37.71 -0.92
CA ALA E 115 37.15 36.76 -0.44
C ALA E 115 36.51 35.62 0.34
N TYR E 116 35.47 35.92 1.14
CA TYR E 116 34.85 34.88 1.95
C TYR E 116 34.01 33.93 1.09
N ILE E 117 33.32 34.42 0.06
CA ILE E 117 32.58 33.48 -0.79
C ILE E 117 33.52 32.60 -1.61
N THR E 118 34.78 32.99 -1.83
CA THR E 118 35.71 32.03 -2.43
C THR E 118 35.95 30.86 -1.48
N ILE E 119 36.60 31.12 -0.33
CA ILE E 119 37.23 30.05 0.44
C ILE E 119 36.19 29.06 0.96
N LYS E 120 34.98 29.53 1.30
CA LYS E 120 33.92 28.61 1.68
C LYS E 120 33.55 27.69 0.52
N THR E 121 33.48 28.23 -0.70
CA THR E 121 33.12 27.41 -1.85
C THR E 121 34.25 26.47 -2.26
N THR E 122 35.52 26.89 -2.11
CA THR E 122 36.62 25.99 -2.45
C THR E 122 36.67 24.80 -1.51
N LEU E 123 36.51 25.01 -0.20
CA LEU E 123 36.47 23.88 0.72
C LEU E 123 35.22 23.04 0.49
N ALA E 124 34.10 23.66 0.17
CA ALA E 124 32.86 22.91 -0.04
C ALA E 124 32.92 22.09 -1.32
N CYS E 125 33.47 22.64 -2.40
CA CYS E 125 33.56 21.90 -3.66
C CYS E 125 34.50 20.71 -3.54
N LEU E 126 35.58 20.86 -2.76
CA LEU E 126 36.55 19.78 -2.62
C LEU E 126 36.05 18.68 -1.71
N THR E 127 35.35 19.04 -0.64
CA THR E 127 34.82 18.05 0.30
C THR E 127 33.64 17.30 -0.31
N THR E 132 35.61 17.89 -8.68
CA THR E 132 36.91 18.35 -8.22
C THR E 132 37.57 19.19 -9.31
N THR E 133 36.91 19.29 -10.46
CA THR E 133 37.46 20.02 -11.58
C THR E 133 37.35 21.54 -11.35
N VAL E 134 38.07 22.29 -12.19
CA VAL E 134 38.10 23.74 -12.06
C VAL E 134 36.78 24.36 -12.49
N GLN E 135 36.18 23.82 -13.55
CA GLN E 135 35.01 24.46 -14.15
C GLN E 135 33.81 24.47 -13.20
N ALA E 136 33.60 23.36 -12.48
CA ALA E 136 32.53 23.32 -11.50
C ALA E 136 32.82 24.23 -10.31
N VAL E 137 34.11 24.39 -9.96
CA VAL E 137 34.49 25.29 -8.87
C VAL E 137 34.19 26.74 -9.26
N ALA E 138 34.61 27.13 -10.47
CA ALA E 138 34.43 28.51 -10.92
C ALA E 138 32.96 28.86 -11.11
N SER E 139 32.16 27.90 -11.58
CA SER E 139 30.72 28.13 -11.70
C SER E 139 30.08 28.21 -10.31
N ALA E 140 30.56 27.41 -9.36
CA ALA E 140 29.96 27.39 -8.03
C ALA E 140 30.14 28.71 -7.30
N ILE E 141 31.31 29.34 -7.44
CA ILE E 141 31.49 30.65 -6.82
C ILE E 141 30.77 31.73 -7.62
N GLY E 142 30.97 31.74 -8.95
CA GLY E 142 30.42 32.81 -9.78
C GLY E 142 28.91 32.88 -9.74
N ARG E 143 28.26 31.74 -9.53
CA ARG E 143 26.83 31.75 -9.26
C ARG E 143 26.54 32.45 -7.92
N ALA E 144 27.40 32.26 -6.93
CA ALA E 144 27.07 32.66 -5.57
C ALA E 144 27.15 34.18 -5.39
N ILE E 145 28.11 34.84 -6.04
CA ILE E 145 28.12 36.31 -5.98
C ILE E 145 26.92 36.88 -6.72
N GLU E 146 26.49 36.21 -7.81
CA GLU E 146 25.29 36.65 -8.51
C GLU E 146 24.07 36.54 -7.61
N ASP E 147 23.98 35.48 -6.80
CA ASP E 147 22.93 35.42 -5.79
C ASP E 147 23.11 36.52 -4.75
N GLU E 148 24.36 36.80 -4.38
CA GLU E 148 24.64 37.86 -3.40
C GLU E 148 24.50 39.25 -4.00
N ALA E 149 24.84 39.43 -5.27
CA ALA E 149 24.63 40.74 -5.89
C ALA E 149 23.15 41.01 -6.12
N ARG E 150 22.37 39.97 -6.41
CA ARG E 150 20.97 40.16 -6.77
C ARG E 150 20.10 40.42 -5.54
N PHE E 151 20.30 39.65 -4.45
CA PHE E 151 19.55 39.82 -3.21
C PHE E 151 20.28 40.62 -2.13
N GLY E 152 21.53 41.01 -2.33
CA GLY E 152 22.25 41.66 -1.25
C GLY E 152 22.11 43.17 -1.22
N ARG E 153 22.05 43.78 -2.40
CA ARG E 153 21.91 45.23 -2.45
C ARG E 153 20.50 45.68 -2.06
N ILE E 154 19.51 44.80 -2.12
CA ILE E 154 18.21 45.14 -1.55
C ILE E 154 18.27 45.12 -0.02
N ARG E 155 19.22 44.38 0.56
CA ARG E 155 19.53 44.55 1.97
C ARG E 155 20.38 45.80 2.18
N ASP E 156 21.27 46.11 1.25
CA ASP E 156 22.23 47.19 1.47
C ASP E 156 21.56 48.56 1.46
N LEU E 157 20.95 48.93 0.32
CA LEU E 157 20.60 50.33 0.08
C LEU E 157 19.10 50.59 0.00
N GLU E 158 18.38 49.92 -0.90
CA GLU E 158 17.05 50.39 -1.27
C GLU E 158 15.98 49.94 -0.30
N ALA E 159 15.84 48.64 -0.08
CA ALA E 159 14.80 48.09 0.77
C ALA E 159 15.32 47.77 2.16
N LYS E 160 16.20 48.63 2.68
CA LYS E 160 16.77 48.41 4.01
C LYS E 160 15.67 48.40 5.07
N HIS E 161 14.73 49.35 4.99
CA HIS E 161 13.56 49.35 5.87
C HIS E 161 12.71 48.10 5.66
N PHE E 162 12.52 47.68 4.41
CA PHE E 162 11.79 46.46 4.13
C PHE E 162 12.61 45.22 4.46
N LYS E 163 13.95 45.35 4.51
CA LYS E 163 14.78 44.22 4.92
C LYS E 163 14.51 43.82 6.37
N LYS E 164 14.33 44.78 7.29
CA LYS E 164 13.96 44.39 8.68
C LYS E 164 12.57 43.80 8.77
N ASN E 165 11.70 44.13 7.82
CA ASN E 165 10.40 43.49 7.80
C ASN E 165 10.52 42.03 7.36
N VAL E 166 11.44 41.76 6.43
CA VAL E 166 11.54 40.42 5.83
C VAL E 166 12.69 39.59 6.39
N GLU E 167 13.57 40.17 7.20
CA GLU E 167 14.75 39.43 7.65
C GLU E 167 14.41 38.31 8.61
N GLU E 168 13.37 38.49 9.44
CA GLU E 168 13.00 37.45 10.39
C GLU E 168 12.59 36.17 9.66
N GLN E 169 11.68 36.29 8.69
CA GLN E 169 11.28 35.13 7.89
C GLN E 169 12.45 34.58 7.07
N LEU E 170 13.40 35.43 6.69
CA LEU E 170 14.60 34.95 6.02
C LEU E 170 15.42 34.06 6.95
N ASN E 171 15.59 34.47 8.21
CA ASN E 171 16.27 33.62 9.18
C ASN E 171 15.44 32.38 9.52
N LYS E 172 14.11 32.51 9.54
CA LYS E 172 13.26 31.33 9.73
C LYS E 172 13.41 30.35 8.56
N ARG E 173 13.66 30.86 7.35
CA ARG E 173 14.01 29.99 6.24
C ARG E 173 15.39 29.39 6.48
N VAL E 174 15.51 28.08 6.32
CA VAL E 174 16.71 27.34 6.65
C VAL E 174 17.31 26.75 5.39
N GLY E 175 18.61 26.92 5.22
CA GLY E 175 19.27 26.38 4.05
C GLY E 175 19.33 27.36 2.91
N HIS E 176 20.33 27.19 2.04
CA HIS E 176 20.54 28.11 0.93
C HIS E 176 19.47 27.97 -0.15
N VAL E 177 18.92 26.76 -0.34
CA VAL E 177 17.89 26.57 -1.36
C VAL E 177 16.58 27.23 -0.92
N TYR E 178 16.22 27.12 0.36
CA TYR E 178 15.00 27.75 0.85
C TYR E 178 15.17 29.26 1.02
N LYS E 179 16.40 29.72 1.29
CA LYS E 179 16.63 31.15 1.40
C LYS E 179 16.55 31.83 0.04
N LYS E 180 17.12 31.20 -1.00
CA LYS E 180 17.06 31.78 -2.34
C LYS E 180 15.64 31.80 -2.88
N ALA E 181 14.87 30.73 -2.64
CA ALA E 181 13.49 30.67 -3.12
C ALA E 181 12.60 31.70 -2.42
N PHE E 182 12.83 31.92 -1.12
CA PHE E 182 12.11 32.96 -0.41
C PHE E 182 12.58 34.35 -0.83
N MET E 183 13.78 34.46 -1.38
CA MET E 183 14.30 35.76 -1.72
C MET E 183 13.85 36.23 -3.10
N GLN E 184 13.68 35.33 -4.07
CA GLN E 184 13.13 35.76 -5.35
C GLN E 184 11.67 36.15 -5.22
N VAL E 185 10.98 35.59 -4.23
CA VAL E 185 9.59 35.92 -3.97
C VAL E 185 9.47 37.36 -3.45
N VAL E 186 10.35 37.75 -2.52
CA VAL E 186 10.28 39.12 -2.00
C VAL E 186 10.70 40.13 -3.06
N GLU E 187 11.61 39.74 -3.97
CA GLU E 187 12.02 40.64 -5.06
C GLU E 187 10.85 40.95 -5.97
N ALA E 188 10.01 39.94 -6.25
CA ALA E 188 8.78 40.16 -7.00
C ALA E 188 7.88 41.19 -6.32
N ASP E 189 7.92 41.26 -4.99
CA ASP E 189 7.27 42.36 -4.30
C ASP E 189 8.07 43.65 -4.43
N MET E 190 9.41 43.57 -4.34
CA MET E 190 10.24 44.77 -4.38
C MET E 190 10.17 45.46 -5.74
N LEU E 191 10.32 44.69 -6.82
CA LEU E 191 10.30 45.27 -8.16
C LEU E 191 8.92 45.80 -8.54
N SER E 192 7.86 45.25 -7.94
CA SER E 192 6.52 45.73 -8.23
C SER E 192 6.24 47.08 -7.57
N LYS E 193 6.69 47.25 -6.32
CA LYS E 193 6.39 48.45 -5.54
C LYS E 193 7.54 49.44 -5.51
N GLY E 194 8.78 48.98 -5.30
CA GLY E 194 9.93 49.85 -5.32
C GLY E 194 10.37 50.17 -6.74
N LEU E 195 11.42 50.98 -6.84
CA LEU E 195 11.92 51.40 -8.14
C LEU E 195 12.57 50.23 -8.86
N LEU E 196 12.26 50.10 -10.15
CA LEU E 196 12.79 49.03 -10.99
C LEU E 196 14.04 49.54 -11.68
N GLY E 197 15.20 49.08 -11.22
CA GLY E 197 16.46 49.39 -11.87
C GLY E 197 16.89 48.27 -12.80
N GLY E 198 17.72 48.63 -13.77
CA GLY E 198 18.26 47.66 -14.70
C GLY E 198 19.12 46.64 -14.01
N GLU E 199 18.64 45.39 -13.96
CA GLU E 199 19.29 44.35 -13.16
C GLU E 199 20.24 43.56 -14.05
N ALA E 200 21.53 43.59 -13.68
CA ALA E 200 22.51 42.80 -14.40
C ALA E 200 22.33 41.31 -14.13
N TRP E 201 21.83 40.97 -12.94
CA TRP E 201 21.80 39.58 -12.49
C TRP E 201 20.84 38.73 -13.33
N SER E 202 19.79 39.33 -13.88
CA SER E 202 18.98 38.62 -14.87
C SER E 202 19.74 38.47 -16.18
N SER E 203 20.45 39.52 -16.60
CA SER E 203 21.25 39.49 -17.81
C SER E 203 22.48 38.60 -17.69
N TRP E 204 22.80 38.13 -16.49
CA TRP E 204 23.85 37.15 -16.31
C TRP E 204 23.52 35.87 -17.07
N HIS E 205 24.43 35.44 -17.92
CA HIS E 205 24.36 34.14 -18.57
C HIS E 205 25.47 33.26 -18.00
N LYS E 206 25.39 31.96 -18.31
CA LYS E 206 26.26 30.98 -17.66
C LYS E 206 27.73 31.17 -18.03
N GLU E 207 28.01 31.65 -19.24
CA GLU E 207 29.41 31.82 -19.64
C GLU E 207 30.06 33.02 -18.96
N ASP E 208 29.28 34.07 -18.66
CA ASP E 208 29.83 35.19 -17.90
C ASP E 208 30.09 34.79 -16.46
N SER E 209 29.23 33.94 -15.90
CA SER E 209 29.33 33.58 -14.49
C SER E 209 30.61 32.80 -14.18
N ILE E 210 31.10 32.01 -15.13
CA ILE E 210 32.36 31.31 -14.91
C ILE E 210 33.55 32.24 -15.13
N HIS E 211 33.45 33.19 -16.08
CA HIS E 211 34.49 34.20 -16.24
C HIS E 211 34.63 35.05 -14.98
N VAL E 212 33.50 35.37 -14.35
CA VAL E 212 33.51 35.90 -12.99
C VAL E 212 34.19 34.94 -12.03
N GLY E 213 33.85 33.65 -12.14
CA GLY E 213 34.38 32.65 -11.23
C GLY E 213 35.82 32.23 -11.41
N VAL E 214 36.27 32.02 -12.66
CA VAL E 214 37.62 31.52 -12.94
C VAL E 214 38.67 32.45 -12.35
N ARG E 215 38.42 33.76 -12.42
CA ARG E 215 39.32 34.73 -11.80
C ARG E 215 39.38 34.56 -10.29
N CYS E 216 38.27 34.21 -9.66
CA CYS E 216 38.25 34.18 -8.19
C CYS E 216 39.18 33.10 -7.64
N ILE E 217 39.28 31.93 -8.27
CA ILE E 217 40.28 30.96 -7.86
C ILE E 217 41.68 31.41 -8.26
N GLU E 218 41.81 32.34 -9.22
CA GLU E 218 43.14 32.85 -9.54
C GLU E 218 43.75 33.55 -8.35
N MET E 219 43.17 34.68 -7.85
CA MET E 219 43.77 35.37 -6.70
C MET E 219 43.89 34.50 -5.48
N LEU E 220 42.99 33.52 -5.32
CA LEU E 220 43.05 32.66 -4.14
C LEU E 220 44.32 31.80 -4.13
N ILE E 221 44.73 31.28 -5.28
CA ILE E 221 45.85 30.33 -5.32
C ILE E 221 47.17 31.03 -4.97
N GLU E 222 47.42 32.21 -5.54
CA GLU E 222 48.62 32.95 -5.15
C GLU E 222 48.53 33.63 -3.77
N SER E 223 47.35 34.10 -3.35
CA SER E 223 47.27 34.84 -2.10
C SER E 223 47.55 33.93 -0.90
N THR E 224 46.98 32.73 -0.89
CA THR E 224 47.16 31.79 0.20
C THR E 224 48.17 30.71 -0.18
N GLY E 225 48.36 29.75 0.71
CA GLY E 225 49.18 28.59 0.43
C GLY E 225 48.44 27.51 -0.32
N MET E 226 47.41 27.93 -1.05
CA MET E 226 46.64 27.04 -1.92
C MET E 226 47.56 26.53 -3.02
N VAL E 227 47.57 25.21 -3.21
CA VAL E 227 48.36 24.57 -4.25
C VAL E 227 47.83 24.99 -5.61
N SER E 228 48.60 24.72 -6.66
CA SER E 228 48.07 24.94 -8.00
C SER E 228 47.20 23.78 -8.42
N LEU E 229 46.16 24.09 -9.20
CA LEU E 229 45.37 23.06 -9.84
C LEU E 229 46.23 22.18 -10.72
N HIS E 230 46.05 20.86 -10.59
CA HIS E 230 46.92 19.88 -11.23
C HIS E 230 46.16 19.16 -12.32
N ARG E 231 46.70 19.21 -13.54
CA ARG E 231 46.11 18.50 -14.67
C ARG E 231 46.26 16.99 -14.48
N GLN E 232 45.21 16.25 -14.82
CA GLN E 232 45.22 14.80 -14.74
C GLN E 232 44.87 14.22 -16.11
N ASN E 233 45.73 13.33 -16.61
CA ASN E 233 45.57 12.67 -17.90
C ASN E 233 45.45 13.70 -19.03
N ALA E 234 46.43 14.59 -19.10
CA ALA E 234 46.47 15.63 -20.13
C ALA E 234 46.80 15.02 -21.50
N SER E 241 42.46 17.06 -18.37
CA SER E 241 41.54 17.81 -17.52
C SER E 241 42.22 18.18 -16.20
N GLU E 242 41.92 19.38 -15.69
CA GLU E 242 42.55 19.91 -14.50
C GLU E 242 41.61 19.81 -13.31
N THR E 243 42.15 19.39 -12.17
CA THR E 243 41.40 19.28 -10.93
C THR E 243 42.13 20.04 -9.85
N ILE E 244 41.38 20.79 -9.05
CA ILE E 244 41.95 21.55 -7.94
C ILE E 244 42.15 20.62 -6.76
N GLU E 245 43.26 20.78 -6.06
CA GLU E 245 43.66 19.85 -4.98
C GLU E 245 44.04 20.65 -3.74
N LEU E 246 43.25 20.52 -2.68
CA LEU E 246 43.42 21.30 -1.45
C LEU E 246 44.80 21.07 -0.85
N ALA E 247 45.40 22.16 -0.34
CA ALA E 247 46.74 22.15 0.22
C ALA E 247 46.81 21.26 1.45
N PRO E 248 47.56 20.15 1.39
CA PRO E 248 47.62 19.24 2.55
C PRO E 248 48.25 19.85 3.78
N GLU E 249 49.07 20.89 3.62
CA GLU E 249 49.54 21.65 4.78
C GLU E 249 48.39 22.36 5.47
N TYR E 250 47.47 22.94 4.70
CA TYR E 250 46.26 23.52 5.27
C TYR E 250 45.27 22.45 5.71
N ALA E 251 45.35 21.25 5.12
CA ALA E 251 44.40 20.18 5.44
C ALA E 251 44.69 19.51 6.77
N GLU E 252 45.94 19.48 7.21
CA GLU E 252 46.21 18.92 8.54
C GLU E 252 45.80 19.88 9.64
N ALA E 253 45.73 21.19 9.35
CA ALA E 253 45.40 22.18 10.37
C ALA E 253 43.94 22.10 10.81
N ILE E 254 43.07 21.51 9.99
CA ILE E 254 41.68 21.33 10.40
C ILE E 254 41.40 19.91 10.88
N ALA E 255 42.25 18.94 10.53
CA ALA E 255 42.19 17.62 11.13
C ALA E 255 42.82 17.60 12.52
N THR E 256 43.85 18.41 12.74
CA THR E 256 44.43 18.54 14.07
C THR E 256 43.50 19.33 14.98
N ARG E 257 42.84 20.36 14.44
CA ARG E 257 41.89 21.13 15.24
C ARG E 257 40.67 20.29 15.60
N ALA E 258 40.20 19.46 14.66
CA ALA E 258 39.06 18.60 14.93
C ALA E 258 39.38 17.58 16.01
N GLY E 259 40.60 17.03 15.99
CA GLY E 259 41.02 16.13 17.05
C GLY E 259 41.13 16.84 18.40
N ALA E 260 41.61 18.08 18.40
CA ALA E 260 41.69 18.84 19.64
C ALA E 260 40.31 19.26 20.12
N LEU E 261 39.44 19.72 19.21
CA LEU E 261 38.09 20.10 19.59
C LEU E 261 37.22 18.90 19.95
N ALA E 262 37.63 17.69 19.57
CA ALA E 262 36.94 16.49 20.00
C ALA E 262 37.22 16.15 21.45
N GLY E 263 38.32 16.63 22.01
CA GLY E 263 38.72 16.35 23.37
C GLY E 263 38.22 17.30 24.43
N ILE E 264 37.48 18.36 24.05
CA ILE E 264 37.02 19.36 24.99
C ILE E 264 35.50 19.44 25.06
N SER E 265 34.81 18.50 24.43
CA SER E 265 33.35 18.49 24.38
C SER E 265 32.83 17.12 24.79
N PRO E 266 32.88 16.79 26.07
CA PRO E 266 32.44 15.47 26.52
C PRO E 266 30.93 15.40 26.67
N MET E 267 30.43 14.17 26.77
CA MET E 267 29.03 13.89 27.07
C MET E 267 28.95 13.58 28.57
N PHE E 268 28.58 14.58 29.36
CA PHE E 268 28.71 14.49 30.82
C PHE E 268 27.65 13.55 31.39
N GLN E 269 28.12 12.56 32.18
CA GLN E 269 27.38 11.46 32.77
C GLN E 269 27.32 11.59 34.29
N PRO E 270 26.27 11.09 34.95
CA PRO E 270 26.18 11.23 36.41
C PRO E 270 27.22 10.37 37.12
N CYS E 271 27.41 10.68 38.40
CA CYS E 271 28.48 10.10 39.21
C CYS E 271 27.96 8.92 40.02
N VAL E 272 28.71 7.82 40.01
CA VAL E 272 28.37 6.65 40.82
C VAL E 272 29.02 6.71 42.20
N VAL E 273 29.86 7.69 42.46
CA VAL E 273 30.39 7.98 43.79
C VAL E 273 30.01 9.42 44.10
N PRO E 274 30.02 9.81 45.38
CA PRO E 274 29.83 11.23 45.72
C PRO E 274 30.87 12.09 45.02
N PRO E 275 30.46 13.21 44.43
CA PRO E 275 31.36 13.95 43.55
C PRO E 275 32.48 14.64 44.31
N LYS E 276 33.51 15.01 43.57
CA LYS E 276 34.67 15.67 44.18
C LYS E 276 34.25 17.05 44.67
N PRO E 277 34.43 17.37 45.94
CA PRO E 277 33.98 18.66 46.46
C PRO E 277 34.78 19.81 45.89
N TRP E 278 34.15 20.98 45.88
CA TRP E 278 34.78 22.19 45.37
C TRP E 278 35.56 22.86 46.48
N THR E 279 36.86 23.06 46.25
CA THR E 279 37.67 23.92 47.09
C THR E 279 38.20 25.14 46.34
N GLY E 280 38.32 25.06 45.02
CA GLY E 280 38.73 26.17 44.19
C GLY E 280 37.84 26.32 42.98
N ILE E 281 38.22 27.21 42.06
CA ILE E 281 37.41 27.51 40.89
C ILE E 281 37.44 26.41 39.84
N THR E 282 38.36 25.45 39.97
CA THR E 282 38.64 24.51 38.90
C THR E 282 38.70 23.09 39.47
N GLY E 283 38.49 22.13 38.58
CA GLY E 283 38.74 20.73 38.90
C GLY E 283 37.75 20.08 39.84
N GLY E 284 36.66 20.75 40.19
CA GLY E 284 35.65 20.16 41.04
C GLY E 284 34.70 19.27 40.26
N GLY E 285 33.75 18.69 40.98
CA GLY E 285 32.77 17.85 40.35
C GLY E 285 33.31 16.45 40.10
N TYR E 286 33.72 16.20 38.85
CA TYR E 286 34.28 14.92 38.48
C TYR E 286 35.67 14.75 39.12
N TRP E 287 36.14 13.50 39.16
CA TRP E 287 37.32 13.16 39.92
C TRP E 287 38.60 13.14 39.09
N ALA E 288 38.53 12.77 37.82
CA ALA E 288 39.72 12.71 36.99
C ALA E 288 40.16 14.10 36.55
N ASN E 289 41.46 14.23 36.27
CA ASN E 289 42.02 15.48 35.74
C ASN E 289 41.88 15.45 34.23
N GLY E 290 40.70 15.86 33.77
CA GLY E 290 40.39 15.79 32.35
C GLY E 290 41.02 16.90 31.53
N ARG E 291 40.94 16.72 30.21
CA ARG E 291 41.35 17.77 29.29
C ARG E 291 40.43 18.98 29.37
N ARG E 292 39.19 18.79 29.82
CA ARG E 292 38.26 19.87 30.14
C ARG E 292 37.91 19.70 31.62
N PRO E 293 38.67 20.29 32.53
CA PRO E 293 38.25 20.30 33.93
C PRO E 293 37.07 21.23 34.13
N LEU E 294 36.28 20.94 35.15
CA LEU E 294 35.12 21.76 35.45
C LEU E 294 35.55 23.12 36.00
N ALA E 295 34.73 24.13 35.76
CA ALA E 295 34.93 25.47 36.29
C ALA E 295 33.76 25.79 37.20
N LEU E 296 34.07 26.31 38.40
CA LEU E 296 33.04 26.59 39.39
C LEU E 296 31.96 27.52 38.85
N VAL E 297 32.35 28.48 38.01
CA VAL E 297 31.42 29.39 37.37
C VAL E 297 31.60 29.28 35.86
N ARG E 298 30.50 29.03 35.15
CA ARG E 298 30.53 28.96 33.69
C ARG E 298 30.63 30.38 33.15
N THR E 299 31.82 30.76 32.72
CA THR E 299 32.08 32.10 32.20
C THR E 299 32.35 32.03 30.70
N HIS E 300 32.30 33.20 30.07
CA HIS E 300 32.54 33.33 28.64
C HIS E 300 33.98 33.61 28.30
N SER E 301 34.85 33.80 29.30
CA SER E 301 36.25 34.05 29.06
C SER E 301 37.05 33.57 30.27
N LYS E 302 38.34 33.33 30.05
CA LYS E 302 39.22 32.99 31.16
C LYS E 302 39.37 34.14 32.13
N LYS E 303 39.39 35.39 31.62
CA LYS E 303 39.51 36.56 32.49
C LYS E 303 38.32 36.66 33.43
N ALA E 304 37.12 36.39 32.94
CA ALA E 304 35.93 36.42 33.78
C ALA E 304 35.95 35.30 34.83
N LEU E 305 36.62 34.19 34.53
CA LEU E 305 36.75 33.11 35.50
C LEU E 305 37.76 33.46 36.58
N MET E 306 38.88 34.09 36.20
CA MET E 306 39.97 34.35 37.14
C MET E 306 39.61 35.36 38.21
N ARG E 307 38.53 36.13 38.03
CA ARG E 307 38.07 37.02 39.09
C ARG E 307 37.59 36.26 40.32
N TYR E 308 37.23 35.00 40.15
CA TYR E 308 36.77 34.16 41.23
C TYR E 308 37.88 33.35 41.89
N GLU E 309 39.15 33.59 41.50
CA GLU E 309 40.24 32.76 41.99
C GLU E 309 40.50 33.00 43.48
N ASP E 310 40.51 34.26 43.91
CA ASP E 310 40.90 34.62 45.26
C ASP E 310 39.73 35.04 46.14
N VAL E 311 38.49 34.87 45.68
CA VAL E 311 37.35 35.35 46.45
C VAL E 311 37.10 34.43 47.63
N TYR E 312 36.88 35.04 48.80
CA TYR E 312 36.49 34.28 49.99
C TYR E 312 34.97 34.26 50.07
N MET E 313 34.38 33.15 49.63
CA MET E 313 32.94 32.93 49.73
C MET E 313 32.71 31.58 50.41
N PRO E 314 32.78 31.53 51.75
CA PRO E 314 32.61 30.24 52.43
C PRO E 314 31.19 29.71 52.36
N GLU E 315 30.19 30.57 52.50
CA GLU E 315 28.81 30.12 52.47
C GLU E 315 28.36 29.75 51.06
N VAL E 316 28.99 30.31 50.02
CA VAL E 316 28.71 29.87 48.66
C VAL E 316 29.25 28.46 48.44
N TYR E 317 30.48 28.21 48.91
CA TYR E 317 31.11 26.91 48.69
C TYR E 317 30.43 25.80 49.47
N LYS E 318 29.85 26.12 50.64
CA LYS E 318 29.09 25.12 51.37
C LYS E 318 27.90 24.63 50.56
N ALA E 319 27.14 25.57 49.98
CA ALA E 319 25.88 25.24 49.31
C ALA E 319 26.10 24.32 48.11
N ILE E 320 27.17 24.55 47.35
CA ILE E 320 27.41 23.73 46.18
C ILE E 320 27.78 22.30 46.59
N ASN E 321 28.62 22.15 47.62
CA ASN E 321 29.06 20.82 48.04
C ASN E 321 27.92 20.00 48.62
N ILE E 322 27.04 20.63 49.41
CA ILE E 322 25.89 19.92 49.98
C ILE E 322 24.95 19.47 48.87
N ALA E 323 24.76 20.32 47.85
CA ALA E 323 23.93 19.92 46.71
C ALA E 323 24.59 18.79 45.92
N GLN E 324 25.92 18.82 45.79
CA GLN E 324 26.63 17.77 45.08
C GLN E 324 26.48 16.43 45.79
N ASN E 325 26.52 16.44 47.12
CA ASN E 325 26.55 15.22 47.92
C ASN E 325 25.20 14.50 47.96
N THR E 326 24.14 15.10 47.43
CA THR E 326 22.81 14.50 47.49
C THR E 326 22.75 13.23 46.66
N ALA E 327 22.30 12.14 47.28
CA ALA E 327 22.29 10.82 46.66
C ALA E 327 20.94 10.55 46.02
N TRP E 328 20.94 10.28 44.71
CA TRP E 328 19.76 9.97 43.94
C TRP E 328 19.77 8.50 43.52
N LYS E 329 18.59 7.99 43.17
CA LYS E 329 18.47 6.67 42.58
C LYS E 329 17.40 6.72 41.49
N ILE E 330 17.51 5.79 40.54
CA ILE E 330 16.52 5.74 39.47
C ILE E 330 15.23 5.16 40.02
N ASN E 331 14.12 5.85 39.76
CA ASN E 331 12.80 5.32 40.10
C ASN E 331 12.52 4.18 39.13
N LYS E 332 12.73 2.94 39.60
CA LYS E 332 12.62 1.79 38.73
C LYS E 332 11.17 1.50 38.34
N LYS E 333 10.22 1.91 39.18
CA LYS E 333 8.81 1.70 38.86
C LYS E 333 8.36 2.60 37.72
N VAL E 334 8.72 3.88 37.77
CA VAL E 334 8.37 4.81 36.70
C VAL E 334 9.15 4.47 35.43
N LEU E 335 10.41 4.08 35.58
CA LEU E 335 11.22 3.69 34.42
C LEU E 335 10.64 2.47 33.71
N ALA E 336 10.07 1.54 34.48
CA ALA E 336 9.39 0.40 33.88
C ALA E 336 8.21 0.85 33.03
N VAL E 337 7.45 1.84 33.52
CA VAL E 337 6.31 2.35 32.77
C VAL E 337 6.76 3.06 31.52
N ALA E 338 7.78 3.93 31.64
CA ALA E 338 8.25 4.71 30.50
C ALA E 338 8.82 3.82 29.40
N ASN E 339 9.46 2.71 29.75
CA ASN E 339 10.10 1.85 28.76
C ASN E 339 9.10 1.13 27.86
N VAL E 340 7.82 1.08 28.22
CA VAL E 340 6.80 0.42 27.42
C VAL E 340 6.07 1.40 26.52
N ILE E 341 5.63 2.54 27.07
CA ILE E 341 4.81 3.47 26.32
C ILE E 341 5.63 4.18 25.25
N THR E 342 6.91 4.47 25.53
CA THR E 342 7.79 5.07 24.53
C THR E 342 7.94 4.20 23.28
N LYS E 343 7.80 2.88 23.44
CA LYS E 343 7.76 1.99 22.29
C LYS E 343 6.52 2.20 21.44
N TRP E 344 5.46 2.76 22.01
CA TRP E 344 4.18 2.88 21.34
C TRP E 344 3.85 4.29 20.87
N LYS E 345 4.34 5.32 21.55
CA LYS E 345 4.02 6.69 21.21
C LYS E 345 5.30 7.52 21.13
N HIS E 346 5.29 8.52 20.24
CA HIS E 346 6.45 9.39 20.08
C HIS E 346 6.70 10.19 21.35
N CYS E 347 5.68 10.89 21.84
CA CYS E 347 5.71 11.46 23.18
C CYS E 347 4.74 10.69 24.04
N PRO E 348 5.18 10.15 25.17
CA PRO E 348 4.36 9.16 25.91
C PRO E 348 3.04 9.70 26.44
N VAL E 349 2.90 11.01 26.62
CA VAL E 349 1.73 11.56 27.30
C VAL E 349 1.05 12.59 26.41
N GLU E 350 1.19 12.45 25.09
CA GLU E 350 0.78 13.47 24.14
C GLU E 350 -0.62 13.26 23.57
N ASP E 351 -0.83 12.16 22.85
CA ASP E 351 -2.05 11.99 22.05
C ASP E 351 -3.10 11.15 22.77
N ILE E 352 -3.13 11.18 24.09
CA ILE E 352 -4.00 10.34 24.90
C ILE E 352 -5.47 10.66 24.62
N PRO E 353 -6.27 9.68 24.21
CA PRO E 353 -7.70 9.93 23.99
C PRO E 353 -8.41 10.26 25.30
N ALA E 354 -9.36 11.19 25.21
CA ALA E 354 -10.13 11.64 26.36
C ALA E 354 -11.61 11.42 26.07
N ILE E 355 -12.32 10.83 27.03
CA ILE E 355 -13.72 10.50 26.85
C ILE E 355 -14.59 11.61 27.42
N ALA E 376 -4.95 32.26 8.30
CA ALA E 376 -5.30 31.06 9.05
C ALA E 376 -4.68 29.83 8.41
N TRP E 377 -5.01 29.65 7.12
CA TRP E 377 -4.48 28.56 6.33
C TRP E 377 -2.97 28.66 6.18
N LYS E 378 -2.47 29.88 5.95
CA LYS E 378 -1.03 30.11 5.96
C LYS E 378 -0.44 29.89 7.34
N ARG E 379 -1.15 30.30 8.40
CA ARG E 379 -0.67 30.11 9.76
C ARG E 379 -0.73 28.65 10.17
N ALA E 380 -1.76 27.92 9.72
CA ALA E 380 -1.87 26.51 10.07
C ALA E 380 -0.75 25.68 9.44
N ALA E 381 -0.39 26.00 8.19
CA ALA E 381 0.71 25.30 7.53
C ALA E 381 2.04 25.60 8.21
N ALA E 382 2.22 26.82 8.72
CA ALA E 382 3.45 27.16 9.42
C ALA E 382 3.58 26.40 10.73
N ALA E 383 2.46 26.19 11.43
CA ALA E 383 2.50 25.51 12.71
C ALA E 383 2.70 24.00 12.54
N VAL E 384 2.02 23.40 11.55
CA VAL E 384 2.07 21.94 11.42
C VAL E 384 3.42 21.48 10.88
N TYR E 385 4.13 22.34 10.13
CA TYR E 385 5.50 22.04 9.77
C TYR E 385 6.42 22.20 10.98
N ARG E 386 6.15 23.21 11.81
CA ARG E 386 6.92 23.41 13.03
C ARG E 386 6.64 22.28 14.03
N LYS E 387 5.39 21.80 14.09
CA LYS E 387 5.04 20.72 15.01
C LYS E 387 5.82 19.44 14.67
N ASP E 388 5.80 19.04 13.40
CA ASP E 388 6.45 17.79 13.02
C ASP E 388 7.96 17.85 13.24
N LYS E 389 8.56 19.02 12.99
CA LYS E 389 9.97 19.19 13.34
C LYS E 389 10.15 19.28 14.86
N ALA E 390 9.13 19.74 15.59
CA ALA E 390 9.22 19.78 17.05
C ALA E 390 9.11 18.39 17.65
N ARG E 391 8.16 17.58 17.17
CA ARG E 391 8.00 16.23 17.69
C ARG E 391 9.21 15.37 17.36
N LYS E 392 9.79 15.55 16.18
CA LYS E 392 11.01 14.82 15.85
C LYS E 392 12.20 15.34 16.65
N SER E 393 12.21 16.62 17.01
CA SER E 393 13.29 17.15 17.84
C SER E 393 13.14 16.74 19.30
N ARG E 394 11.88 16.67 19.79
CA ARG E 394 11.64 16.29 21.17
C ARG E 394 12.02 14.85 21.45
N ARG E 395 11.85 13.97 20.47
CA ARG E 395 12.10 12.55 20.67
C ARG E 395 13.57 12.25 20.90
N ILE E 396 14.48 12.99 20.24
CA ILE E 396 15.91 12.73 20.38
C ILE E 396 16.36 12.94 21.82
N SER E 397 15.83 13.96 22.48
CA SER E 397 16.11 14.14 23.90
C SER E 397 15.48 13.03 24.74
N LEU E 398 14.31 12.53 24.33
CA LEU E 398 13.62 11.51 25.09
C LEU E 398 14.39 10.18 25.08
N GLU E 399 14.88 9.77 23.90
CA GLU E 399 15.59 8.50 23.82
C GLU E 399 16.93 8.54 24.55
N PHE E 400 17.51 9.73 24.69
CA PHE E 400 18.74 9.83 25.48
C PHE E 400 18.46 9.69 26.96
N MET E 401 17.42 10.37 27.46
CA MET E 401 17.12 10.33 28.89
C MET E 401 16.76 8.93 29.35
N LEU E 402 16.04 8.18 28.51
CA LEU E 402 15.64 6.83 28.86
C LEU E 402 16.85 5.90 28.98
N GLU E 403 17.77 5.98 28.02
CA GLU E 403 18.97 5.15 28.07
C GLU E 403 19.87 5.54 29.24
N GLN E 404 19.86 6.82 29.62
CA GLN E 404 20.57 7.24 30.82
C GLN E 404 19.93 6.66 32.07
N ALA E 405 18.60 6.69 32.16
CA ALA E 405 17.91 6.06 33.28
C ALA E 405 18.05 4.55 33.25
N ASN E 406 18.12 3.96 32.06
CA ASN E 406 18.34 2.52 31.94
C ASN E 406 19.76 2.13 32.30
N LYS E 407 20.72 3.02 32.06
CA LYS E 407 22.12 2.70 32.32
C LYS E 407 22.42 2.63 33.82
N PHE E 408 21.76 3.49 34.60
CA PHE E 408 22.05 3.62 36.03
C PHE E 408 20.92 3.08 36.91
N ALA E 409 20.02 2.28 36.34
CA ALA E 409 18.82 1.85 37.05
C ALA E 409 19.15 0.97 38.25
N ASN E 410 20.14 0.09 38.12
CA ASN E 410 20.45 -0.87 39.16
C ASN E 410 21.26 -0.27 40.30
N HIS E 411 21.90 0.88 40.08
CA HIS E 411 22.87 1.41 41.03
C HIS E 411 22.20 1.79 42.36
N LYS E 412 22.90 1.49 43.46
CA LYS E 412 22.35 1.78 44.78
C LYS E 412 22.19 3.27 45.02
N ALA E 413 23.06 4.09 44.42
CA ALA E 413 22.92 5.54 44.46
C ALA E 413 23.75 6.14 43.34
N ILE E 414 23.27 7.25 42.79
CA ILE E 414 24.04 8.08 41.87
C ILE E 414 24.03 9.51 42.38
N TRP E 415 25.04 10.26 41.98
CA TRP E 415 25.21 11.65 42.40
C TRP E 415 25.35 12.54 41.17
N PHE E 416 25.07 13.82 41.37
CA PHE E 416 25.20 14.80 40.31
C PHE E 416 26.14 15.92 40.74
N PRO E 417 27.16 16.23 39.94
CA PRO E 417 27.97 17.41 40.21
C PRO E 417 27.20 18.68 39.86
N TYR E 418 27.59 19.78 40.48
CA TYR E 418 26.84 21.03 40.34
C TYR E 418 27.76 22.20 40.02
N ASN E 419 27.36 23.01 39.06
CA ASN E 419 28.02 24.23 38.64
C ASN E 419 27.26 25.44 39.17
N MET E 420 27.68 26.63 38.74
CA MET E 420 26.82 27.80 38.78
C MET E 420 27.17 28.68 37.59
N ASP E 421 26.18 29.44 37.12
CA ASP E 421 26.42 30.36 36.01
C ASP E 421 27.07 31.63 36.54
N TRP E 422 27.24 32.63 35.67
CA TRP E 422 27.90 33.85 36.09
C TRP E 422 27.02 34.72 36.98
N ARG E 423 25.73 34.40 37.13
CA ARG E 423 24.86 35.10 38.07
C ARG E 423 24.73 34.40 39.41
N GLY E 424 24.89 33.09 39.46
CA GLY E 424 24.79 32.35 40.71
C GLY E 424 23.72 31.27 40.75
N ARG E 425 22.94 31.10 39.69
CA ARG E 425 22.03 29.96 39.60
C ARG E 425 22.84 28.68 39.50
N VAL E 426 22.41 27.64 40.22
CA VAL E 426 23.17 26.40 40.34
C VAL E 426 22.56 25.35 39.44
N TYR E 427 23.41 24.72 38.61
CA TYR E 427 22.98 23.75 37.62
C TYR E 427 23.73 22.44 37.82
N ALA E 428 23.02 21.33 37.63
CA ALA E 428 23.67 20.03 37.60
C ALA E 428 24.43 19.87 36.28
N VAL E 429 25.60 19.23 36.36
CA VAL E 429 26.55 19.28 35.25
C VAL E 429 26.20 18.26 34.17
N SER E 430 25.78 17.06 34.56
CA SER E 430 25.52 16.01 33.59
C SER E 430 24.30 16.33 32.74
N MET E 431 24.29 15.78 31.52
CA MET E 431 23.19 16.04 30.60
C MET E 431 21.89 15.44 31.11
N PHE E 432 21.96 14.25 31.71
CA PHE E 432 20.84 13.65 32.43
C PHE E 432 20.91 14.13 33.87
N ASN E 433 19.92 14.90 34.30
CA ASN E 433 19.99 15.58 35.58
C ASN E 433 18.58 15.86 36.09
N PRO E 434 18.40 16.08 37.39
CA PRO E 434 17.05 16.34 37.93
C PRO E 434 16.45 17.68 37.53
N GLN E 435 17.19 18.56 36.85
CA GLN E 435 16.65 19.83 36.40
C GLN E 435 16.02 19.74 35.01
N GLY E 436 15.62 18.55 34.58
CA GLY E 436 15.09 18.32 33.25
C GLY E 436 13.58 18.41 33.19
N ASN E 437 13.00 17.73 32.20
CA ASN E 437 11.57 17.78 31.96
C ASN E 437 10.83 16.89 32.96
N ASP E 438 9.51 16.81 32.79
CA ASP E 438 8.66 16.12 33.76
C ASP E 438 8.95 14.63 33.81
N MET E 439 9.18 14.00 32.66
CA MET E 439 9.53 12.58 32.66
C MET E 439 10.88 12.35 33.32
N THR E 440 11.88 13.19 33.00
CA THR E 440 13.22 13.03 33.56
C THR E 440 13.20 13.21 35.08
N LYS E 441 12.44 14.19 35.57
CA LYS E 441 12.26 14.35 37.01
C LYS E 441 11.55 13.13 37.60
N GLY E 442 10.60 12.57 36.86
CA GLY E 442 9.90 11.37 37.33
C GLY E 442 10.80 10.16 37.43
N LEU E 443 11.76 10.02 36.51
CA LEU E 443 12.70 8.90 36.54
C LEU E 443 13.80 9.06 37.58
N LEU E 444 13.75 10.09 38.42
CA LEU E 444 14.81 10.39 39.37
C LEU E 444 14.20 10.65 40.74
N THR E 445 14.44 9.74 41.68
CA THR E 445 14.07 9.91 43.07
C THR E 445 15.32 9.91 43.94
N LEU E 446 15.20 10.41 45.15
CA LEU E 446 16.33 10.37 46.06
C LEU E 446 16.56 8.95 46.56
N ALA E 447 17.79 8.70 47.02
CA ALA E 447 18.18 7.35 47.43
C ALA E 447 17.90 7.10 48.90
N LYS E 448 18.44 7.96 49.78
CA LYS E 448 18.33 7.76 51.22
C LYS E 448 17.10 8.50 51.72
N GLY E 449 16.03 7.74 51.99
CA GLY E 449 14.81 8.28 52.55
C GLY E 449 14.67 7.99 54.03
N LYS E 450 13.55 8.44 54.57
CA LYS E 450 13.21 8.31 55.98
C LYS E 450 11.80 7.76 56.10
N PRO E 451 11.44 7.17 57.25
CA PRO E 451 10.04 6.82 57.50
C PRO E 451 9.16 8.06 57.41
N ILE E 452 8.07 7.93 56.65
CA ILE E 452 7.37 9.11 56.14
C ILE E 452 6.62 9.85 57.26
N GLY E 453 6.03 9.12 58.21
CA GLY E 453 5.31 9.76 59.28
C GLY E 453 4.01 10.41 58.82
N LYS E 454 3.37 11.10 59.76
CA LYS E 454 2.12 11.80 59.46
C LYS E 454 2.37 13.04 58.62
N GLU E 455 3.34 13.86 59.01
CA GLU E 455 3.60 15.12 58.31
C GLU E 455 4.14 14.88 56.90
N GLY E 456 5.01 13.89 56.75
CA GLY E 456 5.52 13.57 55.42
C GLY E 456 4.45 13.04 54.51
N TYR E 457 3.55 12.22 55.04
CA TYR E 457 2.41 11.74 54.27
C TYR E 457 1.49 12.89 53.88
N TYR E 458 1.32 13.87 54.79
CA TYR E 458 0.56 15.07 54.46
C TYR E 458 1.20 15.80 53.29
N TRP E 459 2.52 16.03 53.35
CA TRP E 459 3.18 16.77 52.30
C TRP E 459 3.32 15.96 51.02
N LEU E 460 3.34 14.63 51.14
CA LEU E 460 3.33 13.78 49.95
C LEU E 460 2.03 13.97 49.18
N LYS E 461 0.91 14.05 49.89
CA LYS E 461 -0.37 14.32 49.23
C LYS E 461 -0.42 15.72 48.64
N ILE E 462 0.22 16.69 49.29
CA ILE E 462 0.31 18.04 48.73
C ILE E 462 1.13 18.04 47.45
N HIS E 463 2.25 17.32 47.45
CA HIS E 463 3.08 17.21 46.25
C HIS E 463 2.33 16.51 45.12
N GLY E 464 1.52 15.51 45.46
CA GLY E 464 0.74 14.83 44.44
C GLY E 464 -0.33 15.72 43.84
N ALA E 465 -0.97 16.56 44.66
CA ALA E 465 -1.95 17.51 44.14
C ALA E 465 -1.29 18.54 43.24
N ASN E 466 -0.09 18.99 43.61
CA ASN E 466 0.65 19.92 42.77
C ASN E 466 1.07 19.28 41.46
N CYS E 467 1.40 17.99 41.48
CA CYS E 467 1.77 17.27 40.27
C CYS E 467 0.61 17.13 39.29
N ALA E 468 -0.63 17.25 39.78
CA ALA E 468 -1.81 17.13 38.93
C ALA E 468 -2.31 18.47 38.42
N GLY E 469 -2.04 19.56 39.13
CA GLY E 469 -2.49 20.87 38.70
C GLY E 469 -3.50 21.48 39.65
N VAL E 470 -3.39 21.14 40.93
CA VAL E 470 -4.32 21.60 41.96
C VAL E 470 -3.53 22.56 42.85
N ASP E 471 -2.59 23.28 42.26
CA ASP E 471 -1.72 24.21 42.96
C ASP E 471 -2.35 25.60 43.15
N LYS E 472 -3.58 25.81 42.68
CA LYS E 472 -4.26 27.10 42.80
C LYS E 472 -5.38 27.05 43.84
N VAL E 473 -5.19 26.28 44.90
CA VAL E 473 -6.25 26.02 45.89
C VAL E 473 -5.56 25.74 47.22
N PRO E 474 -6.21 26.02 48.36
CA PRO E 474 -5.51 25.85 49.65
C PRO E 474 -5.24 24.39 50.00
N PHE E 475 -4.40 24.22 51.01
CA PHE E 475 -3.96 22.88 51.42
C PHE E 475 -5.08 21.93 51.81
N PRO E 476 -6.12 22.32 52.59
CA PRO E 476 -7.23 21.37 52.82
C PRO E 476 -7.92 20.91 51.54
N GLU E 477 -8.05 21.78 50.53
CA GLU E 477 -8.66 21.36 49.28
C GLU E 477 -7.69 20.52 48.44
N ARG E 478 -6.39 20.70 48.63
CA ARG E 478 -5.42 19.85 47.93
C ARG E 478 -5.44 18.43 48.49
N ILE E 479 -5.50 18.32 49.82
CA ILE E 479 -5.61 17.00 50.47
C ILE E 479 -6.94 16.35 50.09
N LYS E 480 -8.01 17.13 50.05
CA LYS E 480 -9.34 16.60 49.71
C LYS E 480 -9.38 16.07 48.28
N PHE E 481 -8.66 16.73 47.37
CA PHE E 481 -8.60 16.25 45.98
C PHE E 481 -7.96 14.86 45.90
N ILE E 482 -6.88 14.65 46.66
CA ILE E 482 -6.21 13.36 46.66
C ILE E 482 -7.11 12.26 47.22
N GLU E 483 -7.80 12.56 48.32
CA GLU E 483 -8.69 11.58 48.94
C GLU E 483 -9.91 11.30 48.07
N GLU E 484 -10.42 12.31 47.37
CA GLU E 484 -11.53 12.12 46.44
C GLU E 484 -11.16 11.31 45.21
N ASN E 485 -9.87 11.09 44.97
CA ASN E 485 -9.40 10.32 43.82
C ASN E 485 -8.61 9.10 44.27
N HIS E 486 -8.87 8.60 45.49
CA HIS E 486 -8.03 7.58 46.09
C HIS E 486 -8.02 6.30 45.27
N GLU E 487 -9.18 5.84 44.81
CA GLU E 487 -9.22 4.63 44.00
C GLU E 487 -8.51 4.84 42.67
N ASN E 488 -8.53 6.05 42.13
CA ASN E 488 -7.80 6.33 40.90
C ASN E 488 -6.30 6.20 41.10
N ILE E 489 -5.78 6.79 42.20
CA ILE E 489 -4.34 6.71 42.46
C ILE E 489 -3.91 5.27 42.74
N MET E 490 -4.76 4.50 43.43
CA MET E 490 -4.46 3.09 43.63
C MET E 490 -4.44 2.32 42.32
N ALA E 491 -5.38 2.65 41.41
CA ALA E 491 -5.45 1.97 40.13
C ALA E 491 -4.23 2.25 39.26
N CYS E 492 -3.78 3.52 39.20
CA CYS E 492 -2.56 3.82 38.47
C CYS E 492 -1.33 3.22 39.14
N ALA E 493 -1.30 3.19 40.48
CA ALA E 493 -0.15 2.59 41.15
C ALA E 493 -0.11 1.08 40.95
N LYS E 494 -1.26 0.42 40.90
CA LYS E 494 -1.29 -1.02 40.67
C LYS E 494 -0.99 -1.35 39.22
N SER E 495 -1.76 -0.80 38.29
CA SER E 495 -1.67 -1.17 36.87
C SER E 495 -1.55 0.11 36.04
N PRO E 496 -0.33 0.65 35.93
CA PRO E 496 -0.16 1.97 35.31
C PRO E 496 -0.27 1.98 33.79
N LEU E 497 -0.09 0.84 33.12
CA LEU E 497 -0.33 0.76 31.69
C LEU E 497 -1.78 0.49 31.34
N GLU E 498 -2.67 0.48 32.34
CA GLU E 498 -4.09 0.22 32.11
C GLU E 498 -5.03 1.32 32.59
N ASN E 499 -4.58 2.19 33.48
CA ASN E 499 -5.33 3.37 33.87
C ASN E 499 -4.54 4.60 33.42
N THR E 500 -5.00 5.25 32.35
CA THR E 500 -4.29 6.39 31.77
C THR E 500 -4.50 7.69 32.53
N TRP E 501 -5.16 7.64 33.69
CA TRP E 501 -5.50 8.86 34.42
C TRP E 501 -4.26 9.59 34.94
N TRP E 502 -3.21 8.85 35.31
CA TRP E 502 -1.99 9.50 35.79
C TRP E 502 -1.34 10.36 34.73
N ALA E 503 -1.46 9.95 33.47
CA ALA E 503 -0.82 10.65 32.36
C ALA E 503 -1.66 11.81 31.83
N GLU E 504 -2.92 11.93 32.25
CA GLU E 504 -3.72 13.09 31.89
C GLU E 504 -3.44 14.29 32.77
N GLN E 505 -2.65 14.12 33.83
CA GLN E 505 -2.39 15.20 34.78
C GLN E 505 -1.38 16.19 34.20
N ASP E 506 -1.19 17.29 34.95
CA ASP E 506 -0.32 18.37 34.47
C ASP E 506 1.14 17.92 34.39
N SER E 507 1.60 17.15 35.38
CA SER E 507 2.95 16.60 35.40
C SER E 507 2.83 15.09 35.48
N PRO E 508 2.63 14.42 34.32
CA PRO E 508 2.25 12.98 34.33
C PRO E 508 3.21 12.04 35.03
N PHE E 509 4.48 12.02 34.60
CA PHE E 509 5.43 11.07 35.18
C PHE E 509 5.77 11.43 36.63
N CYS E 510 5.79 12.71 36.97
CA CYS E 510 6.00 13.08 38.36
C CYS E 510 4.78 12.74 39.21
N PHE E 511 3.57 12.81 38.63
CA PHE E 511 2.38 12.37 39.33
C PHE E 511 2.41 10.86 39.54
N LEU E 512 2.89 10.11 38.56
CA LEU E 512 2.98 8.65 38.68
C LEU E 512 4.01 8.24 39.72
N ALA E 513 5.10 9.00 39.86
CA ALA E 513 6.06 8.72 40.92
C ALA E 513 5.42 8.89 42.29
N PHE E 514 4.52 9.87 42.43
CA PHE E 514 3.77 10.04 43.67
C PHE E 514 2.76 8.91 43.87
N CYS E 515 2.27 8.33 42.76
CA CYS E 515 1.26 7.27 42.85
C CYS E 515 1.80 6.05 43.59
N PHE E 516 3.05 5.66 43.30
CA PHE E 516 3.62 4.48 43.94
C PHE E 516 3.90 4.74 45.42
N GLU E 517 4.39 5.93 45.76
CA GLU E 517 4.63 6.24 47.16
C GLU E 517 3.32 6.37 47.94
N TYR E 518 2.26 6.84 47.29
CA TYR E 518 0.95 6.84 47.93
C TYR E 518 0.46 5.42 48.15
N ALA E 519 0.79 4.49 47.26
CA ALA E 519 0.47 3.08 47.48
C ALA E 519 1.31 2.50 48.61
N GLY E 520 2.59 2.87 48.69
CA GLY E 520 3.45 2.37 49.73
C GLY E 520 3.00 2.79 51.12
N VAL E 521 2.45 4.00 51.24
CA VAL E 521 1.89 4.43 52.53
C VAL E 521 0.63 3.66 52.85
N GLN E 522 -0.23 3.44 51.84
CA GLN E 522 -1.47 2.70 52.06
C GLN E 522 -1.20 1.26 52.47
N HIS E 523 -0.25 0.60 51.81
CA HIS E 523 0.02 -0.80 52.07
C HIS E 523 0.83 -1.03 53.34
N HIS E 524 1.78 -0.13 53.63
CA HIS E 524 2.74 -0.36 54.71
C HIS E 524 2.57 0.60 55.88
N GLY E 525 1.56 1.46 55.86
CA GLY E 525 1.33 2.36 56.98
C GLY E 525 2.21 3.59 56.96
N LEU E 526 2.16 4.33 58.07
CA LEU E 526 2.88 5.58 58.23
C LEU E 526 4.36 5.39 58.53
N SER E 527 4.82 4.16 58.71
CA SER E 527 6.23 3.86 58.92
C SER E 527 6.98 3.60 57.61
N TYR E 528 6.33 3.84 56.47
CA TYR E 528 6.88 3.48 55.17
C TYR E 528 8.03 4.40 54.80
N ASN E 529 9.14 3.81 54.37
CA ASN E 529 10.33 4.56 53.99
C ASN E 529 10.09 5.23 52.65
N CYS E 530 10.04 6.56 52.63
CA CYS E 530 9.78 7.34 51.43
C CYS E 530 10.97 8.25 51.15
N SER E 531 11.42 8.25 49.89
CA SER E 531 12.53 9.09 49.46
C SER E 531 12.14 10.00 48.29
N LEU E 532 10.85 10.25 48.10
CA LEU E 532 10.40 11.01 46.94
C LEU E 532 10.71 12.49 47.12
N PRO E 533 11.28 13.16 46.12
CA PRO E 533 11.50 14.61 46.22
C PRO E 533 10.18 15.36 46.12
N LEU E 534 9.82 16.05 47.21
CA LEU E 534 8.61 16.87 47.24
C LEU E 534 9.03 18.32 47.01
N ALA E 535 8.74 18.84 45.82
CA ALA E 535 9.23 20.13 45.39
C ALA E 535 8.27 21.26 45.76
N PHE E 536 8.84 22.40 46.14
CA PHE E 536 8.08 23.60 46.50
C PHE E 536 8.55 24.74 45.62
N ASP E 537 7.64 25.30 44.82
CA ASP E 537 7.96 26.37 43.87
C ASP E 537 7.34 27.68 44.33
N GLY E 538 8.13 28.75 44.30
CA GLY E 538 7.56 30.08 44.43
C GLY E 538 6.72 30.43 43.20
N SER E 539 5.75 31.32 43.41
CA SER E 539 4.80 31.64 42.34
C SER E 539 5.47 32.46 41.24
N CYS E 540 5.92 33.67 41.58
CA CYS E 540 6.70 34.51 40.68
C CYS E 540 7.87 35.04 41.49
N SER E 541 8.97 34.27 41.51
CA SER E 541 10.08 34.54 42.42
C SER E 541 10.78 35.85 42.10
N GLY E 542 10.87 36.21 40.81
CA GLY E 542 11.46 37.49 40.47
C GLY E 542 10.66 38.66 41.02
N ILE E 543 9.34 38.60 40.89
CA ILE E 543 8.49 39.61 41.52
C ILE E 543 8.52 39.47 43.03
N GLN E 544 8.59 38.23 43.52
CA GLN E 544 8.65 37.98 44.97
C GLN E 544 9.87 38.64 45.60
N HIS E 545 11.04 38.43 44.99
CA HIS E 545 12.26 39.05 45.50
C HIS E 545 12.20 40.57 45.37
N PHE E 546 11.69 41.07 44.23
CA PHE E 546 11.59 42.50 44.00
C PHE E 546 10.67 43.16 45.02
N SER E 547 9.58 42.49 45.39
CA SER E 547 8.68 43.03 46.40
C SER E 547 9.33 43.03 47.78
N ALA E 548 10.28 42.12 48.02
CA ALA E 548 10.91 42.03 49.33
C ALA E 548 11.93 43.13 49.56
N MET E 549 12.65 43.58 48.52
CA MET E 549 13.62 44.65 48.70
C MET E 549 12.94 45.98 49.04
N LEU E 550 11.84 46.29 48.35
CA LEU E 550 11.14 47.55 48.55
C LEU E 550 9.92 47.41 49.43
N ARG E 551 9.73 46.24 50.08
CA ARG E 551 8.67 46.01 51.06
C ARG E 551 7.28 46.27 50.49
N ASP E 552 7.06 45.83 49.25
CA ASP E 552 5.79 46.07 48.57
C ASP E 552 4.71 45.17 49.16
N GLU E 553 3.75 45.77 49.86
CA GLU E 553 2.65 44.97 50.41
C GLU E 553 1.69 44.52 49.31
N VAL E 554 1.24 45.45 48.47
CA VAL E 554 0.32 45.08 47.39
C VAL E 554 1.00 44.17 46.39
N GLY E 555 2.27 44.43 46.09
CA GLY E 555 3.03 43.53 45.25
C GLY E 555 3.29 42.19 45.90
N GLY E 556 3.65 42.20 47.20
CA GLY E 556 3.97 40.97 47.88
C GLY E 556 2.77 40.07 48.08
N ARG E 557 1.61 40.66 48.38
CA ARG E 557 0.40 39.88 48.60
C ARG E 557 -0.04 39.16 47.33
N ALA E 558 0.09 39.82 46.18
CA ALA E 558 -0.31 39.21 44.90
C ALA E 558 0.56 38.01 44.53
N VAL E 559 1.75 37.88 45.11
CA VAL E 559 2.58 36.70 44.95
C VAL E 559 2.67 35.92 46.26
N ASN E 560 1.67 36.07 47.13
CA ASN E 560 1.43 35.27 48.33
C ASN E 560 2.51 35.43 49.39
N LEU E 561 3.32 36.49 49.34
CA LEU E 561 4.29 36.73 50.40
C LEU E 561 3.62 37.01 51.74
N LEU E 562 2.37 37.49 51.73
CA LEU E 562 1.51 37.67 52.89
C LEU E 562 0.72 36.41 53.17
N PRO E 563 0.41 36.12 54.44
CA PRO E 563 -0.43 34.94 54.75
C PRO E 563 -1.89 35.20 54.40
N SER E 564 -2.42 34.41 53.46
CA SER E 564 -3.80 34.53 53.03
C SER E 564 -4.46 33.16 53.05
N GLU E 565 -5.78 33.15 53.27
CA GLU E 565 -6.53 31.90 53.24
C GLU E 565 -6.56 31.32 51.83
N THR E 566 -6.69 32.17 50.82
CA THR E 566 -6.68 31.77 49.42
C THR E 566 -5.33 32.11 48.80
N VAL E 567 -4.86 31.24 47.91
CA VAL E 567 -3.62 31.51 47.21
C VAL E 567 -3.87 32.53 46.11
N GLN E 568 -3.13 33.63 46.14
CA GLN E 568 -3.40 34.74 45.24
C GLN E 568 -2.86 34.45 43.84
N ASP E 569 -3.62 34.86 42.84
CA ASP E 569 -3.31 34.60 41.44
C ASP E 569 -2.92 35.93 40.79
N ILE E 570 -1.62 36.11 40.54
CA ILE E 570 -1.11 37.39 40.04
C ILE E 570 -1.67 37.68 38.64
N TYR E 571 -1.80 36.65 37.81
CA TYR E 571 -2.35 36.84 36.47
C TYR E 571 -3.83 37.18 36.55
N GLY E 572 -4.54 36.52 37.48
CA GLY E 572 -5.91 36.91 37.77
C GLY E 572 -6.02 38.30 38.36
N ILE E 573 -5.03 38.70 39.17
CA ILE E 573 -5.02 40.02 39.78
C ILE E 573 -4.96 41.09 38.70
N VAL E 574 -4.04 40.92 37.75
CA VAL E 574 -3.84 41.90 36.68
C VAL E 574 -5.06 41.92 35.76
N ALA E 575 -5.66 40.75 35.52
CA ALA E 575 -6.83 40.69 34.65
C ALA E 575 -8.03 41.42 35.24
N LYS E 576 -8.14 41.48 36.58
CA LYS E 576 -9.19 42.30 37.18
C LYS E 576 -8.93 43.77 36.89
N LYS E 577 -7.68 44.22 37.02
CA LYS E 577 -7.33 45.62 36.78
C LYS E 577 -7.59 46.01 35.33
N VAL E 578 -7.33 45.08 34.41
CA VAL E 578 -7.66 45.28 33.01
C VAL E 578 -9.14 45.56 32.82
N ASN E 579 -9.99 44.73 33.43
CA ASN E 579 -11.43 44.81 33.20
C ASN E 579 -12.00 46.09 33.80
N GLU E 580 -11.34 46.66 34.80
CA GLU E 580 -11.74 47.97 35.30
C GLU E 580 -11.53 49.05 34.25
N ILE E 581 -10.38 49.03 33.57
CA ILE E 581 -10.11 50.02 32.53
C ILE E 581 -11.01 49.79 31.32
N LEU E 582 -11.29 48.52 31.00
CA LEU E 582 -12.18 48.21 29.89
C LEU E 582 -13.58 48.76 30.10
N GLN E 583 -14.12 48.61 31.31
CA GLN E 583 -15.40 49.21 31.63
C GLN E 583 -15.31 50.74 31.63
N ALA E 584 -14.16 51.28 32.03
CA ALA E 584 -13.95 52.72 31.96
C ALA E 584 -13.94 53.21 30.51
N ASP E 585 -13.23 52.49 29.64
CA ASP E 585 -13.10 52.93 28.25
C ASP E 585 -14.35 52.67 27.44
N ALA E 586 -15.09 51.59 27.73
CA ALA E 586 -16.31 51.31 26.97
C ALA E 586 -17.42 52.31 27.24
N ILE E 587 -17.29 53.15 28.26
CA ILE E 587 -18.30 54.15 28.59
C ILE E 587 -17.83 55.55 28.21
N ASN E 588 -16.63 55.92 28.62
CA ASN E 588 -16.10 57.28 28.44
C ASN E 588 -14.85 57.28 27.55
N GLY E 589 -14.85 56.45 26.51
CA GLY E 589 -13.69 56.32 25.65
C GLY E 589 -13.68 57.30 24.49
N THR E 590 -12.60 57.25 23.74
CA THR E 590 -12.42 58.12 22.57
C THR E 590 -13.21 57.58 21.39
N ASP E 591 -13.76 58.49 20.60
CA ASP E 591 -14.52 58.11 19.42
C ASP E 591 -13.59 57.60 18.32
N ASN E 592 -14.20 57.05 17.27
CA ASN E 592 -13.45 56.51 16.15
C ASN E 592 -13.22 57.60 15.11
N GLU E 593 -11.95 57.84 14.78
CA GLU E 593 -11.55 58.84 13.80
C GLU E 593 -11.04 58.13 12.56
N VAL E 594 -11.61 58.45 11.41
CA VAL E 594 -11.14 57.89 10.14
C VAL E 594 -9.97 58.74 9.65
N VAL E 595 -8.90 58.09 9.22
CA VAL E 595 -7.73 58.78 8.72
C VAL E 595 -7.44 58.27 7.31
N THR E 596 -6.88 59.16 6.49
CA THR E 596 -6.51 58.84 5.12
C THR E 596 -5.02 58.51 5.08
N VAL E 597 -4.69 57.34 4.53
CA VAL E 597 -3.32 56.87 4.45
C VAL E 597 -2.94 56.72 2.98
N THR E 598 -1.80 57.30 2.61
CA THR E 598 -1.28 57.20 1.26
C THR E 598 -0.20 56.13 1.23
N ASP E 599 -0.32 55.20 0.29
CA ASP E 599 0.70 54.17 0.11
C ASP E 599 2.02 54.82 -0.28
N GLU E 600 3.11 54.38 0.36
CA GLU E 600 4.41 55.01 0.15
C GLU E 600 4.94 54.73 -1.25
N ASN E 601 4.61 53.57 -1.82
CA ASN E 601 5.17 53.15 -3.10
C ASN E 601 4.17 53.25 -4.25
N THR E 602 2.96 52.71 -4.08
CA THR E 602 1.96 52.83 -5.14
C THR E 602 1.31 54.21 -5.17
N GLY E 603 1.20 54.87 -4.02
CA GLY E 603 0.51 56.14 -3.97
C GLY E 603 -0.99 56.05 -3.86
N GLU E 604 -1.54 54.85 -3.67
CA GLU E 604 -2.98 54.68 -3.59
C GLU E 604 -3.52 55.29 -2.30
N ILE E 605 -4.56 56.09 -2.42
CA ILE E 605 -5.17 56.77 -1.28
C ILE E 605 -6.35 55.92 -0.81
N SER E 606 -6.34 55.55 0.46
CA SER E 606 -7.41 54.80 1.08
C SER E 606 -7.75 55.45 2.42
N GLU E 607 -8.97 55.19 2.89
CA GLU E 607 -9.40 55.67 4.20
C GLU E 607 -9.60 54.46 5.11
N LYS E 608 -8.92 54.47 6.24
CA LYS E 608 -8.96 53.40 7.22
C LYS E 608 -9.39 53.99 8.56
N VAL E 609 -10.12 53.19 9.34
CA VAL E 609 -10.62 53.67 10.62
C VAL E 609 -9.63 53.29 11.72
N LYS E 610 -9.16 54.29 12.47
CA LYS E 610 -8.37 54.07 13.67
C LYS E 610 -9.34 54.00 14.83
N LEU E 611 -9.52 52.79 15.37
CA LEU E 611 -10.55 52.57 16.38
C LEU E 611 -10.19 53.30 17.67
N GLY E 612 -11.16 54.01 18.22
CA GLY E 612 -10.98 54.64 19.51
C GLY E 612 -11.04 53.62 20.63
N THR E 613 -10.72 54.10 21.84
CA THR E 613 -10.68 53.21 23.00
C THR E 613 -12.06 52.71 23.40
N LYS E 614 -13.13 53.43 23.04
CA LYS E 614 -14.47 52.96 23.35
C LYS E 614 -14.85 51.75 22.52
N ALA E 615 -14.57 51.79 21.21
CA ALA E 615 -14.85 50.63 20.37
C ALA E 615 -13.88 49.49 20.65
N LEU E 616 -12.63 49.80 20.98
CA LEU E 616 -11.66 48.76 21.30
C LEU E 616 -12.03 48.02 22.58
N ALA E 617 -12.49 48.76 23.60
CA ALA E 617 -12.92 48.13 24.85
C ALA E 617 -14.17 47.29 24.65
N GLY E 618 -15.00 47.65 23.68
CA GLY E 618 -16.16 46.82 23.37
C GLY E 618 -15.75 45.46 22.81
N GLN E 619 -14.66 45.42 22.03
CA GLN E 619 -14.18 44.17 21.48
C GLN E 619 -13.65 43.25 22.58
N TRP E 620 -12.87 43.80 23.52
CA TRP E 620 -12.25 42.98 24.54
C TRP E 620 -13.25 42.55 25.61
N LEU E 621 -14.22 43.40 25.93
CA LEU E 621 -15.30 42.99 26.82
C LEU E 621 -16.17 41.91 26.19
N ALA E 622 -16.35 41.96 24.87
CA ALA E 622 -17.07 40.89 24.17
C ALA E 622 -16.27 39.60 24.17
N TYR E 623 -14.94 39.68 24.22
CA TYR E 623 -14.11 38.49 24.28
C TYR E 623 -14.11 37.88 25.68
N GLY E 624 -13.91 38.70 26.70
CA GLY E 624 -13.78 38.22 28.05
C GLY E 624 -12.31 38.06 28.40
N VAL E 625 -11.77 38.98 29.18
CA VAL E 625 -10.34 38.97 29.49
C VAL E 625 -10.12 38.26 30.81
N THR E 626 -9.43 37.13 30.74
CA THR E 626 -9.13 36.28 31.88
C THR E 626 -7.62 36.23 32.08
N ARG E 627 -7.18 35.37 32.99
CA ARG E 627 -5.75 35.25 33.27
C ARG E 627 -4.96 34.72 32.08
N SER E 628 -5.63 34.05 31.13
CA SER E 628 -4.92 33.54 29.95
C SER E 628 -4.41 34.67 29.07
N VAL E 629 -5.10 35.81 29.05
CA VAL E 629 -4.66 36.95 28.24
C VAL E 629 -3.42 37.59 28.85
N THR E 630 -3.39 37.74 30.17
CA THR E 630 -2.36 38.51 30.86
C THR E 630 -1.22 37.67 31.40
N LYS E 631 -1.25 36.35 31.23
CA LYS E 631 -0.30 35.47 31.91
C LYS E 631 1.13 35.64 31.38
N ARG E 632 1.30 35.69 30.07
CA ARG E 632 2.63 35.79 29.49
C ARG E 632 3.30 37.11 29.85
N SER E 633 2.52 38.19 29.88
CA SER E 633 3.07 39.51 30.14
C SER E 633 3.64 39.63 31.54
N VAL E 634 2.96 39.06 32.54
CA VAL E 634 3.49 39.08 33.89
C VAL E 634 4.70 38.17 34.01
N MET E 635 4.66 37.02 33.32
CA MET E 635 5.80 36.10 33.33
C MET E 635 7.05 36.73 32.74
N THR E 636 6.91 37.39 31.59
CA THR E 636 8.05 37.99 30.92
C THR E 636 8.42 39.36 31.47
N LEU E 637 7.68 39.84 32.48
CA LEU E 637 7.99 41.14 33.08
C LEU E 637 9.38 41.13 33.73
N ALA E 638 9.72 40.05 34.42
CA ALA E 638 11.03 39.93 35.05
C ALA E 638 12.16 39.76 34.03
N TYR E 639 11.83 39.49 32.77
CA TYR E 639 12.82 39.40 31.70
C TYR E 639 13.00 40.73 30.97
N GLY E 640 12.33 41.80 31.41
CA GLY E 640 12.48 43.10 30.81
C GLY E 640 11.36 43.53 29.89
N SER E 641 10.30 42.73 29.75
CA SER E 641 9.23 43.07 28.83
C SER E 641 8.42 44.25 29.37
N LYS E 642 7.93 45.06 28.43
CA LYS E 642 7.17 46.27 28.73
C LYS E 642 6.02 46.32 27.73
N GLU E 643 5.42 47.50 27.58
CA GLU E 643 4.20 47.65 26.80
C GLU E 643 4.38 47.19 25.35
N PHE E 644 5.56 47.42 24.76
CA PHE E 644 5.77 46.99 23.38
C PHE E 644 5.78 45.46 23.27
N GLY E 645 6.56 44.80 24.11
CA GLY E 645 6.66 43.35 24.06
C GLY E 645 5.36 42.65 24.38
N PHE E 646 4.48 43.30 25.14
CA PHE E 646 3.17 42.75 25.42
C PHE E 646 2.31 42.70 24.17
N ARG E 647 2.53 43.63 23.24
CA ARG E 647 1.70 43.73 22.03
C ARG E 647 1.84 42.50 21.15
N GLN E 648 3.08 42.03 20.97
CA GLN E 648 3.30 40.80 20.22
C GLN E 648 2.88 39.57 21.00
N GLN E 649 2.90 39.64 22.34
CA GLN E 649 2.48 38.50 23.14
C GLN E 649 0.98 38.24 23.02
N VAL E 650 0.15 39.27 23.20
CA VAL E 650 -1.29 39.06 23.18
C VAL E 650 -1.80 38.82 21.76
N LEU E 651 -1.03 39.20 20.74
CA LEU E 651 -1.43 38.83 19.39
C LEU E 651 -1.16 37.35 19.13
N GLU E 652 0.00 36.85 19.56
CA GLU E 652 0.34 35.45 19.32
C GLU E 652 -0.41 34.50 20.22
N ASP E 653 -0.75 34.93 21.44
CA ASP E 653 -1.38 34.04 22.41
C ASP E 653 -2.90 34.12 22.44
N THR E 654 -3.48 35.27 22.10
CA THR E 654 -4.91 35.45 22.23
C THR E 654 -5.61 35.74 20.91
N ILE E 655 -5.14 36.73 20.15
CA ILE E 655 -5.92 37.22 19.01
C ILE E 655 -5.79 36.29 17.81
N GLN E 656 -4.55 35.97 17.41
CA GLN E 656 -4.35 35.02 16.31
C GLN E 656 -4.92 33.63 16.59
N PRO E 657 -4.76 33.02 17.79
CA PRO E 657 -5.47 31.76 18.04
C PRO E 657 -6.99 31.87 17.96
N ALA E 658 -7.57 33.01 18.36
CA ALA E 658 -9.03 33.12 18.42
C ALA E 658 -9.63 33.19 17.02
N ILE E 659 -9.04 33.99 16.13
CA ILE E 659 -9.60 34.16 14.79
C ILE E 659 -9.43 32.90 13.96
N ASP E 660 -8.37 32.13 14.21
CA ASP E 660 -8.22 30.83 13.56
C ASP E 660 -9.26 29.84 14.03
N SER E 661 -9.65 29.90 15.31
CA SER E 661 -10.57 28.92 15.87
C SER E 661 -12.01 29.16 15.45
N GLY E 662 -12.42 30.42 15.30
CA GLY E 662 -13.80 30.73 14.99
C GLY E 662 -14.32 31.91 15.80
N LYS E 663 -13.70 32.14 16.96
CA LYS E 663 -13.96 33.35 17.75
C LYS E 663 -13.15 34.49 17.10
N GLY E 664 -13.03 35.63 17.76
CA GLY E 664 -12.32 36.74 17.18
C GLY E 664 -13.10 37.52 16.15
N LEU E 665 -14.43 37.42 16.17
CA LEU E 665 -15.25 38.25 15.30
C LEU E 665 -15.12 39.72 15.67
N MET E 666 -14.86 40.00 16.94
CA MET E 666 -14.75 41.39 17.38
C MET E 666 -13.48 42.06 16.86
N PHE E 667 -12.37 41.31 16.77
CA PHE E 667 -11.08 41.88 16.39
C PHE E 667 -11.09 42.19 14.90
N THR E 668 -11.70 43.34 14.56
CA THR E 668 -11.74 43.79 13.17
C THR E 668 -10.34 44.16 12.68
N GLN E 669 -9.59 44.88 13.49
CA GLN E 669 -8.18 45.20 13.21
C GLN E 669 -7.33 44.59 14.30
N PRO E 670 -6.70 43.43 14.06
CA PRO E 670 -6.00 42.72 15.14
C PRO E 670 -4.82 43.49 15.73
N ASN E 671 -4.09 44.26 14.92
CA ASN E 671 -2.96 45.02 15.44
C ASN E 671 -3.42 46.14 16.36
N GLN E 672 -4.53 46.80 16.01
CA GLN E 672 -5.07 47.86 16.86
C GLN E 672 -5.56 47.29 18.19
N ALA E 673 -6.16 46.09 18.16
CA ALA E 673 -6.62 45.46 19.39
C ALA E 673 -5.46 45.02 20.27
N ALA E 674 -4.42 44.44 19.65
CA ALA E 674 -3.27 43.95 20.40
C ALA E 674 -2.51 45.08 21.07
N GLY E 675 -2.30 46.19 20.36
CA GLY E 675 -1.62 47.33 20.95
C GLY E 675 -2.43 47.99 22.04
N TYR E 676 -3.75 48.04 21.88
CA TYR E 676 -4.60 48.61 22.92
C TYR E 676 -4.55 47.78 24.20
N MET E 677 -4.53 46.46 24.07
CA MET E 677 -4.46 45.59 25.25
C MET E 677 -3.09 45.69 25.92
N ALA E 678 -2.04 45.82 25.12
CA ALA E 678 -0.69 45.93 25.66
C ALA E 678 -0.53 47.18 26.53
N LYS E 679 -1.20 48.26 26.14
CA LYS E 679 -1.26 49.43 27.00
C LYS E 679 -1.98 49.13 28.30
N LEU E 680 -3.09 48.39 28.22
CA LEU E 680 -3.89 48.13 29.41
C LEU E 680 -3.28 47.07 30.31
N ILE E 681 -2.58 46.08 29.74
CA ILE E 681 -1.85 45.13 30.57
C ILE E 681 -0.75 45.85 31.34
N TRP E 682 0.07 46.63 30.63
CA TRP E 682 1.19 47.31 31.26
C TRP E 682 0.72 48.33 32.29
N GLU E 683 -0.39 49.04 31.99
CA GLU E 683 -0.99 49.92 32.98
C GLU E 683 -1.46 49.16 34.21
N SER E 684 -1.93 47.93 34.01
CA SER E 684 -2.42 47.11 35.11
C SER E 684 -1.29 46.50 35.93
N VAL E 685 -0.24 46.02 35.26
CA VAL E 685 0.91 45.45 35.97
C VAL E 685 1.63 46.53 36.77
N SER E 686 1.67 47.75 36.24
CA SER E 686 2.41 48.84 36.88
C SER E 686 1.82 49.21 38.24
N VAL E 687 0.50 49.12 38.38
CA VAL E 687 -0.12 49.45 39.66
C VAL E 687 -0.28 48.23 40.57
N THR E 688 -0.20 47.01 40.01
CA THR E 688 -0.23 45.82 40.85
C THR E 688 1.07 45.67 41.63
N VAL E 689 2.18 45.60 40.92
CA VAL E 689 3.48 45.34 41.52
C VAL E 689 4.35 46.55 41.20
N VAL E 690 4.31 47.55 42.09
CA VAL E 690 5.03 48.79 41.77
C VAL E 690 6.52 48.63 42.06
N ALA E 691 6.90 47.81 43.04
CA ALA E 691 8.31 47.59 43.32
C ALA E 691 8.98 46.76 42.24
N ALA E 692 8.21 45.93 41.54
CA ALA E 692 8.77 45.14 40.45
C ALA E 692 9.26 46.02 39.32
N VAL E 693 8.50 47.05 38.96
CA VAL E 693 8.87 47.91 37.85
C VAL E 693 9.69 49.13 38.27
N GLU E 694 9.58 49.56 39.52
CA GLU E 694 10.40 50.68 39.99
C GLU E 694 11.86 50.28 40.10
N ALA E 695 12.13 49.10 40.67
CA ALA E 695 13.50 48.61 40.77
C ALA E 695 14.07 48.24 39.40
N MET E 696 13.23 47.70 38.51
CA MET E 696 13.71 47.32 37.18
C MET E 696 14.09 48.53 36.34
N ASN E 697 13.47 49.69 36.60
CA ASN E 697 13.90 50.91 35.92
C ASN E 697 15.11 51.53 36.63
N TRP E 698 15.16 51.43 37.95
CA TRP E 698 16.31 51.92 38.70
C TRP E 698 17.57 51.13 38.37
N LEU E 699 17.44 49.80 38.24
CA LEU E 699 18.56 48.98 37.80
C LEU E 699 18.96 49.30 36.37
N LYS E 700 17.98 49.53 35.50
CA LYS E 700 18.26 49.87 34.11
C LYS E 700 18.92 51.24 34.00
N SER E 701 18.49 52.19 34.84
CA SER E 701 19.11 53.51 34.85
C SER E 701 20.56 53.43 35.32
N ALA E 702 20.84 52.54 36.26
CA ALA E 702 22.20 52.36 36.75
C ALA E 702 23.12 51.81 35.66
N ALA E 703 22.63 50.87 34.85
CA ALA E 703 23.48 50.26 33.84
C ALA E 703 23.77 51.21 32.69
N LYS E 704 22.81 52.08 32.35
CA LYS E 704 23.01 53.00 31.23
C LYS E 704 24.04 54.08 31.57
N LEU E 705 24.17 54.42 32.85
CA LEU E 705 25.20 55.38 33.24
C LEU E 705 26.59 54.75 33.18
N LEU E 706 26.72 53.52 33.68
CA LEU E 706 28.03 52.87 33.73
C LEU E 706 28.50 52.45 32.34
N ALA E 707 27.58 52.04 31.48
CA ALA E 707 27.94 51.63 30.12
C ALA E 707 28.22 52.80 29.20
N ALA E 708 27.94 54.02 29.65
CA ALA E 708 28.16 55.20 28.81
C ALA E 708 29.65 55.48 28.66
N GLU E 709 30.03 55.85 27.43
CA GLU E 709 31.37 56.37 27.14
C GLU E 709 31.26 57.90 27.13
N VAL E 710 31.22 58.48 28.32
CA VAL E 710 31.00 59.92 28.42
C VAL E 710 32.27 60.65 28.01
N LYS E 711 32.15 61.52 27.01
CA LYS E 711 33.27 62.25 26.45
C LYS E 711 32.98 63.74 26.51
N ASP E 712 34.04 64.52 26.70
CA ASP E 712 33.93 65.96 26.56
C ASP E 712 33.58 66.29 25.11
N LYS E 713 32.58 67.17 24.93
CA LYS E 713 31.97 67.33 23.62
C LYS E 713 32.93 67.96 22.61
N LYS E 714 33.71 68.96 23.02
CA LYS E 714 34.54 69.67 22.08
C LYS E 714 35.75 68.85 21.65
N THR E 715 36.54 68.37 22.62
CA THR E 715 37.76 67.64 22.28
C THR E 715 37.50 66.20 21.88
N GLY E 716 36.40 65.60 22.35
CA GLY E 716 36.14 64.20 22.11
C GLY E 716 36.87 63.25 23.03
N GLU E 717 37.66 63.76 23.97
CA GLU E 717 38.42 62.92 24.88
C GLU E 717 37.49 62.19 25.85
N ILE E 718 37.81 60.93 26.10
CA ILE E 718 37.01 60.11 27.01
C ILE E 718 37.33 60.54 28.44
N LEU E 719 36.30 60.98 29.17
CA LEU E 719 36.48 61.26 30.59
C LEU E 719 36.30 59.99 31.42
N ARG E 720 35.30 59.18 31.11
CA ARG E 720 35.11 57.89 31.73
C ARG E 720 34.79 56.85 30.66
N LYS E 721 35.39 55.67 30.80
CA LYS E 721 35.19 54.60 29.85
C LYS E 721 33.85 53.92 30.11
N ARG E 722 33.55 52.89 29.31
CA ARG E 722 32.42 52.03 29.61
C ARG E 722 32.76 51.18 30.82
N CYS E 723 32.08 51.40 31.93
CA CYS E 723 32.33 50.68 33.17
C CYS E 723 31.30 49.57 33.32
N ALA E 724 31.77 48.38 33.70
CA ALA E 724 30.89 47.25 33.86
C ALA E 724 30.14 47.32 35.19
N VAL E 725 29.13 46.47 35.31
CA VAL E 725 28.28 46.42 36.50
C VAL E 725 28.66 45.20 37.33
N HIS E 726 28.84 45.41 38.63
CA HIS E 726 29.23 44.35 39.55
C HIS E 726 28.52 44.55 40.88
N TRP E 727 28.12 43.45 41.50
CA TRP E 727 27.54 43.50 42.85
C TRP E 727 27.93 42.23 43.60
N VAL E 728 27.49 42.14 44.85
CA VAL E 728 27.74 40.98 45.70
C VAL E 728 26.41 40.53 46.30
N THR E 729 26.11 39.25 46.15
CA THR E 729 24.89 38.68 46.69
C THR E 729 25.03 38.54 48.21
N PRO E 730 23.90 38.48 48.93
CA PRO E 730 23.98 38.47 50.41
C PRO E 730 24.71 37.28 51.01
N ASP E 731 24.90 36.19 50.28
CA ASP E 731 25.68 35.06 50.77
C ASP E 731 27.12 35.08 50.26
N GLY E 732 27.54 36.15 49.60
CA GLY E 732 28.93 36.37 49.30
C GLY E 732 29.42 36.01 47.90
N PHE E 733 28.51 35.79 46.95
CA PHE E 733 28.91 35.46 45.59
C PHE E 733 29.00 36.73 44.75
N PRO E 734 30.18 37.10 44.26
CA PRO E 734 30.28 38.26 43.37
C PRO E 734 29.90 37.88 41.94
N VAL E 735 29.70 38.91 41.12
CA VAL E 735 29.14 38.76 39.79
C VAL E 735 29.54 39.97 38.95
N TRP E 736 29.92 39.73 37.69
CA TRP E 736 30.38 40.77 36.79
C TRP E 736 29.59 40.69 35.50
N GLN E 737 28.86 41.76 35.18
CA GLN E 737 28.09 41.87 33.95
C GLN E 737 28.91 42.68 32.95
N GLU E 738 29.69 41.96 32.13
CA GLU E 738 30.46 42.57 31.03
C GLU E 738 29.93 42.00 29.72
N TYR E 739 28.87 42.60 29.19
CA TYR E 739 28.37 42.22 27.87
C TYR E 739 29.29 42.82 26.82
N LYS E 740 29.85 41.96 25.98
CA LYS E 740 30.89 42.37 25.03
C LYS E 740 30.36 42.26 23.61
N LYS E 741 30.44 43.37 22.86
CA LYS E 741 30.06 43.61 21.49
C LYS E 741 31.29 43.66 20.59
N PRO E 742 31.27 42.99 19.45
CA PRO E 742 32.37 43.13 18.48
C PRO E 742 32.29 44.46 17.74
N ILE E 743 33.45 44.91 17.27
CA ILE E 743 33.51 46.18 16.54
C ILE E 743 33.12 45.97 15.07
N GLN E 744 33.53 44.85 14.49
CA GLN E 744 33.32 44.61 13.07
C GLN E 744 32.86 43.17 12.83
N THR E 745 31.85 43.02 11.96
CA THR E 745 31.36 41.70 11.58
C THR E 745 30.63 41.83 10.23
N ARG E 746 30.49 40.69 9.56
CA ARG E 746 29.78 40.60 8.29
C ARG E 746 28.74 39.51 8.36
N LEU E 747 27.54 39.80 7.85
CA LEU E 747 26.45 38.85 7.75
C LEU E 747 25.94 38.82 6.32
N ASN E 748 25.61 37.63 5.84
CA ASN E 748 25.21 37.43 4.44
C ASN E 748 23.80 36.82 4.38
N LEU E 749 23.15 37.03 3.23
CA LEU E 749 21.81 36.50 3.03
C LEU E 749 21.84 35.02 2.64
N MET E 750 22.41 34.72 1.47
CA MET E 750 22.38 33.36 0.96
C MET E 750 23.28 32.44 1.76
N PHE E 751 24.46 32.92 2.13
CA PHE E 751 25.37 32.12 2.91
C PHE E 751 25.00 32.19 4.38
N LEU E 752 25.72 31.43 5.21
CA LEU E 752 25.55 31.52 6.65
C LEU E 752 25.96 32.89 7.17
N GLY E 753 27.08 33.42 6.64
CA GLY E 753 27.59 34.70 7.09
C GLY E 753 28.00 34.70 8.56
N GLN E 754 28.39 33.53 9.08
CA GLN E 754 28.42 33.32 10.52
C GLN E 754 29.48 34.17 11.21
N PHE E 755 30.64 34.34 10.58
CA PHE E 755 31.77 34.97 11.24
C PHE E 755 32.46 35.95 10.30
N ARG E 756 33.28 36.82 10.89
CA ARG E 756 34.16 37.71 10.15
C ARG E 756 35.45 37.92 10.92
N ASP E 766 39.42 44.74 18.68
CA ASP E 766 39.05 44.02 19.89
C ASP E 766 37.54 44.06 20.09
N SER E 767 37.12 44.17 21.36
CA SER E 767 35.72 44.10 21.73
C SER E 767 35.39 45.24 22.69
N GLU E 768 34.21 45.84 22.50
CA GLU E 768 33.71 46.91 23.34
C GLU E 768 32.58 46.40 24.22
N ILE E 769 32.32 47.13 25.30
CA ILE E 769 31.19 46.80 26.17
C ILE E 769 29.90 47.12 25.42
N ASP E 770 29.01 46.13 25.34
CA ASP E 770 27.71 46.30 24.69
C ASP E 770 26.81 47.07 25.64
N ALA E 771 26.62 48.37 25.36
CA ALA E 771 25.81 49.21 26.22
C ALA E 771 24.37 48.74 26.27
N HIS E 772 23.80 48.38 25.12
CA HIS E 772 22.39 48.01 25.09
C HIS E 772 22.14 46.70 25.83
N LYS E 773 23.07 45.76 25.75
CA LYS E 773 22.91 44.48 26.43
C LYS E 773 23.06 44.63 27.95
N GLN E 774 23.86 45.61 28.39
CA GLN E 774 23.99 45.85 29.82
C GLN E 774 22.66 46.32 30.41
N GLU E 775 21.97 47.24 29.74
CA GLU E 775 20.71 47.75 30.29
C GLU E 775 19.61 46.71 30.18
N SER E 776 19.61 45.93 29.09
CA SER E 776 18.55 44.95 28.88
C SER E 776 18.58 43.85 29.93
N GLY E 777 19.78 43.43 30.33
CA GLY E 777 19.93 42.29 31.22
C GLY E 777 20.24 42.57 32.67
N ILE E 778 20.42 43.84 33.07
CA ILE E 778 20.85 44.14 34.44
C ILE E 778 19.76 43.73 35.44
N ALA E 779 18.51 44.02 35.14
CA ALA E 779 17.42 43.68 36.05
C ALA E 779 17.09 42.19 36.07
N PRO E 780 17.05 41.45 34.94
CA PRO E 780 16.85 40.00 35.06
C PRO E 780 18.02 39.27 35.69
N ASN E 781 19.26 39.71 35.44
CA ASN E 781 20.41 39.01 36.03
C ASN E 781 20.55 39.30 37.51
N PHE E 782 19.97 40.39 38.00
CA PHE E 782 20.10 40.74 39.41
C PHE E 782 19.22 39.86 40.31
N VAL E 783 17.97 39.60 39.90
CA VAL E 783 17.12 38.71 40.68
C VAL E 783 17.64 37.28 40.62
N HIS E 784 18.10 36.84 39.46
CA HIS E 784 18.64 35.50 39.34
C HIS E 784 19.89 35.34 40.20
N SER E 785 20.64 36.43 40.38
CA SER E 785 21.67 36.45 41.42
C SER E 785 21.04 36.40 42.82
N GLN E 786 19.93 37.10 43.02
CA GLN E 786 19.35 37.20 44.36
C GLN E 786 18.68 35.89 44.78
N ASP E 787 17.97 35.24 43.86
CA ASP E 787 17.34 33.95 44.21
C ASP E 787 18.39 32.86 44.38
N GLY E 788 19.49 32.93 43.62
CA GLY E 788 20.57 31.99 43.82
C GLY E 788 21.19 32.09 45.19
N SER E 789 21.37 33.32 45.69
CA SER E 789 21.79 33.50 47.07
C SER E 789 20.74 32.99 48.03
N HIS E 790 19.47 33.20 47.71
CA HIS E 790 18.40 32.67 48.55
C HIS E 790 18.38 31.14 48.55
N LEU E 791 18.58 30.54 47.37
CA LEU E 791 18.68 29.08 47.30
C LEU E 791 19.90 28.58 48.05
N ARG E 792 21.05 29.23 47.85
CA ARG E 792 22.28 28.79 48.50
C ARG E 792 22.17 28.91 50.02
N LYS E 793 21.59 30.00 50.51
CA LYS E 793 21.39 30.15 51.94
C LYS E 793 20.40 29.13 52.48
N THR E 794 19.36 28.82 51.69
CA THR E 794 18.37 27.82 52.12
C THR E 794 18.99 26.45 52.27
N VAL E 795 19.85 26.05 51.32
CA VAL E 795 20.47 24.73 51.37
C VAL E 795 21.35 24.58 52.59
N VAL E 796 22.15 25.61 52.92
CA VAL E 796 22.99 25.49 54.10
C VAL E 796 22.17 25.68 55.39
N TRP E 797 21.06 26.41 55.33
CA TRP E 797 20.22 26.56 56.53
C TRP E 797 19.41 25.30 56.79
N ALA E 798 18.91 24.67 55.74
CA ALA E 798 18.21 23.40 55.89
C ALA E 798 19.17 22.30 56.33
N HIS E 799 20.40 22.32 55.81
CA HIS E 799 21.36 21.27 56.16
C HIS E 799 21.86 21.39 57.59
N GLU E 800 21.88 22.60 58.15
CA GLU E 800 22.54 22.82 59.43
C GLU E 800 21.58 22.95 60.60
N LYS E 801 20.58 23.85 60.50
CA LYS E 801 19.62 24.00 61.59
C LYS E 801 18.76 22.74 61.73
N TYR E 802 18.28 22.23 60.61
CA TYR E 802 17.55 20.97 60.57
C TYR E 802 18.44 19.93 59.89
N GLY E 803 17.92 18.72 59.73
CA GLY E 803 18.74 17.60 59.35
C GLY E 803 18.78 17.23 57.88
N ILE E 804 18.34 18.12 56.97
CA ILE E 804 18.14 17.73 55.58
C ILE E 804 19.48 17.46 54.91
N GLU E 805 19.61 16.28 54.31
CA GLU E 805 20.79 15.88 53.57
C GLU E 805 20.57 15.73 52.08
N SER E 806 19.34 15.48 51.64
CA SER E 806 19.01 15.31 50.24
C SER E 806 18.28 16.54 49.72
N PHE E 807 18.73 17.06 48.59
CA PHE E 807 18.19 18.30 48.04
C PHE E 807 17.86 18.11 46.57
N ALA E 808 16.61 18.39 46.21
CA ALA E 808 16.17 18.49 44.82
C ALA E 808 16.11 19.97 44.48
N LEU E 809 17.03 20.43 43.64
CA LEU E 809 17.23 21.85 43.41
C LEU E 809 17.08 22.18 41.93
N ILE E 810 15.99 22.84 41.58
CA ILE E 810 15.86 23.61 40.35
C ILE E 810 15.60 25.05 40.78
N HIS E 811 16.40 25.97 40.28
CA HIS E 811 16.49 27.34 40.81
C HIS E 811 15.12 28.03 40.83
N ASP E 812 14.69 28.38 42.06
CA ASP E 812 13.38 28.83 42.58
C ASP E 812 12.44 27.68 42.95
N SER E 813 12.95 26.44 42.96
CA SER E 813 12.20 25.29 43.46
C SER E 813 13.07 24.51 44.43
N PHE E 814 12.45 23.95 45.47
CA PHE E 814 13.19 23.29 46.55
C PHE E 814 12.50 21.98 46.91
N GLY E 815 13.26 20.90 46.95
CA GLY E 815 12.69 19.59 47.21
C GLY E 815 13.57 18.76 48.13
N THR E 816 12.93 17.85 48.86
CA THR E 816 13.60 16.91 49.75
C THR E 816 12.66 15.74 50.02
N ILE E 817 13.12 14.80 50.85
CA ILE E 817 12.36 13.62 51.22
C ILE E 817 11.17 14.06 52.08
N PRO E 818 10.05 13.30 52.08
CA PRO E 818 8.84 13.77 52.78
C PRO E 818 9.01 14.01 54.27
N ALA E 819 9.79 13.19 54.97
CA ALA E 819 9.99 13.40 56.40
C ALA E 819 10.78 14.68 56.69
N ASP E 820 11.51 15.19 55.69
CA ASP E 820 12.21 16.47 55.79
C ASP E 820 11.45 17.60 55.12
N ALA E 821 10.27 17.32 54.53
CA ALA E 821 9.60 18.30 53.69
C ALA E 821 9.05 19.46 54.50
N ALA E 822 8.58 19.21 55.72
CA ALA E 822 8.06 20.29 56.55
C ALA E 822 9.16 21.26 56.97
N ASN E 823 10.39 20.76 57.16
CA ASN E 823 11.47 21.61 57.60
C ASN E 823 12.08 22.43 56.47
N LEU E 824 12.13 21.89 55.25
CA LEU E 824 12.54 22.69 54.11
C LEU E 824 11.53 23.81 53.84
N PHE E 825 10.25 23.51 54.03
CA PHE E 825 9.19 24.52 53.98
C PHE E 825 9.44 25.64 54.97
N LYS E 826 9.92 25.30 56.17
CA LYS E 826 10.22 26.31 57.18
C LYS E 826 11.54 27.03 56.90
N ALA E 827 12.56 26.29 56.45
CA ALA E 827 13.90 26.87 56.32
C ALA E 827 13.96 27.88 55.18
N VAL E 828 13.27 27.59 54.07
CA VAL E 828 13.35 28.49 52.92
C VAL E 828 12.66 29.82 53.21
N ARG E 829 11.63 29.82 54.06
CA ARG E 829 11.06 31.08 54.50
C ARG E 829 12.00 31.80 55.47
N GLU E 830 12.70 31.02 56.31
CA GLU E 830 13.59 31.61 57.30
C GLU E 830 14.76 32.33 56.65
N THR E 831 15.27 31.81 55.53
CA THR E 831 16.40 32.47 54.87
C THR E 831 15.96 33.77 54.20
N MET E 832 14.86 33.73 53.45
CA MET E 832 14.46 34.90 52.67
C MET E 832 13.99 36.04 53.57
N VAL E 833 13.39 35.72 54.71
CA VAL E 833 13.10 36.74 55.71
C VAL E 833 14.40 37.31 56.27
N ASP E 834 15.34 36.44 56.64
CA ASP E 834 16.58 36.88 57.24
C ASP E 834 17.47 37.64 56.26
N THR E 835 17.44 37.23 54.98
CA THR E 835 18.29 37.87 53.98
C THR E 835 17.93 39.33 53.78
N TYR E 836 16.65 39.62 53.54
CA TYR E 836 16.24 40.99 53.28
C TYR E 836 16.00 41.79 54.55
N GLU E 837 15.96 41.15 55.72
CA GLU E 837 15.98 41.89 56.96
C GLU E 837 17.37 42.41 57.28
N SER E 838 18.41 41.73 56.80
CA SER E 838 19.78 42.11 57.08
C SER E 838 20.45 42.88 55.95
N CYS E 839 19.94 42.76 54.72
CA CYS E 839 20.61 43.31 53.56
C CYS E 839 19.62 44.13 52.74
N ASP E 840 19.91 45.42 52.59
CA ASP E 840 19.30 46.22 51.54
C ASP E 840 20.13 46.01 50.30
N VAL E 841 19.66 45.11 49.42
CA VAL E 841 20.46 44.71 48.26
C VAL E 841 20.62 45.86 47.28
N LEU E 842 19.65 46.77 47.21
CA LEU E 842 19.78 47.93 46.34
C LEU E 842 20.70 48.99 46.91
N ALA E 843 20.68 49.18 48.25
CA ALA E 843 21.61 50.11 48.87
C ALA E 843 23.03 49.57 48.81
N ASP E 844 23.20 48.26 49.01
CA ASP E 844 24.51 47.64 48.81
C ASP E 844 24.91 47.67 47.34
N PHE E 845 23.93 47.61 46.43
CA PHE E 845 24.20 47.83 45.00
C PHE E 845 24.67 49.25 44.75
N TYR E 846 24.13 50.22 45.48
CA TYR E 846 24.46 51.62 45.24
C TYR E 846 25.92 51.93 45.58
N ASP E 847 26.46 51.29 46.60
CA ASP E 847 27.84 51.54 46.98
C ASP E 847 28.84 50.80 46.09
N GLN E 848 28.39 49.91 45.23
CA GLN E 848 29.27 49.19 44.33
C GLN E 848 29.61 49.98 43.08
N PHE E 849 28.87 51.05 42.78
CA PHE E 849 29.10 51.80 41.55
C PHE E 849 29.03 53.31 41.72
N ALA E 850 28.78 53.83 42.92
CA ALA E 850 28.69 55.26 43.13
C ALA E 850 30.03 55.94 42.88
N ASP E 851 31.13 55.30 43.29
CA ASP E 851 32.46 55.81 42.98
C ASP E 851 32.78 55.72 41.50
N GLN E 852 32.09 54.85 40.76
CA GLN E 852 32.31 54.68 39.33
C GLN E 852 31.44 55.61 38.49
N LEU E 853 30.72 56.53 39.12
CA LEU E 853 29.86 57.47 38.40
C LEU E 853 30.62 58.74 38.04
N HIS E 854 30.24 59.33 36.91
CA HIS E 854 30.76 60.62 36.48
C HIS E 854 29.98 61.73 37.16
N GLU E 855 30.65 62.87 37.40
CA GLU E 855 30.03 64.00 38.09
C GLU E 855 28.80 64.51 37.34
N SER E 856 28.86 64.54 36.01
CA SER E 856 27.68 64.95 35.23
C SER E 856 26.56 63.92 35.34
N GLN E 857 26.91 62.64 35.42
CA GLN E 857 25.93 61.57 35.57
C GLN E 857 25.25 61.55 36.94
N LEU E 858 25.76 62.33 37.91
CA LEU E 858 25.26 62.26 39.28
C LEU E 858 23.80 62.71 39.36
N ASP E 859 23.45 63.82 38.71
CA ASP E 859 22.07 64.27 38.76
C ASP E 859 21.15 63.45 37.87
N LYS E 860 21.70 62.73 36.88
CA LYS E 860 20.89 61.89 36.01
C LYS E 860 20.48 60.59 36.68
N MET E 861 21.18 60.18 37.74
CA MET E 861 20.85 58.96 38.45
C MET E 861 19.58 59.17 39.27
N PRO E 862 18.53 58.37 39.10
CA PRO E 862 17.37 58.49 39.97
C PRO E 862 17.68 57.98 41.38
N ALA E 863 16.87 58.45 42.33
CA ALA E 863 17.05 58.08 43.72
C ALA E 863 16.56 56.66 43.99
N LEU E 864 16.95 56.13 45.14
CA LEU E 864 16.52 54.81 45.56
C LEU E 864 14.99 54.79 45.70
N PRO E 865 14.34 53.72 45.24
CA PRO E 865 12.88 53.61 45.45
C PRO E 865 12.56 53.49 46.93
N ALA E 866 11.41 54.03 47.31
CA ALA E 866 11.02 54.06 48.71
C ALA E 866 10.49 52.69 49.14
N LYS E 867 10.90 52.25 50.33
CA LYS E 867 10.44 50.98 50.86
C LYS E 867 8.98 51.09 51.30
N GLY E 868 8.21 50.04 51.04
CA GLY E 868 6.79 50.01 51.30
C GLY E 868 6.46 49.53 52.71
N ASN E 869 5.25 48.99 52.85
CA ASN E 869 4.67 48.69 54.16
C ASN E 869 4.66 47.20 54.49
N LEU E 870 5.23 46.34 53.66
CA LEU E 870 5.20 44.91 53.91
C LEU E 870 6.08 44.57 55.12
N ASN E 871 5.57 43.69 55.98
CA ASN E 871 6.33 43.16 57.10
C ASN E 871 6.93 41.83 56.69
N LEU E 872 8.27 41.76 56.71
CA LEU E 872 8.96 40.57 56.21
C LEU E 872 8.68 39.34 57.04
N ARG E 873 8.37 39.50 58.34
CA ARG E 873 8.09 38.36 59.19
C ARG E 873 6.77 37.67 58.82
N ASP E 874 5.91 38.31 58.05
CA ASP E 874 4.69 37.67 57.58
C ASP E 874 4.96 36.54 56.59
N ILE E 875 6.12 36.54 55.94
CA ILE E 875 6.45 35.47 55.02
C ILE E 875 6.70 34.16 55.77
N LEU E 876 7.11 34.25 57.03
CA LEU E 876 7.28 33.06 57.86
C LEU E 876 5.97 32.32 58.10
N GLU E 877 4.82 33.00 57.96
CA GLU E 877 3.52 32.40 58.17
C GLU E 877 2.71 32.27 56.88
N SER E 878 3.36 32.37 55.72
CA SER E 878 2.66 32.33 54.44
C SER E 878 2.64 30.91 53.91
N ASP E 879 1.44 30.39 53.65
CA ASP E 879 1.29 29.02 53.17
C ASP E 879 1.78 28.87 51.74
N PHE E 880 1.46 29.85 50.88
CA PHE E 880 1.43 29.63 49.44
C PHE E 880 2.58 30.25 48.67
N ALA E 881 3.37 31.14 49.28
CA ALA E 881 4.64 31.54 48.70
C ALA E 881 5.68 30.55 49.21
N PHE E 882 5.89 29.48 48.43
CA PHE E 882 6.76 28.39 48.88
C PHE E 882 8.19 28.87 49.05
N ALA E 883 8.70 29.64 48.09
CA ALA E 883 10.04 30.19 48.18
C ALA E 883 10.07 31.43 49.07
N ASN I 2 -78.35 -7.16 9.22
CA ASN I 2 -78.23 -5.74 8.91
C ASN I 2 -77.00 -5.46 8.08
N THR I 3 -76.98 -6.00 6.86
CA THR I 3 -75.85 -5.80 5.96
C THR I 3 -75.77 -4.34 5.51
N ILE I 4 -74.55 -3.82 5.44
CA ILE I 4 -74.33 -2.43 5.07
C ILE I 4 -74.70 -2.23 3.60
N ASN I 5 -75.20 -1.04 3.29
CA ASN I 5 -75.50 -0.67 1.92
C ASN I 5 -74.24 -0.08 1.30
N ILE I 6 -73.53 -0.91 0.55
CA ILE I 6 -72.33 -0.48 -0.15
C ILE I 6 -72.67 0.43 -1.34
N ALA I 7 -73.95 0.48 -1.72
CA ALA I 7 -74.36 1.33 -2.83
C ALA I 7 -74.28 2.81 -2.49
N LYS I 8 -74.63 3.20 -1.26
CA LYS I 8 -74.94 4.58 -0.95
C LYS I 8 -73.73 5.50 -1.11
N ASN I 9 -72.56 5.08 -0.64
CA ASN I 9 -71.35 5.87 -0.80
C ASN I 9 -70.31 5.19 -1.66
N ASP I 10 -70.05 3.89 -1.44
CA ASP I 10 -68.90 3.24 -2.06
C ASP I 10 -69.08 3.06 -3.56
N PHE I 11 -70.30 2.79 -4.02
CA PHE I 11 -70.50 2.61 -5.45
C PHE I 11 -70.43 3.92 -6.23
N SER I 12 -70.52 5.06 -5.54
CA SER I 12 -70.26 6.34 -6.17
C SER I 12 -68.77 6.63 -6.30
N ASP I 13 -67.90 5.82 -5.70
CA ASP I 13 -66.47 5.99 -5.86
C ASP I 13 -65.95 5.44 -7.18
N ILE I 14 -66.66 4.49 -7.79
CA ILE I 14 -66.14 3.82 -8.98
C ILE I 14 -66.24 4.69 -10.23
N GLU I 15 -67.04 5.76 -10.20
CA GLU I 15 -67.28 6.48 -11.44
C GLU I 15 -66.05 7.28 -11.87
N LEU I 16 -65.79 7.20 -13.17
CA LEU I 16 -64.68 7.82 -13.88
C LEU I 16 -64.81 9.34 -13.93
N ALA I 17 -65.94 9.88 -13.47
CA ALA I 17 -66.18 11.32 -13.47
C ALA I 17 -65.26 12.08 -12.53
N ALA I 18 -64.61 11.39 -11.58
CA ALA I 18 -63.67 12.07 -10.69
C ALA I 18 -62.48 12.63 -11.46
N ILE I 19 -61.92 11.85 -12.37
CA ILE I 19 -60.80 12.32 -13.18
C ILE I 19 -61.43 13.03 -14.38
N PRO I 20 -60.66 13.77 -15.21
CA PRO I 20 -61.29 14.53 -16.31
C PRO I 20 -62.16 13.74 -17.27
N PHE I 21 -61.79 12.48 -17.58
CA PHE I 21 -62.53 11.52 -18.41
C PHE I 21 -62.82 12.03 -19.81
N ASN I 22 -62.28 13.20 -20.19
CA ASN I 22 -62.48 13.75 -21.52
C ASN I 22 -61.75 12.93 -22.58
N THR I 23 -60.65 12.27 -22.20
CA THR I 23 -59.91 11.44 -23.15
C THR I 23 -60.77 10.29 -23.68
N LEU I 24 -61.73 9.83 -22.88
CA LEU I 24 -62.79 8.96 -23.38
C LEU I 24 -63.83 9.75 -24.17
N ALA I 25 -64.07 11.01 -23.79
CA ALA I 25 -65.21 11.76 -24.33
C ALA I 25 -64.91 12.38 -25.69
N ASP I 26 -63.67 12.84 -25.93
CA ASP I 26 -63.35 13.43 -27.23
C ASP I 26 -63.35 12.37 -28.33
N HIS I 27 -62.75 11.21 -28.05
CA HIS I 27 -62.50 10.22 -29.10
C HIS I 27 -63.79 9.55 -29.57
N TYR I 28 -64.60 9.06 -28.62
CA TYR I 28 -65.77 8.26 -28.95
C TYR I 28 -67.07 9.01 -28.72
N GLY I 29 -67.00 10.33 -28.59
CA GLY I 29 -68.18 11.09 -28.22
C GLY I 29 -68.47 10.97 -26.74
N GLU I 30 -69.62 11.52 -26.35
CA GLU I 30 -69.83 11.82 -24.94
C GLU I 30 -71.07 11.19 -24.34
N ARG I 31 -72.15 11.08 -25.12
CA ARG I 31 -73.31 10.32 -24.64
C ARG I 31 -72.93 8.88 -24.39
N LEU I 32 -72.17 8.28 -25.32
CA LEU I 32 -71.64 6.93 -25.10
C LEU I 32 -70.66 6.88 -23.95
N ALA I 33 -69.86 7.94 -23.77
CA ALA I 33 -68.86 7.95 -22.71
C ALA I 33 -69.51 7.87 -21.33
N ARG I 34 -70.58 8.63 -21.10
CA ARG I 34 -71.33 8.50 -19.86
C ARG I 34 -72.21 7.26 -19.86
N GLU I 35 -72.71 6.83 -21.02
CA GLU I 35 -73.44 5.57 -21.06
C GLU I 35 -72.53 4.39 -20.72
N GLN I 36 -71.28 4.42 -21.18
CA GLN I 36 -70.29 3.44 -20.73
C GLN I 36 -70.10 3.54 -19.23
N LEU I 37 -70.03 4.75 -18.70
CA LEU I 37 -69.92 4.94 -17.26
C LEU I 37 -71.18 4.48 -16.54
N ALA I 38 -72.34 4.70 -17.15
CA ALA I 38 -73.60 4.28 -16.54
C ALA I 38 -73.66 2.77 -16.42
N LEU I 39 -73.22 2.04 -17.46
CA LEU I 39 -73.28 0.58 -17.44
C LEU I 39 -72.35 0.00 -16.38
N GLU I 40 -71.13 0.55 -16.26
CA GLU I 40 -70.19 0.07 -15.26
C GLU I 40 -70.68 0.32 -13.85
N HIS I 41 -71.20 1.53 -13.61
CA HIS I 41 -71.89 1.78 -12.35
C HIS I 41 -73.11 0.85 -12.23
N GLU I 42 -73.82 0.59 -13.35
CA GLU I 42 -74.98 -0.29 -13.27
C GLU I 42 -74.52 -1.74 -13.09
N SER I 43 -73.30 -2.11 -13.53
CA SER I 43 -72.84 -3.48 -13.31
C SER I 43 -72.64 -3.74 -11.81
N TYR I 44 -72.04 -2.79 -11.10
CA TYR I 44 -71.72 -3.01 -9.70
C TYR I 44 -72.95 -2.95 -8.80
N GLU I 45 -73.90 -2.01 -9.03
CA GLU I 45 -75.12 -1.96 -8.21
C GLU I 45 -75.96 -3.20 -8.44
N MET I 46 -75.97 -3.71 -9.68
CA MET I 46 -76.66 -4.96 -9.96
C MET I 46 -76.00 -6.15 -9.26
N GLY I 47 -74.67 -6.16 -9.22
CA GLY I 47 -73.97 -7.24 -8.56
C GLY I 47 -74.21 -7.30 -7.07
N GLU I 48 -74.39 -6.14 -6.43
CA GLU I 48 -74.79 -6.12 -5.02
C GLU I 48 -76.19 -6.71 -4.84
N ALA I 49 -77.11 -6.41 -5.77
CA ALA I 49 -78.47 -6.94 -5.68
C ALA I 49 -78.49 -8.45 -5.83
N ARG I 50 -77.58 -9.01 -6.63
CA ARG I 50 -77.48 -10.46 -6.73
C ARG I 50 -77.05 -11.08 -5.40
N PHE I 51 -76.11 -10.45 -4.70
CA PHE I 51 -75.65 -10.95 -3.41
C PHE I 51 -76.73 -10.84 -2.35
N ARG I 52 -77.42 -9.68 -2.30
CA ARG I 52 -78.39 -9.43 -1.23
C ARG I 52 -79.61 -10.35 -1.35
N LYS I 53 -79.98 -10.74 -2.57
CA LYS I 53 -81.02 -11.73 -2.75
C LYS I 53 -80.56 -13.10 -2.28
N MET I 54 -79.36 -13.52 -2.69
CA MET I 54 -78.85 -14.84 -2.33
C MET I 54 -78.58 -14.93 -0.83
N PHE I 55 -78.11 -13.84 -0.24
CA PHE I 55 -77.85 -13.82 1.21
C PHE I 55 -79.15 -13.96 2.01
N GLU I 56 -80.23 -13.37 1.51
CA GLU I 56 -81.51 -13.45 2.22
C GLU I 56 -82.06 -14.88 2.20
N ARG I 57 -81.91 -15.60 1.09
CA ARG I 57 -82.36 -16.98 1.04
C ARG I 57 -81.54 -17.88 1.95
N GLN I 58 -80.22 -17.63 2.01
CA GLN I 58 -79.39 -18.32 2.99
C GLN I 58 -79.74 -17.88 4.41
N LEU I 59 -80.12 -16.61 4.58
CA LEU I 59 -80.62 -16.14 5.87
C LEU I 59 -81.92 -16.87 6.24
N LYS I 60 -82.81 -17.04 5.27
CA LYS I 60 -84.09 -17.68 5.51
C LYS I 60 -84.00 -19.19 5.63
N ALA I 61 -82.91 -19.80 5.16
CA ALA I 61 -82.74 -21.24 5.23
C ALA I 61 -81.63 -21.67 6.17
N GLY I 62 -81.00 -20.73 6.87
CA GLY I 62 -79.97 -21.09 7.83
C GLY I 62 -78.67 -21.55 7.24
N GLU I 63 -78.37 -21.20 5.99
CA GLU I 63 -77.12 -21.55 5.34
C GLU I 63 -76.13 -20.39 5.35
N VAL I 64 -76.19 -19.53 6.38
CA VAL I 64 -75.34 -18.34 6.43
C VAL I 64 -73.88 -18.73 6.64
N ALA I 65 -73.63 -19.76 7.45
CA ALA I 65 -72.26 -20.19 7.66
C ALA I 65 -71.68 -20.89 6.43
N ASP I 66 -72.53 -21.32 5.50
CA ASP I 66 -72.05 -21.80 4.20
C ASP I 66 -71.68 -20.66 3.25
N ASN I 67 -72.18 -19.45 3.53
CA ASN I 67 -71.83 -18.29 2.72
C ASN I 67 -70.38 -17.90 2.95
N ALA I 68 -69.76 -17.30 1.92
CA ALA I 68 -68.36 -16.91 2.01
C ALA I 68 -68.14 -15.70 2.91
N ALA I 69 -69.20 -14.95 3.24
CA ALA I 69 -69.04 -13.80 4.12
C ALA I 69 -68.82 -14.23 5.57
N ALA I 70 -69.28 -15.42 5.94
CA ALA I 70 -69.11 -15.92 7.30
C ALA I 70 -67.90 -16.84 7.46
N LYS I 71 -67.25 -17.24 6.36
CA LYS I 71 -66.22 -18.26 6.45
C LYS I 71 -64.93 -17.75 7.08
N PRO I 72 -64.45 -16.50 6.80
CA PRO I 72 -63.33 -15.97 7.60
C PRO I 72 -63.60 -15.92 9.09
N LEU I 73 -64.84 -15.68 9.52
CA LEU I 73 -65.11 -15.64 10.97
C LEU I 73 -65.04 -17.03 11.58
N ILE I 74 -65.50 -18.04 10.85
CA ILE I 74 -65.51 -19.40 11.37
C ILE I 74 -64.09 -19.97 11.40
N THR I 75 -63.26 -19.61 10.40
CA THR I 75 -61.92 -20.20 10.28
C THR I 75 -61.02 -19.80 11.44
N THR I 76 -61.12 -18.56 11.91
CA THR I 76 -60.31 -18.12 13.04
C THR I 76 -60.89 -18.55 14.38
N LEU I 77 -62.12 -19.04 14.41
CA LEU I 77 -62.82 -19.28 15.67
C LEU I 77 -63.09 -20.75 15.94
N LEU I 78 -62.88 -21.63 14.95
CA LEU I 78 -62.70 -23.05 15.25
C LEU I 78 -61.49 -23.32 16.16
N PRO I 79 -60.29 -22.75 15.92
CA PRO I 79 -59.14 -23.12 16.80
C PRO I 79 -59.30 -22.74 18.25
N LYS I 80 -60.09 -21.71 18.57
CA LYS I 80 -60.34 -21.38 19.97
C LYS I 80 -61.16 -22.45 20.68
N MET I 81 -61.90 -23.25 19.92
CA MET I 81 -62.84 -24.22 20.46
C MET I 81 -62.32 -25.65 20.46
N ILE I 82 -61.63 -26.07 19.39
CA ILE I 82 -61.08 -27.42 19.39
C ILE I 82 -59.98 -27.53 20.43
N ALA I 83 -59.35 -26.40 20.79
CA ALA I 83 -58.51 -26.38 21.97
C ALA I 83 -59.33 -26.60 23.23
N ARG I 84 -60.48 -25.92 23.33
CA ARG I 84 -61.30 -26.00 24.55
C ARG I 84 -61.89 -27.39 24.72
N ILE I 85 -62.26 -28.05 23.62
CA ILE I 85 -62.73 -29.44 23.71
C ILE I 85 -61.61 -30.33 24.23
N ASN I 86 -60.40 -30.18 23.67
CA ASN I 86 -59.27 -31.00 24.09
C ASN I 86 -58.77 -30.60 25.47
N ASP I 87 -58.85 -29.30 25.80
CA ASP I 87 -58.51 -28.88 27.16
C ASP I 87 -59.49 -29.46 28.18
N TRP I 88 -60.80 -29.41 27.87
CA TRP I 88 -61.78 -30.08 28.71
C TRP I 88 -61.56 -31.58 28.72
N PHE I 89 -61.19 -32.15 27.57
CA PHE I 89 -60.84 -33.57 27.51
C PHE I 89 -59.58 -33.89 28.31
N GLU I 90 -58.70 -32.91 28.52
CA GLU I 90 -57.57 -33.11 29.42
C GLU I 90 -58.05 -33.11 30.87
N GLU I 91 -58.97 -32.20 31.22
CA GLU I 91 -59.62 -32.27 32.52
C GLU I 91 -60.48 -33.53 32.65
N VAL I 92 -61.03 -34.02 31.53
CA VAL I 92 -61.76 -35.27 31.51
C VAL I 92 -60.81 -36.44 31.64
N THR I 101 -72.04 -38.32 31.17
CA THR I 101 -72.17 -38.97 29.88
C THR I 101 -71.89 -37.99 28.75
N ALA I 102 -71.54 -36.75 29.10
CA ALA I 102 -71.31 -35.72 28.10
C ALA I 102 -70.05 -36.01 27.29
N PHE I 103 -68.95 -36.31 27.95
CA PHE I 103 -67.69 -36.56 27.26
C PHE I 103 -67.76 -37.84 26.43
N GLN I 104 -68.48 -38.85 26.91
CA GLN I 104 -68.52 -40.15 26.24
C GLN I 104 -69.17 -40.04 24.87
N PHE I 105 -70.24 -39.25 24.76
CA PHE I 105 -70.86 -39.01 23.46
C PHE I 105 -70.03 -38.09 22.58
N LEU I 106 -69.07 -37.36 23.16
CA LEU I 106 -68.20 -36.46 22.43
C LEU I 106 -66.92 -37.15 21.96
N GLN I 107 -66.81 -38.47 22.14
CA GLN I 107 -65.58 -39.20 21.83
C GLN I 107 -65.64 -39.93 20.49
N GLU I 108 -66.79 -40.50 20.12
CA GLU I 108 -66.85 -41.28 18.88
C GLU I 108 -66.71 -40.40 17.65
N ILE I 109 -67.20 -39.18 17.69
CA ILE I 109 -66.96 -38.19 16.65
C ILE I 109 -65.67 -37.46 16.99
N LYS I 110 -64.87 -37.15 15.97
CA LYS I 110 -63.62 -36.42 16.17
C LYS I 110 -63.87 -35.10 16.87
N PRO I 111 -63.07 -34.76 17.88
CA PRO I 111 -63.20 -33.43 18.53
C PRO I 111 -63.07 -32.26 17.58
N GLU I 112 -62.30 -32.41 16.50
CA GLU I 112 -62.21 -31.35 15.51
C GLU I 112 -63.56 -31.09 14.84
N ALA I 113 -64.36 -32.15 14.66
CA ALA I 113 -65.70 -31.96 14.09
C ALA I 113 -66.61 -31.19 15.05
N VAL I 114 -66.66 -31.62 16.32
CA VAL I 114 -67.71 -31.17 17.24
C VAL I 114 -67.69 -29.66 17.48
N ALA I 115 -66.59 -28.99 17.16
CA ALA I 115 -66.64 -27.53 17.06
C ALA I 115 -67.51 -27.10 15.90
N TYR I 116 -67.30 -27.71 14.73
CA TYR I 116 -67.95 -27.27 13.50
C TYR I 116 -69.47 -27.41 13.59
N ILE I 117 -69.97 -28.60 13.95
CA ILE I 117 -71.42 -28.82 13.94
C ILE I 117 -72.14 -27.94 14.97
N THR I 118 -71.44 -27.50 16.02
CA THR I 118 -72.05 -26.59 16.98
C THR I 118 -72.28 -25.21 16.38
N ILE I 119 -71.27 -24.65 15.70
CA ILE I 119 -71.35 -23.24 15.30
C ILE I 119 -72.39 -23.02 14.21
N LYS I 120 -72.45 -23.90 13.20
CA LYS I 120 -73.43 -23.73 12.14
C LYS I 120 -74.86 -23.88 12.63
N THR I 121 -75.08 -24.80 13.56
CA THR I 121 -76.45 -25.06 14.02
C THR I 121 -76.96 -23.91 14.89
N THR I 122 -76.10 -23.27 15.69
CA THR I 122 -76.52 -22.08 16.42
C THR I 122 -76.80 -20.93 15.48
N LEU I 123 -75.98 -20.78 14.43
CA LEU I 123 -76.21 -19.71 13.47
C LEU I 123 -77.52 -19.89 12.71
N ALA I 124 -77.81 -21.13 12.29
CA ALA I 124 -79.02 -21.40 11.52
C ALA I 124 -80.28 -21.16 12.35
N CYS I 125 -80.27 -21.60 13.61
CA CYS I 125 -81.45 -21.46 14.45
C CYS I 125 -81.65 -20.02 14.91
N LEU I 126 -80.56 -19.26 15.09
CA LEU I 126 -80.69 -17.87 15.50
C LEU I 126 -81.12 -16.96 14.36
N THR I 127 -80.70 -17.25 13.14
CA THR I 127 -81.07 -16.41 12.00
C THR I 127 -82.55 -16.53 11.68
N SER I 128 -83.11 -17.73 11.82
CA SER I 128 -84.56 -17.90 11.69
C SER I 128 -85.27 -17.20 12.84
N ALA I 129 -86.36 -16.51 12.52
CA ALA I 129 -87.02 -15.63 13.47
C ALA I 129 -87.95 -16.35 14.44
N ASP I 130 -88.09 -17.68 14.31
CA ASP I 130 -89.08 -18.40 15.10
C ASP I 130 -88.63 -18.54 16.56
N ASN I 131 -87.52 -19.22 16.80
CA ASN I 131 -87.11 -19.61 18.15
C ASN I 131 -85.77 -19.00 18.50
N THR I 132 -85.69 -18.40 19.68
CA THR I 132 -84.44 -17.94 20.25
C THR I 132 -84.12 -18.60 21.59
N THR I 133 -84.98 -19.50 22.07
CA THR I 133 -84.76 -20.16 23.34
C THR I 133 -83.64 -21.18 23.24
N VAL I 134 -82.96 -21.42 24.36
CA VAL I 134 -81.82 -22.32 24.34
C VAL I 134 -82.25 -23.79 24.33
N GLN I 135 -83.44 -24.09 24.84
CA GLN I 135 -83.86 -25.49 24.97
C GLN I 135 -84.25 -26.08 23.62
N ALA I 136 -84.99 -25.33 22.81
CA ALA I 136 -85.40 -25.85 21.50
C ALA I 136 -84.22 -25.97 20.55
N VAL I 137 -83.21 -25.11 20.68
CA VAL I 137 -82.07 -25.18 19.77
C VAL I 137 -81.09 -26.27 20.21
N ALA I 138 -80.90 -26.47 21.53
CA ALA I 138 -79.88 -27.40 21.99
C ALA I 138 -80.22 -28.86 21.71
N SER I 139 -81.48 -29.15 21.39
CA SER I 139 -81.80 -30.46 20.81
C SER I 139 -81.44 -30.51 19.33
N ALA I 140 -81.47 -29.36 18.64
CA ALA I 140 -81.16 -29.34 17.22
C ALA I 140 -79.67 -29.48 16.93
N ILE I 141 -78.81 -28.87 17.76
CA ILE I 141 -77.40 -29.25 17.68
C ILE I 141 -77.23 -30.69 18.16
N GLY I 142 -78.04 -31.12 19.13
CA GLY I 142 -77.96 -32.48 19.61
C GLY I 142 -78.28 -33.52 18.54
N ARG I 143 -79.28 -33.24 17.70
CA ARG I 143 -79.59 -34.15 16.60
C ARG I 143 -78.51 -34.13 15.53
N ALA I 144 -77.86 -32.99 15.31
CA ALA I 144 -76.90 -32.87 14.22
C ALA I 144 -75.60 -33.59 14.53
N ILE I 145 -75.10 -33.48 15.77
CA ILE I 145 -73.97 -34.31 16.18
C ILE I 145 -74.39 -35.77 16.24
N GLU I 146 -75.68 -36.03 16.54
CA GLU I 146 -76.20 -37.39 16.57
C GLU I 146 -76.13 -38.06 15.21
N ASP I 147 -76.55 -37.35 14.16
CA ASP I 147 -76.64 -37.95 12.84
C ASP I 147 -75.29 -38.03 12.16
N GLU I 148 -74.45 -37.01 12.33
CA GLU I 148 -73.07 -37.07 11.88
C GLU I 148 -72.33 -38.24 12.51
N ALA I 149 -72.73 -38.61 13.74
CA ALA I 149 -72.21 -39.81 14.40
C ALA I 149 -72.84 -41.09 13.85
N ARG I 150 -74.15 -41.07 13.60
CA ARG I 150 -74.87 -42.28 13.17
C ARG I 150 -74.35 -42.80 11.83
N PHE I 151 -74.07 -41.89 10.91
CA PHE I 151 -73.52 -42.25 9.62
C PHE I 151 -72.01 -42.06 9.55
N GLY I 152 -71.37 -41.69 10.66
CA GLY I 152 -69.92 -41.69 10.72
C GLY I 152 -69.32 -43.07 10.83
N ARG I 153 -70.00 -43.99 11.52
CA ARG I 153 -69.58 -45.38 11.52
C ARG I 153 -69.74 -46.01 10.15
N ILE I 154 -70.70 -45.53 9.37
CA ILE I 154 -70.77 -45.85 7.95
C ILE I 154 -69.51 -45.35 7.25
N ARG I 155 -69.06 -44.14 7.61
CA ARG I 155 -67.97 -43.50 6.89
C ARG I 155 -66.62 -44.17 7.15
N ASP I 156 -66.31 -44.48 8.41
CA ASP I 156 -64.97 -44.89 8.78
C ASP I 156 -64.90 -46.28 9.39
N LEU I 157 -65.79 -46.58 10.34
CA LEU I 157 -65.57 -47.73 11.25
C LEU I 157 -65.69 -49.06 10.52
N GLU I 158 -66.66 -49.21 9.63
CA GLU I 158 -66.96 -50.52 9.08
C GLU I 158 -66.92 -50.55 7.57
N ALA I 159 -67.25 -49.44 6.92
CA ALA I 159 -67.34 -49.38 5.46
C ALA I 159 -66.36 -48.35 4.93
N LYS I 160 -65.44 -48.79 4.09
CA LYS I 160 -64.58 -47.90 3.31
C LYS I 160 -64.69 -48.14 1.81
N HIS I 161 -64.71 -49.41 1.38
CA HIS I 161 -64.98 -49.69 -0.03
C HIS I 161 -66.44 -49.42 -0.36
N PHE I 162 -67.35 -49.81 0.53
CA PHE I 162 -68.74 -49.41 0.34
C PHE I 162 -68.96 -47.93 0.59
N LYS I 163 -67.99 -47.23 1.19
CA LYS I 163 -68.08 -45.78 1.22
C LYS I 163 -67.96 -45.20 -0.18
N LYS I 164 -67.05 -45.73 -1.00
CA LYS I 164 -66.76 -45.16 -2.32
C LYS I 164 -68.00 -45.08 -3.20
N ASN I 165 -68.90 -46.06 -3.09
CA ASN I 165 -70.14 -46.03 -3.86
C ASN I 165 -71.36 -45.72 -3.00
N VAL I 166 -71.18 -45.06 -1.86
CA VAL I 166 -72.27 -44.30 -1.26
C VAL I 166 -72.03 -42.79 -1.41
N GLU I 167 -70.78 -42.35 -1.61
CA GLU I 167 -70.52 -40.93 -1.87
C GLU I 167 -71.20 -40.46 -3.15
N GLU I 168 -71.13 -41.25 -4.22
CA GLU I 168 -71.49 -40.76 -5.55
C GLU I 168 -72.99 -40.70 -5.79
N GLN I 169 -73.82 -41.15 -4.83
CA GLN I 169 -75.22 -40.79 -4.79
C GLN I 169 -75.55 -39.83 -3.65
N LEU I 170 -74.78 -39.88 -2.56
CA LEU I 170 -74.90 -38.89 -1.49
C LEU I 170 -74.60 -37.49 -2.01
N ASN I 171 -73.60 -37.37 -2.88
CA ASN I 171 -73.25 -36.07 -3.45
C ASN I 171 -74.36 -35.54 -4.37
N LYS I 172 -75.01 -36.44 -5.11
CA LYS I 172 -76.12 -36.01 -5.97
C LYS I 172 -77.32 -35.54 -5.15
N ARG I 173 -77.54 -36.12 -3.98
CA ARG I 173 -78.60 -35.65 -3.10
C ARG I 173 -78.28 -34.26 -2.56
N VAL I 174 -79.29 -33.41 -2.49
CA VAL I 174 -79.12 -32.02 -2.08
C VAL I 174 -80.06 -31.73 -0.92
N GLY I 175 -79.66 -30.82 -0.05
CA GLY I 175 -80.39 -30.53 1.17
C GLY I 175 -80.08 -31.52 2.25
N HIS I 176 -80.53 -31.21 3.48
CA HIS I 176 -80.22 -32.11 4.58
C HIS I 176 -81.29 -33.17 4.82
N VAL I 177 -82.54 -32.95 4.41
CA VAL I 177 -83.55 -33.99 4.59
C VAL I 177 -83.39 -35.10 3.56
N TYR I 178 -83.02 -34.75 2.32
CA TYR I 178 -82.80 -35.79 1.30
C TYR I 178 -81.43 -36.44 1.43
N LYS I 179 -80.49 -35.79 2.10
CA LYS I 179 -79.24 -36.46 2.46
C LYS I 179 -79.47 -37.46 3.58
N LYS I 180 -80.33 -37.10 4.55
CA LYS I 180 -80.60 -37.99 5.67
C LYS I 180 -81.52 -39.13 5.27
N ALA I 181 -82.51 -38.87 4.41
CA ALA I 181 -83.44 -39.91 4.00
C ALA I 181 -82.74 -40.99 3.19
N PHE I 182 -81.79 -40.60 2.34
CA PHE I 182 -80.96 -41.59 1.66
C PHE I 182 -80.04 -42.29 2.65
N MET I 183 -79.55 -41.58 3.66
CA MET I 183 -78.63 -42.15 4.63
C MET I 183 -79.28 -43.20 5.53
N GLN I 184 -80.59 -43.13 5.73
CA GLN I 184 -81.25 -44.09 6.61
C GLN I 184 -81.52 -45.41 5.91
N VAL I 185 -81.87 -45.38 4.63
CA VAL I 185 -82.20 -46.61 3.93
C VAL I 185 -80.95 -47.39 3.53
N VAL I 186 -79.82 -46.71 3.34
CA VAL I 186 -78.58 -47.43 3.05
C VAL I 186 -78.03 -48.06 4.33
N GLU I 187 -78.22 -47.41 5.49
CA GLU I 187 -77.79 -48.00 6.75
C GLU I 187 -78.64 -49.21 7.10
N ALA I 188 -79.95 -49.16 6.82
CA ALA I 188 -80.79 -50.33 7.00
C ALA I 188 -80.39 -51.46 6.07
N ASP I 189 -79.76 -51.14 4.93
CA ASP I 189 -79.27 -52.17 4.04
C ASP I 189 -78.04 -52.87 4.62
N MET I 190 -77.10 -52.11 5.21
CA MET I 190 -75.94 -52.78 5.80
C MET I 190 -76.26 -53.44 7.13
N LEU I 191 -77.34 -53.02 7.78
CA LEU I 191 -77.73 -53.69 9.01
C LEU I 191 -78.23 -55.10 8.71
N SER I 192 -78.77 -55.30 7.51
CA SER I 192 -78.97 -56.67 7.02
C SER I 192 -77.63 -57.33 6.70
N LYS I 193 -76.69 -56.59 6.11
CA LYS I 193 -75.49 -57.21 5.56
C LYS I 193 -74.20 -56.72 6.20
N GLY I 194 -73.92 -55.41 6.17
CA GLY I 194 -72.60 -54.89 6.44
C GLY I 194 -72.10 -54.93 7.88
N LEU I 195 -72.68 -54.12 8.76
CA LEU I 195 -72.24 -54.01 10.15
C LEU I 195 -73.23 -54.71 11.06
N LEU I 196 -72.72 -55.52 11.98
CA LEU I 196 -73.54 -56.13 13.03
C LEU I 196 -73.63 -55.14 14.19
N GLY I 197 -74.49 -54.15 14.01
CA GLY I 197 -74.76 -53.18 15.04
C GLY I 197 -76.24 -53.07 15.31
N GLY I 198 -76.56 -52.63 16.51
CA GLY I 198 -77.91 -52.21 16.78
C GLY I 198 -78.12 -50.78 16.37
N GLU I 199 -79.36 -50.32 16.47
CA GLU I 199 -79.65 -48.89 16.45
C GLU I 199 -79.48 -48.30 17.85
N ALA I 200 -78.28 -48.55 18.39
CA ALA I 200 -77.79 -47.82 19.55
C ALA I 200 -77.49 -46.38 19.22
N TRP I 201 -77.53 -46.01 17.94
CA TRP I 201 -77.40 -44.65 17.47
C TRP I 201 -78.74 -44.08 17.01
N SER I 202 -79.85 -44.73 17.41
CA SER I 202 -81.18 -44.16 17.42
C SER I 202 -81.81 -44.14 18.80
N SER I 203 -81.19 -44.78 19.79
CA SER I 203 -81.76 -44.97 21.11
C SER I 203 -81.38 -43.88 22.10
N TRP I 204 -81.09 -42.68 21.61
CA TRP I 204 -80.48 -41.65 22.44
C TRP I 204 -81.62 -40.81 23.00
N HIS I 205 -81.79 -40.89 24.32
CA HIS I 205 -82.90 -40.24 25.01
C HIS I 205 -82.85 -38.74 24.72
N LYS I 206 -84.05 -38.15 24.55
CA LYS I 206 -84.12 -36.77 24.06
C LYS I 206 -83.39 -35.83 25.00
N GLU I 207 -83.57 -36.01 26.30
CA GLU I 207 -82.90 -35.21 27.32
C GLU I 207 -81.37 -35.35 27.27
N ASP I 208 -80.85 -36.45 26.72
CA ASP I 208 -79.41 -36.56 26.54
C ASP I 208 -78.90 -35.59 25.49
N SER I 209 -79.59 -35.52 24.35
CA SER I 209 -79.10 -34.75 23.20
C SER I 209 -79.09 -33.25 23.48
N ILE I 210 -80.02 -32.76 24.30
CA ILE I 210 -79.90 -31.38 24.80
C ILE I 210 -78.71 -31.27 25.74
N HIS I 211 -78.59 -32.20 26.68
CA HIS I 211 -77.53 -32.11 27.68
C HIS I 211 -76.15 -32.34 27.10
N VAL I 212 -76.04 -33.04 25.97
CA VAL I 212 -74.81 -32.99 25.20
C VAL I 212 -74.57 -31.58 24.71
N GLY I 213 -75.62 -30.93 24.19
CA GLY I 213 -75.46 -29.62 23.60
C GLY I 213 -75.10 -28.54 24.61
N VAL I 214 -75.78 -28.55 25.77
CA VAL I 214 -75.60 -27.51 26.79
C VAL I 214 -74.15 -27.46 27.25
N ARG I 215 -73.47 -28.61 27.28
CA ARG I 215 -72.03 -28.63 27.54
C ARG I 215 -71.25 -27.92 26.44
N CYS I 216 -71.53 -28.25 25.17
CA CYS I 216 -70.76 -27.67 24.07
C CYS I 216 -70.98 -26.17 23.91
N ILE I 217 -72.19 -25.68 24.20
CA ILE I 217 -72.38 -24.23 24.20
C ILE I 217 -71.68 -23.60 25.39
N GLU I 218 -71.72 -24.27 26.56
CA GLU I 218 -71.11 -23.71 27.77
C GLU I 218 -69.61 -23.51 27.63
N MET I 219 -68.94 -24.37 26.85
CA MET I 219 -67.55 -24.12 26.55
C MET I 219 -67.38 -23.12 25.42
N LEU I 220 -68.44 -22.87 24.65
CA LEU I 220 -68.33 -21.99 23.49
C LEU I 220 -68.20 -20.53 23.93
N ILE I 221 -69.04 -20.07 24.87
CA ILE I 221 -68.92 -18.69 25.34
C ILE I 221 -67.62 -18.52 26.14
N GLU I 222 -67.13 -19.58 26.79
CA GLU I 222 -65.86 -19.49 27.50
C GLU I 222 -64.68 -19.40 26.54
N SER I 223 -64.68 -20.18 25.47
CA SER I 223 -63.59 -20.12 24.51
C SER I 223 -63.58 -18.80 23.74
N THR I 224 -64.76 -18.28 23.41
CA THR I 224 -64.87 -17.01 22.70
C THR I 224 -66.22 -16.39 22.98
N GLY I 225 -66.27 -15.05 23.00
CA GLY I 225 -67.54 -14.37 23.16
C GLY I 225 -68.40 -14.42 21.91
N MET I 226 -68.66 -15.64 21.43
CA MET I 226 -69.39 -15.86 20.18
C MET I 226 -70.83 -15.38 20.29
N VAL I 227 -71.58 -16.02 21.18
CA VAL I 227 -73.02 -15.84 21.30
C VAL I 227 -73.27 -15.49 22.76
N SER I 228 -73.77 -14.27 23.00
CA SER I 228 -73.91 -13.72 24.35
C SER I 228 -75.27 -14.15 24.93
N LEU I 229 -75.25 -14.61 26.18
CA LEU I 229 -76.43 -15.15 26.81
C LEU I 229 -77.40 -14.05 27.27
N HIS I 230 -78.70 -14.34 27.17
CA HIS I 230 -79.75 -13.41 27.59
C HIS I 230 -80.84 -14.10 28.41
N THR I 243 -82.79 -17.20 26.50
CA THR I 243 -82.69 -16.77 25.11
C THR I 243 -81.22 -16.52 24.77
N ILE I 244 -80.78 -17.06 23.64
CA ILE I 244 -79.38 -17.05 23.23
C ILE I 244 -79.25 -16.10 22.04
N GLU I 245 -78.34 -15.12 22.14
CA GLU I 245 -78.23 -14.06 21.13
C GLU I 245 -76.79 -13.81 20.73
N LEU I 246 -76.60 -13.59 19.42
CA LEU I 246 -75.27 -13.45 18.84
C LEU I 246 -74.64 -12.12 19.23
N ALA I 247 -73.36 -12.18 19.63
CA ALA I 247 -72.61 -10.97 19.98
C ALA I 247 -72.56 -10.04 18.76
N PRO I 248 -73.06 -8.81 18.87
CA PRO I 248 -73.27 -8.00 17.67
C PRO I 248 -71.99 -7.50 17.03
N GLU I 249 -70.85 -7.54 17.73
CA GLU I 249 -69.58 -7.29 17.05
C GLU I 249 -69.33 -8.33 15.98
N TYR I 250 -69.65 -9.59 16.28
CA TYR I 250 -69.52 -10.65 15.28
C TYR I 250 -70.60 -10.55 14.21
N ALA I 251 -71.81 -10.13 14.60
CA ALA I 251 -72.93 -10.13 13.66
C ALA I 251 -72.76 -9.09 12.57
N GLU I 252 -72.28 -7.88 12.92
CA GLU I 252 -72.00 -6.89 11.90
C GLU I 252 -70.72 -7.20 11.13
N ALA I 253 -69.83 -8.02 11.70
CA ALA I 253 -68.63 -8.43 10.98
C ALA I 253 -68.99 -9.30 9.77
N ILE I 254 -70.04 -10.12 9.88
CA ILE I 254 -70.59 -10.77 8.70
C ILE I 254 -71.24 -9.75 7.79
N ALA I 255 -71.90 -8.75 8.37
CA ALA I 255 -72.68 -7.79 7.60
C ALA I 255 -71.78 -6.91 6.74
N THR I 256 -70.66 -6.43 7.28
CA THR I 256 -69.74 -5.64 6.47
C THR I 256 -68.97 -6.52 5.48
N ARG I 257 -68.75 -7.79 5.82
CA ARG I 257 -68.14 -8.72 4.88
C ARG I 257 -69.09 -9.03 3.74
N ALA I 258 -70.38 -9.19 4.03
CA ALA I 258 -71.37 -9.42 2.99
C ALA I 258 -71.49 -8.21 2.06
N GLY I 259 -71.42 -7.01 2.63
CA GLY I 259 -71.38 -5.81 1.80
C GLY I 259 -70.14 -5.74 0.94
N ALA I 260 -68.97 -5.99 1.54
CA ALA I 260 -67.71 -5.96 0.80
C ALA I 260 -67.69 -7.01 -0.31
N LEU I 261 -68.35 -8.15 -0.10
CA LEU I 261 -68.50 -9.13 -1.16
C LEU I 261 -69.57 -8.77 -2.18
N ALA I 262 -70.48 -7.86 -1.84
CA ALA I 262 -71.45 -7.38 -2.82
C ALA I 262 -70.80 -6.45 -3.84
N GLY I 263 -69.80 -5.70 -3.42
CA GLY I 263 -69.13 -4.74 -4.27
C GLY I 263 -68.02 -5.26 -5.15
N ILE I 264 -67.63 -6.53 -5.06
CA ILE I 264 -66.58 -7.07 -5.92
C ILE I 264 -67.09 -8.13 -6.89
N SER I 265 -68.38 -8.47 -6.83
CA SER I 265 -68.98 -9.46 -7.72
C SER I 265 -70.06 -8.78 -8.56
N PRO I 266 -69.67 -7.91 -9.50
CA PRO I 266 -70.66 -7.13 -10.24
C PRO I 266 -71.29 -7.94 -11.36
N MET I 267 -72.46 -7.48 -11.81
CA MET I 267 -73.12 -8.12 -12.93
C MET I 267 -72.66 -7.43 -14.20
N PHE I 268 -71.60 -7.99 -14.79
CA PHE I 268 -70.86 -7.35 -15.86
C PHE I 268 -71.71 -7.19 -17.13
N GLN I 269 -71.60 -6.02 -17.75
CA GLN I 269 -72.39 -5.63 -18.92
C GLN I 269 -71.46 -5.25 -20.07
N PRO I 270 -71.91 -5.40 -21.32
CA PRO I 270 -71.04 -5.10 -22.46
C PRO I 270 -70.74 -3.62 -22.57
N CYS I 271 -69.83 -3.31 -23.47
CA CYS I 271 -69.33 -1.95 -23.65
C CYS I 271 -69.98 -1.33 -24.88
N VAL I 272 -70.74 -0.25 -24.66
CA VAL I 272 -71.27 0.55 -25.76
C VAL I 272 -70.18 1.38 -26.42
N VAL I 273 -69.01 1.50 -25.79
CA VAL I 273 -67.87 2.18 -26.41
C VAL I 273 -66.82 1.11 -26.67
N PRO I 274 -65.86 1.36 -27.55
CA PRO I 274 -64.71 0.46 -27.64
C PRO I 274 -63.99 0.39 -26.30
N PRO I 275 -63.58 -0.81 -25.88
CA PRO I 275 -63.05 -0.98 -24.52
C PRO I 275 -61.66 -0.41 -24.39
N LYS I 276 -61.25 -0.22 -23.15
CA LYS I 276 -59.92 0.31 -22.88
C LYS I 276 -58.87 -0.73 -23.25
N PRO I 277 -57.93 -0.41 -24.14
CA PRO I 277 -56.88 -1.37 -24.48
C PRO I 277 -55.97 -1.64 -23.29
N TRP I 278 -55.46 -2.86 -23.24
CA TRP I 278 -54.69 -3.32 -22.10
C TRP I 278 -53.27 -2.76 -22.16
N THR I 279 -52.91 -1.93 -21.18
CA THR I 279 -51.57 -1.40 -21.04
C THR I 279 -50.81 -2.02 -19.89
N GLY I 280 -51.46 -2.80 -19.04
CA GLY I 280 -50.82 -3.47 -17.93
C GLY I 280 -51.55 -4.74 -17.57
N ILE I 281 -51.19 -5.36 -16.44
CA ILE I 281 -51.87 -6.58 -16.02
C ILE I 281 -53.24 -6.30 -15.43
N THR I 282 -53.54 -5.05 -15.09
CA THR I 282 -54.84 -4.67 -14.57
C THR I 282 -55.29 -3.38 -15.22
N GLY I 283 -56.60 -3.11 -15.14
CA GLY I 283 -57.16 -1.85 -15.55
C GLY I 283 -57.71 -1.82 -16.97
N GLY I 284 -57.32 -2.77 -17.82
CA GLY I 284 -57.79 -2.78 -19.19
C GLY I 284 -59.21 -3.27 -19.31
N GLY I 285 -59.72 -3.23 -20.53
CA GLY I 285 -61.09 -3.66 -20.74
C GLY I 285 -62.05 -2.54 -20.42
N TYR I 286 -62.60 -2.59 -19.20
CA TYR I 286 -63.46 -1.51 -18.72
C TYR I 286 -62.64 -0.24 -18.49
N TRP I 287 -63.31 0.90 -18.57
CA TRP I 287 -62.62 2.18 -18.47
C TRP I 287 -62.52 2.68 -17.04
N ALA I 288 -63.64 2.73 -16.32
CA ALA I 288 -63.68 3.35 -15.01
C ALA I 288 -62.90 2.55 -13.98
N ASN I 289 -62.38 3.24 -12.96
CA ASN I 289 -61.75 2.57 -11.83
C ASN I 289 -62.82 1.93 -10.96
N GLY I 290 -62.37 1.18 -9.95
CA GLY I 290 -63.33 0.56 -9.07
C GLY I 290 -62.65 -0.30 -8.03
N ARG I 291 -63.47 -0.93 -7.20
CA ARG I 291 -62.97 -1.86 -6.20
C ARG I 291 -62.32 -3.07 -6.85
N ARG I 292 -62.94 -3.59 -7.91
CA ARG I 292 -62.39 -4.70 -8.67
C ARG I 292 -62.05 -4.22 -10.06
N PRO I 293 -60.80 -3.86 -10.34
CA PRO I 293 -60.39 -3.66 -11.73
C PRO I 293 -60.29 -5.00 -12.45
N LEU I 294 -60.32 -4.92 -13.77
CA LEU I 294 -60.18 -6.12 -14.58
C LEU I 294 -58.76 -6.68 -14.46
N ALA I 295 -58.66 -8.00 -14.55
CA ALA I 295 -57.38 -8.69 -14.53
C ALA I 295 -57.12 -9.31 -15.89
N LEU I 296 -55.90 -9.14 -16.40
CA LEU I 296 -55.53 -9.73 -17.69
C LEU I 296 -55.58 -11.25 -17.62
N VAL I 297 -55.15 -11.83 -16.50
CA VAL I 297 -55.11 -13.27 -16.31
C VAL I 297 -56.14 -13.64 -15.25
N ARG I 298 -57.05 -14.55 -15.61
CA ARG I 298 -58.04 -15.07 -14.66
C ARG I 298 -57.31 -16.06 -13.74
N THR I 299 -56.97 -15.59 -12.55
CA THR I 299 -56.11 -16.35 -11.65
C THR I 299 -56.82 -16.64 -10.34
N HIS I 300 -56.37 -17.72 -9.70
CA HIS I 300 -56.85 -18.11 -8.40
C HIS I 300 -56.37 -17.14 -7.32
N SER I 301 -55.09 -16.81 -7.32
CA SER I 301 -54.49 -15.93 -6.32
C SER I 301 -54.00 -14.66 -7.00
N LYS I 302 -53.99 -13.57 -6.22
CA LYS I 302 -53.45 -12.30 -6.72
C LYS I 302 -51.95 -12.37 -6.97
N LYS I 303 -51.28 -13.37 -6.41
CA LYS I 303 -49.83 -13.45 -6.46
C LYS I 303 -49.38 -14.17 -7.72
N ALA I 304 -50.21 -15.09 -8.23
CA ALA I 304 -50.06 -15.63 -9.57
C ALA I 304 -50.42 -14.61 -10.65
N LEU I 305 -51.08 -13.51 -10.29
CA LEU I 305 -51.23 -12.39 -11.23
C LEU I 305 -49.94 -11.63 -11.38
N MET I 306 -49.21 -11.39 -10.27
CA MET I 306 -48.08 -10.48 -10.32
C MET I 306 -46.86 -11.08 -11.00
N ARG I 307 -46.82 -12.39 -11.22
CA ARG I 307 -45.73 -12.96 -12.02
C ARG I 307 -45.89 -12.65 -13.50
N TYR I 308 -47.05 -12.15 -13.93
CA TYR I 308 -47.23 -11.64 -15.28
C TYR I 308 -46.88 -10.18 -15.42
N GLU I 309 -46.63 -9.48 -14.31
CA GLU I 309 -46.37 -8.04 -14.37
C GLU I 309 -45.01 -7.74 -15.00
N ASP I 310 -43.98 -8.49 -14.59
CA ASP I 310 -42.64 -8.25 -15.12
C ASP I 310 -42.44 -8.82 -16.52
N VAL I 311 -43.31 -9.71 -16.98
CA VAL I 311 -43.09 -10.39 -18.24
C VAL I 311 -43.37 -9.45 -19.40
N TYR I 312 -42.41 -9.34 -20.31
CA TYR I 312 -42.55 -8.55 -21.53
C TYR I 312 -43.12 -9.46 -22.62
N MET I 313 -44.39 -9.26 -22.95
CA MET I 313 -45.14 -10.14 -23.86
C MET I 313 -45.93 -9.33 -24.88
N PRO I 314 -45.23 -8.56 -25.73
CA PRO I 314 -45.93 -7.56 -26.55
C PRO I 314 -46.87 -8.14 -27.58
N GLU I 315 -46.63 -9.36 -28.05
CA GLU I 315 -47.46 -9.94 -29.11
C GLU I 315 -48.84 -10.33 -28.59
N VAL I 316 -48.89 -10.94 -27.40
CA VAL I 316 -50.19 -11.34 -26.85
C VAL I 316 -50.96 -10.14 -26.30
N TYR I 317 -50.29 -9.03 -26.01
CA TYR I 317 -50.99 -7.82 -25.57
C TYR I 317 -51.79 -7.22 -26.72
N LYS I 318 -51.25 -7.30 -27.94
CA LYS I 318 -52.00 -6.83 -29.11
C LYS I 318 -53.18 -7.72 -29.41
N ALA I 319 -53.02 -9.03 -29.18
CA ALA I 319 -54.03 -10.02 -29.56
C ALA I 319 -55.32 -9.85 -28.76
N ILE I 320 -55.20 -9.37 -27.51
CA ILE I 320 -56.40 -9.02 -26.77
C ILE I 320 -57.04 -7.77 -27.34
N ASN I 321 -56.23 -6.76 -27.66
CA ASN I 321 -56.73 -5.44 -28.05
C ASN I 321 -57.41 -5.44 -29.40
N ILE I 322 -57.07 -6.37 -30.28
CA ILE I 322 -57.79 -6.53 -31.55
C ILE I 322 -59.14 -7.20 -31.32
N ALA I 323 -59.20 -8.20 -30.43
CA ALA I 323 -60.46 -8.86 -30.10
C ALA I 323 -61.45 -7.91 -29.41
N GLN I 324 -60.94 -7.01 -28.56
CA GLN I 324 -61.79 -5.99 -27.96
C GLN I 324 -62.28 -5.00 -29.01
N ASN I 325 -61.52 -4.80 -30.08
CA ASN I 325 -61.87 -3.84 -31.11
C ASN I 325 -62.87 -4.37 -32.12
N THR I 326 -63.23 -5.65 -32.04
CA THR I 326 -64.27 -6.19 -32.91
C THR I 326 -65.62 -5.59 -32.52
N ALA I 327 -66.22 -4.86 -33.45
CA ALA I 327 -67.51 -4.22 -33.20
C ALA I 327 -68.65 -5.16 -33.60
N TRP I 328 -69.57 -5.40 -32.68
CA TRP I 328 -70.72 -6.25 -32.91
C TRP I 328 -72.00 -5.43 -32.88
N LYS I 329 -73.04 -6.00 -33.49
CA LYS I 329 -74.39 -5.47 -33.38
C LYS I 329 -75.35 -6.64 -33.20
N ILE I 330 -76.44 -6.38 -32.48
CA ILE I 330 -77.47 -7.40 -32.32
C ILE I 330 -78.08 -7.70 -33.67
N ASN I 331 -78.42 -8.97 -33.90
CA ASN I 331 -79.18 -9.34 -35.09
C ASN I 331 -80.65 -9.04 -34.80
N LYS I 332 -81.13 -7.90 -35.29
CA LYS I 332 -82.47 -7.44 -34.98
C LYS I 332 -83.52 -8.40 -35.54
N LYS I 333 -83.24 -8.98 -36.71
CA LYS I 333 -84.16 -9.94 -37.30
C LYS I 333 -84.23 -11.23 -36.49
N VAL I 334 -83.09 -11.68 -35.94
CA VAL I 334 -83.08 -12.85 -35.07
C VAL I 334 -83.84 -12.54 -33.78
N LEU I 335 -83.66 -11.32 -33.25
CA LEU I 335 -84.27 -10.95 -31.98
C LEU I 335 -85.79 -10.92 -32.08
N ALA I 336 -86.32 -10.47 -33.21
CA ALA I 336 -87.78 -10.40 -33.39
C ALA I 336 -88.41 -11.79 -33.34
N VAL I 337 -87.76 -12.77 -33.98
CA VAL I 337 -88.21 -14.15 -33.87
C VAL I 337 -88.02 -14.66 -32.45
N ALA I 338 -86.88 -14.34 -31.84
CA ALA I 338 -86.61 -14.75 -30.47
C ALA I 338 -87.56 -14.10 -29.47
N ASN I 339 -88.03 -12.89 -29.76
CA ASN I 339 -88.86 -12.17 -28.80
C ASN I 339 -90.21 -12.83 -28.57
N VAL I 340 -90.73 -13.53 -29.56
CA VAL I 340 -92.10 -14.02 -29.49
C VAL I 340 -92.16 -15.51 -29.16
N ILE I 341 -91.11 -16.26 -29.52
CA ILE I 341 -91.12 -17.70 -29.28
C ILE I 341 -90.87 -18.01 -27.81
N THR I 342 -89.96 -17.24 -27.18
CA THR I 342 -89.64 -17.48 -25.77
C THR I 342 -90.76 -17.08 -24.83
N LYS I 343 -91.77 -16.34 -25.30
CA LYS I 343 -92.99 -16.20 -24.52
C LYS I 343 -93.90 -17.42 -24.65
N TRP I 344 -93.64 -18.29 -25.62
CA TRP I 344 -94.47 -19.47 -25.84
C TRP I 344 -93.78 -20.78 -25.49
N LYS I 345 -92.47 -20.87 -25.67
CA LYS I 345 -91.73 -22.07 -25.33
C LYS I 345 -90.69 -21.74 -24.28
N HIS I 346 -90.54 -22.63 -23.29
CA HIS I 346 -89.49 -22.47 -22.28
C HIS I 346 -88.12 -22.48 -22.93
N CYS I 347 -87.89 -23.44 -23.82
CA CYS I 347 -86.79 -23.42 -24.75
C CYS I 347 -87.35 -23.35 -26.16
N PRO I 348 -86.89 -22.41 -26.99
CA PRO I 348 -87.54 -22.17 -28.29
C PRO I 348 -87.50 -23.35 -29.24
N VAL I 349 -86.59 -24.30 -29.02
CA VAL I 349 -86.31 -25.36 -29.97
C VAL I 349 -86.61 -26.74 -29.40
N GLU I 350 -86.87 -26.84 -28.09
CA GLU I 350 -86.80 -28.11 -27.36
C GLU I 350 -87.75 -29.17 -27.93
N ASP I 351 -89.01 -28.81 -28.15
CA ASP I 351 -90.00 -29.76 -28.63
C ASP I 351 -90.77 -29.16 -29.81
N ILE I 352 -90.24 -29.36 -31.01
CA ILE I 352 -90.99 -29.06 -32.23
C ILE I 352 -91.96 -30.20 -32.51
N PRO I 353 -93.26 -29.93 -32.68
CA PRO I 353 -94.21 -30.98 -33.04
C PRO I 353 -93.97 -31.52 -34.45
N GLU I 372 -84.60 -55.54 -11.85
CA GLU I 372 -84.84 -55.91 -13.24
C GLU I 372 -85.60 -54.81 -13.97
N ALA I 373 -86.93 -54.93 -14.00
CA ALA I 373 -87.75 -53.93 -14.67
C ALA I 373 -87.79 -52.63 -13.87
N LEU I 374 -88.02 -52.73 -12.55
CA LEU I 374 -88.29 -51.55 -11.73
C LEU I 374 -87.10 -50.59 -11.68
N THR I 375 -85.87 -51.13 -11.77
CA THR I 375 -84.70 -50.26 -11.84
C THR I 375 -84.72 -49.41 -13.09
N ALA I 376 -85.23 -49.96 -14.20
CA ALA I 376 -85.34 -49.18 -15.43
C ALA I 376 -86.47 -48.15 -15.34
N TRP I 377 -87.55 -48.47 -14.63
CA TRP I 377 -88.62 -47.49 -14.45
C TRP I 377 -88.16 -46.29 -13.63
N LYS I 378 -87.37 -46.53 -12.58
CA LYS I 378 -86.89 -45.44 -11.73
C LYS I 378 -85.76 -44.66 -12.39
N ARG I 379 -84.94 -45.31 -13.22
CA ARG I 379 -83.81 -44.63 -13.84
C ARG I 379 -84.27 -43.58 -14.84
N ALA I 380 -85.30 -43.88 -15.64
CA ALA I 380 -85.83 -42.90 -16.57
C ALA I 380 -86.55 -41.77 -15.84
N ALA I 381 -87.22 -42.08 -14.73
CA ALA I 381 -87.90 -41.05 -13.96
C ALA I 381 -86.92 -40.11 -13.28
N ALA I 382 -85.73 -40.60 -12.92
CA ALA I 382 -84.72 -39.73 -12.34
C ALA I 382 -84.20 -38.70 -13.34
N ALA I 383 -84.14 -39.06 -14.62
CA ALA I 383 -83.70 -38.12 -15.64
C ALA I 383 -84.76 -37.05 -15.90
N VAL I 384 -86.05 -37.40 -15.74
CA VAL I 384 -87.12 -36.43 -15.91
C VAL I 384 -87.05 -35.35 -14.83
N TYR I 385 -86.75 -35.76 -13.59
CA TYR I 385 -86.49 -34.81 -12.52
C TYR I 385 -85.30 -33.91 -12.87
N ARG I 386 -84.25 -34.50 -13.46
CA ARG I 386 -83.10 -33.74 -13.91
C ARG I 386 -83.47 -32.81 -15.06
N LYS I 387 -84.34 -33.26 -15.97
CA LYS I 387 -84.71 -32.45 -17.12
C LYS I 387 -85.53 -31.23 -16.71
N ASP I 388 -86.38 -31.38 -15.69
CA ASP I 388 -87.13 -30.25 -15.18
C ASP I 388 -86.21 -29.20 -14.57
N LYS I 389 -85.17 -29.64 -13.86
CA LYS I 389 -84.17 -28.70 -13.36
C LYS I 389 -83.32 -28.14 -14.48
N ALA I 390 -83.12 -28.90 -15.55
CA ALA I 390 -82.40 -28.39 -16.72
C ALA I 390 -83.18 -27.26 -17.38
N ARG I 391 -84.48 -27.47 -17.61
CA ARG I 391 -85.30 -26.45 -18.27
C ARG I 391 -85.43 -25.20 -17.42
N LYS I 392 -85.40 -25.34 -16.10
CA LYS I 392 -85.35 -24.17 -15.23
C LYS I 392 -84.00 -23.47 -15.32
N SER I 393 -82.92 -24.25 -15.47
CA SER I 393 -81.58 -23.66 -15.54
C SER I 393 -81.36 -22.92 -16.84
N ARG I 394 -81.78 -23.50 -17.97
CA ARG I 394 -81.62 -22.83 -19.26
C ARG I 394 -82.49 -21.59 -19.36
N ARG I 395 -83.69 -21.62 -18.76
CA ARG I 395 -84.62 -20.50 -18.89
C ARG I 395 -84.09 -19.24 -18.19
N ILE I 396 -83.50 -19.40 -17.00
CA ILE I 396 -83.02 -18.22 -16.26
C ILE I 396 -81.83 -17.61 -16.96
N SER I 397 -81.03 -18.43 -17.66
CA SER I 397 -80.01 -17.86 -18.54
C SER I 397 -80.66 -17.21 -19.76
N LEU I 398 -81.64 -17.89 -20.36
CA LEU I 398 -82.26 -17.41 -21.60
C LEU I 398 -82.97 -16.09 -21.40
N GLU I 399 -83.66 -15.93 -20.26
CA GLU I 399 -84.36 -14.67 -19.99
C GLU I 399 -83.38 -13.52 -19.75
N PHE I 400 -82.20 -13.82 -19.22
CA PHE I 400 -81.22 -12.76 -18.99
C PHE I 400 -80.59 -12.28 -20.28
N MET I 401 -80.20 -13.20 -21.17
CA MET I 401 -79.60 -12.79 -22.44
C MET I 401 -80.61 -12.09 -23.33
N LEU I 402 -81.90 -12.42 -23.20
CA LEU I 402 -82.94 -11.70 -23.95
C LEU I 402 -83.02 -10.25 -23.50
N GLU I 403 -82.96 -10.03 -22.19
CA GLU I 403 -83.02 -8.67 -21.63
C GLU I 403 -81.81 -7.85 -22.08
N GLN I 404 -80.64 -8.49 -22.14
CA GLN I 404 -79.44 -7.80 -22.59
C GLN I 404 -79.48 -7.55 -24.10
N ALA I 405 -79.96 -8.52 -24.88
CA ALA I 405 -80.03 -8.34 -26.33
C ALA I 405 -81.03 -7.25 -26.70
N ASN I 406 -82.16 -7.19 -25.99
CA ASN I 406 -83.12 -6.11 -26.21
C ASN I 406 -82.53 -4.76 -25.79
N LYS I 407 -81.67 -4.77 -24.77
CA LYS I 407 -81.10 -3.53 -24.25
C LYS I 407 -80.19 -2.85 -25.27
N PHE I 408 -79.40 -3.64 -26.00
CA PHE I 408 -78.43 -3.11 -26.94
C PHE I 408 -78.85 -3.30 -28.39
N ALA I 409 -80.12 -3.62 -28.63
CA ALA I 409 -80.62 -3.76 -30.00
C ALA I 409 -80.57 -2.43 -30.74
N ASN I 410 -80.92 -1.34 -30.07
CA ASN I 410 -80.92 -0.03 -30.72
C ASN I 410 -79.52 0.50 -30.97
N HIS I 411 -78.53 0.02 -30.21
CA HIS I 411 -77.20 0.58 -30.28
C HIS I 411 -76.51 0.22 -31.59
N LYS I 412 -75.80 1.20 -32.16
CA LYS I 412 -75.30 1.08 -33.52
C LYS I 412 -74.12 0.12 -33.59
N ALA I 413 -73.38 0.01 -32.49
CA ALA I 413 -72.36 -1.02 -32.30
C ALA I 413 -72.08 -1.14 -30.82
N ILE I 414 -71.69 -2.33 -30.39
CA ILE I 414 -71.23 -2.56 -29.03
C ILE I 414 -69.93 -3.35 -29.10
N TRP I 415 -69.17 -3.29 -28.02
CA TRP I 415 -67.86 -3.92 -27.96
C TRP I 415 -67.75 -4.80 -26.72
N PHE I 416 -66.91 -5.82 -26.82
CA PHE I 416 -66.73 -6.77 -25.75
C PHE I 416 -65.29 -6.70 -25.25
N PRO I 417 -65.06 -6.56 -23.95
CA PRO I 417 -63.71 -6.70 -23.41
C PRO I 417 -63.31 -8.15 -23.30
N TYR I 418 -62.00 -8.40 -23.36
CA TYR I 418 -61.47 -9.74 -23.33
C TYR I 418 -60.34 -9.85 -22.33
N ASN I 419 -60.29 -10.98 -21.63
CA ASN I 419 -59.12 -11.39 -20.85
C ASN I 419 -58.95 -12.89 -21.06
N MET I 420 -58.13 -13.53 -20.23
CA MET I 420 -57.80 -14.93 -20.47
C MET I 420 -57.71 -15.68 -19.16
N ASP I 421 -57.88 -17.00 -19.25
CA ASP I 421 -57.64 -17.88 -18.12
C ASP I 421 -56.14 -18.04 -17.90
N TRP I 422 -55.77 -18.85 -16.91
CA TRP I 422 -54.34 -18.93 -16.56
C TRP I 422 -53.52 -19.70 -17.58
N ARG I 423 -54.14 -20.47 -18.49
CA ARG I 423 -53.40 -21.09 -19.59
C ARG I 423 -53.20 -20.15 -20.77
N GLY I 424 -54.17 -19.30 -21.06
CA GLY I 424 -54.03 -18.38 -22.17
C GLY I 424 -55.10 -18.46 -23.24
N ARG I 425 -56.25 -19.05 -22.94
CA ARG I 425 -57.39 -19.01 -23.85
C ARG I 425 -58.22 -17.76 -23.60
N VAL I 426 -58.58 -17.07 -24.68
CA VAL I 426 -59.22 -15.77 -24.59
C VAL I 426 -60.71 -15.94 -24.30
N TYR I 427 -61.18 -15.22 -23.28
CA TYR I 427 -62.58 -15.25 -22.87
C TYR I 427 -63.14 -13.84 -22.89
N ALA I 428 -64.32 -13.68 -23.48
CA ALA I 428 -65.03 -12.41 -23.38
C ALA I 428 -65.51 -12.22 -21.95
N VAL I 429 -65.35 -11.00 -21.43
CA VAL I 429 -65.61 -10.76 -20.01
C VAL I 429 -67.10 -10.66 -19.72
N SER I 430 -67.89 -10.12 -20.65
CA SER I 430 -69.32 -10.02 -20.45
C SER I 430 -69.99 -11.39 -20.48
N MET I 431 -71.08 -11.52 -19.72
CA MET I 431 -71.88 -12.73 -19.79
C MET I 431 -72.59 -12.85 -21.13
N PHE I 432 -73.27 -11.79 -21.55
CA PHE I 432 -73.83 -11.73 -22.89
C PHE I 432 -72.69 -11.45 -23.85
N ASN I 433 -72.27 -12.48 -24.58
CA ASN I 433 -71.07 -12.43 -25.38
C ASN I 433 -71.15 -13.55 -26.41
N PRO I 434 -70.39 -13.46 -27.52
CA PRO I 434 -70.61 -14.44 -28.61
C PRO I 434 -69.97 -15.79 -28.38
N GLN I 435 -69.60 -16.10 -27.14
CA GLN I 435 -69.11 -17.42 -26.77
C GLN I 435 -70.16 -18.25 -26.03
N GLY I 436 -71.42 -17.83 -26.04
CA GLY I 436 -72.50 -18.53 -25.38
C GLY I 436 -73.10 -19.62 -26.24
N ASN I 437 -74.38 -19.92 -25.99
CA ASN I 437 -75.07 -20.94 -26.74
C ASN I 437 -75.32 -20.46 -28.17
N ASP I 438 -75.84 -21.38 -29.00
CA ASP I 438 -76.13 -21.07 -30.40
C ASP I 438 -77.13 -19.93 -30.54
N MET I 439 -78.01 -19.78 -29.55
CA MET I 439 -78.97 -18.69 -29.58
C MET I 439 -78.28 -17.35 -29.38
N THR I 440 -77.34 -17.27 -28.44
CA THR I 440 -76.59 -16.03 -28.22
C THR I 440 -75.74 -15.69 -29.43
N LYS I 441 -75.11 -16.71 -30.04
CA LYS I 441 -74.34 -16.49 -31.26
C LYS I 441 -75.24 -16.05 -32.41
N GLY I 442 -76.43 -16.64 -32.53
CA GLY I 442 -77.36 -16.22 -33.56
C GLY I 442 -77.93 -14.84 -33.31
N LEU I 443 -78.00 -14.42 -32.04
CA LEU I 443 -78.49 -13.09 -31.71
C LEU I 443 -77.49 -12.00 -32.08
N LEU I 444 -76.20 -12.32 -32.16
CA LEU I 444 -75.14 -11.34 -32.37
C LEU I 444 -74.56 -11.48 -33.78
N THR I 445 -74.18 -10.35 -34.37
CA THR I 445 -73.51 -10.31 -35.66
C THR I 445 -72.53 -9.14 -35.65
N LEU I 446 -71.63 -9.10 -36.62
CA LEU I 446 -70.66 -8.02 -36.63
C LEU I 446 -71.26 -6.69 -37.07
N ALA I 447 -70.73 -5.60 -36.51
CA ALA I 447 -71.16 -4.26 -36.89
C ALA I 447 -70.49 -3.80 -38.20
N LYS I 448 -69.17 -3.94 -38.28
CA LYS I 448 -68.48 -3.64 -39.52
C LYS I 448 -68.81 -4.67 -40.59
N GLY I 449 -68.89 -4.21 -41.83
CA GLY I 449 -69.31 -5.09 -42.91
C GLY I 449 -68.69 -4.71 -44.24
N LYS I 450 -68.65 -5.69 -45.12
CA LYS I 450 -68.10 -5.55 -46.47
C LYS I 450 -69.06 -6.23 -47.45
N PRO I 451 -68.98 -5.89 -48.73
CA PRO I 451 -69.65 -6.71 -49.74
C PRO I 451 -69.16 -8.15 -49.67
N ILE I 452 -70.10 -9.08 -49.83
CA ILE I 452 -69.86 -10.46 -49.45
C ILE I 452 -68.84 -11.13 -50.37
N GLY I 453 -68.96 -10.93 -51.67
CA GLY I 453 -68.04 -11.51 -52.63
C GLY I 453 -68.37 -12.96 -52.95
N LYS I 454 -67.74 -13.45 -54.01
CA LYS I 454 -67.96 -14.84 -54.44
C LYS I 454 -67.44 -15.82 -53.41
N GLU I 455 -66.24 -15.57 -52.87
CA GLU I 455 -65.69 -16.44 -51.83
C GLU I 455 -66.54 -16.40 -50.57
N GLY I 456 -67.03 -15.21 -50.21
CA GLY I 456 -67.91 -15.10 -49.05
C GLY I 456 -69.22 -15.82 -49.26
N TYR I 457 -69.75 -15.78 -50.48
CA TYR I 457 -70.97 -16.53 -50.80
C TYR I 457 -70.74 -18.03 -50.69
N TYR I 458 -69.58 -18.50 -51.16
CA TYR I 458 -69.23 -19.91 -51.04
C TYR I 458 -69.04 -20.31 -49.57
N TRP I 459 -68.39 -19.46 -48.78
CA TRP I 459 -68.19 -19.76 -47.36
C TRP I 459 -69.48 -19.61 -46.56
N LEU I 460 -70.37 -18.71 -46.98
CA LEU I 460 -71.66 -18.57 -46.29
C LEU I 460 -72.46 -19.85 -46.36
N LYS I 461 -72.49 -20.49 -47.55
CA LYS I 461 -73.14 -21.79 -47.68
C LYS I 461 -72.46 -22.83 -46.81
N ILE I 462 -71.12 -22.74 -46.68
CA ILE I 462 -70.37 -23.68 -45.86
C ILE I 462 -70.75 -23.53 -44.39
N HIS I 463 -70.83 -22.28 -43.89
CA HIS I 463 -71.23 -22.05 -42.51
C HIS I 463 -72.67 -22.49 -42.29
N GLY I 464 -73.56 -22.19 -43.24
CA GLY I 464 -74.93 -22.67 -43.15
C GLY I 464 -75.02 -24.18 -43.19
N ALA I 465 -74.15 -24.81 -43.98
CA ALA I 465 -74.03 -26.26 -43.94
C ALA I 465 -73.54 -26.74 -42.57
N ASN I 466 -72.54 -26.05 -42.01
CA ASN I 466 -72.13 -26.35 -40.65
C ASN I 466 -73.21 -25.98 -39.65
N CYS I 467 -73.96 -24.92 -39.92
CA CYS I 467 -75.14 -24.62 -39.11
C CYS I 467 -76.23 -25.67 -39.31
N ALA I 468 -76.32 -26.25 -40.51
CA ALA I 468 -77.16 -27.42 -40.72
C ALA I 468 -76.58 -28.68 -40.09
N GLY I 469 -75.34 -28.61 -39.60
CA GLY I 469 -74.70 -29.74 -38.98
C GLY I 469 -74.04 -30.71 -39.93
N VAL I 470 -74.08 -30.46 -41.23
CA VAL I 470 -73.48 -31.38 -42.21
C VAL I 470 -72.02 -30.96 -42.38
N ASP I 471 -71.19 -31.39 -41.42
CA ASP I 471 -69.74 -31.29 -41.50
C ASP I 471 -69.11 -32.64 -41.80
N LYS I 472 -69.93 -33.64 -42.06
CA LYS I 472 -69.51 -35.01 -42.33
C LYS I 472 -69.03 -35.21 -43.75
N VAL I 473 -69.05 -34.17 -44.58
CA VAL I 473 -68.97 -34.30 -46.03
C VAL I 473 -67.94 -33.30 -46.57
N PRO I 474 -67.44 -33.54 -47.78
CA PRO I 474 -66.58 -32.54 -48.45
C PRO I 474 -67.31 -31.24 -48.72
N PHE I 475 -66.51 -30.21 -49.01
CA PHE I 475 -67.05 -28.87 -49.26
C PHE I 475 -67.98 -28.78 -50.47
N PRO I 476 -67.67 -29.37 -51.65
CA PRO I 476 -68.64 -29.27 -52.76
C PRO I 476 -70.00 -29.86 -52.45
N GLU I 477 -70.06 -30.96 -51.70
CA GLU I 477 -71.36 -31.53 -51.36
C GLU I 477 -72.06 -30.69 -50.30
N ARG I 478 -71.30 -29.99 -49.45
CA ARG I 478 -71.88 -28.99 -48.55
C ARG I 478 -72.61 -27.89 -49.32
N ILE I 479 -72.12 -27.54 -50.51
CA ILE I 479 -72.81 -26.56 -51.33
C ILE I 479 -74.11 -27.12 -51.88
N LYS I 480 -74.12 -28.41 -52.25
CA LYS I 480 -75.29 -28.99 -52.90
C LYS I 480 -76.46 -29.11 -51.93
N PHE I 481 -76.21 -29.34 -50.64
CA PHE I 481 -77.30 -29.45 -49.69
C PHE I 481 -78.01 -28.12 -49.47
N ILE I 482 -77.26 -27.02 -49.55
CA ILE I 482 -77.88 -25.70 -49.45
C ILE I 482 -78.73 -25.41 -50.69
N GLU I 483 -78.22 -25.74 -51.87
CA GLU I 483 -78.94 -25.47 -53.10
C GLU I 483 -80.03 -26.50 -53.39
N GLU I 484 -79.97 -27.68 -52.79
CA GLU I 484 -81.07 -28.64 -52.94
C GLU I 484 -82.32 -28.16 -52.21
N ASN I 485 -82.15 -27.42 -51.12
CA ASN I 485 -83.26 -26.85 -50.37
C ASN I 485 -83.42 -25.35 -50.59
N HIS I 486 -82.78 -24.81 -51.64
CA HIS I 486 -82.64 -23.38 -51.93
C HIS I 486 -83.94 -22.60 -51.80
N GLU I 487 -85.06 -23.20 -52.20
CA GLU I 487 -86.34 -22.51 -52.08
C GLU I 487 -86.85 -22.49 -50.64
N ASN I 488 -86.45 -23.46 -49.83
CA ASN I 488 -86.92 -23.53 -48.45
C ASN I 488 -86.21 -22.53 -47.53
N ILE I 489 -85.00 -22.08 -47.89
CA ILE I 489 -84.33 -21.05 -47.10
C ILE I 489 -85.07 -19.72 -47.22
N MET I 490 -85.57 -19.41 -48.43
CA MET I 490 -86.28 -18.16 -48.66
C MET I 490 -87.56 -18.07 -47.84
N ALA I 491 -88.30 -19.18 -47.74
CA ALA I 491 -89.50 -19.20 -46.91
C ALA I 491 -89.13 -19.06 -45.43
N CYS I 492 -88.00 -19.64 -45.02
CA CYS I 492 -87.55 -19.51 -43.64
C CYS I 492 -87.14 -18.08 -43.31
N ALA I 493 -86.54 -17.37 -44.27
CA ALA I 493 -86.11 -16.01 -44.02
C ALA I 493 -87.27 -15.03 -44.03
N LYS I 494 -88.28 -15.28 -44.87
CA LYS I 494 -89.39 -14.33 -45.03
C LYS I 494 -90.25 -14.27 -43.78
N SER I 495 -90.87 -15.39 -43.42
CA SER I 495 -91.68 -15.50 -42.21
C SER I 495 -91.17 -16.68 -41.42
N PRO I 496 -90.15 -16.48 -40.57
CA PRO I 496 -89.58 -17.61 -39.81
C PRO I 496 -90.54 -18.23 -38.82
N LEU I 497 -91.57 -17.50 -38.39
CA LEU I 497 -92.55 -18.09 -37.49
C LEU I 497 -93.40 -19.14 -38.21
N GLU I 498 -93.69 -18.92 -39.49
CA GLU I 498 -94.57 -19.81 -40.24
C GLU I 498 -93.86 -21.12 -40.64
N ASN I 499 -92.59 -21.05 -40.99
CA ASN I 499 -91.83 -22.22 -41.40
C ASN I 499 -90.78 -22.54 -40.34
N THR I 500 -90.90 -23.73 -39.74
CA THR I 500 -90.02 -24.13 -38.65
C THR I 500 -88.70 -24.71 -39.12
N TRP I 501 -88.41 -24.65 -40.43
CA TRP I 501 -87.29 -25.43 -40.98
C TRP I 501 -85.93 -24.97 -40.45
N TRP I 502 -85.83 -23.79 -39.84
CA TRP I 502 -84.56 -23.46 -39.20
C TRP I 502 -84.42 -24.11 -37.83
N ALA I 503 -85.50 -24.61 -37.23
CA ALA I 503 -85.45 -25.06 -35.84
C ALA I 503 -84.93 -26.48 -35.69
N GLU I 504 -85.13 -27.35 -36.68
CA GLU I 504 -84.63 -28.72 -36.57
C GLU I 504 -83.13 -28.81 -36.80
N GLN I 505 -82.48 -27.71 -37.18
CA GLN I 505 -81.04 -27.68 -37.34
C GLN I 505 -80.34 -27.82 -36.00
N ASP I 506 -79.13 -28.40 -36.03
CA ASP I 506 -78.36 -28.59 -34.81
C ASP I 506 -77.90 -27.28 -34.20
N SER I 507 -77.83 -26.22 -35.00
CA SER I 507 -77.56 -24.87 -34.51
C SER I 507 -78.69 -23.99 -35.04
N PRO I 508 -79.87 -24.04 -34.40
CA PRO I 508 -81.07 -23.45 -35.01
C PRO I 508 -81.05 -21.93 -35.17
N PHE I 509 -80.71 -21.21 -34.10
CA PHE I 509 -80.65 -19.75 -34.21
C PHE I 509 -79.46 -19.30 -35.05
N CYS I 510 -78.35 -20.05 -35.01
CA CYS I 510 -77.22 -19.76 -35.88
C CYS I 510 -77.58 -20.02 -37.34
N PHE I 511 -78.28 -21.13 -37.62
CA PHE I 511 -78.75 -21.38 -38.97
C PHE I 511 -79.80 -20.37 -39.40
N LEU I 512 -80.59 -19.88 -38.44
CA LEU I 512 -81.58 -18.85 -38.76
C LEU I 512 -80.91 -17.57 -39.24
N ALA I 513 -79.89 -17.12 -38.51
CA ALA I 513 -79.16 -15.90 -38.87
C ALA I 513 -78.50 -16.00 -40.25
N PHE I 514 -78.22 -17.22 -40.71
CA PHE I 514 -77.75 -17.44 -42.08
C PHE I 514 -78.85 -17.09 -43.08
N CYS I 515 -80.12 -17.36 -42.74
CA CYS I 515 -81.19 -17.29 -43.72
C CYS I 515 -81.50 -15.87 -44.16
N PHE I 516 -81.49 -14.91 -43.23
CA PHE I 516 -81.75 -13.52 -43.62
C PHE I 516 -80.64 -12.97 -44.50
N GLU I 517 -79.39 -13.37 -44.25
CA GLU I 517 -78.31 -13.00 -45.14
C GLU I 517 -78.40 -13.74 -46.46
N TYR I 518 -78.82 -15.01 -46.43
CA TYR I 518 -78.92 -15.79 -47.66
C TYR I 518 -80.02 -15.27 -48.57
N ALA I 519 -81.16 -14.89 -48.00
CA ALA I 519 -82.18 -14.22 -48.80
C ALA I 519 -81.77 -12.81 -49.16
N GLY I 520 -81.05 -12.13 -48.27
CA GLY I 520 -80.60 -10.78 -48.56
C GLY I 520 -79.61 -10.71 -49.71
N VAL I 521 -78.75 -11.72 -49.82
CA VAL I 521 -77.86 -11.80 -50.97
C VAL I 521 -78.65 -12.10 -52.23
N GLN I 522 -79.61 -13.02 -52.15
CA GLN I 522 -80.42 -13.38 -53.32
C GLN I 522 -81.38 -12.27 -53.74
N HIS I 523 -81.53 -11.21 -52.94
CA HIS I 523 -82.24 -10.01 -53.37
C HIS I 523 -81.29 -9.02 -54.02
N HIS I 524 -80.26 -8.60 -53.30
CA HIS I 524 -79.39 -7.50 -53.70
C HIS I 524 -78.14 -7.96 -54.44
N GLY I 525 -77.98 -9.25 -54.71
CA GLY I 525 -76.82 -9.70 -55.45
C GLY I 525 -75.56 -9.73 -54.58
N LEU I 526 -74.42 -9.73 -55.27
CA LEU I 526 -73.13 -9.76 -54.60
C LEU I 526 -72.78 -8.44 -53.92
N SER I 527 -73.49 -7.36 -54.25
CA SER I 527 -73.26 -6.07 -53.61
C SER I 527 -73.81 -6.02 -52.19
N TYR I 528 -74.54 -7.04 -51.75
CA TYR I 528 -75.08 -7.08 -50.41
C TYR I 528 -73.97 -7.09 -49.36
N ASN I 529 -74.14 -6.27 -48.33
CA ASN I 529 -73.14 -6.13 -47.27
C ASN I 529 -73.47 -7.13 -46.16
N CYS I 530 -72.82 -8.28 -46.19
CA CYS I 530 -73.03 -9.32 -45.19
C CYS I 530 -72.01 -9.18 -44.07
N SER I 531 -72.49 -9.11 -42.83
CA SER I 531 -71.64 -8.98 -41.66
C SER I 531 -71.92 -10.08 -40.64
N LEU I 532 -72.19 -11.30 -41.11
CA LEU I 532 -72.47 -12.46 -40.25
C LEU I 532 -71.17 -13.24 -39.99
N PRO I 533 -70.86 -13.58 -38.74
CA PRO I 533 -69.60 -14.29 -38.46
C PRO I 533 -69.64 -15.73 -38.92
N LEU I 534 -68.51 -16.21 -39.42
CA LEU I 534 -68.42 -17.52 -40.03
C LEU I 534 -67.30 -18.30 -39.36
N ALA I 535 -67.68 -19.27 -38.52
CA ALA I 535 -66.74 -19.98 -37.65
C ALA I 535 -66.42 -21.36 -38.22
N PHE I 536 -65.13 -21.65 -38.38
CA PHE I 536 -64.65 -22.91 -38.96
C PHE I 536 -63.84 -23.65 -37.89
N ASP I 537 -64.36 -24.77 -37.40
CA ASP I 537 -63.84 -25.42 -36.21
C ASP I 537 -62.96 -26.63 -36.55
N GLY I 538 -61.82 -26.72 -35.88
CA GLY I 538 -61.05 -27.95 -35.95
C GLY I 538 -61.82 -29.11 -35.35
N SER I 539 -61.62 -30.30 -35.93
CA SER I 539 -62.40 -31.48 -35.53
C SER I 539 -62.15 -31.84 -34.08
N CYS I 540 -60.88 -31.85 -33.66
CA CYS I 540 -60.53 -31.99 -32.26
C CYS I 540 -59.16 -31.34 -32.09
N SER I 541 -59.15 -30.09 -31.60
CA SER I 541 -57.92 -29.30 -31.54
C SER I 541 -56.88 -29.87 -30.60
N GLY I 542 -57.28 -30.73 -29.66
CA GLY I 542 -56.31 -31.38 -28.79
C GLY I 542 -55.37 -32.28 -29.54
N ILE I 543 -55.89 -33.08 -30.49
CA ILE I 543 -55.07 -33.95 -31.31
C ILE I 543 -54.80 -33.36 -32.69
N GLN I 544 -55.40 -32.22 -33.03
CA GLN I 544 -54.85 -31.38 -34.10
C GLN I 544 -53.48 -30.84 -33.70
N HIS I 545 -53.37 -30.35 -32.46
CA HIS I 545 -52.12 -29.78 -31.96
C HIS I 545 -51.08 -30.86 -31.67
N PHE I 546 -51.52 -31.97 -31.06
CA PHE I 546 -50.59 -33.01 -30.62
C PHE I 546 -49.87 -33.65 -31.80
N SER I 547 -50.58 -33.81 -32.93
CA SER I 547 -49.98 -34.44 -34.09
C SER I 547 -48.93 -33.57 -34.76
N ALA I 548 -48.91 -32.27 -34.48
CA ALA I 548 -47.93 -31.38 -35.09
C ALA I 548 -46.69 -31.17 -34.26
N MET I 549 -46.75 -31.42 -32.94
CA MET I 549 -45.56 -31.31 -32.10
C MET I 549 -44.56 -32.41 -32.44
N LEU I 550 -45.02 -33.66 -32.44
CA LEU I 550 -44.16 -34.81 -32.67
C LEU I 550 -44.28 -35.33 -34.08
N ARG I 551 -44.87 -34.53 -34.97
CA ARG I 551 -45.03 -34.87 -36.39
C ARG I 551 -45.79 -36.18 -36.54
N ASP I 552 -46.75 -36.42 -35.63
CA ASP I 552 -47.48 -37.67 -35.59
C ASP I 552 -48.22 -37.89 -36.89
N GLU I 553 -47.75 -38.82 -37.72
CA GLU I 553 -48.38 -39.03 -39.00
C GLU I 553 -49.82 -39.50 -38.82
N VAL I 554 -50.00 -40.68 -38.22
CA VAL I 554 -51.31 -41.34 -38.18
C VAL I 554 -52.37 -40.48 -37.52
N GLY I 555 -51.96 -39.54 -36.66
CA GLY I 555 -52.90 -38.56 -36.16
C GLY I 555 -53.26 -37.50 -37.19
N GLY I 556 -52.29 -37.10 -38.01
CA GLY I 556 -52.53 -36.05 -38.99
C GLY I 556 -53.60 -36.39 -40.01
N ARG I 557 -53.72 -37.67 -40.37
CA ARG I 557 -54.89 -38.10 -41.12
C ARG I 557 -56.16 -38.02 -40.29
N ALA I 558 -56.10 -38.46 -39.02
CA ALA I 558 -57.30 -38.64 -38.22
C ALA I 558 -58.01 -37.33 -37.97
N VAL I 559 -57.28 -36.23 -37.90
CA VAL I 559 -57.85 -34.91 -37.78
C VAL I 559 -57.73 -34.13 -39.09
N ASN I 560 -57.49 -34.84 -40.19
CA ASN I 560 -57.46 -34.31 -41.55
C ASN I 560 -56.40 -33.23 -41.75
N LEU I 561 -55.32 -33.28 -40.96
CA LEU I 561 -54.22 -32.32 -41.14
C LEU I 561 -53.57 -32.45 -42.51
N LEU I 562 -53.59 -33.63 -43.11
CA LEU I 562 -53.13 -33.71 -44.48
C LEU I 562 -54.28 -33.48 -45.44
N PRO I 563 -53.98 -33.15 -46.70
CA PRO I 563 -55.04 -33.12 -47.72
C PRO I 563 -55.66 -34.49 -47.90
N SER I 564 -56.95 -34.58 -47.57
CA SER I 564 -57.69 -35.82 -47.60
C SER I 564 -58.88 -35.70 -48.54
N GLU I 565 -59.20 -36.81 -49.22
CA GLU I 565 -60.38 -36.85 -50.07
C GLU I 565 -61.65 -36.95 -49.24
N THR I 566 -61.60 -37.70 -48.14
CA THR I 566 -62.74 -37.90 -47.24
C THR I 566 -62.39 -37.34 -45.88
N VAL I 567 -63.36 -36.69 -45.24
CA VAL I 567 -63.16 -36.21 -43.87
C VAL I 567 -63.27 -37.40 -42.93
N GLN I 568 -62.35 -37.48 -41.98
CA GLN I 568 -62.13 -38.67 -41.18
C GLN I 568 -62.41 -38.37 -39.72
N ASP I 569 -63.32 -39.12 -39.13
CA ASP I 569 -63.58 -39.04 -37.69
C ASP I 569 -62.69 -40.05 -36.99
N ILE I 570 -62.03 -39.61 -35.92
CA ILE I 570 -61.12 -40.48 -35.19
C ILE I 570 -61.87 -41.63 -34.54
N TYR I 571 -63.13 -41.41 -34.17
CA TYR I 571 -63.95 -42.48 -33.62
C TYR I 571 -64.25 -43.54 -34.67
N GLY I 572 -64.52 -43.12 -35.91
CA GLY I 572 -64.77 -44.08 -36.96
C GLY I 572 -63.56 -44.94 -37.28
N ILE I 573 -62.37 -44.36 -37.23
CA ILE I 573 -61.14 -45.13 -37.37
C ILE I 573 -60.97 -46.09 -36.19
N VAL I 574 -61.26 -45.62 -34.98
CA VAL I 574 -61.18 -46.48 -33.80
C VAL I 574 -62.23 -47.57 -33.87
N ALA I 575 -63.47 -47.22 -34.23
CA ALA I 575 -64.54 -48.21 -34.31
C ALA I 575 -64.28 -49.23 -35.40
N LYS I 576 -63.71 -48.80 -36.52
CA LYS I 576 -63.33 -49.75 -37.57
C LYS I 576 -62.19 -50.64 -37.13
N LYS I 577 -61.25 -50.11 -36.33
CA LYS I 577 -60.25 -50.96 -35.70
C LYS I 577 -60.90 -51.93 -34.72
N VAL I 578 -61.85 -51.44 -33.90
CA VAL I 578 -62.53 -52.28 -32.92
C VAL I 578 -63.30 -53.40 -33.61
N ASN I 579 -63.89 -53.10 -34.77
CA ASN I 579 -64.54 -54.13 -35.58
C ASN I 579 -63.54 -55.20 -36.03
N GLU I 580 -62.33 -54.77 -36.42
CA GLU I 580 -61.32 -55.72 -36.88
C GLU I 580 -60.81 -56.61 -35.74
N ILE I 581 -60.52 -56.02 -34.58
CA ILE I 581 -59.94 -56.79 -33.49
C ILE I 581 -60.99 -57.71 -32.86
N LEU I 582 -62.25 -57.29 -32.85
CA LEU I 582 -63.32 -58.09 -32.26
C LEU I 582 -63.53 -59.39 -33.05
N GLN I 583 -63.40 -59.34 -34.37
CA GLN I 583 -63.46 -60.56 -35.16
C GLN I 583 -62.27 -61.48 -34.88
N ALA I 584 -61.13 -60.91 -34.47
CA ALA I 584 -59.95 -61.72 -34.19
C ALA I 584 -60.09 -62.52 -32.91
N ASP I 585 -60.75 -61.97 -31.89
CA ASP I 585 -60.97 -62.72 -30.67
C ASP I 585 -62.04 -63.79 -30.87
N ALA I 586 -62.96 -63.58 -31.81
CA ALA I 586 -63.88 -64.64 -32.18
C ALA I 586 -63.17 -65.80 -32.84
N ILE I 587 -61.98 -65.58 -33.41
CA ILE I 587 -61.22 -66.67 -34.03
C ILE I 587 -60.64 -67.58 -32.97
N ASN I 588 -59.77 -67.03 -32.12
CA ASN I 588 -59.08 -67.81 -31.10
C ASN I 588 -59.56 -67.48 -29.70
N GLY I 589 -59.41 -66.22 -29.28
CA GLY I 589 -59.85 -65.74 -27.98
C GLY I 589 -59.33 -66.50 -26.79
N THR I 590 -60.07 -66.43 -25.68
CA THR I 590 -59.80 -67.19 -24.48
C THR I 590 -61.10 -67.83 -24.03
N ASP I 591 -61.02 -69.04 -23.48
CA ASP I 591 -62.20 -69.71 -22.95
C ASP I 591 -62.65 -69.02 -21.65
N ASN I 592 -63.69 -69.58 -21.02
CA ASN I 592 -64.28 -68.98 -19.83
C ASN I 592 -63.76 -69.70 -18.59
N GLU I 593 -63.10 -68.94 -17.71
CA GLU I 593 -62.54 -69.46 -16.47
C GLU I 593 -63.35 -68.98 -15.27
N VAL I 594 -63.46 -69.84 -14.26
CA VAL I 594 -64.09 -69.49 -12.99
C VAL I 594 -62.99 -69.06 -12.02
N VAL I 595 -63.19 -67.92 -11.35
CA VAL I 595 -62.24 -67.41 -10.37
C VAL I 595 -63.02 -67.01 -9.12
N THR I 596 -62.30 -66.90 -8.01
CA THR I 596 -62.90 -66.66 -6.71
C THR I 596 -62.64 -65.22 -6.29
N VAL I 597 -63.70 -64.50 -5.96
CA VAL I 597 -63.62 -63.09 -5.59
C VAL I 597 -64.83 -62.77 -4.72
N THR I 598 -64.69 -61.77 -3.85
CA THR I 598 -65.76 -61.41 -2.93
C THR I 598 -66.88 -60.70 -3.67
N ASP I 599 -68.11 -61.18 -3.47
CA ASP I 599 -69.28 -60.51 -4.03
C ASP I 599 -69.48 -59.17 -3.34
N GLU I 600 -69.65 -58.11 -4.13
CA GLU I 600 -69.90 -56.81 -3.55
C GLU I 600 -71.32 -56.69 -3.02
N ASN I 601 -72.28 -57.33 -3.67
CA ASN I 601 -73.63 -57.35 -3.11
C ASN I 601 -73.68 -58.19 -1.84
N THR I 602 -73.15 -59.41 -1.88
CA THR I 602 -73.14 -60.26 -0.69
C THR I 602 -72.23 -59.71 0.39
N GLY I 603 -71.12 -59.09 -0.01
CA GLY I 603 -70.14 -58.56 0.91
C GLY I 603 -68.93 -59.45 1.13
N GLU I 604 -69.04 -60.72 0.77
CA GLU I 604 -68.01 -61.70 1.07
C GLU I 604 -67.77 -62.57 -0.17
N ILE I 605 -66.95 -63.59 0.02
CA ILE I 605 -66.49 -64.45 -1.07
C ILE I 605 -67.64 -65.27 -1.63
N SER I 606 -67.70 -65.34 -2.97
CA SER I 606 -68.67 -66.18 -3.67
C SER I 606 -67.97 -66.78 -4.89
N GLU I 607 -68.72 -67.42 -5.77
CA GLU I 607 -68.17 -68.12 -6.93
C GLU I 607 -68.73 -67.51 -8.22
N LYS I 608 -67.83 -67.08 -9.10
CA LYS I 608 -68.22 -66.53 -10.40
C LYS I 608 -67.29 -67.07 -11.47
N VAL I 609 -67.74 -66.95 -12.71
CA VAL I 609 -66.96 -67.30 -13.88
C VAL I 609 -66.67 -66.02 -14.67
N LYS I 610 -65.41 -65.79 -14.99
CA LYS I 610 -65.04 -64.67 -15.84
C LYS I 610 -65.32 -65.02 -17.29
N LEU I 611 -65.98 -64.12 -18.00
CA LEU I 611 -66.31 -64.37 -19.39
C LEU I 611 -65.05 -64.41 -20.25
N GLY I 612 -65.03 -65.35 -21.19
CA GLY I 612 -63.88 -65.47 -22.07
C GLY I 612 -63.91 -64.45 -23.20
N THR I 613 -62.72 -64.08 -23.66
CA THR I 613 -62.60 -63.04 -24.68
C THR I 613 -63.18 -63.49 -26.01
N LYS I 614 -63.13 -64.79 -26.32
CA LYS I 614 -63.83 -65.30 -27.49
C LYS I 614 -65.34 -65.16 -27.32
N ALA I 615 -65.85 -65.45 -26.12
CA ALA I 615 -67.24 -65.17 -25.81
C ALA I 615 -67.50 -63.66 -25.77
N LEU I 616 -66.55 -62.90 -25.20
CA LEU I 616 -66.70 -61.44 -25.16
C LEU I 616 -66.61 -60.83 -26.55
N ALA I 617 -65.90 -61.48 -27.47
CA ALA I 617 -65.95 -61.06 -28.86
C ALA I 617 -67.34 -61.32 -29.44
N GLY I 618 -67.75 -62.58 -29.45
CA GLY I 618 -69.00 -63.00 -30.07
C GLY I 618 -70.23 -62.32 -29.51
N GLN I 619 -70.14 -61.80 -28.28
CA GLN I 619 -71.13 -60.82 -27.84
C GLN I 619 -71.05 -59.56 -28.68
N TRP I 620 -69.96 -58.80 -28.57
CA TRP I 620 -69.89 -57.45 -29.13
C TRP I 620 -70.01 -57.42 -30.65
N LEU I 621 -69.82 -58.56 -31.34
CA LEU I 621 -70.13 -58.62 -32.77
C LEU I 621 -71.62 -58.46 -33.02
N ALA I 622 -72.45 -59.15 -32.24
CA ALA I 622 -73.89 -59.15 -32.45
C ALA I 622 -74.49 -57.76 -32.22
N TYR I 623 -73.96 -57.02 -31.25
CA TYR I 623 -74.35 -55.63 -31.12
C TYR I 623 -73.85 -54.80 -32.29
N GLY I 624 -72.60 -55.01 -32.67
CA GLY I 624 -71.93 -54.08 -33.57
C GLY I 624 -71.24 -52.97 -32.82
N VAL I 625 -70.14 -52.49 -33.40
CA VAL I 625 -69.37 -51.38 -32.86
C VAL I 625 -69.56 -50.18 -33.77
N THR I 626 -69.86 -49.03 -33.19
CA THR I 626 -70.15 -47.82 -33.94
C THR I 626 -69.22 -46.69 -33.47
N ARG I 627 -69.19 -45.63 -34.28
CA ARG I 627 -68.33 -44.50 -33.96
C ARG I 627 -68.79 -43.76 -32.71
N SER I 628 -70.11 -43.69 -32.47
CA SER I 628 -70.62 -42.96 -31.31
C SER I 628 -70.28 -43.67 -30.01
N VAL I 629 -70.11 -44.99 -30.05
CA VAL I 629 -69.69 -45.72 -28.85
C VAL I 629 -68.27 -45.34 -28.47
N THR I 630 -67.38 -45.22 -29.46
CA THR I 630 -65.99 -44.85 -29.24
C THR I 630 -65.75 -43.35 -29.30
N LYS I 631 -66.79 -42.54 -29.56
CA LYS I 631 -66.60 -41.10 -29.70
C LYS I 631 -66.20 -40.45 -28.37
N ARG I 632 -66.80 -40.90 -27.26
CA ARG I 632 -66.55 -40.24 -25.98
C ARG I 632 -65.13 -40.48 -25.49
N SER I 633 -64.54 -41.62 -25.84
CA SER I 633 -63.21 -41.97 -25.32
C SER I 633 -62.13 -41.05 -25.91
N VAL I 634 -62.15 -40.85 -27.23
CA VAL I 634 -61.16 -39.99 -27.86
C VAL I 634 -61.41 -38.51 -27.53
N MET I 635 -62.69 -38.12 -27.39
CA MET I 635 -63.00 -36.76 -26.97
C MET I 635 -62.53 -36.49 -25.55
N THR I 636 -62.53 -37.52 -24.70
CA THR I 636 -61.99 -37.41 -23.36
C THR I 636 -60.52 -37.80 -23.28
N LEU I 637 -59.95 -38.35 -24.35
CA LEU I 637 -58.52 -38.67 -24.35
C LEU I 637 -57.68 -37.40 -24.36
N ALA I 638 -58.15 -36.36 -25.05
CA ALA I 638 -57.49 -35.06 -24.97
C ALA I 638 -57.58 -34.47 -23.58
N TYR I 639 -58.57 -34.89 -22.78
CA TYR I 639 -58.65 -34.53 -21.38
C TYR I 639 -57.99 -35.55 -20.47
N GLY I 640 -57.41 -36.61 -21.04
CA GLY I 640 -56.58 -37.52 -20.27
C GLY I 640 -57.28 -38.74 -19.71
N SER I 641 -58.31 -39.24 -20.37
CA SER I 641 -59.07 -40.36 -19.83
C SER I 641 -58.31 -41.66 -20.04
N LYS I 642 -58.15 -42.43 -18.96
CA LYS I 642 -57.48 -43.71 -19.00
C LYS I 642 -58.45 -44.80 -19.46
N GLU I 643 -57.89 -45.99 -19.70
CA GLU I 643 -58.74 -47.14 -20.04
C GLU I 643 -59.61 -47.55 -18.86
N PHE I 644 -59.14 -47.33 -17.64
CA PHE I 644 -59.97 -47.65 -16.48
C PHE I 644 -61.11 -46.66 -16.33
N GLY I 645 -60.96 -45.46 -16.87
CA GLY I 645 -62.05 -44.51 -16.98
C GLY I 645 -62.81 -44.67 -18.28
N PHE I 646 -62.20 -45.35 -19.25
CA PHE I 646 -62.93 -45.73 -20.46
C PHE I 646 -64.05 -46.71 -20.13
N ARG I 647 -63.80 -47.67 -19.25
CA ARG I 647 -64.84 -48.61 -18.87
C ARG I 647 -65.94 -47.96 -18.06
N GLN I 648 -65.66 -46.84 -17.39
CA GLN I 648 -66.69 -46.15 -16.62
C GLN I 648 -67.65 -45.37 -17.50
N GLN I 649 -67.20 -44.89 -18.67
CA GLN I 649 -68.08 -44.07 -19.49
C GLN I 649 -68.96 -44.89 -20.43
N VAL I 650 -68.41 -45.93 -21.07
CA VAL I 650 -69.11 -46.65 -22.14
C VAL I 650 -70.39 -47.33 -21.66
N LEU I 651 -70.57 -47.49 -20.35
CA LEU I 651 -71.85 -47.95 -19.84
C LEU I 651 -72.94 -46.92 -20.08
N GLU I 652 -72.61 -45.64 -19.92
CA GLU I 652 -73.60 -44.58 -20.13
C GLU I 652 -73.86 -44.33 -21.61
N ASP I 653 -72.82 -44.32 -22.45
CA ASP I 653 -73.03 -44.00 -23.85
C ASP I 653 -73.76 -45.12 -24.60
N THR I 654 -73.43 -46.37 -24.28
CA THR I 654 -73.90 -47.49 -25.08
C THR I 654 -75.03 -48.28 -24.43
N ILE I 655 -74.91 -48.58 -23.14
CA ILE I 655 -75.77 -49.58 -22.51
C ILE I 655 -77.09 -49.01 -21.97
N GLN I 656 -77.14 -47.71 -21.66
CA GLN I 656 -78.25 -47.24 -20.83
C GLN I 656 -79.58 -47.07 -21.61
N PRO I 657 -79.66 -46.41 -22.77
CA PRO I 657 -80.87 -46.62 -23.60
C PRO I 657 -80.85 -47.92 -24.37
N ALA I 658 -79.79 -48.73 -24.29
CA ALA I 658 -79.85 -50.09 -24.84
C ALA I 658 -80.76 -50.98 -24.00
N ILE I 659 -80.65 -50.87 -22.68
CA ILE I 659 -81.55 -51.58 -21.79
C ILE I 659 -82.98 -51.09 -21.97
N ASP I 660 -83.14 -49.79 -22.22
CA ASP I 660 -84.45 -49.23 -22.56
C ASP I 660 -84.97 -49.81 -23.88
N SER I 661 -84.09 -49.95 -24.87
CA SER I 661 -84.47 -50.51 -26.16
C SER I 661 -84.51 -52.04 -26.16
N GLY I 662 -84.17 -52.67 -25.04
CA GLY I 662 -84.22 -54.11 -24.91
C GLY I 662 -82.92 -54.82 -25.22
N LYS I 663 -81.98 -54.17 -25.88
CA LYS I 663 -80.73 -54.84 -26.23
C LYS I 663 -79.74 -54.77 -25.08
N GLY I 664 -78.57 -55.38 -25.28
CA GLY I 664 -77.60 -55.54 -24.22
C GLY I 664 -77.85 -56.72 -23.31
N LEU I 665 -78.87 -57.54 -23.60
CA LEU I 665 -79.17 -58.71 -22.77
C LEU I 665 -78.07 -59.76 -22.86
N MET I 666 -77.41 -59.85 -24.00
CA MET I 666 -76.34 -60.83 -24.23
C MET I 666 -75.05 -60.48 -23.51
N PHE I 667 -74.88 -59.22 -23.08
CA PHE I 667 -73.91 -58.95 -22.03
C PHE I 667 -74.48 -59.50 -20.73
N THR I 668 -74.00 -60.67 -20.31
CA THR I 668 -74.46 -61.24 -19.06
C THR I 668 -74.09 -60.36 -17.87
N GLN I 669 -72.96 -59.65 -17.96
CA GLN I 669 -72.57 -58.63 -17.01
C GLN I 669 -72.22 -57.36 -17.77
N PRO I 670 -72.63 -56.19 -17.26
CA PRO I 670 -72.30 -54.93 -17.95
C PRO I 670 -70.90 -54.43 -17.65
N ASN I 671 -70.38 -54.76 -16.46
CA ASN I 671 -69.03 -54.35 -16.11
C ASN I 671 -67.98 -55.17 -16.86
N GLN I 672 -68.27 -56.44 -17.09
CA GLN I 672 -67.35 -57.29 -17.86
C GLN I 672 -67.24 -56.83 -19.30
N ALA I 673 -68.35 -56.42 -19.90
CA ALA I 673 -68.31 -55.90 -21.26
C ALA I 673 -67.64 -54.54 -21.33
N ALA I 674 -67.80 -53.72 -20.30
CA ALA I 674 -67.21 -52.39 -20.30
C ALA I 674 -65.69 -52.45 -20.19
N GLY I 675 -65.18 -53.29 -19.29
CA GLY I 675 -63.74 -53.41 -19.14
C GLY I 675 -63.06 -54.08 -20.32
N TYR I 676 -63.78 -54.94 -21.03
CA TYR I 676 -63.25 -55.54 -22.24
C TYR I 676 -63.23 -54.54 -23.39
N MET I 677 -64.29 -53.73 -23.52
CA MET I 677 -64.33 -52.69 -24.53
C MET I 677 -63.29 -51.62 -24.26
N ALA I 678 -63.08 -51.28 -22.97
CA ALA I 678 -62.12 -50.25 -22.59
C ALA I 678 -60.70 -50.64 -22.97
N LYS I 679 -60.33 -51.91 -22.75
CA LYS I 679 -59.03 -52.40 -23.20
C LYS I 679 -58.92 -52.43 -24.71
N LEU I 680 -60.04 -52.42 -25.43
CA LEU I 680 -60.04 -52.43 -26.88
C LEU I 680 -60.05 -51.04 -27.50
N ILE I 681 -60.54 -50.03 -26.79
CA ILE I 681 -60.47 -48.67 -27.31
C ILE I 681 -59.11 -48.06 -27.04
N TRP I 682 -58.54 -48.33 -25.86
CA TRP I 682 -57.24 -47.77 -25.48
C TRP I 682 -56.13 -48.22 -26.43
N GLU I 683 -56.18 -49.48 -26.85
CA GLU I 683 -55.26 -49.95 -27.88
C GLU I 683 -55.59 -49.33 -29.23
N SER I 684 -56.88 -49.12 -29.51
CA SER I 684 -57.28 -48.58 -30.81
C SER I 684 -56.93 -47.10 -30.94
N VAL I 685 -57.10 -46.32 -29.87
CA VAL I 685 -56.72 -44.92 -29.93
C VAL I 685 -55.21 -44.77 -29.98
N SER I 686 -54.46 -45.72 -29.41
CA SER I 686 -53.01 -45.69 -29.52
C SER I 686 -52.55 -45.92 -30.95
N VAL I 687 -53.29 -46.75 -31.70
CA VAL I 687 -53.00 -46.91 -33.12
C VAL I 687 -53.32 -45.63 -33.88
N THR I 688 -54.44 -44.99 -33.55
CA THR I 688 -54.91 -43.83 -34.31
C THR I 688 -54.03 -42.61 -34.08
N VAL I 689 -53.65 -42.34 -32.83
CA VAL I 689 -52.79 -41.20 -32.50
C VAL I 689 -51.67 -41.75 -31.60
N VAL I 690 -50.56 -42.17 -32.21
CA VAL I 690 -49.50 -42.80 -31.41
C VAL I 690 -48.71 -41.76 -30.64
N ALA I 691 -48.35 -40.64 -31.26
CA ALA I 691 -47.54 -39.66 -30.55
C ALA I 691 -48.37 -38.72 -29.69
N ALA I 692 -49.69 -38.66 -29.90
CA ALA I 692 -50.53 -37.86 -29.01
C ALA I 692 -50.58 -38.48 -27.63
N VAL I 693 -50.76 -39.80 -27.54
CA VAL I 693 -50.67 -40.44 -26.24
C VAL I 693 -49.22 -40.45 -25.76
N GLU I 694 -48.27 -40.77 -26.66
CA GLU I 694 -46.86 -40.89 -26.27
C GLU I 694 -46.31 -39.59 -25.71
N ALA I 695 -46.78 -38.45 -26.23
CA ALA I 695 -46.47 -37.18 -25.60
C ALA I 695 -47.13 -37.06 -24.23
N MET I 696 -48.39 -37.52 -24.13
CA MET I 696 -49.20 -37.30 -22.93
C MET I 696 -48.60 -37.98 -21.70
N ASN I 697 -48.02 -39.18 -21.88
CA ASN I 697 -47.33 -39.81 -20.76
C ASN I 697 -46.06 -39.06 -20.37
N TRP I 698 -45.44 -38.35 -21.31
CA TRP I 698 -44.17 -37.68 -21.02
C TRP I 698 -44.36 -36.54 -20.02
N LEU I 699 -45.32 -35.65 -20.26
CA LEU I 699 -45.56 -34.58 -19.30
C LEU I 699 -46.14 -35.11 -18.00
N LYS I 700 -46.88 -36.22 -18.06
CA LYS I 700 -47.42 -36.81 -16.84
C LYS I 700 -46.33 -37.49 -16.03
N SER I 701 -45.45 -38.24 -16.68
CA SER I 701 -44.31 -38.81 -15.97
C SER I 701 -43.38 -37.71 -15.47
N ALA I 702 -43.34 -36.58 -16.18
CA ALA I 702 -42.61 -35.42 -15.68
C ALA I 702 -43.22 -34.91 -14.38
N ALA I 703 -44.48 -34.47 -14.44
CA ALA I 703 -45.11 -33.76 -13.33
C ALA I 703 -45.19 -34.58 -12.05
N LYS I 704 -45.14 -35.90 -12.16
CA LYS I 704 -45.00 -36.72 -10.96
C LYS I 704 -43.65 -36.51 -10.29
N LEU I 705 -42.59 -36.36 -11.09
CA LEU I 705 -41.26 -36.13 -10.51
C LEU I 705 -41.18 -34.77 -9.82
N LEU I 706 -41.71 -33.71 -10.44
CA LEU I 706 -41.64 -32.39 -9.81
C LEU I 706 -42.51 -32.32 -8.56
N ALA I 707 -43.67 -32.96 -8.58
CA ALA I 707 -44.58 -32.95 -7.43
C ALA I 707 -44.31 -34.16 -6.53
N ALA I 708 -43.08 -34.23 -6.05
CA ALA I 708 -42.64 -35.33 -5.19
C ALA I 708 -41.76 -34.79 -4.07
N GLU I 709 -41.99 -35.30 -2.86
CA GLU I 709 -41.13 -35.03 -1.72
C GLU I 709 -40.01 -36.07 -1.73
N VAL I 710 -38.80 -35.64 -2.07
CA VAL I 710 -37.69 -36.54 -2.34
C VAL I 710 -36.85 -36.66 -1.07
N LYS I 711 -36.66 -37.90 -0.61
CA LYS I 711 -35.79 -38.16 0.52
C LYS I 711 -34.87 -39.33 0.20
N ASP I 712 -33.62 -39.23 0.64
CA ASP I 712 -32.82 -40.42 0.82
C ASP I 712 -33.46 -41.24 1.94
N LYS I 713 -33.51 -42.56 1.76
CA LYS I 713 -34.14 -43.42 2.76
C LYS I 713 -33.41 -43.37 4.10
N LYS I 714 -32.12 -43.00 4.10
CA LYS I 714 -31.36 -42.74 5.33
C LYS I 714 -31.89 -41.52 6.05
N THR I 715 -31.75 -40.36 5.40
CA THR I 715 -31.86 -39.08 6.09
C THR I 715 -33.31 -38.77 6.44
N GLY I 716 -34.22 -38.94 5.49
CA GLY I 716 -35.54 -38.38 5.61
C GLY I 716 -35.59 -36.89 5.33
N GLU I 717 -34.46 -36.28 4.98
CA GLU I 717 -34.44 -34.88 4.61
C GLU I 717 -35.16 -34.67 3.29
N ILE I 718 -35.73 -33.48 3.13
CA ILE I 718 -36.41 -33.15 1.88
C ILE I 718 -35.36 -32.72 0.86
N LEU I 719 -34.87 -33.68 0.07
CA LEU I 719 -33.78 -33.41 -0.87
C LEU I 719 -34.23 -32.45 -1.96
N ARG I 720 -35.47 -32.59 -2.44
CA ARG I 720 -36.06 -31.68 -3.40
C ARG I 720 -37.51 -31.45 -3.01
N LYS I 721 -37.94 -30.19 -3.01
CA LYS I 721 -39.29 -29.86 -2.61
C LYS I 721 -40.28 -30.21 -3.71
N ARG I 722 -41.55 -30.29 -3.33
CA ARG I 722 -42.63 -30.50 -4.28
C ARG I 722 -42.75 -29.28 -5.18
N CYS I 723 -42.36 -29.42 -6.44
CA CYS I 723 -42.21 -28.30 -7.35
C CYS I 723 -43.33 -28.27 -8.37
N ALA I 724 -43.76 -27.06 -8.73
CA ALA I 724 -44.72 -26.85 -9.80
C ALA I 724 -44.03 -26.91 -11.16
N VAL I 725 -44.83 -27.11 -12.20
CA VAL I 725 -44.31 -27.14 -13.57
C VAL I 725 -44.52 -25.76 -14.19
N HIS I 726 -43.66 -25.41 -15.14
CA HIS I 726 -43.73 -24.11 -15.80
C HIS I 726 -43.38 -24.26 -17.27
N TRP I 727 -44.12 -23.54 -18.11
CA TRP I 727 -43.81 -23.44 -19.52
C TRP I 727 -44.29 -22.10 -20.05
N VAL I 728 -43.62 -21.63 -21.09
CA VAL I 728 -43.99 -20.41 -21.79
C VAL I 728 -44.52 -20.80 -23.17
N THR I 729 -45.70 -20.29 -23.51
CA THR I 729 -46.23 -20.52 -24.85
C THR I 729 -45.36 -19.79 -25.88
N PRO I 730 -45.33 -20.28 -27.13
CA PRO I 730 -44.43 -19.69 -28.15
C PRO I 730 -44.61 -18.20 -28.38
N ASP I 731 -45.83 -17.67 -28.29
CA ASP I 731 -45.99 -16.23 -28.45
C ASP I 731 -45.73 -15.44 -27.18
N GLY I 732 -45.28 -16.10 -26.12
CA GLY I 732 -44.76 -15.41 -24.95
C GLY I 732 -45.54 -15.58 -23.67
N PHE I 733 -46.69 -16.26 -23.65
CA PHE I 733 -47.46 -16.40 -22.43
C PHE I 733 -46.84 -17.46 -21.53
N PRO I 734 -46.40 -17.13 -20.33
CA PRO I 734 -45.84 -18.16 -19.45
C PRO I 734 -46.90 -18.71 -18.51
N VAL I 735 -46.89 -20.02 -18.26
CA VAL I 735 -47.93 -20.67 -17.47
C VAL I 735 -47.28 -21.33 -16.26
N TRP I 736 -47.79 -21.02 -15.07
CA TRP I 736 -47.44 -21.71 -13.84
C TRP I 736 -48.61 -22.62 -13.48
N GLN I 737 -48.36 -23.92 -13.38
CA GLN I 737 -49.39 -24.86 -12.94
C GLN I 737 -49.17 -25.17 -11.47
N GLU I 738 -50.00 -24.59 -10.61
CA GLU I 738 -49.88 -24.71 -9.16
C GLU I 738 -51.25 -25.09 -8.60
N TYR I 739 -51.55 -26.38 -8.61
CA TYR I 739 -52.73 -26.88 -7.91
C TYR I 739 -52.39 -27.06 -6.44
N LYS I 740 -53.35 -26.75 -5.57
CA LYS I 740 -53.12 -26.72 -4.13
C LYS I 740 -54.00 -27.74 -3.42
N LYS I 741 -53.38 -28.55 -2.57
CA LYS I 741 -54.09 -29.43 -1.65
C LYS I 741 -53.92 -28.92 -0.23
N PRO I 742 -55.01 -28.73 0.51
CA PRO I 742 -54.86 -28.38 1.94
C PRO I 742 -54.25 -29.54 2.71
N ILE I 743 -53.27 -29.23 3.56
CA ILE I 743 -52.56 -30.26 4.29
C ILE I 743 -53.41 -30.83 5.42
N GLN I 744 -54.48 -30.14 5.81
CA GLN I 744 -55.42 -30.63 6.81
C GLN I 744 -56.79 -30.76 6.17
N THR I 745 -57.43 -31.91 6.35
CA THR I 745 -58.70 -32.22 5.71
C THR I 745 -59.75 -32.50 6.77
N ARG I 746 -60.92 -31.87 6.63
CA ARG I 746 -62.06 -32.12 7.49
C ARG I 746 -63.28 -32.40 6.62
N LEU I 747 -63.99 -33.50 6.90
CA LEU I 747 -65.12 -33.93 6.11
C LEU I 747 -66.36 -34.10 6.98
N ASN I 748 -67.50 -33.62 6.48
CA ASN I 748 -68.79 -33.78 7.14
C ASN I 748 -69.75 -34.42 6.14
N LEU I 749 -70.50 -35.43 6.59
CA LEU I 749 -71.52 -36.01 5.71
C LEU I 749 -72.77 -35.16 5.68
N MET I 750 -73.30 -34.81 6.86
CA MET I 750 -74.58 -34.11 6.95
C MET I 750 -74.45 -32.61 6.77
N PHE I 751 -73.25 -32.06 6.90
CA PHE I 751 -72.97 -30.67 6.64
C PHE I 751 -71.84 -30.58 5.61
N LEU I 752 -71.37 -29.36 5.35
CA LEU I 752 -70.25 -29.18 4.44
C LEU I 752 -68.94 -29.43 5.18
N GLY I 753 -67.95 -29.91 4.44
CA GLY I 753 -66.62 -30.14 4.98
C GLY I 753 -65.68 -29.03 4.56
N GLN I 754 -64.76 -28.67 5.47
CA GLN I 754 -63.87 -27.51 5.35
C GLN I 754 -63.14 -27.37 4.01
N ASP I 766 -51.96 -22.50 5.45
CA ASP I 766 -50.88 -23.05 4.65
C ASP I 766 -51.40 -24.12 3.70
N SER I 767 -50.59 -24.49 2.71
CA SER I 767 -50.98 -25.47 1.72
C SER I 767 -49.73 -26.09 1.12
N GLU I 768 -49.94 -27.15 0.33
CA GLU I 768 -48.86 -27.85 -0.34
C GLU I 768 -49.28 -28.14 -1.79
N ILE I 769 -48.29 -28.48 -2.61
CA ILE I 769 -48.54 -28.75 -4.02
C ILE I 769 -49.26 -30.09 -4.13
N ASP I 770 -50.46 -30.06 -4.72
CA ASP I 770 -51.25 -31.28 -4.91
C ASP I 770 -50.62 -32.12 -6.01
N ALA I 771 -49.98 -33.23 -5.62
CA ALA I 771 -49.31 -34.08 -6.60
C ALA I 771 -50.30 -34.73 -7.55
N HIS I 772 -51.43 -35.22 -7.03
CA HIS I 772 -52.41 -35.90 -7.87
C HIS I 772 -53.04 -34.96 -8.90
N LYS I 773 -53.35 -33.73 -8.48
CA LYS I 773 -53.88 -32.76 -9.43
C LYS I 773 -52.80 -32.27 -10.38
N GLN I 774 -51.53 -32.24 -9.93
CA GLN I 774 -50.42 -31.91 -10.83
C GLN I 774 -50.30 -32.95 -11.94
N GLU I 775 -50.37 -34.23 -11.59
CA GLU I 775 -50.17 -35.30 -12.56
C GLU I 775 -51.31 -35.35 -13.58
N SER I 776 -52.56 -35.36 -13.10
CA SER I 776 -53.69 -35.43 -14.01
C SER I 776 -53.85 -34.15 -14.81
N GLY I 777 -53.37 -33.04 -14.29
CA GLY I 777 -53.53 -31.76 -14.94
C GLY I 777 -52.80 -31.61 -16.25
N ILE I 778 -51.46 -31.70 -16.19
CA ILE I 778 -50.54 -30.97 -17.09
C ILE I 778 -50.88 -31.02 -18.57
N ALA I 779 -51.41 -32.13 -19.06
CA ALA I 779 -51.42 -32.38 -20.50
C ALA I 779 -52.59 -31.70 -21.22
N PRO I 780 -53.82 -31.71 -20.68
CA PRO I 780 -54.82 -30.76 -21.22
C PRO I 780 -54.37 -29.31 -21.22
N ASN I 781 -53.76 -28.81 -20.14
CA ASN I 781 -53.39 -27.39 -20.08
C ASN I 781 -52.32 -27.04 -21.11
N PHE I 782 -51.40 -27.96 -21.39
CA PHE I 782 -50.34 -27.66 -22.35
C PHE I 782 -50.89 -27.44 -23.74
N VAL I 783 -51.83 -28.29 -24.17
CA VAL I 783 -52.52 -28.10 -25.44
C VAL I 783 -53.55 -26.99 -25.35
N HIS I 784 -54.03 -26.68 -24.15
CA HIS I 784 -54.95 -25.56 -23.99
C HIS I 784 -54.22 -24.24 -23.85
N SER I 785 -52.97 -24.25 -23.38
CA SER I 785 -52.12 -23.08 -23.56
C SER I 785 -51.70 -22.94 -25.01
N GLN I 786 -51.53 -24.06 -25.71
CA GLN I 786 -51.08 -24.04 -27.11
C GLN I 786 -52.18 -23.59 -28.06
N ASP I 787 -53.41 -24.07 -27.88
CA ASP I 787 -54.48 -23.61 -28.75
C ASP I 787 -54.95 -22.21 -28.38
N GLY I 788 -54.52 -21.69 -27.24
CA GLY I 788 -54.72 -20.30 -26.89
C GLY I 788 -53.58 -19.44 -27.40
N SER I 789 -52.36 -20.00 -27.44
CA SER I 789 -51.26 -19.33 -28.11
C SER I 789 -51.52 -19.25 -29.61
N HIS I 790 -52.02 -20.34 -30.19
CA HIS I 790 -52.43 -20.33 -31.59
C HIS I 790 -53.67 -19.46 -31.79
N LEU I 791 -54.52 -19.35 -30.77
CA LEU I 791 -55.63 -18.40 -30.79
C LEU I 791 -55.11 -16.97 -30.91
N ARG I 792 -54.15 -16.61 -30.07
CA ARG I 792 -53.65 -15.25 -30.04
C ARG I 792 -52.80 -14.92 -31.25
N LYS I 793 -52.10 -15.91 -31.80
CA LYS I 793 -51.21 -15.65 -32.93
C LYS I 793 -51.97 -15.45 -34.23
N THR I 794 -53.09 -16.15 -34.40
CA THR I 794 -53.90 -16.00 -35.61
C THR I 794 -54.45 -14.60 -35.77
N VAL I 795 -54.92 -13.99 -34.67
CA VAL I 795 -55.67 -12.75 -34.77
C VAL I 795 -54.73 -11.58 -35.02
N VAL I 796 -53.49 -11.67 -34.53
CA VAL I 796 -52.44 -10.74 -34.93
C VAL I 796 -52.04 -10.97 -36.38
N TRP I 797 -51.93 -12.24 -36.78
CA TRP I 797 -51.55 -12.55 -38.16
C TRP I 797 -52.60 -12.08 -39.16
N ALA I 798 -53.88 -12.26 -38.83
CA ALA I 798 -54.94 -11.90 -39.75
C ALA I 798 -55.17 -10.39 -39.83
N HIS I 799 -54.76 -9.63 -38.81
CA HIS I 799 -54.96 -8.19 -38.84
C HIS I 799 -53.82 -7.45 -39.55
N GLU I 800 -52.60 -7.96 -39.50
CA GLU I 800 -51.48 -7.23 -40.08
C GLU I 800 -51.23 -7.62 -41.54
N LYS I 801 -51.22 -8.92 -41.84
CA LYS I 801 -51.01 -9.36 -43.21
C LYS I 801 -52.21 -9.06 -44.10
N TYR I 802 -53.41 -9.10 -43.53
CA TYR I 802 -54.64 -8.87 -44.28
C TYR I 802 -55.48 -7.81 -43.57
N GLY I 803 -56.43 -7.23 -44.30
CA GLY I 803 -57.21 -6.12 -43.77
C GLY I 803 -58.33 -6.51 -42.84
N ILE I 804 -58.18 -7.62 -42.12
CA ILE I 804 -59.21 -8.11 -41.22
C ILE I 804 -59.16 -7.33 -39.92
N GLU I 805 -60.31 -6.84 -39.46
CA GLU I 805 -60.40 -6.12 -38.19
C GLU I 805 -61.33 -6.79 -37.19
N SER I 806 -62.40 -7.44 -37.65
CA SER I 806 -63.40 -8.02 -36.76
C SER I 806 -63.20 -9.52 -36.66
N PHE I 807 -63.31 -10.04 -35.44
CA PHE I 807 -63.03 -11.45 -35.16
C PHE I 807 -64.11 -12.04 -34.26
N ALA I 808 -64.51 -13.26 -34.56
CA ALA I 808 -65.39 -14.04 -33.70
C ALA I 808 -64.55 -15.17 -33.11
N LEU I 809 -64.13 -14.98 -31.87
CA LEU I 809 -63.12 -15.84 -31.24
C LEU I 809 -63.78 -16.71 -30.18
N ILE I 810 -63.92 -18.00 -30.48
CA ILE I 810 -63.98 -19.02 -29.46
C ILE I 810 -62.78 -19.93 -29.69
N HIS I 811 -62.63 -20.95 -28.86
CA HIS I 811 -61.29 -21.42 -28.51
C HIS I 811 -60.69 -22.44 -29.47
N ASP I 812 -61.45 -22.96 -30.43
CA ASP I 812 -60.82 -23.69 -31.53
C ASP I 812 -61.44 -23.38 -32.89
N SER I 813 -62.40 -22.46 -32.96
CA SER I 813 -62.93 -21.98 -34.24
C SER I 813 -62.80 -20.48 -34.33
N PHE I 814 -62.72 -19.98 -35.56
CA PHE I 814 -62.32 -18.62 -35.85
C PHE I 814 -63.34 -18.03 -36.82
N GLY I 815 -63.85 -16.86 -36.50
CA GLY I 815 -64.95 -16.28 -37.26
C GLY I 815 -64.71 -14.83 -37.61
N THR I 816 -65.21 -14.44 -38.79
CA THR I 816 -65.13 -13.07 -39.26
C THR I 816 -66.16 -12.89 -40.38
N ILE I 817 -66.04 -11.76 -41.09
CA ILE I 817 -66.88 -11.41 -42.24
C ILE I 817 -66.67 -12.43 -43.34
N PRO I 818 -67.72 -12.81 -44.10
CA PRO I 818 -67.53 -13.80 -45.19
C PRO I 818 -66.49 -13.42 -46.22
N ALA I 819 -66.37 -12.12 -46.56
CA ALA I 819 -65.34 -11.70 -47.51
C ALA I 819 -63.93 -11.93 -46.96
N ASP I 820 -63.75 -11.70 -45.66
CA ASP I 820 -62.47 -11.92 -45.01
C ASP I 820 -62.25 -13.36 -44.58
N ALA I 821 -63.29 -14.19 -44.64
CA ALA I 821 -63.23 -15.52 -44.05
C ALA I 821 -62.30 -16.46 -44.80
N ALA I 822 -62.09 -16.21 -46.10
CA ALA I 822 -61.13 -17.00 -46.86
C ALA I 822 -59.72 -16.78 -46.35
N ASN I 823 -59.32 -15.51 -46.17
CA ASN I 823 -57.99 -15.20 -45.68
C ASN I 823 -57.81 -15.55 -44.22
N LEU I 824 -58.89 -15.64 -43.44
CA LEU I 824 -58.79 -16.16 -42.09
C LEU I 824 -58.54 -17.66 -42.09
N PHE I 825 -59.20 -18.38 -43.00
CA PHE I 825 -58.90 -19.80 -43.21
C PHE I 825 -57.46 -19.98 -43.67
N LYS I 826 -56.90 -18.99 -44.39
CA LYS I 826 -55.48 -19.00 -44.66
C LYS I 826 -54.68 -18.81 -43.38
N ALA I 827 -54.93 -17.71 -42.67
CA ALA I 827 -54.04 -17.26 -41.60
C ALA I 827 -53.98 -18.26 -40.44
N VAL I 828 -55.04 -19.03 -40.23
CA VAL I 828 -55.03 -19.93 -39.07
C VAL I 828 -54.09 -21.12 -39.28
N ARG I 829 -53.94 -21.60 -40.51
CA ARG I 829 -52.98 -22.67 -40.75
C ARG I 829 -51.56 -22.14 -40.95
N GLU I 830 -51.40 -20.85 -41.25
CA GLU I 830 -50.06 -20.29 -41.32
C GLU I 830 -49.43 -20.16 -39.95
N THR I 831 -50.23 -19.75 -38.95
CA THR I 831 -49.71 -19.56 -37.60
C THR I 831 -49.28 -20.88 -36.97
N MET I 832 -50.06 -21.94 -37.20
CA MET I 832 -49.78 -23.23 -36.57
C MET I 832 -48.54 -23.88 -37.16
N VAL I 833 -48.40 -23.87 -38.49
CA VAL I 833 -47.23 -24.45 -39.14
C VAL I 833 -45.96 -23.67 -38.83
N ASP I 834 -46.05 -22.34 -38.72
CA ASP I 834 -44.86 -21.55 -38.41
C ASP I 834 -44.43 -21.76 -36.96
N THR I 835 -45.39 -21.89 -36.03
CA THR I 835 -45.06 -22.06 -34.63
C THR I 835 -44.36 -23.40 -34.38
N TYR I 836 -44.90 -24.48 -34.94
CA TYR I 836 -44.34 -25.81 -34.70
C TYR I 836 -43.02 -26.01 -35.42
N GLU I 837 -42.86 -25.40 -36.59
CA GLU I 837 -41.56 -25.45 -37.25
C GLU I 837 -40.53 -24.63 -36.50
N SER I 838 -40.95 -23.54 -35.85
CA SER I 838 -40.00 -22.67 -35.16
C SER I 838 -39.40 -23.34 -33.94
N CYS I 839 -40.21 -24.02 -33.13
CA CYS I 839 -39.73 -24.52 -31.85
C CYS I 839 -40.41 -25.84 -31.50
N ASP I 840 -39.64 -26.73 -30.89
CA ASP I 840 -40.18 -27.93 -30.23
C ASP I 840 -40.57 -27.50 -28.82
N VAL I 841 -41.88 -27.34 -28.59
CA VAL I 841 -42.35 -26.77 -27.33
C VAL I 841 -42.12 -27.74 -26.17
N LEU I 842 -42.09 -29.06 -26.45
CA LEU I 842 -41.82 -30.01 -25.38
C LEU I 842 -40.36 -29.96 -24.94
N ALA I 843 -39.44 -29.67 -25.86
CA ALA I 843 -38.03 -29.54 -25.48
C ALA I 843 -37.81 -28.28 -24.63
N ASP I 844 -38.47 -27.17 -24.99
CA ASP I 844 -38.37 -25.98 -24.17
C ASP I 844 -38.99 -26.20 -22.78
N PHE I 845 -40.14 -26.89 -22.73
CA PHE I 845 -40.76 -27.19 -21.44
C PHE I 845 -39.83 -28.01 -20.56
N TYR I 846 -39.11 -28.97 -21.16
CA TYR I 846 -38.09 -29.72 -20.42
C TYR I 846 -36.98 -28.79 -19.93
N ASP I 847 -36.59 -27.80 -20.74
CA ASP I 847 -35.57 -26.84 -20.33
C ASP I 847 -36.02 -26.00 -19.14
N GLN I 848 -37.33 -25.86 -18.91
CA GLN I 848 -37.80 -25.06 -17.77
C GLN I 848 -37.70 -25.82 -16.44
N PHE I 849 -37.85 -27.15 -16.44
CA PHE I 849 -37.77 -27.91 -15.20
C PHE I 849 -36.57 -28.85 -15.13
N ALA I 850 -35.61 -28.72 -16.06
CA ALA I 850 -34.46 -29.63 -16.08
C ALA I 850 -33.60 -29.46 -14.82
N ASP I 851 -33.25 -28.22 -14.48
CA ASP I 851 -32.45 -27.97 -13.29
C ASP I 851 -33.24 -28.13 -12.00
N GLN I 852 -34.57 -28.14 -12.09
CA GLN I 852 -35.39 -28.26 -10.89
C GLN I 852 -35.38 -29.68 -10.33
N LEU I 853 -35.52 -30.68 -11.20
CA LEU I 853 -35.58 -32.06 -10.76
C LEU I 853 -34.23 -32.52 -10.22
N HIS I 854 -34.27 -33.29 -9.13
CA HIS I 854 -33.06 -33.74 -8.45
C HIS I 854 -32.28 -34.72 -9.32
N GLU I 855 -31.00 -34.88 -8.99
CA GLU I 855 -30.11 -35.70 -9.81
C GLU I 855 -30.47 -37.19 -9.75
N SER I 856 -31.05 -37.64 -8.63
CA SER I 856 -31.42 -39.04 -8.52
C SER I 856 -32.60 -39.42 -9.42
N GLN I 857 -33.42 -38.44 -9.81
CA GLN I 857 -34.47 -38.68 -10.78
C GLN I 857 -34.00 -38.54 -12.22
N LEU I 858 -32.93 -37.79 -12.46
CA LEU I 858 -32.53 -37.44 -13.81
C LEU I 858 -32.09 -38.67 -14.62
N ASP I 859 -31.53 -39.68 -13.95
CA ASP I 859 -31.31 -40.97 -14.61
C ASP I 859 -32.64 -41.60 -14.99
N LYS I 860 -33.57 -41.64 -14.05
CA LYS I 860 -34.83 -42.37 -14.24
C LYS I 860 -35.89 -41.54 -14.96
N MET I 861 -35.60 -40.28 -15.26
CA MET I 861 -36.56 -39.45 -16.00
C MET I 861 -36.62 -39.89 -17.47
N PRO I 862 -37.81 -39.91 -18.06
CA PRO I 862 -37.94 -40.39 -19.44
C PRO I 862 -37.51 -39.34 -20.46
N ALA I 863 -36.89 -39.82 -21.53
CA ALA I 863 -36.48 -38.95 -22.63
C ALA I 863 -37.67 -38.63 -23.53
N LEU I 864 -37.46 -37.69 -24.44
CA LEU I 864 -38.54 -37.18 -25.29
C LEU I 864 -39.03 -38.27 -26.24
N PRO I 865 -40.33 -38.32 -26.54
CA PRO I 865 -40.81 -39.19 -27.60
C PRO I 865 -40.30 -38.71 -28.96
N ALA I 866 -40.02 -39.66 -29.84
CA ALA I 866 -39.43 -39.35 -31.13
C ALA I 866 -40.45 -38.67 -32.05
N LYS I 867 -39.93 -37.83 -32.94
CA LYS I 867 -40.78 -37.15 -33.91
C LYS I 867 -41.21 -38.12 -35.02
N GLY I 868 -42.23 -37.70 -35.78
CA GLY I 868 -42.75 -38.47 -36.86
C GLY I 868 -42.34 -37.95 -38.22
N ASN I 869 -43.09 -38.34 -39.25
CA ASN I 869 -42.69 -38.11 -40.63
C ASN I 869 -43.51 -37.06 -41.37
N LEU I 870 -44.47 -36.37 -40.72
CA LEU I 870 -45.28 -35.42 -41.48
C LEU I 870 -44.47 -34.22 -41.94
N ASN I 871 -44.71 -33.82 -43.17
CA ASN I 871 -44.43 -32.46 -43.60
C ASN I 871 -45.57 -31.57 -43.13
N LEU I 872 -45.22 -30.47 -42.46
CA LEU I 872 -46.24 -29.57 -41.92
C LEU I 872 -46.80 -28.65 -42.98
N ARG I 873 -46.13 -28.53 -44.12
CA ARG I 873 -46.61 -27.77 -45.26
C ARG I 873 -47.91 -28.35 -45.83
N ASP I 874 -48.16 -29.64 -45.60
CA ASP I 874 -49.39 -30.27 -46.07
C ASP I 874 -50.62 -29.77 -45.33
N ILE I 875 -50.46 -29.23 -44.12
CA ILE I 875 -51.58 -28.60 -43.42
C ILE I 875 -52.10 -27.42 -44.22
N LEU I 876 -51.17 -26.65 -44.81
CA LEU I 876 -51.57 -25.56 -45.70
C LEU I 876 -52.30 -26.08 -46.94
N GLU I 877 -51.81 -27.18 -47.52
CA GLU I 877 -52.49 -27.77 -48.67
C GLU I 877 -53.79 -28.45 -48.26
N SER I 878 -53.90 -28.87 -47.00
CA SER I 878 -55.15 -29.46 -46.52
C SER I 878 -56.21 -28.38 -46.33
N ASP I 879 -57.44 -28.76 -46.58
CA ASP I 879 -58.58 -27.87 -46.37
C ASP I 879 -59.61 -28.43 -45.41
N PHE I 880 -59.69 -29.76 -45.27
CA PHE I 880 -60.69 -30.38 -44.40
C PHE I 880 -60.49 -29.99 -42.94
N ALA I 881 -59.24 -29.96 -42.49
CA ALA I 881 -58.94 -29.53 -41.13
C ALA I 881 -58.94 -28.01 -41.09
N PHE I 882 -60.05 -27.43 -40.63
CA PHE I 882 -60.04 -26.03 -40.28
C PHE I 882 -59.14 -25.86 -39.06
N ALA I 883 -58.38 -24.77 -39.03
CA ALA I 883 -57.34 -24.53 -38.02
C ALA I 883 -56.33 -25.69 -37.97
N THR L 3 91.68 -29.20 -37.74
CA THR L 3 90.58 -28.72 -36.91
C THR L 3 90.53 -27.19 -36.89
N ILE L 4 89.96 -26.60 -37.93
CA ILE L 4 89.90 -25.16 -38.10
C ILE L 4 88.45 -24.71 -38.04
N ASN L 5 88.23 -23.54 -37.45
CA ASN L 5 86.89 -22.94 -37.44
C ASN L 5 86.60 -22.29 -38.77
N ILE L 6 85.35 -22.40 -39.21
CA ILE L 6 84.91 -21.94 -40.52
C ILE L 6 84.08 -20.66 -40.44
N ALA L 7 84.06 -20.01 -39.27
CA ALA L 7 83.10 -18.95 -39.00
C ALA L 7 83.34 -17.69 -39.82
N LYS L 8 84.57 -17.45 -40.27
CA LYS L 8 84.89 -16.18 -40.92
C LYS L 8 84.18 -16.05 -42.27
N ASN L 9 84.09 -17.14 -43.03
CA ASN L 9 83.35 -17.10 -44.29
C ASN L 9 81.84 -17.01 -44.05
N ASP L 10 81.35 -17.59 -42.95
CA ASP L 10 79.94 -17.50 -42.60
C ASP L 10 79.54 -16.08 -42.21
N PHE L 11 80.50 -15.23 -41.85
CA PHE L 11 80.20 -13.88 -41.39
C PHE L 11 79.74 -12.95 -42.51
N SER L 12 80.04 -13.30 -43.76
CA SER L 12 79.64 -12.45 -44.88
C SER L 12 78.13 -12.39 -45.03
N ASP L 13 77.42 -13.45 -44.61
CA ASP L 13 75.98 -13.49 -44.74
C ASP L 13 75.25 -12.64 -43.70
N ILE L 14 75.89 -12.36 -42.56
CA ILE L 14 75.19 -11.75 -41.43
C ILE L 14 74.78 -10.32 -41.75
N GLU L 15 75.66 -9.55 -42.37
CA GLU L 15 75.32 -8.23 -42.89
C GLU L 15 75.11 -8.32 -44.40
N LEU L 16 73.94 -7.86 -44.85
CA LEU L 16 73.57 -7.99 -46.25
C LEU L 16 72.85 -6.73 -46.70
N ALA L 17 72.83 -6.52 -48.01
CA ALA L 17 72.07 -5.40 -48.58
C ALA L 17 70.57 -5.62 -48.51
N ALA L 18 70.12 -6.87 -48.37
CA ALA L 18 68.70 -7.15 -48.22
C ALA L 18 68.13 -6.69 -46.89
N ILE L 19 68.99 -6.44 -45.90
CA ILE L 19 68.54 -5.90 -44.62
C ILE L 19 68.02 -4.48 -44.85
N PRO L 20 66.80 -4.16 -44.41
CA PRO L 20 66.24 -2.83 -44.72
C PRO L 20 66.86 -1.73 -43.88
N PHE L 21 67.74 -0.93 -44.51
CA PHE L 21 68.21 0.31 -43.90
C PHE L 21 67.40 1.51 -44.35
N ASN L 22 66.39 1.32 -45.20
CA ASN L 22 65.65 2.44 -45.76
C ASN L 22 64.87 3.20 -44.68
N THR L 23 64.33 2.49 -43.70
CA THR L 23 63.72 3.18 -42.56
C THR L 23 64.78 3.89 -41.74
N LEU L 24 65.96 3.28 -41.60
CA LEU L 24 67.07 3.95 -40.91
C LEU L 24 67.61 5.11 -41.73
N ALA L 25 67.70 4.95 -43.05
CA ALA L 25 68.24 6.01 -43.89
C ALA L 25 67.27 7.20 -43.98
N ASP L 26 65.97 6.93 -44.03
CA ASP L 26 65.00 8.02 -44.01
C ASP L 26 65.01 8.75 -42.67
N HIS L 27 65.19 8.00 -41.59
CA HIS L 27 65.14 8.59 -40.25
C HIS L 27 66.40 9.40 -39.94
N TYR L 28 67.57 8.89 -40.32
CA TYR L 28 68.82 9.48 -39.87
C TYR L 28 69.88 9.65 -40.96
N GLY L 29 69.62 9.24 -42.18
CA GLY L 29 70.64 9.38 -43.20
C GLY L 29 71.27 8.04 -43.54
N GLU L 30 71.78 7.94 -44.77
CA GLU L 30 72.41 6.70 -45.22
C GLU L 30 73.73 6.45 -44.51
N ARG L 31 74.59 7.48 -44.43
CA ARG L 31 75.96 7.29 -43.95
C ARG L 31 76.01 6.80 -42.51
N LEU L 32 75.12 7.31 -41.67
CA LEU L 32 75.06 6.83 -40.29
C LEU L 32 74.53 5.40 -40.22
N ALA L 33 73.68 5.02 -41.18
CA ALA L 33 73.20 3.64 -41.22
C ALA L 33 74.31 2.68 -41.62
N ARG L 34 75.12 3.03 -42.63
CA ARG L 34 76.26 2.19 -42.98
C ARG L 34 77.23 2.05 -41.81
N GLU L 35 77.45 3.15 -41.08
CA GLU L 35 78.35 3.09 -39.93
C GLU L 35 77.79 2.22 -38.82
N GLN L 36 76.48 2.31 -38.56
CA GLN L 36 75.87 1.47 -37.53
C GLN L 36 75.92 0.00 -37.90
N LEU L 37 75.60 -0.32 -39.16
CA LEU L 37 75.58 -1.71 -39.59
C LEU L 37 76.99 -2.27 -39.69
N ALA L 38 77.98 -1.44 -40.01
CA ALA L 38 79.37 -1.90 -39.99
C ALA L 38 79.87 -2.07 -38.57
N LEU L 39 79.42 -1.23 -37.63
CA LEU L 39 79.81 -1.38 -36.24
C LEU L 39 79.28 -2.68 -35.66
N GLU L 40 78.04 -3.03 -36.00
CA GLU L 40 77.46 -4.28 -35.50
C GLU L 40 78.14 -5.48 -36.11
N HIS L 41 78.49 -5.41 -37.39
CA HIS L 41 79.24 -6.50 -38.01
C HIS L 41 80.65 -6.60 -37.45
N GLU L 42 81.29 -5.46 -37.20
CA GLU L 42 82.62 -5.46 -36.60
C GLU L 42 82.59 -6.05 -35.19
N SER L 43 81.55 -5.72 -34.42
CA SER L 43 81.42 -6.21 -33.05
C SER L 43 81.40 -7.73 -33.00
N TYR L 44 80.71 -8.35 -33.95
CA TYR L 44 80.71 -9.81 -34.04
C TYR L 44 82.08 -10.36 -34.43
N GLU L 45 82.83 -9.61 -35.25
CA GLU L 45 84.11 -10.13 -35.74
C GLU L 45 85.20 -10.06 -34.68
N MET L 46 85.16 -9.08 -33.76
CA MET L 46 86.09 -9.11 -32.64
C MET L 46 85.73 -10.23 -31.67
N GLY L 47 84.44 -10.50 -31.50
CA GLY L 47 84.03 -11.63 -30.68
C GLY L 47 84.45 -12.96 -31.26
N GLU L 48 84.51 -13.06 -32.60
CA GLU L 48 85.16 -14.20 -33.22
C GLU L 48 86.65 -14.21 -32.93
N ALA L 49 87.26 -13.02 -32.85
CA ALA L 49 88.70 -12.93 -32.61
C ALA L 49 89.05 -13.33 -31.17
N ARG L 50 88.22 -12.95 -30.19
CA ARG L 50 88.53 -13.31 -28.82
C ARG L 50 88.36 -14.80 -28.58
N PHE L 51 87.33 -15.40 -29.18
CA PHE L 51 87.16 -16.85 -29.05
C PHE L 51 88.30 -17.59 -29.72
N ARG L 52 88.68 -17.15 -30.92
CA ARG L 52 89.73 -17.85 -31.67
C ARG L 52 91.09 -17.72 -30.98
N LYS L 53 91.40 -16.54 -30.43
CA LYS L 53 92.68 -16.37 -29.75
C LYS L 53 92.69 -17.03 -28.38
N MET L 54 91.53 -17.16 -27.74
CA MET L 54 91.46 -17.89 -26.47
C MET L 54 91.39 -19.40 -26.70
N PHE L 55 90.74 -19.85 -27.78
CA PHE L 55 90.73 -21.26 -28.12
C PHE L 55 92.13 -21.75 -28.49
N GLU L 56 92.86 -20.94 -29.29
CA GLU L 56 94.21 -21.32 -29.70
C GLU L 56 95.14 -21.41 -28.50
N ARG L 57 94.99 -20.50 -27.54
CA ARG L 57 95.78 -20.56 -26.32
C ARG L 57 95.45 -21.79 -25.50
N GLN L 58 94.16 -22.17 -25.46
CA GLN L 58 93.77 -23.38 -24.74
C GLN L 58 94.30 -24.64 -25.43
N LEU L 59 94.49 -24.58 -26.75
CA LEU L 59 95.02 -25.74 -27.48
C LEU L 59 96.45 -26.04 -27.06
N LYS L 60 97.27 -25.01 -26.88
CA LYS L 60 98.63 -25.21 -26.40
C LYS L 60 98.63 -25.61 -24.92
N ALA L 61 97.73 -25.04 -24.13
CA ALA L 61 97.67 -25.32 -22.71
C ALA L 61 97.01 -26.65 -22.38
N GLY L 62 96.37 -27.30 -23.35
CA GLY L 62 95.72 -28.57 -23.09
C GLY L 62 94.41 -28.45 -22.33
N GLU L 63 93.79 -27.27 -22.33
CA GLU L 63 92.49 -27.08 -21.68
C GLU L 63 91.34 -27.17 -22.70
N VAL L 64 91.50 -28.01 -23.71
CA VAL L 64 90.52 -28.11 -24.79
C VAL L 64 89.19 -28.66 -24.26
N ALA L 65 89.25 -29.68 -23.39
CA ALA L 65 88.03 -30.23 -22.81
C ALA L 65 87.33 -29.25 -21.88
N ASP L 66 88.05 -28.26 -21.37
CA ASP L 66 87.45 -27.25 -20.50
C ASP L 66 86.65 -26.21 -21.28
N ASN L 67 86.82 -26.13 -22.60
CA ASN L 67 86.02 -25.23 -23.42
C ASN L 67 84.66 -25.85 -23.66
N ALA L 68 83.65 -24.98 -23.82
CA ALA L 68 82.28 -25.37 -24.14
C ALA L 68 82.12 -25.86 -25.58
N ALA L 69 83.20 -25.96 -26.35
CA ALA L 69 83.15 -26.57 -27.67
C ALA L 69 83.29 -28.09 -27.63
N ALA L 70 83.97 -28.62 -26.61
CA ALA L 70 84.16 -30.05 -26.48
C ALA L 70 83.07 -30.72 -25.66
N LYS L 71 82.47 -29.99 -24.71
CA LYS L 71 81.43 -30.56 -23.86
C LYS L 71 80.20 -31.16 -24.57
N PRO L 72 79.61 -30.56 -25.62
CA PRO L 72 78.50 -31.28 -26.28
C PRO L 72 78.94 -32.60 -26.87
N LEU L 73 80.19 -32.70 -27.30
CA LEU L 73 80.76 -33.97 -27.73
C LEU L 73 81.16 -34.81 -26.52
N ILE L 74 81.74 -34.18 -25.49
CA ILE L 74 82.24 -34.87 -24.30
C ILE L 74 81.08 -35.56 -23.56
N THR L 75 79.90 -34.94 -23.56
CA THR L 75 78.72 -35.52 -22.92
C THR L 75 78.39 -36.88 -23.50
N THR L 76 78.53 -37.03 -24.82
CA THR L 76 78.24 -38.33 -25.45
C THR L 76 79.28 -39.39 -25.11
N LEU L 77 80.55 -39.01 -24.94
CA LEU L 77 81.60 -40.01 -24.72
C LEU L 77 81.60 -40.58 -23.30
N LEU L 78 81.12 -39.82 -22.32
CA LEU L 78 81.20 -40.26 -20.92
C LEU L 78 80.44 -41.56 -20.62
N PRO L 79 79.18 -41.76 -21.03
CA PRO L 79 78.51 -43.02 -20.64
C PRO L 79 79.03 -44.24 -21.37
N LYS L 80 79.43 -44.12 -22.64
CA LYS L 80 79.97 -45.26 -23.38
C LYS L 80 81.26 -45.77 -22.76
N MET L 81 82.12 -44.84 -22.32
CA MET L 81 83.35 -45.22 -21.65
C MET L 81 83.10 -45.87 -20.31
N ILE L 82 82.05 -45.46 -19.60
CA ILE L 82 81.75 -46.03 -18.29
C ILE L 82 81.30 -47.49 -18.42
N ALA L 83 80.46 -47.78 -19.41
CA ALA L 83 79.94 -49.13 -19.58
C ALA L 83 81.03 -50.12 -20.00
N ARG L 84 81.97 -49.66 -20.83
CA ARG L 84 83.06 -50.52 -21.25
C ARG L 84 83.96 -50.91 -20.09
N ILE L 85 84.18 -49.98 -19.15
CA ILE L 85 84.95 -50.31 -17.95
C ILE L 85 84.17 -51.27 -17.06
N ASN L 86 82.89 -50.98 -16.84
CA ASN L 86 82.08 -51.79 -15.92
C ASN L 86 81.82 -53.18 -16.48
N ASP L 87 81.67 -53.31 -17.80
CA ASP L 87 81.62 -54.63 -18.41
C ASP L 87 82.94 -55.37 -18.23
N TRP L 88 84.06 -54.65 -18.39
CA TRP L 88 85.37 -55.25 -18.15
C TRP L 88 85.65 -55.41 -16.66
N PHE L 89 85.04 -54.58 -15.82
CA PHE L 89 85.20 -54.73 -14.38
C PHE L 89 84.57 -56.03 -13.87
N GLU L 90 83.49 -56.47 -14.51
CA GLU L 90 82.86 -57.73 -14.16
C GLU L 90 83.43 -58.92 -14.92
N GLU L 91 84.04 -58.70 -16.09
CA GLU L 91 84.49 -59.80 -16.92
C GLU L 91 85.70 -60.52 -16.33
N VAL L 92 86.68 -59.76 -15.82
CA VAL L 92 87.88 -60.38 -15.26
C VAL L 92 87.66 -60.83 -13.82
N LYS L 93 86.72 -60.24 -13.10
CA LYS L 93 86.31 -60.81 -11.83
C LYS L 93 85.52 -62.09 -12.04
N ALA L 94 84.85 -62.22 -13.19
CA ALA L 94 84.23 -63.48 -13.54
C ALA L 94 85.27 -64.51 -13.96
N LYS L 95 86.30 -64.07 -14.69
CA LYS L 95 87.38 -64.98 -15.09
C LYS L 95 88.20 -65.39 -13.88
N ARG L 96 88.55 -66.68 -13.82
CA ARG L 96 89.32 -67.20 -12.71
C ARG L 96 90.80 -66.85 -12.86
N LYS L 110 87.13 -44.87 -8.29
CA LYS L 110 85.86 -45.20 -8.91
C LYS L 110 85.98 -45.25 -10.43
N PRO L 111 85.20 -46.13 -11.07
CA PRO L 111 85.14 -46.12 -12.55
C PRO L 111 84.52 -44.86 -13.12
N GLU L 112 83.76 -44.10 -12.32
CA GLU L 112 83.18 -42.85 -12.78
C GLU L 112 84.27 -41.83 -13.10
N ALA L 113 85.33 -41.79 -12.29
CA ALA L 113 86.46 -40.93 -12.59
C ALA L 113 87.21 -41.42 -13.83
N VAL L 114 87.48 -42.74 -13.88
CA VAL L 114 88.42 -43.32 -14.86
C VAL L 114 87.97 -43.04 -16.29
N ALA L 115 86.66 -43.09 -16.53
CA ALA L 115 86.13 -42.74 -17.85
C ALA L 115 86.40 -41.27 -18.19
N TYR L 116 86.24 -40.38 -17.21
CA TYR L 116 86.37 -38.95 -17.47
C TYR L 116 87.83 -38.50 -17.62
N ILE L 117 88.76 -39.11 -16.87
CA ILE L 117 90.17 -38.73 -16.98
C ILE L 117 90.72 -39.11 -18.35
N THR L 118 90.26 -40.24 -18.90
CA THR L 118 90.86 -40.79 -20.11
C THR L 118 90.65 -39.86 -21.31
N ILE L 119 89.40 -39.46 -21.56
CA ILE L 119 89.10 -38.68 -22.75
C ILE L 119 89.75 -37.30 -22.68
N LYS L 120 89.77 -36.70 -21.47
CA LYS L 120 90.39 -35.38 -21.32
C LYS L 120 91.89 -35.44 -21.50
N THR L 121 92.53 -36.53 -21.07
CA THR L 121 93.99 -36.60 -21.12
C THR L 121 94.49 -36.81 -22.55
N THR L 122 93.79 -37.65 -23.34
CA THR L 122 94.16 -37.79 -24.75
C THR L 122 93.83 -36.52 -25.53
N LEU L 123 92.70 -35.87 -25.22
CA LEU L 123 92.31 -34.65 -25.92
C LEU L 123 93.33 -33.53 -25.69
N ALA L 124 93.81 -33.41 -24.45
CA ALA L 124 94.86 -32.44 -24.16
C ALA L 124 96.16 -32.79 -24.88
N CYS L 125 96.53 -34.08 -24.87
CA CYS L 125 97.80 -34.49 -25.48
C CYS L 125 97.74 -34.49 -27.00
N LEU L 126 96.56 -34.81 -27.57
CA LEU L 126 96.43 -34.78 -29.03
C LEU L 126 96.53 -33.36 -29.56
N THR L 127 96.00 -32.38 -28.83
CA THR L 127 96.04 -31.00 -29.28
C THR L 127 97.41 -30.36 -29.08
N SER L 128 98.16 -30.80 -28.06
CA SER L 128 99.51 -30.29 -27.88
C SER L 128 100.44 -30.77 -28.99
N ALA L 129 100.21 -31.98 -29.50
CA ALA L 129 100.96 -32.58 -30.61
C ALA L 129 102.46 -32.67 -30.30
N ASP L 130 102.81 -32.84 -29.03
CA ASP L 130 104.21 -32.98 -28.64
C ASP L 130 104.69 -34.42 -28.84
N ASN L 131 104.08 -35.35 -28.12
CA ASN L 131 104.37 -36.77 -28.23
C ASN L 131 103.08 -37.49 -28.60
N THR L 132 102.98 -37.92 -29.86
CA THR L 132 101.83 -38.66 -30.34
C THR L 132 101.96 -40.16 -30.09
N THR L 133 103.16 -40.61 -29.70
CA THR L 133 103.39 -42.01 -29.33
C THR L 133 102.48 -42.41 -28.17
N VAL L 134 102.01 -43.65 -28.21
CA VAL L 134 101.01 -44.13 -27.26
C VAL L 134 101.58 -44.18 -25.84
N GLN L 135 102.86 -44.51 -25.71
CA GLN L 135 103.47 -44.67 -24.39
C GLN L 135 103.48 -43.37 -23.60
N ALA L 136 103.79 -42.25 -24.26
CA ALA L 136 103.81 -40.97 -23.56
C ALA L 136 102.42 -40.51 -23.17
N VAL L 137 101.41 -40.79 -24.00
CA VAL L 137 100.04 -40.45 -23.65
C VAL L 137 99.55 -41.31 -22.49
N ALA L 138 99.82 -42.62 -22.54
CA ALA L 138 99.38 -43.52 -21.50
C ALA L 138 100.12 -43.28 -20.19
N SER L 139 101.38 -42.83 -20.26
CA SER L 139 102.09 -42.43 -19.05
C SER L 139 101.46 -41.20 -18.42
N ALA L 140 100.97 -40.28 -19.24
CA ALA L 140 100.29 -39.10 -18.70
C ALA L 140 98.94 -39.44 -18.11
N ILE L 141 98.26 -40.46 -18.66
CA ILE L 141 96.96 -40.86 -18.14
C ILE L 141 97.10 -41.50 -16.76
N GLY L 142 98.10 -42.37 -16.60
CA GLY L 142 98.33 -43.01 -15.32
C GLY L 142 98.75 -42.06 -14.22
N ARG L 143 99.49 -41.01 -14.58
CA ARG L 143 99.88 -40.00 -13.60
C ARG L 143 98.66 -39.23 -13.11
N ALA L 144 97.72 -38.92 -14.00
CA ALA L 144 96.53 -38.17 -13.61
C ALA L 144 95.62 -39.00 -12.71
N ILE L 145 95.53 -40.30 -12.97
CA ILE L 145 94.71 -41.17 -12.13
C ILE L 145 95.35 -41.34 -10.75
N GLU L 146 96.67 -41.59 -10.73
CA GLU L 146 97.36 -41.88 -9.48
C GLU L 146 97.45 -40.65 -8.58
N ASP L 147 97.60 -39.46 -9.17
CA ASP L 147 97.60 -38.24 -8.37
C ASP L 147 96.22 -37.97 -7.78
N GLU L 148 95.17 -38.19 -8.58
CA GLU L 148 93.81 -38.00 -8.07
C GLU L 148 93.44 -39.07 -7.05
N ALA L 149 93.92 -40.30 -7.26
CA ALA L 149 93.65 -41.38 -6.31
C ALA L 149 94.41 -41.18 -5.01
N ARG L 150 95.58 -40.56 -5.06
CA ARG L 150 96.40 -40.34 -3.87
C ARG L 150 95.74 -39.36 -2.90
N SER L 202 101.66 -45.72 -1.65
CA SER L 202 102.55 -44.58 -1.45
C SER L 202 103.61 -44.52 -2.55
N SER L 203 103.53 -45.44 -3.50
CA SER L 203 104.46 -45.49 -4.62
C SER L 203 103.79 -46.19 -5.79
N TRP L 204 104.21 -45.82 -7.00
CA TRP L 204 103.65 -46.38 -8.22
C TRP L 204 104.77 -46.61 -9.23
N HIS L 205 104.75 -47.77 -9.87
CA HIS L 205 105.73 -48.13 -10.88
C HIS L 205 105.33 -47.57 -12.23
N LYS L 206 106.32 -47.11 -13.00
CA LYS L 206 106.05 -46.52 -14.31
C LYS L 206 105.51 -47.54 -15.30
N GLU L 207 106.03 -48.77 -15.25
CA GLU L 207 105.54 -49.82 -16.15
C GLU L 207 104.09 -50.18 -15.84
N ASP L 208 103.73 -50.21 -14.55
CA ASP L 208 102.35 -50.47 -14.16
C ASP L 208 101.43 -49.33 -14.60
N SER L 209 101.91 -48.08 -14.50
CA SER L 209 101.12 -46.94 -14.95
C SER L 209 100.90 -46.96 -16.46
N ILE L 210 101.94 -47.35 -17.21
CA ILE L 210 101.80 -47.46 -18.66
C ILE L 210 100.88 -48.62 -19.02
N HIS L 211 100.92 -49.70 -18.23
CA HIS L 211 100.00 -50.82 -18.46
C HIS L 211 98.56 -50.42 -18.15
N VAL L 212 98.36 -49.58 -17.14
CA VAL L 212 97.01 -49.13 -16.79
C VAL L 212 96.44 -48.25 -17.89
N GLY L 213 97.25 -47.31 -18.40
CA GLY L 213 96.78 -46.44 -19.47
C GLY L 213 96.58 -47.16 -20.79
N VAL L 214 97.29 -48.26 -21.00
CA VAL L 214 97.12 -49.04 -22.23
C VAL L 214 95.75 -49.69 -22.27
N ARG L 215 95.33 -50.32 -21.16
CA ARG L 215 94.02 -50.94 -21.10
C ARG L 215 92.91 -49.89 -21.16
N CYS L 216 93.13 -48.73 -20.52
CA CYS L 216 92.16 -47.65 -20.58
C CYS L 216 92.01 -47.12 -22.00
N ILE L 217 93.12 -47.00 -22.73
CA ILE L 217 93.07 -46.54 -24.12
C ILE L 217 92.38 -47.59 -25.00
N GLU L 218 92.59 -48.87 -24.69
CA GLU L 218 91.96 -49.94 -25.48
C GLU L 218 90.44 -49.91 -25.32
N MET L 219 89.95 -49.69 -24.09
CA MET L 219 88.52 -49.53 -23.88
C MET L 219 87.99 -48.23 -24.47
N LEU L 220 88.85 -47.22 -24.62
CA LEU L 220 88.44 -45.98 -25.28
C LEU L 220 88.17 -46.22 -26.77
N ILE L 221 89.10 -46.89 -27.46
CA ILE L 221 88.90 -47.22 -28.86
C ILE L 221 87.77 -48.24 -29.01
N GLU L 222 87.50 -49.03 -27.97
CA GLU L 222 86.38 -49.97 -28.02
C GLU L 222 85.05 -49.25 -27.88
N SER L 223 84.97 -48.29 -26.97
CA SER L 223 83.71 -47.57 -26.73
C SER L 223 83.31 -46.75 -27.95
N THR L 224 84.25 -45.97 -28.49
CA THR L 224 84.05 -45.27 -29.75
C THR L 224 85.34 -45.34 -30.55
N GLY L 225 85.22 -45.25 -31.87
CA GLY L 225 86.41 -45.17 -32.70
C GLY L 225 87.02 -43.80 -32.70
N MET L 226 87.24 -43.24 -31.50
CA MET L 226 87.68 -41.86 -31.37
C MET L 226 89.11 -41.68 -31.85
N VAL L 227 90.00 -42.62 -31.52
CA VAL L 227 91.37 -42.60 -31.98
C VAL L 227 91.60 -43.85 -32.82
N SER L 228 92.24 -43.67 -33.98
CA SER L 228 92.66 -44.77 -34.83
C SER L 228 94.18 -44.85 -34.77
N LEU L 229 94.70 -45.99 -34.36
CA LEU L 229 96.14 -46.18 -34.26
C LEU L 229 96.73 -46.39 -35.64
N HIS L 230 97.75 -45.61 -35.98
CA HIS L 230 98.50 -45.81 -37.21
C HIS L 230 99.95 -46.15 -36.88
N THR L 243 100.92 -44.78 -32.84
CA THR L 243 100.56 -43.39 -33.06
C THR L 243 99.10 -43.13 -32.71
N ILE L 244 98.86 -42.39 -31.63
CA ILE L 244 97.52 -42.08 -31.17
C ILE L 244 97.03 -40.88 -31.97
N GLU L 245 96.29 -41.14 -33.05
CA GLU L 245 95.76 -40.09 -33.93
C GLU L 245 94.25 -40.07 -33.81
N LEU L 246 93.70 -38.90 -33.46
CA LEU L 246 92.26 -38.77 -33.31
C LEU L 246 91.58 -38.79 -34.67
N ALA L 247 90.41 -39.43 -34.73
CA ALA L 247 89.66 -39.51 -35.97
C ALA L 247 89.09 -38.14 -36.34
N PRO L 248 88.98 -37.84 -37.65
CA PRO L 248 88.54 -36.51 -38.06
C PRO L 248 87.09 -36.19 -37.72
N GLU L 249 86.27 -37.20 -37.43
CA GLU L 249 84.85 -36.97 -37.17
C GLU L 249 84.64 -36.12 -35.92
N TYR L 250 85.33 -36.46 -34.83
CA TYR L 250 85.19 -35.69 -33.60
C TYR L 250 85.84 -34.32 -33.73
N ALA L 251 86.98 -34.23 -34.43
CA ALA L 251 87.67 -32.96 -34.58
C ALA L 251 86.86 -31.98 -35.43
N GLU L 252 86.23 -32.46 -36.50
CA GLU L 252 85.41 -31.59 -37.33
C GLU L 252 84.16 -31.12 -36.60
N ALA L 253 83.59 -31.98 -35.76
CA ALA L 253 82.42 -31.60 -34.97
C ALA L 253 82.74 -30.50 -33.96
N ILE L 254 83.92 -30.61 -33.32
CA ILE L 254 84.36 -29.55 -32.41
C ILE L 254 84.60 -28.25 -33.17
N ALA L 255 85.20 -28.36 -34.36
CA ALA L 255 85.51 -27.18 -35.17
C ALA L 255 84.23 -26.46 -35.62
N THR L 256 83.21 -27.22 -36.01
CA THR L 256 81.93 -26.60 -36.34
C THR L 256 81.24 -26.04 -35.11
N ARG L 257 81.41 -26.69 -33.96
CA ARG L 257 80.85 -26.17 -32.71
C ARG L 257 81.61 -24.93 -32.25
N ALA L 258 82.94 -24.96 -32.29
CA ALA L 258 83.74 -23.81 -31.89
C ALA L 258 83.53 -22.64 -32.84
N GLY L 259 83.42 -22.91 -34.14
CA GLY L 259 83.11 -21.85 -35.09
C GLY L 259 81.74 -21.24 -34.85
N ALA L 260 80.79 -22.04 -34.38
CA ALA L 260 79.50 -21.50 -34.00
C ALA L 260 79.62 -20.56 -32.80
N LEU L 261 80.33 -21.00 -31.75
CA LEU L 261 80.50 -20.17 -30.56
C LEU L 261 81.31 -18.92 -30.87
N ALA L 262 82.30 -19.03 -31.76
CA ALA L 262 83.02 -17.85 -32.22
C ALA L 262 82.12 -16.96 -33.06
N GLY L 263 81.38 -17.57 -34.00
CA GLY L 263 80.66 -16.80 -35.00
C GLY L 263 79.50 -15.98 -34.44
N ILE L 264 78.83 -16.49 -33.40
CA ILE L 264 77.72 -15.71 -32.88
C ILE L 264 78.16 -14.69 -31.81
N SER L 265 79.43 -14.70 -31.41
CA SER L 265 79.90 -13.91 -30.25
C SER L 265 80.13 -12.43 -30.55
N PRO L 266 79.54 -11.50 -29.75
CA PRO L 266 79.82 -10.06 -29.90
C PRO L 266 80.82 -9.45 -28.91
N MET L 267 81.37 -8.29 -29.28
CA MET L 267 81.89 -7.29 -28.33
C MET L 267 81.10 -6.01 -28.57
N PHE L 268 80.11 -5.72 -27.73
CA PHE L 268 79.14 -4.67 -28.02
C PHE L 268 79.77 -3.28 -27.97
N GLN L 269 79.42 -2.45 -28.96
CA GLN L 269 79.88 -1.09 -29.13
C GLN L 269 78.73 -0.10 -29.02
N PRO L 270 78.99 1.15 -28.62
CA PRO L 270 77.94 2.17 -28.61
C PRO L 270 77.49 2.50 -30.03
N CYS L 271 76.28 3.05 -30.11
CA CYS L 271 75.64 3.29 -31.40
C CYS L 271 75.88 4.72 -31.88
N VAL L 272 76.10 4.87 -33.19
CA VAL L 272 76.19 6.19 -33.81
C VAL L 272 74.83 6.81 -34.05
N VAL L 273 73.76 6.04 -33.85
CA VAL L 273 72.38 6.45 -34.11
C VAL L 273 71.53 6.00 -32.95
N PRO L 274 70.47 6.75 -32.61
CA PRO L 274 69.53 6.31 -31.56
C PRO L 274 69.10 4.87 -31.76
N PRO L 275 69.22 4.04 -30.73
CA PRO L 275 68.97 2.61 -30.91
C PRO L 275 67.50 2.33 -31.16
N LYS L 276 67.25 1.15 -31.73
CA LYS L 276 65.89 0.77 -32.09
C LYS L 276 65.03 0.65 -30.83
N PRO L 277 63.88 1.33 -30.78
CA PRO L 277 63.00 1.18 -29.61
C PRO L 277 62.51 -0.25 -29.45
N TRP L 278 62.40 -0.68 -28.21
CA TRP L 278 61.97 -2.04 -27.92
C TRP L 278 60.49 -2.19 -28.21
N THR L 279 60.15 -3.12 -29.12
CA THR L 279 58.77 -3.44 -29.42
C THR L 279 58.31 -4.76 -28.82
N GLY L 280 59.24 -5.62 -28.42
CA GLY L 280 58.92 -6.89 -27.80
C GLY L 280 60.03 -7.28 -26.85
N ILE L 281 60.26 -8.59 -26.74
CA ILE L 281 61.30 -9.11 -25.84
C ILE L 281 62.59 -9.45 -26.56
N THR L 282 62.59 -9.48 -27.90
CA THR L 282 63.79 -9.72 -28.68
C THR L 282 63.76 -8.81 -29.90
N GLY L 283 64.95 -8.37 -30.33
CA GLY L 283 65.10 -7.60 -31.55
C GLY L 283 65.31 -6.12 -31.35
N GLY L 284 65.17 -5.62 -30.14
CA GLY L 284 65.38 -4.21 -29.87
C GLY L 284 66.85 -3.88 -29.72
N GLY L 285 67.10 -2.60 -29.42
CA GLY L 285 68.47 -2.15 -29.31
C GLY L 285 69.15 -2.04 -30.65
N TYR L 286 70.04 -2.98 -30.95
CA TYR L 286 70.78 -2.97 -32.22
C TYR L 286 69.83 -3.35 -33.35
N TRP L 287 69.95 -2.62 -34.47
CA TRP L 287 68.90 -2.64 -35.48
C TRP L 287 68.89 -3.93 -36.29
N ALA L 288 70.07 -4.45 -36.62
CA ALA L 288 70.17 -5.48 -37.65
C ALA L 288 69.76 -6.85 -37.13
N ASN L 289 69.46 -7.73 -38.09
CA ASN L 289 69.44 -9.15 -37.85
C ASN L 289 70.83 -9.56 -37.37
N GLY L 290 70.87 -10.38 -36.32
CA GLY L 290 72.12 -10.85 -35.79
C GLY L 290 72.03 -12.33 -35.45
N ARG L 291 73.19 -12.91 -35.17
CA ARG L 291 73.21 -14.31 -34.79
C ARG L 291 72.66 -14.51 -33.38
N ARG L 292 72.99 -13.61 -32.45
CA ARG L 292 72.25 -13.50 -31.20
C ARG L 292 71.69 -12.09 -31.04
N PRO L 293 70.41 -11.87 -31.35
CA PRO L 293 69.77 -10.58 -31.02
C PRO L 293 69.65 -10.40 -29.51
N LEU L 294 69.37 -9.16 -29.11
CA LEU L 294 69.34 -8.82 -27.70
C LEU L 294 68.01 -9.21 -27.06
N ALA L 295 68.10 -9.68 -25.81
CA ALA L 295 66.93 -9.99 -25.01
C ALA L 295 66.58 -8.81 -24.12
N LEU L 296 65.28 -8.54 -23.99
CA LEU L 296 64.83 -7.44 -23.13
C LEU L 296 65.21 -7.70 -21.68
N VAL L 297 65.17 -8.96 -21.25
CA VAL L 297 65.55 -9.36 -19.91
C VAL L 297 66.60 -10.46 -20.02
N ARG L 298 67.73 -10.29 -19.33
CA ARG L 298 68.79 -11.29 -19.32
C ARG L 298 68.39 -12.43 -18.40
N THR L 299 67.92 -13.53 -18.99
CA THR L 299 67.52 -14.71 -18.24
C THR L 299 68.49 -15.85 -18.52
N HIS L 300 68.74 -16.67 -17.50
CA HIS L 300 69.63 -17.82 -17.67
C HIS L 300 69.01 -18.84 -18.62
N SER L 301 67.71 -19.06 -18.53
CA SER L 301 67.00 -20.03 -19.35
C SER L 301 66.23 -19.31 -20.45
N LYS L 302 66.18 -19.94 -21.64
CA LYS L 302 65.36 -19.40 -22.72
C LYS L 302 63.88 -19.46 -22.38
N LYS L 303 63.48 -20.43 -21.55
CA LYS L 303 62.10 -20.53 -21.09
C LYS L 303 61.71 -19.33 -20.24
N ALA L 304 62.63 -18.87 -19.38
CA ALA L 304 62.32 -17.73 -18.50
C ALA L 304 62.13 -16.45 -19.27
N LEU L 305 62.80 -16.32 -20.43
CA LEU L 305 62.58 -15.15 -21.29
C LEU L 305 61.19 -15.17 -21.90
N MET L 306 60.74 -16.35 -22.33
CA MET L 306 59.43 -16.47 -22.98
C MET L 306 58.28 -16.24 -22.01
N ARG L 307 58.53 -16.23 -20.70
CA ARG L 307 57.51 -15.81 -19.75
C ARG L 307 57.17 -14.34 -19.94
N TYR L 308 58.11 -13.54 -20.41
CA TYR L 308 57.92 -12.12 -20.64
C TYR L 308 57.32 -11.81 -22.00
N GLU L 309 56.94 -12.83 -22.77
CA GLU L 309 56.53 -12.61 -24.15
C GLU L 309 55.24 -11.80 -24.24
N ASP L 310 54.21 -12.20 -23.50
CA ASP L 310 52.89 -11.58 -23.60
C ASP L 310 52.59 -10.58 -22.50
N VAL L 311 53.53 -10.31 -21.59
CA VAL L 311 53.21 -9.46 -20.45
C VAL L 311 53.04 -8.02 -20.92
N TYR L 312 51.91 -7.42 -20.55
CA TYR L 312 51.65 -6.02 -20.87
C TYR L 312 52.32 -5.18 -19.79
N MET L 313 53.44 -4.56 -20.15
CA MET L 313 54.25 -3.77 -19.21
C MET L 313 54.56 -2.41 -19.83
N PRO L 314 53.54 -1.57 -20.08
CA PRO L 314 53.78 -0.36 -20.88
C PRO L 314 54.71 0.63 -20.21
N GLU L 315 54.62 0.82 -18.90
CA GLU L 315 55.50 1.78 -18.26
C GLU L 315 56.93 1.26 -18.14
N VAL L 316 57.14 -0.06 -18.21
CA VAL L 316 58.49 -0.59 -18.35
C VAL L 316 59.04 -0.29 -19.74
N TYR L 317 58.20 -0.46 -20.77
CA TYR L 317 58.68 -0.43 -22.15
C TYR L 317 59.15 0.96 -22.57
N LYS L 318 58.43 2.01 -22.16
CA LYS L 318 58.90 3.34 -22.54
C LYS L 318 60.14 3.75 -21.75
N ALA L 319 60.25 3.29 -20.50
CA ALA L 319 61.38 3.69 -19.65
C ALA L 319 62.70 3.22 -20.23
N ILE L 320 62.74 2.04 -20.84
CA ILE L 320 63.95 1.56 -21.48
C ILE L 320 64.24 2.36 -22.75
N ASN L 321 63.22 2.58 -23.57
CA ASN L 321 63.42 3.29 -24.84
C ASN L 321 63.77 4.75 -24.62
N ILE L 322 63.27 5.35 -23.54
CA ILE L 322 63.72 6.70 -23.16
C ILE L 322 65.19 6.67 -22.75
N ALA L 323 65.58 5.65 -21.98
CA ALA L 323 66.98 5.48 -21.62
C ALA L 323 67.86 5.20 -22.82
N GLN L 324 67.32 4.56 -23.85
CA GLN L 324 68.07 4.37 -25.08
C GLN L 324 68.27 5.68 -25.84
N ASN L 325 67.28 6.57 -25.78
CA ASN L 325 67.23 7.75 -26.63
C ASN L 325 67.95 8.96 -26.03
N THR L 326 68.72 8.77 -24.95
CA THR L 326 69.55 9.87 -24.46
C THR L 326 70.81 9.98 -25.30
N ALA L 327 71.23 11.21 -25.54
CA ALA L 327 72.37 11.50 -26.42
C ALA L 327 73.62 11.73 -25.58
N TRP L 328 74.72 11.09 -25.98
CA TRP L 328 75.98 11.18 -25.27
C TRP L 328 77.08 11.65 -26.22
N LYS L 329 78.02 12.41 -25.66
CA LYS L 329 79.24 12.77 -26.37
C LYS L 329 80.43 12.49 -25.47
N ILE L 330 81.54 12.14 -26.09
CA ILE L 330 82.73 11.78 -25.35
C ILE L 330 83.50 13.05 -25.01
N ASN L 331 83.86 13.21 -23.74
CA ASN L 331 84.56 14.40 -23.32
C ASN L 331 85.97 14.39 -23.90
N LYS L 332 86.13 15.01 -25.06
CA LYS L 332 87.42 15.01 -25.75
C LYS L 332 88.49 15.74 -24.96
N LYS L 333 88.09 16.66 -24.09
CA LYS L 333 89.05 17.38 -23.26
C LYS L 333 89.58 16.50 -22.13
N VAL L 334 88.70 15.76 -21.45
CA VAL L 334 89.14 14.79 -20.45
C VAL L 334 89.88 13.65 -21.11
N LEU L 335 89.44 13.25 -22.32
CA LEU L 335 90.13 12.24 -23.10
C LEU L 335 91.55 12.66 -23.45
N ALA L 336 91.77 13.97 -23.67
CA ALA L 336 93.09 14.45 -24.07
C ALA L 336 94.12 14.26 -22.96
N VAL L 337 93.76 14.60 -21.71
CA VAL L 337 94.71 14.41 -20.63
C VAL L 337 94.83 12.93 -20.29
N ALA L 338 93.76 12.15 -20.54
CA ALA L 338 93.76 10.74 -20.17
C ALA L 338 94.76 9.93 -20.99
N ASN L 339 94.91 10.28 -22.28
CA ASN L 339 95.78 9.51 -23.16
C ASN L 339 97.23 9.55 -22.71
N VAL L 340 97.70 10.71 -22.26
CA VAL L 340 99.10 10.82 -21.88
C VAL L 340 99.38 10.06 -20.57
N ILE L 341 98.46 10.14 -19.60
CA ILE L 341 98.79 9.62 -18.27
C ILE L 341 98.68 8.10 -18.20
N THR L 342 97.88 7.47 -19.05
CA THR L 342 97.91 6.02 -19.16
C THR L 342 99.18 5.53 -19.83
N LYS L 343 99.82 6.36 -20.66
CA LYS L 343 101.07 5.97 -21.29
C LYS L 343 102.24 6.03 -20.33
N TRP L 344 102.08 6.70 -19.18
CA TRP L 344 103.13 6.80 -18.18
C TRP L 344 102.86 6.00 -16.92
N LYS L 345 101.62 5.58 -16.69
CA LYS L 345 101.24 4.84 -15.50
C LYS L 345 100.48 3.58 -15.89
N HIS L 346 100.67 2.52 -15.11
CA HIS L 346 99.82 1.34 -15.25
C HIS L 346 98.38 1.68 -14.89
N CYS L 347 98.19 2.36 -13.77
CA CYS L 347 96.92 2.98 -13.42
C CYS L 347 97.17 4.48 -13.28
N PRO L 348 96.43 5.33 -14.01
CA PRO L 348 96.82 6.74 -14.12
C PRO L 348 96.68 7.56 -12.85
N VAL L 349 96.09 6.98 -11.80
CA VAL L 349 95.79 7.72 -10.58
C VAL L 349 96.26 6.98 -9.34
N GLU L 350 96.80 5.77 -9.47
CA GLU L 350 97.06 4.92 -8.31
C GLU L 350 98.22 5.45 -7.47
N ASP L 351 99.34 5.77 -8.11
CA ASP L 351 100.57 6.09 -7.38
C ASP L 351 101.08 7.46 -7.83
N ILE L 352 100.56 8.51 -7.20
CA ILE L 352 101.01 9.86 -7.45
C ILE L 352 101.99 10.25 -6.34
N PRO L 353 103.01 11.05 -6.63
CA PRO L 353 103.86 11.59 -5.56
C PRO L 353 103.11 12.65 -4.77
N ALA L 354 103.07 12.47 -3.45
CA ALA L 354 102.45 13.42 -2.55
C ALA L 354 103.37 13.62 -1.35
N ILE L 355 102.91 14.42 -0.39
CA ILE L 355 103.68 14.68 0.81
C ILE L 355 102.91 14.17 2.04
N ALA L 373 101.80 -15.28 13.53
CA ALA L 373 103.23 -15.55 13.43
C ALA L 373 103.64 -15.79 11.98
N LEU L 374 103.92 -17.06 11.66
CA LEU L 374 104.31 -17.41 10.29
C LEU L 374 103.16 -17.20 9.31
N THR L 375 101.93 -17.52 9.72
CA THR L 375 100.78 -17.32 8.85
C THR L 375 100.53 -15.86 8.56
N ALA L 376 100.64 -15.00 9.59
CA ALA L 376 100.47 -13.57 9.39
C ALA L 376 101.58 -12.97 8.54
N TRP L 377 102.80 -13.50 8.67
CA TRP L 377 103.91 -13.02 7.86
C TRP L 377 103.70 -13.31 6.38
N LYS L 378 103.17 -14.50 6.07
CA LYS L 378 102.97 -14.88 4.67
C LYS L 378 101.75 -14.18 4.06
N ARG L 379 100.77 -13.82 4.89
CA ARG L 379 99.49 -13.31 4.39
C ARG L 379 99.66 -11.97 3.67
N ALA L 380 100.47 -11.08 4.21
CA ALA L 380 100.66 -9.77 3.59
C ALA L 380 101.40 -9.89 2.25
N ALA L 381 102.38 -10.77 2.16
CA ALA L 381 103.11 -10.96 0.92
C ALA L 381 102.25 -11.63 -0.14
N ALA L 382 101.38 -12.56 0.26
CA ALA L 382 100.42 -13.15 -0.67
C ALA L 382 99.46 -12.10 -1.20
N ALA L 383 99.10 -11.12 -0.36
CA ALA L 383 98.28 -10.00 -0.81
C ALA L 383 98.99 -9.17 -1.87
N VAL L 384 100.31 -9.01 -1.75
CA VAL L 384 101.06 -8.24 -2.74
C VAL L 384 101.09 -8.95 -4.08
N TYR L 385 101.19 -10.28 -4.07
CA TYR L 385 101.14 -11.05 -5.31
C TYR L 385 99.77 -10.91 -5.98
N ARG L 386 98.71 -10.77 -5.18
CA ARG L 386 97.38 -10.53 -5.74
C ARG L 386 97.28 -9.13 -6.34
N LYS L 387 97.94 -8.13 -5.74
CA LYS L 387 97.92 -6.78 -6.29
C LYS L 387 98.54 -6.72 -7.69
N ASP L 388 99.51 -7.59 -7.97
CA ASP L 388 100.09 -7.64 -9.30
C ASP L 388 99.08 -8.18 -10.32
N LYS L 389 98.38 -9.26 -9.95
CA LYS L 389 97.29 -9.75 -10.79
C LYS L 389 96.09 -8.83 -10.76
N ALA L 390 95.93 -8.05 -9.68
CA ALA L 390 94.92 -7.01 -9.68
C ALA L 390 95.22 -5.95 -10.73
N ARG L 391 96.44 -5.42 -10.71
CA ARG L 391 96.82 -4.31 -11.60
C ARG L 391 96.77 -4.74 -13.07
N LYS L 392 97.09 -6.00 -13.36
CA LYS L 392 96.92 -6.50 -14.72
C LYS L 392 95.45 -6.50 -15.12
N SER L 393 94.57 -6.93 -14.23
CA SER L 393 93.13 -6.93 -14.52
C SER L 393 92.60 -5.51 -14.68
N ARG L 394 93.08 -4.58 -13.87
CA ARG L 394 92.70 -3.18 -14.07
C ARG L 394 93.32 -2.61 -15.34
N ARG L 395 94.40 -3.20 -15.85
CA ARG L 395 95.07 -2.65 -17.03
C ARG L 395 94.38 -3.05 -18.33
N ILE L 396 94.09 -4.34 -18.52
CA ILE L 396 93.61 -4.78 -19.83
C ILE L 396 92.20 -4.27 -20.13
N SER L 397 91.41 -3.95 -19.09
CA SER L 397 90.15 -3.27 -19.28
C SER L 397 90.32 -1.76 -19.37
N LEU L 398 91.44 -1.23 -18.88
CA LEU L 398 91.73 0.19 -18.99
C LEU L 398 91.93 0.60 -20.44
N GLU L 399 92.79 -0.14 -21.16
CA GLU L 399 93.12 0.20 -22.54
C GLU L 399 91.97 -0.07 -23.50
N PHE L 400 91.03 -0.94 -23.13
CA PHE L 400 89.89 -1.19 -24.00
C PHE L 400 88.96 0.01 -24.06
N MET L 401 88.59 0.56 -22.89
CA MET L 401 87.74 1.74 -22.87
C MET L 401 88.46 2.95 -23.46
N LEU L 402 89.78 3.02 -23.31
CA LEU L 402 90.55 4.10 -23.90
C LEU L 402 90.49 4.04 -25.42
N GLU L 403 90.67 2.84 -25.99
CA GLU L 403 90.57 2.67 -27.43
C GLU L 403 89.16 3.03 -27.90
N GLN L 404 88.15 2.58 -27.16
CA GLN L 404 86.76 2.84 -27.53
C GLN L 404 86.45 4.33 -27.46
N ALA L 405 86.87 4.99 -26.38
CA ALA L 405 86.62 6.43 -26.26
C ALA L 405 87.43 7.22 -27.28
N ASN L 406 88.62 6.74 -27.64
CA ASN L 406 89.37 7.33 -28.74
C ASN L 406 88.64 7.14 -30.06
N LYS L 407 88.02 5.97 -30.25
CA LYS L 407 87.43 5.62 -31.54
C LYS L 407 86.23 6.51 -31.89
N PHE L 408 85.37 6.78 -30.92
CA PHE L 408 84.12 7.46 -31.21
C PHE L 408 84.19 8.97 -31.05
N ALA L 409 85.33 9.51 -30.60
CA ALA L 409 85.42 10.92 -30.21
C ALA L 409 85.11 11.88 -31.36
N ASN L 410 85.25 11.44 -32.61
CA ASN L 410 84.90 12.28 -33.75
C ASN L 410 83.40 12.31 -34.01
N HIS L 411 82.64 11.37 -33.46
CA HIS L 411 81.20 11.34 -33.67
C HIS L 411 80.51 12.47 -32.90
N LYS L 412 79.49 13.05 -33.53
CA LYS L 412 78.76 14.14 -32.89
C LYS L 412 77.92 13.66 -31.72
N ALA L 413 77.46 12.41 -31.77
CA ALA L 413 76.69 11.82 -30.68
C ALA L 413 76.83 10.31 -30.73
N ILE L 414 76.94 9.69 -29.57
CA ILE L 414 76.96 8.24 -29.44
C ILE L 414 75.81 7.82 -28.51
N TRP L 415 75.19 6.70 -28.82
CA TRP L 415 73.96 6.29 -28.17
C TRP L 415 74.14 4.91 -27.53
N PHE L 416 73.39 4.66 -26.46
CA PHE L 416 73.51 3.44 -25.68
C PHE L 416 72.17 2.73 -25.62
N PRO L 417 72.08 1.50 -26.11
CA PRO L 417 70.92 0.66 -25.80
C PRO L 417 70.97 0.19 -24.36
N TYR L 418 69.80 -0.19 -23.85
CA TYR L 418 69.68 -0.55 -22.44
C TYR L 418 68.94 -1.87 -22.28
N ASN L 419 69.32 -2.62 -21.27
CA ASN L 419 68.80 -3.96 -21.03
C ASN L 419 68.32 -4.13 -19.60
N MET L 420 68.06 -5.38 -19.21
CA MET L 420 67.54 -5.68 -17.88
C MET L 420 68.11 -7.00 -17.40
N ASP L 421 68.32 -7.11 -16.09
CA ASP L 421 68.53 -8.40 -15.48
C ASP L 421 67.17 -9.03 -15.16
N TRP L 422 67.20 -10.23 -14.57
CA TRP L 422 65.95 -10.90 -14.27
C TRP L 422 65.20 -10.29 -13.09
N ARG L 423 65.83 -9.37 -12.35
CA ARG L 423 65.13 -8.62 -11.32
C ARG L 423 64.56 -7.31 -11.84
N GLY L 424 65.19 -6.69 -12.83
CA GLY L 424 64.66 -5.49 -13.45
C GLY L 424 65.58 -4.29 -13.42
N ARG L 425 66.80 -4.39 -12.92
CA ARG L 425 67.73 -3.26 -12.97
C ARG L 425 68.19 -3.03 -14.40
N VAL L 426 68.48 -1.77 -14.71
CA VAL L 426 68.79 -1.34 -16.06
C VAL L 426 70.29 -1.23 -16.23
N TYR L 427 70.84 -1.99 -17.17
CA TYR L 427 72.24 -1.91 -17.55
C TYR L 427 72.35 -1.56 -19.03
N ALA L 428 73.44 -0.90 -19.39
CA ALA L 428 73.71 -0.55 -20.78
C ALA L 428 74.38 -1.71 -21.49
N VAL L 429 73.96 -1.97 -22.73
CA VAL L 429 74.34 -3.19 -23.43
C VAL L 429 75.81 -3.16 -23.83
N SER L 430 76.31 -2.00 -24.26
CA SER L 430 77.68 -1.91 -24.77
C SER L 430 78.70 -2.07 -23.64
N MET L 431 79.87 -2.59 -24.01
CA MET L 431 80.95 -2.78 -23.05
C MET L 431 81.44 -1.45 -22.49
N PHE L 432 81.78 -0.52 -23.37
CA PHE L 432 82.05 0.86 -23.00
C PHE L 432 80.71 1.55 -22.79
N ASN L 433 80.42 1.93 -21.56
CA ASN L 433 79.12 2.45 -21.19
C ASN L 433 79.29 3.38 -20.00
N PRO L 434 78.31 4.30 -19.76
CA PRO L 434 78.45 5.21 -18.61
C PRO L 434 78.39 4.56 -17.25
N GLN L 435 78.34 3.23 -17.18
CA GLN L 435 78.26 2.51 -15.92
C GLN L 435 79.58 1.85 -15.51
N GLY L 436 80.70 2.28 -16.09
CA GLY L 436 82.00 1.72 -15.77
C GLY L 436 82.63 2.32 -14.54
N ASN L 437 83.96 2.35 -14.51
CA ASN L 437 84.67 2.99 -13.42
C ASN L 437 84.66 4.51 -13.61
N ASP L 438 85.31 5.22 -12.68
CA ASP L 438 85.16 6.68 -12.59
C ASP L 438 85.67 7.37 -13.86
N MET L 439 86.77 6.90 -14.42
CA MET L 439 87.28 7.48 -15.66
C MET L 439 86.36 7.21 -16.83
N THR L 440 85.75 6.02 -16.87
CA THR L 440 84.77 5.71 -17.91
C THR L 440 83.59 6.67 -17.83
N LYS L 441 83.14 7.00 -16.62
CA LYS L 441 82.13 8.04 -16.46
C LYS L 441 82.69 9.42 -16.80
N GLY L 442 83.94 9.68 -16.44
CA GLY L 442 84.55 10.97 -16.75
C GLY L 442 84.75 11.20 -18.23
N LEU L 443 85.01 10.14 -18.99
CA LEU L 443 85.22 10.29 -20.42
C LEU L 443 83.93 10.65 -21.16
N LEU L 444 82.78 10.28 -20.61
CA LEU L 444 81.50 10.44 -21.27
C LEU L 444 80.71 11.59 -20.64
N THR L 445 79.99 12.34 -21.48
CA THR L 445 79.06 13.37 -21.03
C THR L 445 77.88 13.40 -21.99
N LEU L 446 76.81 14.05 -21.56
CA LEU L 446 75.63 14.17 -22.41
C LEU L 446 75.94 15.07 -23.61
N ALA L 447 75.28 14.76 -24.73
CA ALA L 447 75.48 15.54 -25.95
C ALA L 447 74.58 16.76 -25.98
N LYS L 448 73.29 16.57 -25.70
CA LYS L 448 72.37 17.69 -25.57
C LYS L 448 72.69 18.51 -24.34
N GLY L 449 72.56 19.83 -24.46
CA GLY L 449 72.92 20.71 -23.37
C GLY L 449 72.17 22.02 -23.45
N LYS L 450 71.86 22.57 -22.28
CA LYS L 450 71.12 23.82 -22.14
C LYS L 450 71.95 24.79 -21.30
N PRO L 451 71.62 26.08 -21.29
CA PRO L 451 72.29 27.00 -20.36
C PRO L 451 72.07 26.57 -18.92
N ILE L 452 73.11 26.75 -18.10
CA ILE L 452 73.04 26.35 -16.69
C ILE L 452 72.01 27.18 -15.95
N GLY L 453 72.09 28.49 -16.06
CA GLY L 453 71.37 29.36 -15.15
C GLY L 453 72.03 29.36 -13.79
N LYS L 454 71.39 30.06 -12.84
CA LYS L 454 71.92 30.09 -11.49
C LYS L 454 71.77 28.75 -10.81
N GLU L 455 70.64 28.07 -11.01
CA GLU L 455 70.40 26.80 -10.34
C GLU L 455 71.21 25.67 -10.95
N GLY L 456 71.34 25.65 -12.29
CA GLY L 456 72.22 24.67 -12.91
C GLY L 456 73.67 24.87 -12.50
N TYR L 457 74.10 26.12 -12.35
CA TYR L 457 75.43 26.39 -11.82
C TYR L 457 75.50 26.02 -10.34
N TYR L 458 74.42 26.24 -9.58
CA TYR L 458 74.36 25.70 -8.22
C TYR L 458 74.53 24.19 -8.25
N TRP L 459 73.72 23.50 -9.06
CA TRP L 459 73.72 22.05 -9.05
C TRP L 459 75.03 21.47 -9.58
N LEU L 460 75.71 22.22 -10.46
CA LEU L 460 77.03 21.81 -10.92
C LEU L 460 78.04 21.78 -9.79
N LYS L 461 77.87 22.66 -8.79
CA LYS L 461 78.86 22.79 -7.73
C LYS L 461 78.80 21.63 -6.73
N ILE L 462 77.61 21.09 -6.45
CA ILE L 462 77.55 19.92 -5.57
C ILE L 462 78.10 18.68 -6.27
N HIS L 463 77.91 18.56 -7.59
CA HIS L 463 78.44 17.39 -8.30
C HIS L 463 79.95 17.37 -8.25
N GLY L 464 80.59 18.53 -8.40
CA GLY L 464 82.03 18.61 -8.15
C GLY L 464 82.38 18.36 -6.70
N ALA L 465 81.52 18.82 -5.79
CA ALA L 465 81.68 18.47 -4.38
C ALA L 465 81.46 16.98 -4.15
N ASN L 466 80.52 16.39 -4.88
CA ASN L 466 80.30 14.95 -4.79
C ASN L 466 81.50 14.17 -5.30
N CYS L 467 82.07 14.59 -6.44
CA CYS L 467 83.22 13.91 -7.00
C CYS L 467 84.48 14.11 -6.16
N ALA L 468 84.51 15.14 -5.31
CA ALA L 468 85.58 15.32 -4.35
C ALA L 468 85.39 14.47 -3.09
N GLY L 469 84.23 13.86 -2.92
CA GLY L 469 83.99 13.02 -1.77
C GLY L 469 83.63 13.75 -0.50
N VAL L 470 83.02 14.94 -0.61
CA VAL L 470 82.66 15.74 0.57
C VAL L 470 81.14 15.66 0.76
N ASP L 471 80.56 14.54 0.30
CA ASP L 471 79.12 14.27 0.39
C ASP L 471 78.60 14.20 1.82
N LYS L 472 79.46 14.25 2.83
CA LYS L 472 79.08 14.06 4.23
C LYS L 472 78.71 15.36 4.93
N VAL L 473 78.56 16.46 4.21
CA VAL L 473 78.22 17.75 4.83
C VAL L 473 76.99 18.30 4.12
N PRO L 474 76.23 19.19 4.80
CA PRO L 474 75.03 19.76 4.18
C PRO L 474 75.35 20.61 2.96
N PHE L 475 74.28 20.90 2.20
CA PHE L 475 74.40 21.49 0.87
C PHE L 475 75.14 22.83 0.82
N PRO L 476 74.87 23.82 1.70
CA PRO L 476 75.69 25.05 1.65
C PRO L 476 77.16 24.81 1.95
N GLU L 477 77.47 23.87 2.85
CA GLU L 477 78.85 23.61 3.21
C GLU L 477 79.62 22.96 2.07
N ARG L 478 78.94 22.21 1.21
CA ARG L 478 79.57 21.72 -0.02
C ARG L 478 79.89 22.87 -0.96
N ILE L 479 79.02 23.89 -0.98
CA ILE L 479 79.22 25.03 -1.88
C ILE L 479 80.39 25.88 -1.42
N LYS L 480 80.53 26.10 -0.11
CA LYS L 480 81.67 26.85 0.41
C LYS L 480 82.99 26.14 0.14
N PHE L 481 82.99 24.81 0.12
CA PHE L 481 84.19 24.06 -0.23
C PHE L 481 84.62 24.33 -1.67
N ILE L 482 83.67 24.57 -2.57
CA ILE L 482 83.99 24.81 -3.96
C ILE L 482 84.61 26.19 -4.15
N GLU L 483 84.00 27.21 -3.55
CA GLU L 483 84.51 28.58 -3.73
C GLU L 483 85.78 28.81 -2.94
N GLU L 484 85.99 28.08 -1.84
CA GLU L 484 87.24 28.20 -1.10
C GLU L 484 88.43 27.75 -1.93
N ASN L 485 88.22 26.82 -2.86
CA ASN L 485 89.27 26.28 -3.69
C ASN L 485 89.09 26.66 -5.16
N HIS L 486 88.52 27.84 -5.41
CA HIS L 486 88.18 28.27 -6.76
C HIS L 486 89.42 28.39 -7.65
N GLU L 487 90.54 28.87 -7.09
CA GLU L 487 91.76 28.97 -7.86
C GLU L 487 92.36 27.60 -8.16
N ASN L 488 92.21 26.64 -7.23
CA ASN L 488 92.77 25.31 -7.44
C ASN L 488 92.02 24.54 -8.52
N ILE L 489 90.70 24.73 -8.63
CA ILE L 489 89.96 24.15 -9.74
C ILE L 489 90.37 24.80 -11.06
N MET L 490 90.64 26.11 -11.04
CA MET L 490 90.98 26.79 -12.29
C MET L 490 92.38 26.44 -12.76
N ALA L 491 93.29 26.14 -11.84
CA ALA L 491 94.60 25.65 -12.24
C ALA L 491 94.49 24.30 -12.94
N CYS L 492 93.64 23.42 -12.42
CA CYS L 492 93.43 22.12 -13.05
C CYS L 492 92.70 22.25 -14.39
N ALA L 493 91.89 23.30 -14.55
CA ALA L 493 91.18 23.48 -15.80
C ALA L 493 92.10 24.00 -16.91
N LYS L 494 93.02 24.90 -16.58
CA LYS L 494 93.94 25.45 -17.56
C LYS L 494 95.19 24.62 -17.74
N SER L 495 95.53 23.77 -16.77
CA SER L 495 96.76 22.97 -16.84
C SER L 495 96.57 21.72 -15.98
N PRO L 496 95.80 20.75 -16.49
CA PRO L 496 95.59 19.51 -15.71
C PRO L 496 96.88 18.72 -15.50
N LEU L 497 97.81 18.79 -16.44
CA LEU L 497 99.07 18.08 -16.31
C LEU L 497 100.00 18.78 -15.33
N GLU L 498 99.85 20.08 -15.14
CA GLU L 498 100.69 20.85 -14.23
C GLU L 498 100.11 20.95 -12.82
N ASN L 499 98.99 20.28 -12.54
CA ASN L 499 98.36 20.36 -11.23
C ASN L 499 97.92 18.97 -10.81
N THR L 500 98.42 18.53 -9.66
CA THR L 500 98.18 17.18 -9.15
C THR L 500 96.89 17.07 -8.35
N TRP L 501 96.11 18.15 -8.25
CA TRP L 501 95.03 18.21 -7.27
C TRP L 501 93.81 17.38 -7.69
N TRP L 502 93.41 17.46 -8.96
CA TRP L 502 92.19 16.77 -9.38
C TRP L 502 92.34 15.26 -9.32
N ALA L 503 93.55 14.75 -9.54
CA ALA L 503 93.79 13.32 -9.39
C ALA L 503 93.73 12.86 -7.95
N GLU L 504 93.87 13.78 -7.00
CA GLU L 504 93.88 13.40 -5.58
C GLU L 504 92.47 13.22 -5.02
N GLN L 505 91.43 13.44 -5.81
CA GLN L 505 90.06 13.33 -5.33
C GLN L 505 89.58 11.88 -5.43
N ASP L 506 88.47 11.61 -4.73
CA ASP L 506 87.93 10.25 -4.67
C ASP L 506 87.44 9.78 -6.04
N SER L 507 86.80 10.67 -6.80
CA SER L 507 86.39 10.41 -8.18
C SER L 507 87.16 11.39 -9.06
N PRO L 508 88.42 11.08 -9.38
CA PRO L 508 89.31 12.09 -9.98
C PRO L 508 88.93 12.55 -11.38
N PHE L 509 88.67 11.61 -12.30
CA PHE L 509 88.37 11.99 -13.67
C PHE L 509 87.02 12.68 -13.79
N CYS L 510 86.06 12.30 -12.95
CA CYS L 510 84.77 12.99 -12.95
C CYS L 510 84.91 14.39 -12.36
N PHE L 511 85.81 14.59 -11.40
CA PHE L 511 86.14 15.93 -10.92
C PHE L 511 86.78 16.75 -12.03
N LEU L 512 87.63 16.12 -12.84
CA LEU L 512 88.29 16.84 -13.93
C LEU L 512 87.28 17.29 -15.00
N ALA L 513 86.31 16.44 -15.32
CA ALA L 513 85.23 16.88 -16.19
C ALA L 513 84.43 18.00 -15.55
N PHE L 514 84.28 17.96 -14.23
CA PHE L 514 83.66 19.07 -13.52
C PHE L 514 84.52 20.33 -13.58
N CYS L 515 85.86 20.16 -13.52
CA CYS L 515 86.77 21.31 -13.63
C CYS L 515 86.54 22.06 -14.94
N PHE L 516 86.46 21.32 -16.04
CA PHE L 516 86.36 21.94 -17.35
C PHE L 516 84.97 22.56 -17.55
N GLU L 517 83.94 21.99 -16.93
CA GLU L 517 82.63 22.62 -16.95
C GLU L 517 82.58 23.82 -16.00
N TYR L 518 83.29 23.73 -14.87
CA TYR L 518 83.40 24.89 -13.98
C TYR L 518 84.19 26.01 -14.62
N ALA L 519 85.13 25.67 -15.50
CA ALA L 519 85.85 26.69 -16.26
C ALA L 519 84.91 27.43 -17.20
N GLY L 520 83.97 26.73 -17.83
CA GLY L 520 83.06 27.34 -18.77
C GLY L 520 82.08 28.32 -18.14
N VAL L 521 81.78 28.16 -16.85
CA VAL L 521 80.88 29.09 -16.19
C VAL L 521 81.55 30.45 -16.03
N GLN L 522 82.79 30.47 -15.57
CA GLN L 522 83.50 31.74 -15.38
C GLN L 522 83.91 32.34 -16.71
N HIS L 523 84.38 31.51 -17.64
CA HIS L 523 84.93 32.03 -18.88
C HIS L 523 83.84 32.52 -19.83
N HIS L 524 82.65 31.91 -19.79
CA HIS L 524 81.61 32.23 -20.76
C HIS L 524 80.28 32.65 -20.14
N GLY L 525 80.18 32.74 -18.80
CA GLY L 525 78.98 33.23 -18.17
C GLY L 525 77.99 32.14 -17.80
N LEU L 526 76.88 32.58 -17.21
CA LEU L 526 75.79 31.68 -16.86
C LEU L 526 74.98 31.22 -18.06
N SER L 527 75.21 31.81 -19.23
CA SER L 527 74.52 31.40 -20.46
C SER L 527 75.18 30.19 -21.12
N TYR L 528 76.38 29.82 -20.68
CA TYR L 528 77.17 28.83 -21.38
C TYR L 528 76.54 27.45 -21.27
N ASN L 529 76.56 26.71 -22.38
CA ASN L 529 75.90 25.41 -22.46
C ASN L 529 76.69 24.38 -21.67
N CYS L 530 76.04 23.78 -20.67
CA CYS L 530 76.62 22.70 -19.89
C CYS L 530 75.81 21.43 -20.09
N SER L 531 76.50 20.34 -20.38
CA SER L 531 75.87 19.06 -20.65
C SER L 531 76.44 17.95 -19.77
N LEU L 532 77.14 18.32 -18.70
CA LEU L 532 77.73 17.31 -17.83
C LEU L 532 76.64 16.61 -17.02
N PRO L 533 76.68 15.27 -16.94
CA PRO L 533 75.71 14.56 -16.09
C PRO L 533 76.01 14.79 -14.61
N LEU L 534 74.95 14.89 -13.82
CA LEU L 534 75.02 15.20 -12.39
C LEU L 534 74.33 14.07 -11.63
N ALA L 535 75.12 13.22 -10.97
CA ALA L 535 74.62 11.98 -10.40
C ALA L 535 74.13 12.19 -8.97
N PHE L 536 72.89 11.77 -8.70
CA PHE L 536 72.26 11.94 -7.39
C PHE L 536 71.99 10.55 -6.83
N ASP L 537 72.71 10.17 -5.78
CA ASP L 537 72.74 8.80 -5.27
C ASP L 537 72.21 8.74 -3.84
N GLY L 538 71.33 7.77 -3.58
CA GLY L 538 70.78 7.61 -2.26
C GLY L 538 71.81 7.10 -1.25
N SER L 539 71.52 7.35 0.03
CA SER L 539 72.47 7.01 1.09
C SER L 539 72.65 5.51 1.23
N CYS L 540 71.54 4.76 1.35
CA CYS L 540 71.58 3.31 1.42
C CYS L 540 70.27 2.80 0.81
N SER L 541 70.31 2.51 -0.50
CA SER L 541 69.10 2.36 -1.29
C SER L 541 68.25 1.17 -0.84
N GLY L 542 68.90 0.06 -0.47
CA GLY L 542 68.14 -1.13 -0.07
C GLY L 542 67.32 -0.91 1.19
N ILE L 543 67.95 -0.32 2.21
CA ILE L 543 67.24 -0.04 3.46
C ILE L 543 66.58 1.34 3.43
N GLN L 544 66.84 2.16 2.42
CA GLN L 544 65.96 3.28 2.10
C GLN L 544 64.57 2.77 1.74
N HIS L 545 64.53 1.76 0.87
CA HIS L 545 63.26 1.19 0.44
C HIS L 545 62.59 0.44 1.58
N PHE L 546 63.35 -0.43 2.26
CA PHE L 546 62.79 -1.28 3.31
C PHE L 546 62.16 -0.46 4.42
N SER L 547 62.77 0.69 4.75
CA SER L 547 62.16 1.59 5.71
C SER L 547 60.91 2.27 5.15
N ALA L 548 60.85 2.46 3.83
CA ALA L 548 59.70 3.14 3.23
C ALA L 548 58.49 2.23 3.12
N MET L 549 58.69 0.91 2.93
CA MET L 549 57.55 0.00 2.88
C MET L 549 56.84 -0.09 4.22
N LEU L 550 57.60 -0.12 5.31
CA LEU L 550 57.05 -0.32 6.64
C LEU L 550 56.97 0.97 7.45
N ARG L 551 57.36 2.10 6.87
CA ARG L 551 57.29 3.43 7.49
C ARG L 551 58.03 3.49 8.83
N ASP L 552 59.25 2.96 8.84
CA ASP L 552 60.12 3.07 10.01
C ASP L 552 60.66 4.49 10.08
N GLU L 553 60.27 5.24 11.11
CA GLU L 553 60.83 6.56 11.30
C GLU L 553 62.23 6.50 11.90
N VAL L 554 62.49 5.52 12.76
CA VAL L 554 63.83 5.36 13.34
C VAL L 554 64.83 4.94 12.27
N GLY L 555 64.46 3.96 11.45
CA GLY L 555 65.28 3.59 10.31
C GLY L 555 65.18 4.51 9.13
N GLY L 556 64.28 5.49 9.19
CA GLY L 556 64.10 6.43 8.11
C GLY L 556 65.06 7.59 8.14
N ARG L 557 65.20 8.24 9.29
CA ARG L 557 66.10 9.38 9.40
C ARG L 557 67.55 8.96 9.15
N ALA L 558 67.91 7.72 9.50
CA ALA L 558 69.29 7.27 9.36
C ALA L 558 69.73 7.20 7.90
N VAL L 559 68.79 7.06 6.98
CA VAL L 559 69.10 7.06 5.55
C VAL L 559 68.59 8.32 4.87
N ASN L 560 68.39 9.39 5.63
CA ASN L 560 68.26 10.77 5.18
C ASN L 560 66.99 11.06 4.38
N LEU L 561 66.07 10.11 4.26
CA LEU L 561 64.83 10.46 3.57
C LEU L 561 63.91 11.30 4.46
N LEU L 562 64.07 11.23 5.77
CA LEU L 562 63.46 12.23 6.64
C LEU L 562 64.30 13.51 6.60
N PRO L 563 63.68 14.68 6.46
CA PRO L 563 64.46 15.92 6.45
C PRO L 563 65.15 16.17 7.79
N SER L 564 66.36 16.70 7.72
CA SER L 564 67.15 16.98 8.91
C SER L 564 68.20 18.02 8.55
N GLU L 565 68.80 18.61 9.59
CA GLU L 565 69.78 19.66 9.36
C GLU L 565 71.17 19.10 9.10
N THR L 566 71.54 18.04 9.81
CA THR L 566 72.73 17.27 9.45
C THR L 566 72.37 16.23 8.39
N VAL L 567 73.39 15.57 7.86
CA VAL L 567 73.20 14.38 7.04
C VAL L 567 73.59 13.17 7.88
N GLN L 568 72.71 12.19 7.94
CA GLN L 568 72.78 11.13 8.94
C GLN L 568 73.63 9.99 8.40
N ASP L 569 74.84 9.85 8.94
CA ASP L 569 75.66 8.69 8.66
C ASP L 569 75.04 7.48 9.35
N ILE L 570 74.48 6.57 8.55
CA ILE L 570 73.87 5.35 9.11
C ILE L 570 74.94 4.51 9.79
N TYR L 571 76.14 4.47 9.21
CA TYR L 571 77.26 3.80 9.84
C TYR L 571 77.71 4.54 11.10
N GLY L 572 77.66 5.87 11.07
CA GLY L 572 77.97 6.64 12.27
C GLY L 572 76.93 6.49 13.35
N ILE L 573 75.65 6.45 12.99
CA ILE L 573 74.59 6.32 13.98
C ILE L 573 74.67 4.96 14.68
N VAL L 574 74.86 3.89 13.91
CA VAL L 574 75.00 2.57 14.49
C VAL L 574 76.34 2.42 15.21
N ALA L 575 77.35 3.23 14.86
CA ALA L 575 78.59 3.22 15.61
C ALA L 575 78.42 3.90 16.97
N LYS L 576 77.49 4.86 17.07
CA LYS L 576 77.14 5.42 18.36
C LYS L 576 76.44 4.39 19.24
N LYS L 577 75.56 3.58 18.64
CA LYS L 577 74.75 2.63 19.40
C LYS L 577 75.58 1.45 19.93
N VAL L 578 76.59 0.99 19.17
CA VAL L 578 77.46 -0.06 19.70
C VAL L 578 78.30 0.49 20.84
N ASN L 579 78.65 1.78 20.77
CA ASN L 579 79.47 2.43 21.80
C ASN L 579 78.81 2.35 23.17
N GLU L 580 77.50 2.63 23.24
CA GLU L 580 76.84 2.64 24.54
C GLU L 580 76.52 1.25 25.05
N ILE L 581 76.48 0.24 24.16
CA ILE L 581 76.40 -1.14 24.63
C ILE L 581 77.70 -1.53 25.33
N LEU L 582 78.84 -1.09 24.80
CA LEU L 582 80.14 -1.39 25.41
C LEU L 582 80.25 -0.80 26.80
N GLN L 583 79.66 0.38 27.01
CA GLN L 583 79.69 0.99 28.34
C GLN L 583 78.92 0.15 29.34
N ALA L 584 77.67 -0.19 29.02
CA ALA L 584 76.86 -1.02 29.92
C ALA L 584 77.44 -2.43 30.05
N ASP L 585 78.15 -2.91 29.01
CA ASP L 585 78.90 -4.15 29.13
C ASP L 585 80.01 -4.02 30.15
N ALA L 586 80.68 -2.86 30.19
CA ALA L 586 81.84 -2.69 31.07
C ALA L 586 81.44 -2.62 32.54
N ILE L 587 80.25 -2.13 32.85
CA ILE L 587 79.86 -2.00 34.25
C ILE L 587 79.44 -3.35 34.82
N ASN L 588 78.88 -4.23 34.00
CA ASN L 588 78.49 -5.57 34.44
C ASN L 588 78.52 -6.49 33.23
N GLY L 589 79.52 -7.38 33.19
CA GLY L 589 79.66 -8.31 32.09
C GLY L 589 80.02 -9.70 32.61
N THR L 590 80.10 -10.64 31.67
CA THR L 590 80.38 -12.03 32.03
C THR L 590 81.81 -12.16 32.56
N ASP L 591 81.93 -12.79 33.74
CA ASP L 591 83.25 -13.04 34.30
C ASP L 591 83.97 -14.12 33.49
N ASN L 592 85.27 -13.94 33.31
CA ASN L 592 86.07 -14.85 32.50
C ASN L 592 86.10 -16.25 33.11
N GLU L 593 85.68 -17.23 32.34
CA GLU L 593 85.59 -18.62 32.78
C GLU L 593 86.45 -19.49 31.88
N VAL L 594 86.67 -20.73 32.32
CA VAL L 594 87.50 -21.70 31.62
C VAL L 594 86.60 -22.68 30.90
N VAL L 595 86.89 -22.94 29.63
CA VAL L 595 86.12 -23.89 28.84
C VAL L 595 87.04 -25.03 28.36
N THR L 613 82.77 -11.07 29.25
CA THR L 613 82.32 -9.97 28.42
C THR L 613 82.88 -8.64 28.91
N VAL L 625 85.49 2.96 19.06
CA VAL L 625 84.52 2.66 18.02
C VAL L 625 84.63 3.69 16.89
N THR L 626 84.21 3.31 15.69
CA THR L 626 84.28 4.19 14.54
C THR L 626 83.21 3.77 13.53
N ARG L 627 82.99 4.64 12.54
CA ARG L 627 82.10 4.30 11.45
C ARG L 627 82.65 3.18 10.59
N SER L 628 83.99 3.01 10.58
CA SER L 628 84.62 2.10 9.64
C SER L 628 84.44 0.63 10.03
N VAL L 629 84.43 0.33 11.32
CA VAL L 629 84.35 -1.06 11.75
C VAL L 629 82.97 -1.64 11.43
N THR L 630 81.92 -0.84 11.59
CA THR L 630 80.56 -1.27 11.32
C THR L 630 80.05 -0.77 9.96
N LYS L 631 80.92 -0.19 9.13
CA LYS L 631 80.51 0.25 7.80
C LYS L 631 80.08 -0.93 6.95
N ARG L 632 80.91 -1.98 6.90
CA ARG L 632 80.64 -3.15 6.08
C ARG L 632 79.38 -3.89 6.51
N SER L 633 78.95 -3.74 7.76
CA SER L 633 77.83 -4.51 8.27
C SER L 633 76.52 -4.12 7.60
N VAL L 634 76.32 -2.84 7.29
CA VAL L 634 75.01 -2.38 6.85
C VAL L 634 74.83 -2.51 5.33
N MET L 635 75.91 -2.38 4.53
CA MET L 635 75.82 -2.80 3.13
C MET L 635 75.42 -4.26 3.05
N THR L 636 76.13 -5.11 3.76
CA THR L 636 75.96 -6.54 3.68
C THR L 636 74.67 -7.00 4.35
N LEU L 637 74.05 -6.14 5.18
CA LEU L 637 72.77 -6.49 5.78
C LEU L 637 71.67 -6.60 4.73
N ALA L 638 71.62 -5.65 3.80
CA ALA L 638 70.66 -5.73 2.70
C ALA L 638 70.99 -6.88 1.75
N TYR L 639 72.22 -7.38 1.76
CA TYR L 639 72.62 -8.51 0.93
C TYR L 639 72.27 -9.84 1.58
N GLY L 640 71.79 -9.85 2.82
CA GLY L 640 71.28 -11.03 3.47
C GLY L 640 72.11 -11.56 4.62
N SER L 641 73.29 -10.98 4.89
CA SER L 641 74.14 -11.49 5.94
C SER L 641 73.64 -11.07 7.32
N LYS L 642 73.93 -11.91 8.30
CA LYS L 642 73.48 -11.72 9.67
C LYS L 642 74.71 -11.76 10.57
N GLU L 643 74.47 -11.96 11.88
CA GLU L 643 75.49 -11.75 12.90
C GLU L 643 76.76 -12.58 12.66
N PHE L 644 76.61 -13.84 12.21
CA PHE L 644 77.79 -14.62 11.81
C PHE L 644 78.52 -13.90 10.68
N GLY L 645 77.80 -13.57 9.60
CA GLY L 645 78.43 -12.90 8.47
C GLY L 645 79.10 -11.59 8.85
N PHE L 646 78.67 -11.00 9.96
CA PHE L 646 79.39 -9.87 10.53
C PHE L 646 80.67 -10.30 11.24
N ARG L 647 80.68 -11.49 11.88
CA ARG L 647 81.84 -11.92 12.68
C ARG L 647 83.10 -12.04 11.83
N GLN L 648 82.99 -12.66 10.66
CA GLN L 648 84.17 -12.85 9.84
C GLN L 648 84.68 -11.55 9.24
N GLN L 649 83.77 -10.60 8.96
CA GLN L 649 84.19 -9.38 8.31
C GLN L 649 84.74 -8.34 9.30
N VAL L 650 84.27 -8.31 10.55
CA VAL L 650 84.86 -7.36 11.51
C VAL L 650 86.29 -7.75 11.81
N LEU L 651 86.56 -9.06 11.89
CA LEU L 651 87.94 -9.54 12.00
C LEU L 651 88.74 -9.15 10.78
N GLU L 652 88.17 -9.37 9.58
CA GLU L 652 88.90 -9.11 8.35
C GLU L 652 89.08 -7.61 8.09
N ASP L 653 88.06 -6.80 8.40
CA ASP L 653 88.17 -5.37 8.11
C ASP L 653 89.07 -4.65 9.11
N THR L 654 88.97 -4.98 10.40
CA THR L 654 89.65 -4.21 11.44
C THR L 654 90.67 -5.03 12.22
N ILE L 655 90.27 -6.19 12.76
CA ILE L 655 91.14 -6.92 13.67
C ILE L 655 92.34 -7.53 12.92
N GLN L 656 92.08 -8.14 11.75
CA GLN L 656 93.18 -8.68 10.95
C GLN L 656 94.17 -7.62 10.47
N PRO L 657 93.76 -6.42 10.03
CA PRO L 657 94.77 -5.36 9.85
C PRO L 657 95.40 -4.88 11.16
N ALA L 658 94.74 -5.08 12.30
CA ALA L 658 95.29 -4.57 13.56
C ALA L 658 96.46 -5.41 14.06
N ILE L 659 96.54 -6.68 13.67
CA ILE L 659 97.58 -7.53 14.24
C ILE L 659 98.95 -7.25 13.59
N ASP L 660 98.97 -6.84 12.33
CA ASP L 660 100.23 -6.44 11.70
C ASP L 660 100.52 -4.96 11.90
N SER L 661 99.50 -4.16 12.19
CA SER L 661 99.72 -2.79 12.62
C SER L 661 100.22 -2.73 14.05
N GLY L 662 100.09 -3.81 14.81
CA GLY L 662 100.41 -3.82 16.22
C GLY L 662 99.28 -3.39 17.13
N LYS L 663 98.10 -3.11 16.59
CA LYS L 663 96.95 -2.72 17.38
C LYS L 663 96.06 -3.90 17.76
N GLY L 664 96.59 -5.11 17.73
CA GLY L 664 95.88 -6.28 18.19
C GLY L 664 96.14 -6.63 19.64
N LEU L 665 96.70 -5.70 20.41
CA LEU L 665 97.14 -5.99 21.76
C LEU L 665 95.98 -6.09 22.75
N MET L 666 94.91 -5.32 22.55
CA MET L 666 93.82 -5.30 23.51
C MET L 666 93.03 -6.60 23.50
N PHE L 667 92.68 -7.09 22.31
CA PHE L 667 91.95 -8.35 22.21
C PHE L 667 92.92 -9.50 22.48
N THR L 668 92.61 -10.29 23.52
CA THR L 668 93.52 -11.38 23.90
C THR L 668 93.47 -12.53 22.90
N GLN L 669 92.28 -12.82 22.38
CA GLN L 669 92.10 -13.87 21.38
C GLN L 669 91.14 -13.30 20.34
N PRO L 670 91.47 -13.40 19.04
CA PRO L 670 90.68 -12.67 18.04
C PRO L 670 89.31 -13.25 17.75
N ASN L 671 89.08 -14.54 17.99
CA ASN L 671 87.83 -15.16 17.57
C ASN L 671 86.65 -14.77 18.47
N GLN L 672 86.89 -14.46 19.73
CA GLN L 672 85.80 -13.89 20.54
C GLN L 672 85.60 -12.42 20.27
N ALA L 673 86.68 -11.67 20.02
CA ALA L 673 86.55 -10.25 19.70
C ALA L 673 85.74 -10.06 18.42
N ALA L 674 85.95 -10.93 17.43
CA ALA L 674 85.10 -10.90 16.24
C ALA L 674 83.70 -11.45 16.55
N GLY L 675 83.64 -12.54 17.32
CA GLY L 675 82.34 -13.15 17.60
C GLY L 675 81.46 -12.30 18.51
N TYR L 676 82.04 -11.69 19.54
CA TYR L 676 81.22 -10.99 20.53
C TYR L 676 80.80 -9.61 20.03
N MET L 677 81.67 -8.95 19.27
CA MET L 677 81.33 -7.65 18.68
C MET L 677 80.14 -7.76 17.75
N ALA L 678 80.09 -8.82 16.94
CA ALA L 678 79.03 -8.94 15.94
C ALA L 678 77.65 -9.08 16.59
N LYS L 679 77.58 -9.59 17.81
CA LYS L 679 76.35 -9.52 18.57
C LYS L 679 75.98 -8.07 18.86
N LEU L 680 76.98 -7.23 19.15
CA LEU L 680 76.73 -5.84 19.45
C LEU L 680 76.47 -5.00 18.20
N ILE L 681 76.93 -5.44 17.03
CA ILE L 681 76.48 -4.79 15.80
C ILE L 681 75.02 -5.12 15.53
N TRP L 682 74.68 -6.41 15.48
CA TRP L 682 73.34 -6.85 15.13
C TRP L 682 72.29 -6.35 16.11
N GLU L 683 72.64 -6.25 17.40
CA GLU L 683 71.74 -5.64 18.36
C GLU L 683 71.52 -4.16 18.04
N SER L 684 72.56 -3.48 17.57
CA SER L 684 72.45 -2.05 17.26
C SER L 684 71.70 -1.81 15.95
N VAL L 685 71.92 -2.65 14.93
CA VAL L 685 71.20 -2.50 13.67
C VAL L 685 69.72 -2.84 13.83
N SER L 686 69.41 -3.79 14.71
CA SER L 686 68.01 -4.18 14.92
C SER L 686 67.18 -3.03 15.49
N VAL L 687 67.76 -2.27 16.42
CA VAL L 687 67.08 -1.08 16.93
C VAL L 687 67.05 0.02 15.87
N THR L 688 68.16 0.18 15.13
CA THR L 688 68.25 1.28 14.16
C THR L 688 67.29 1.08 13.00
N VAL L 689 67.47 0.03 12.21
CA VAL L 689 66.57 -0.21 11.09
C VAL L 689 65.68 -1.41 11.41
N VAL L 690 64.51 -1.13 11.97
CA VAL L 690 63.62 -2.23 12.36
C VAL L 690 62.82 -2.72 11.16
N ALA L 691 62.49 -1.83 10.22
CA ALA L 691 61.70 -2.21 9.06
C ALA L 691 62.41 -3.24 8.21
N ALA L 692 63.73 -3.11 8.06
CA ALA L 692 64.51 -4.06 7.27
C ALA L 692 64.48 -5.45 7.89
N VAL L 693 64.81 -5.55 9.18
CA VAL L 693 65.07 -6.85 9.83
C VAL L 693 63.80 -7.72 9.82
N GLU L 694 62.64 -7.10 9.99
CA GLU L 694 61.40 -7.86 9.88
C GLU L 694 61.02 -8.13 8.42
N ALA L 695 61.39 -7.23 7.51
CA ALA L 695 61.03 -7.40 6.10
C ALA L 695 61.77 -8.58 5.49
N MET L 696 63.10 -8.64 5.66
CA MET L 696 63.83 -9.77 5.08
C MET L 696 63.42 -11.08 5.75
N ASN L 697 63.21 -11.07 7.07
CA ASN L 697 62.77 -12.27 7.77
C ASN L 697 61.44 -12.78 7.25
N TRP L 698 60.52 -11.86 6.93
CA TRP L 698 59.28 -12.28 6.27
C TRP L 698 59.55 -12.79 4.86
N LEU L 699 60.49 -12.17 4.15
CA LEU L 699 60.75 -12.53 2.76
C LEU L 699 61.44 -13.88 2.64
N LYS L 700 62.43 -14.16 3.50
CA LYS L 700 63.06 -15.48 3.48
C LYS L 700 62.08 -16.57 3.90
N SER L 701 61.16 -16.27 4.82
CA SER L 701 60.16 -17.25 5.23
C SER L 701 59.22 -17.60 4.08
N ALA L 702 58.95 -16.63 3.20
CA ALA L 702 58.11 -16.90 2.04
C ALA L 702 58.76 -17.88 1.08
N ALA L 703 60.06 -17.69 0.80
CA ALA L 703 60.76 -18.59 -0.10
C ALA L 703 61.10 -19.92 0.56
N LYS L 704 61.17 -19.97 1.89
CA LYS L 704 61.54 -21.20 2.58
C LYS L 704 60.51 -22.29 2.39
N LEU L 705 59.22 -21.96 2.50
CA LEU L 705 58.17 -22.94 2.31
C LEU L 705 57.70 -23.06 0.86
N LEU L 706 57.90 -22.01 0.05
CA LEU L 706 57.56 -22.12 -1.37
C LEU L 706 58.52 -23.05 -2.09
N ALA L 707 59.81 -22.97 -1.77
CA ALA L 707 60.80 -23.88 -2.31
C ALA L 707 60.87 -25.19 -1.56
N ALA L 708 60.08 -25.36 -0.51
CA ALA L 708 60.00 -26.62 0.19
C ALA L 708 59.26 -27.66 -0.65
N GLU L 709 59.71 -28.90 -0.57
CA GLU L 709 59.00 -30.04 -1.16
C GLU L 709 58.40 -30.78 0.03
N VAL L 710 57.07 -30.72 0.15
CA VAL L 710 56.42 -31.31 1.31
C VAL L 710 55.98 -32.72 0.95
N LYS L 711 55.97 -33.59 1.96
CA LYS L 711 55.79 -35.01 1.74
C LYS L 711 55.27 -35.63 3.03
N ASP L 712 54.15 -36.32 2.95
CA ASP L 712 53.64 -37.09 4.08
C ASP L 712 54.45 -38.36 4.21
N LYS L 713 54.98 -38.60 5.43
CA LYS L 713 55.92 -39.69 5.66
C LYS L 713 55.31 -41.05 5.32
N LYS L 714 54.01 -41.20 5.52
CA LYS L 714 53.35 -42.48 5.19
C LYS L 714 53.20 -42.67 3.69
N THR L 715 52.77 -41.63 2.97
CA THR L 715 52.32 -41.81 1.59
C THR L 715 53.45 -42.00 0.59
N GLY L 716 54.67 -41.55 0.88
CA GLY L 716 55.79 -41.74 -0.01
C GLY L 716 55.82 -40.87 -1.25
N GLU L 717 54.82 -40.02 -1.46
CA GLU L 717 54.70 -39.22 -2.68
C GLU L 717 54.59 -37.75 -2.34
N ILE L 718 54.96 -36.90 -3.31
CA ILE L 718 55.07 -35.47 -3.06
C ILE L 718 53.68 -34.83 -3.02
N LEU L 719 53.44 -34.02 -1.99
CA LEU L 719 52.17 -33.30 -1.84
C LEU L 719 52.23 -31.89 -2.40
N ARG L 720 53.40 -31.23 -2.34
CA ARG L 720 53.61 -29.92 -2.94
C ARG L 720 55.06 -29.90 -3.43
N LYS L 721 55.24 -29.82 -4.75
CA LYS L 721 56.59 -29.79 -5.30
C LYS L 721 57.24 -28.44 -5.00
N ARG L 722 58.52 -28.34 -5.35
CA ARG L 722 59.27 -27.10 -5.12
C ARG L 722 58.74 -26.02 -6.04
N CYS L 723 58.11 -25.00 -5.47
CA CYS L 723 57.55 -23.90 -6.23
C CYS L 723 58.50 -22.72 -6.20
N ALA L 724 58.54 -22.00 -7.32
CA ALA L 724 59.29 -20.75 -7.35
C ALA L 724 58.52 -19.64 -6.63
N VAL L 725 59.20 -18.53 -6.41
CA VAL L 725 58.56 -17.33 -5.91
C VAL L 725 58.52 -16.32 -7.06
N HIS L 726 57.48 -15.50 -7.07
CA HIS L 726 57.26 -14.60 -8.20
C HIS L 726 56.39 -13.43 -7.76
N TRP L 727 56.75 -12.24 -8.22
CA TRP L 727 56.01 -11.02 -7.89
C TRP L 727 56.05 -10.09 -9.08
N VAL L 728 55.31 -8.99 -8.98
CA VAL L 728 55.24 -7.97 -10.02
C VAL L 728 55.61 -6.63 -9.39
N THR L 729 56.62 -5.98 -9.95
CA THR L 729 57.00 -4.65 -9.50
C THR L 729 55.95 -3.63 -9.96
N PRO L 730 55.80 -2.51 -9.24
CA PRO L 730 54.60 -1.66 -9.41
C PRO L 730 54.35 -1.13 -10.83
N ASP L 731 55.37 -0.95 -11.65
CA ASP L 731 55.11 -0.51 -13.02
C ASP L 731 54.77 -1.65 -13.96
N GLY L 732 54.70 -2.88 -13.46
CA GLY L 732 54.27 -4.02 -14.25
C GLY L 732 55.35 -5.03 -14.56
N PHE L 733 56.58 -4.81 -14.13
CA PHE L 733 57.65 -5.78 -14.39
C PHE L 733 57.48 -6.98 -13.48
N PRO L 734 57.36 -8.20 -14.02
CA PRO L 734 57.34 -9.38 -13.17
C PRO L 734 58.73 -9.97 -12.98
N VAL L 735 58.92 -10.60 -11.82
CA VAL L 735 60.17 -11.25 -11.47
C VAL L 735 59.88 -12.72 -11.23
N TRP L 736 60.72 -13.60 -11.77
CA TRP L 736 60.64 -15.03 -11.53
C TRP L 736 61.95 -15.48 -10.92
N GLN L 737 61.93 -15.76 -9.62
CA GLN L 737 63.11 -16.29 -8.94
C GLN L 737 63.02 -17.81 -8.96
N GLU L 738 63.76 -18.43 -9.87
CA GLU L 738 63.81 -19.88 -10.02
C GLU L 738 65.28 -20.28 -10.01
N TYR L 739 65.84 -20.45 -8.81
CA TYR L 739 67.23 -20.85 -8.65
C TYR L 739 67.34 -22.35 -8.84
N LYS L 740 68.16 -22.78 -9.80
CA LYS L 740 68.23 -24.17 -10.20
C LYS L 740 69.59 -24.76 -9.85
N LYS L 741 69.59 -25.97 -9.31
CA LYS L 741 70.80 -26.75 -9.16
C LYS L 741 70.65 -28.06 -9.94
N PRO L 742 71.73 -28.56 -10.52
CA PRO L 742 71.67 -29.88 -11.17
C PRO L 742 71.47 -30.98 -10.13
N ILE L 743 70.78 -32.05 -10.56
CA ILE L 743 70.49 -33.17 -9.67
C ILE L 743 71.72 -34.01 -9.37
N GLN L 744 72.78 -33.88 -10.15
CA GLN L 744 74.02 -34.61 -9.91
C GLN L 744 75.17 -33.81 -10.51
N THR L 745 76.38 -34.14 -10.09
CA THR L 745 77.58 -33.44 -10.54
C THR L 745 78.77 -34.38 -10.42
N ARG L 746 79.98 -33.81 -10.53
CA ARG L 746 81.21 -34.58 -10.41
C ARG L 746 82.28 -33.77 -9.69
N ASP L 766 69.26 -32.80 -14.79
CA ASP L 766 67.94 -32.21 -14.82
C ASP L 766 67.83 -31.03 -13.88
N SER L 767 66.75 -30.28 -14.00
CA SER L 767 66.57 -29.02 -13.27
C SER L 767 65.77 -29.26 -12.00
N GLU L 768 66.24 -28.70 -10.89
CA GLU L 768 65.56 -28.77 -9.61
C GLU L 768 65.78 -27.45 -8.87
N ILE L 769 64.75 -26.99 -8.16
CA ILE L 769 64.81 -25.68 -7.51
C ILE L 769 65.71 -25.77 -6.29
N ASP L 770 66.69 -24.87 -6.21
CA ASP L 770 67.63 -24.79 -5.09
C ASP L 770 66.96 -23.99 -3.98
N ALA L 771 66.49 -24.70 -2.95
CA ALA L 771 65.74 -24.06 -1.87
C ALA L 771 66.59 -23.08 -1.09
N HIS L 772 67.85 -23.45 -0.82
CA HIS L 772 68.71 -22.59 -0.01
C HIS L 772 69.08 -21.31 -0.75
N LYS L 773 69.26 -21.39 -2.06
CA LYS L 773 69.54 -20.19 -2.84
C LYS L 773 68.31 -19.30 -2.97
N GLN L 774 67.11 -19.90 -2.98
CA GLN L 774 65.89 -19.10 -3.07
C GLN L 774 65.70 -18.24 -1.83
N GLU L 775 66.09 -18.74 -0.66
CA GLU L 775 65.96 -17.96 0.56
C GLU L 775 67.03 -16.87 0.64
N SER L 776 68.26 -17.19 0.24
CA SER L 776 69.34 -16.21 0.34
C SER L 776 69.18 -15.07 -0.67
N GLY L 777 68.43 -15.29 -1.75
CA GLY L 777 68.30 -14.29 -2.77
C GLY L 777 67.01 -13.49 -2.76
N ILE L 778 65.96 -13.98 -2.09
CA ILE L 778 64.64 -13.34 -2.20
C ILE L 778 64.67 -11.93 -1.62
N ALA L 779 65.29 -11.76 -0.44
CA ALA L 779 65.37 -10.43 0.14
C ALA L 779 66.23 -9.46 -0.66
N PRO L 780 67.46 -9.79 -1.10
CA PRO L 780 68.20 -8.82 -1.91
C PRO L 780 67.62 -8.60 -3.30
N ASN L 781 66.98 -9.60 -3.90
CA ASN L 781 66.42 -9.39 -5.24
C ASN L 781 65.13 -8.59 -5.20
N PHE L 782 64.40 -8.62 -4.08
CA PHE L 782 63.13 -7.91 -3.99
C PHE L 782 63.33 -6.40 -3.91
N VAL L 783 64.28 -5.95 -3.08
CA VAL L 783 64.61 -4.53 -3.06
C VAL L 783 65.25 -4.11 -4.37
N HIS L 784 66.04 -5.00 -4.98
CA HIS L 784 66.69 -4.68 -6.25
C HIS L 784 65.71 -4.69 -7.41
N SER L 785 64.69 -5.56 -7.36
CA SER L 785 63.56 -5.39 -8.26
C SER L 785 62.78 -4.13 -7.91
N GLN L 786 62.82 -3.72 -6.64
CA GLN L 786 62.12 -2.50 -6.23
C GLN L 786 62.84 -1.25 -6.72
N ASP L 787 64.18 -1.21 -6.57
CA ASP L 787 64.88 0.02 -6.96
C ASP L 787 64.94 0.19 -8.46
N GLY L 788 64.77 -0.89 -9.24
CA GLY L 788 64.58 -0.73 -10.67
C GLY L 788 63.25 -0.08 -11.00
N SER L 789 62.19 -0.45 -10.27
CA SER L 789 60.88 0.13 -10.49
C SER L 789 60.86 1.62 -10.15
N HIS L 790 61.51 1.99 -9.05
CA HIS L 790 61.67 3.41 -8.74
C HIS L 790 62.51 4.12 -9.78
N LEU L 791 63.57 3.46 -10.25
CA LEU L 791 64.43 4.05 -11.28
C LEU L 791 63.69 4.23 -12.59
N ARG L 792 62.85 3.25 -12.96
CA ARG L 792 62.16 3.31 -14.25
C ARG L 792 61.02 4.31 -14.23
N LYS L 793 60.29 4.41 -13.11
CA LYS L 793 59.22 5.38 -13.02
C LYS L 793 59.75 6.81 -13.05
N THR L 794 60.88 7.05 -12.38
CA THR L 794 61.50 8.37 -12.37
C THR L 794 61.93 8.79 -13.77
N VAL L 795 62.44 7.85 -14.56
CA VAL L 795 62.83 8.13 -15.93
C VAL L 795 61.60 8.50 -16.76
N VAL L 796 60.51 7.76 -16.58
CA VAL L 796 59.28 8.07 -17.30
C VAL L 796 58.66 9.36 -16.76
N TRP L 797 58.63 9.52 -15.42
CA TRP L 797 57.98 10.67 -14.81
C TRP L 797 58.65 11.98 -15.20
N ALA L 798 59.99 12.00 -15.20
CA ALA L 798 60.70 13.23 -15.54
C ALA L 798 60.49 13.62 -17.00
N HIS L 799 60.40 12.64 -17.89
CA HIS L 799 60.34 12.93 -19.33
C HIS L 799 58.98 13.48 -19.75
N GLU L 800 57.91 13.16 -19.04
CA GLU L 800 56.61 13.70 -19.43
C GLU L 800 56.16 14.85 -18.54
N LYS L 801 56.55 14.87 -17.27
CA LYS L 801 56.29 16.05 -16.45
C LYS L 801 57.16 17.22 -16.87
N TYR L 802 58.41 16.94 -17.25
CA TYR L 802 59.38 17.96 -17.62
C TYR L 802 59.96 17.64 -18.99
N GLY L 803 60.56 18.64 -19.61
CA GLY L 803 61.10 18.45 -20.95
C GLY L 803 62.55 17.98 -20.96
N ILE L 804 62.83 16.87 -20.29
CA ILE L 804 64.18 16.31 -20.20
C ILE L 804 64.23 15.03 -21.03
N GLU L 805 65.16 14.99 -21.98
CA GLU L 805 65.36 13.83 -22.84
C GLU L 805 66.71 13.17 -22.63
N SER L 806 67.49 13.62 -21.64
CA SER L 806 68.83 13.11 -21.39
C SER L 806 68.88 12.50 -20.01
N PHE L 807 69.34 11.25 -19.92
CA PHE L 807 69.36 10.53 -18.65
C PHE L 807 70.67 9.76 -18.48
N ALA L 808 71.30 9.93 -17.32
CA ALA L 808 72.47 9.16 -16.92
C ALA L 808 72.02 8.18 -15.84
N LEU L 809 72.09 6.88 -16.14
CA LEU L 809 71.41 5.86 -15.33
C LEU L 809 72.37 4.76 -14.88
N ILE L 810 72.75 4.82 -13.62
CA ILE L 810 73.18 3.66 -12.84
C ILE L 810 72.16 3.52 -11.72
N HIS L 811 71.60 2.32 -11.53
CA HIS L 811 70.78 1.99 -10.37
C HIS L 811 71.39 2.54 -9.08
N ASP L 812 70.54 3.19 -8.26
CA ASP L 812 70.78 4.00 -7.07
C ASP L 812 71.26 5.43 -7.44
N SER L 813 71.64 5.69 -8.69
CA SER L 813 72.12 7.01 -9.07
C SER L 813 71.26 7.59 -10.20
N PHE L 814 71.13 8.90 -10.23
CA PHE L 814 70.24 9.55 -11.18
C PHE L 814 70.93 10.79 -11.74
N GLY L 815 71.12 10.82 -13.05
CA GLY L 815 71.91 11.85 -13.69
C GLY L 815 71.12 12.65 -14.70
N THR L 816 71.46 13.93 -14.82
CA THR L 816 70.78 14.85 -15.73
C THR L 816 71.70 16.02 -16.02
N ILE L 817 71.33 16.80 -17.03
CA ILE L 817 72.00 18.07 -17.37
C ILE L 817 71.70 19.03 -16.21
N PRO L 818 72.58 20.01 -15.92
CA PRO L 818 72.43 20.77 -14.67
C PRO L 818 71.16 21.60 -14.57
N ALA L 819 70.66 22.16 -15.67
CA ALA L 819 69.42 22.93 -15.59
C ALA L 819 68.22 22.02 -15.35
N ASP L 820 68.26 20.80 -15.89
CA ASP L 820 67.20 19.82 -15.64
C ASP L 820 67.30 19.18 -14.26
N ALA L 821 68.47 19.26 -13.61
CA ALA L 821 68.69 18.51 -12.38
C ALA L 821 67.85 19.04 -11.22
N ALA L 822 67.45 20.31 -11.27
CA ALA L 822 66.56 20.85 -10.24
C ALA L 822 65.19 20.18 -10.29
N ASN L 823 64.66 19.96 -11.48
CA ASN L 823 63.39 19.24 -11.61
C ASN L 823 63.56 17.76 -11.31
N LEU L 824 64.68 17.18 -11.74
CA LEU L 824 64.98 15.78 -11.39
C LEU L 824 65.16 15.64 -9.88
N PHE L 825 65.65 16.68 -9.21
CA PHE L 825 65.78 16.66 -7.76
C PHE L 825 64.44 16.36 -7.10
N LYS L 826 63.39 17.12 -7.47
CA LYS L 826 62.06 16.79 -6.97
C LYS L 826 61.57 15.45 -7.50
N ALA L 827 61.95 15.10 -8.74
CA ALA L 827 61.32 13.98 -9.44
C ALA L 827 61.63 12.63 -8.82
N VAL L 828 62.84 12.43 -8.29
CA VAL L 828 63.18 11.11 -7.74
C VAL L 828 62.38 10.83 -6.48
N ARG L 829 62.17 11.84 -5.64
CA ARG L 829 61.31 11.64 -4.47
C ARG L 829 59.85 11.49 -4.85
N GLU L 830 59.41 12.24 -5.87
CA GLU L 830 57.98 12.34 -6.17
C GLU L 830 57.38 11.01 -6.57
N THR L 831 58.10 10.21 -7.35
CA THR L 831 57.58 8.90 -7.73
C THR L 831 57.64 7.92 -6.57
N MET L 832 58.70 7.99 -5.75
CA MET L 832 58.86 7.04 -4.65
C MET L 832 57.79 7.21 -3.59
N VAL L 833 57.39 8.45 -3.31
CA VAL L 833 56.32 8.66 -2.35
C VAL L 833 54.96 8.34 -2.98
N ASP L 834 54.84 8.50 -4.30
CA ASP L 834 53.61 8.11 -4.98
C ASP L 834 53.49 6.59 -5.08
N THR L 835 54.62 5.91 -5.27
CA THR L 835 54.60 4.46 -5.45
C THR L 835 54.22 3.74 -4.15
N TYR L 836 54.86 4.12 -3.04
CA TYR L 836 54.76 3.32 -1.83
C TYR L 836 53.46 3.52 -1.07
N GLU L 837 52.73 4.61 -1.30
CA GLU L 837 51.39 4.70 -0.73
C GLU L 837 50.35 4.06 -1.64
N SER L 838 50.52 4.16 -2.96
CA SER L 838 49.62 3.48 -3.88
C SER L 838 49.84 1.98 -3.91
N CYS L 839 50.97 1.48 -3.40
CA CYS L 839 51.29 0.08 -3.46
C CYS L 839 51.92 -0.39 -2.15
N ASP L 840 51.30 -1.40 -1.53
CA ASP L 840 51.93 -2.18 -0.47
C ASP L 840 52.49 -3.42 -1.15
N VAL L 841 53.78 -3.36 -1.51
CA VAL L 841 54.37 -4.41 -2.33
C VAL L 841 54.53 -5.71 -1.55
N LEU L 842 54.65 -5.63 -0.22
CA LEU L 842 54.71 -6.85 0.59
C LEU L 842 53.37 -7.58 0.60
N ALA L 843 52.28 -6.84 0.82
CA ALA L 843 50.96 -7.44 0.76
C ALA L 843 50.61 -7.88 -0.65
N ASP L 844 51.04 -7.14 -1.67
CA ASP L 844 50.86 -7.56 -3.05
C ASP L 844 51.66 -8.82 -3.35
N PHE L 845 52.85 -8.95 -2.76
CA PHE L 845 53.60 -10.20 -2.87
C PHE L 845 52.83 -11.35 -2.22
N TYR L 846 52.29 -11.11 -1.02
CA TYR L 846 51.55 -12.16 -0.31
C TYR L 846 50.34 -12.62 -1.09
N ASP L 847 49.68 -11.72 -1.82
CA ASP L 847 48.59 -12.13 -2.70
C ASP L 847 49.05 -13.02 -3.83
N GLN L 848 50.33 -12.94 -4.21
CA GLN L 848 50.83 -13.68 -5.37
C GLN L 848 51.36 -15.06 -5.04
N PHE L 849 51.50 -15.42 -3.75
CA PHE L 849 51.97 -16.75 -3.40
C PHE L 849 51.17 -17.45 -2.31
N ALA L 850 50.17 -16.79 -1.72
CA ALA L 850 49.40 -17.43 -0.65
C ALA L 850 48.60 -18.63 -1.14
N ASP L 851 48.30 -18.70 -2.43
CA ASP L 851 47.60 -19.85 -2.98
C ASP L 851 48.52 -21.06 -3.13
N GLN L 852 49.82 -20.83 -3.29
CA GLN L 852 50.78 -21.93 -3.42
C GLN L 852 51.12 -22.59 -2.10
N LEU L 853 50.73 -21.99 -0.97
CA LEU L 853 51.04 -22.54 0.34
C LEU L 853 50.23 -23.80 0.61
N HIS L 854 50.85 -24.78 1.27
CA HIS L 854 50.19 -26.01 1.69
C HIS L 854 49.48 -25.76 3.02
N GLU L 855 48.58 -26.68 3.38
CA GLU L 855 47.78 -26.52 4.60
C GLU L 855 48.65 -26.61 5.85
N SER L 856 49.78 -27.31 5.78
CA SER L 856 50.70 -27.41 6.91
C SER L 856 51.59 -26.18 7.05
N GLN L 857 51.65 -25.33 6.03
CA GLN L 857 52.55 -24.19 6.04
C GLN L 857 51.92 -22.89 6.55
N LEU L 858 50.58 -22.76 6.59
CA LEU L 858 49.99 -21.50 7.01
C LEU L 858 50.25 -21.20 8.49
N ASP L 859 50.34 -22.24 9.31
CA ASP L 859 50.72 -22.04 10.70
C ASP L 859 52.14 -21.49 10.79
N LYS L 860 53.04 -22.01 9.95
CA LYS L 860 54.45 -21.63 10.02
C LYS L 860 54.72 -20.25 9.45
N MET L 861 53.89 -19.79 8.51
CA MET L 861 54.11 -18.49 7.89
C MET L 861 53.92 -17.35 8.90
N PRO L 862 54.94 -16.52 9.12
CA PRO L 862 54.74 -15.35 9.98
C PRO L 862 53.80 -14.35 9.34
N ALA L 863 53.11 -13.60 10.19
CA ALA L 863 52.19 -12.58 9.70
C ALA L 863 52.96 -11.43 9.07
N LEU L 864 52.23 -10.60 8.33
CA LEU L 864 52.82 -9.43 7.70
C LEU L 864 53.40 -8.49 8.76
N PRO L 865 54.61 -7.98 8.57
CA PRO L 865 55.20 -7.08 9.56
C PRO L 865 54.43 -5.77 9.65
N ALA L 866 54.63 -5.08 10.77
CA ALA L 866 53.76 -3.99 11.17
C ALA L 866 53.94 -2.77 10.27
N LYS L 867 53.01 -1.83 10.40
CA LYS L 867 53.09 -0.54 9.75
C LYS L 867 54.03 0.36 10.55
N GLY L 868 54.03 1.66 10.26
CA GLY L 868 54.96 2.51 10.98
C GLY L 868 54.57 3.98 10.96
N ASN L 869 55.37 4.76 11.68
CA ASN L 869 55.12 6.20 11.86
C ASN L 869 55.46 6.99 10.60
N LEU L 870 56.59 6.68 9.95
CA LEU L 870 57.25 7.56 8.99
C LEU L 870 56.34 8.01 7.85
N ASN L 871 56.05 9.31 7.83
CA ASN L 871 55.16 9.87 6.83
C ASN L 871 55.90 9.98 5.50
N LEU L 872 55.25 9.50 4.43
CA LEU L 872 55.88 9.55 3.11
C LEU L 872 55.99 10.97 2.58
N ARG L 873 55.05 11.85 2.93
CA ARG L 873 55.10 13.22 2.44
C ARG L 873 56.26 14.02 3.03
N ASP L 874 56.93 13.49 4.06
CA ASP L 874 58.14 14.12 4.56
C ASP L 874 59.32 13.97 3.60
N ILE L 875 59.32 12.91 2.78
CA ILE L 875 60.50 12.55 2.01
C ILE L 875 60.83 13.62 0.97
N LEU L 876 59.81 14.25 0.39
CA LEU L 876 60.03 15.27 -0.64
C LEU L 876 60.71 16.52 -0.10
N GLU L 877 60.72 16.72 1.22
CA GLU L 877 61.36 17.89 1.82
C GLU L 877 62.81 17.62 2.23
N SER L 878 63.32 16.42 2.02
CA SER L 878 64.67 16.06 2.43
C SER L 878 65.62 16.17 1.24
N ASP L 879 66.66 16.97 1.39
CA ASP L 879 67.66 17.16 0.34
C ASP L 879 68.84 16.21 0.45
N PHE L 880 68.92 15.43 1.52
CA PHE L 880 70.11 14.60 1.76
C PHE L 880 69.93 13.15 1.33
N ALA L 881 68.70 12.69 1.13
CA ALA L 881 68.46 11.46 0.39
C ALA L 881 68.29 11.86 -1.07
N PHE L 882 69.34 11.66 -1.87
CA PHE L 882 69.30 12.12 -3.26
C PHE L 882 68.31 11.31 -4.08
N ALA L 883 68.02 10.08 -3.66
CA ALA L 883 67.00 9.26 -4.29
C ALA L 883 65.66 9.44 -3.57
#